data_7DKH
#
_entry.id   7DKH
#
_cell.length_a   190.195
_cell.length_b   190.195
_cell.length_c   216.423
_cell.angle_alpha   90.000
_cell.angle_beta   90.000
_cell.angle_gamma   120.000
#
_symmetry.space_group_name_H-M   'P 31 2 1'
#
loop_
_entity.id
_entity.type
_entity.pdbx_description
1 polymer 'RNA polymerase-associated protein CTR9'
2 polymer 'RNA polymerase II-associated protein 1'
3 polymer 'Cell division control protein 73'
4 polymer 'RNA polymerase-associated protein RTF1'
#
loop_
_entity_poly.entity_id
_entity_poly.type
_entity_poly.pdbx_seq_one_letter_code
_entity_poly.pdbx_strand_id
1 'polypeptide(L)'
;(MSE)TNA(MSE)KVEGYPS(MSE)EWPTSLDIPLKASEELVGIDLETDLPDDPTDLKTLLVEENSEKEHWLTIALAYCN
HGKTNEGIKLIE(MSE)ALDVFQNSERASLHTFLTWAHLNLAKGQSLSVETKEHELTQAELNLKDAIGFDPTWIGN
(MSE)LATVELYYQRGHYDKALETSDLFVKSIHAEDHRSGRQSKPNCLFLLLRAKLLYQKKNY(MSE)ASLKIFQELLVI
NPVLQPDPRIGIGLCFWQLKDSK(MSE)AIKSWQRALQLNPKNTSASILVLLGEFRESFTNSTNDKTFKEAFTKALSDLN
NIFSENQHNPVLLTLLQTYYYFKGDYQTVLDIYHHRILK(MSE)SP(MSE)IAKIVLSESSFWCGRAHYALGDYRKSFI
(MSE)FQESLKKNEDNLLAKLGLGQTQIKNNLLEESIITFENLYKTNESLQELNYILG(MSE)LYAGKAFDAKTAKNTSA
KEQSNLNEKALKYLERYLKLTLATKNQLVISRAYLVISQLYELQNQYKTSLDYLSKALEE(MSE)EFIKKEIPLEVLNNL
ACYHFINGDFIKADDLFKQAKAKVSDKDESVNITLEYNIARTNEKNDCEKSESIYSQVTSLHPAYIAARIRNLYLKFAQS
KIEDSD(MSE)STE(MSE)NKLLDLNKSDLEIRSFYGWYLKNSKERKNNEKSTTHNKETLVKYNSHDAYALISLANLYVT
IARDGKKSRNPKEQEKSKHSYLKAIQLYQKVLQVDPFNIFAAQGLAIIFAESKRLGPALEILRKVRDSLDNEDVQLNLAH
CYLE(MSE)REYGKAIENYELVLKKFDNEKTRPHILNLLGRAWYARAIKERSVNFYQKALENAKTALDLFVKESSKSKFI
HSVKFNIALLHFQIAETLRRSNPKFRTVQQIKDSLEGLKEGLELFRELNDLKEFN(MSE)IPKEELEQRIQLGETT
(MSE)KSALERSLNEQEEFEKEQSAKIDEARKILEENELKEQGW(MSE)KQEEEARRLKLEKQAEEYRKLQDEAQKLIQE
REA(MSE)AISEHNVKD
;
A,E,I
2 'polypeptide(L)'
;(MSE)SKKQEYIAPIKYQNSLPVPQLPPKLLVYPESPETNADSSQLINSLYIKTNVTNLIQQDEDLG(MSE)PVDL
(MSE)KFPGLLNKLDSKLLYGFDNVKLDKDDRILLRDPR
;
B,F,J
3 'polypeptide(L)' NDSEVSDPVVVET(MSE)KHERILVDHNSALRGAKPINFGYLIKDAELKLVQSIKGSLRGS C,G,K
4 'polypeptide(L)' KTRTKVYYQEIQKEENAKAKEIAQQEKLQEDKDAKDKREKELLVAQFRRLGGLER(MSE)VGELDIKFDLKF D,H,L
#
# COMPACT_ATOMS: atom_id res chain seq x y z
N TYR A 10 -27.09 -56.45 -33.73
CA TYR A 10 -25.88 -56.10 -34.44
C TYR A 10 -25.67 -57.19 -35.49
N PRO A 11 -25.07 -56.84 -36.64
CA PRO A 11 -24.88 -57.86 -37.68
C PRO A 11 -23.92 -58.98 -37.31
N SER A 12 -23.76 -59.94 -38.23
CA SER A 12 -22.92 -61.11 -38.03
C SER A 12 -22.25 -61.49 -39.35
N GLU A 14 -20.44 -64.60 -39.04
CA GLU A 14 -20.06 -65.92 -38.59
C GLU A 14 -20.07 -66.90 -39.77
N TRP A 15 -19.31 -67.98 -39.63
CA TRP A 15 -19.35 -68.92 -40.74
C TRP A 15 -20.47 -69.93 -40.57
N PRO A 16 -21.11 -70.33 -41.67
CA PRO A 16 -22.06 -71.45 -41.59
C PRO A 16 -21.41 -72.65 -40.96
N THR A 17 -22.16 -73.34 -40.11
CA THR A 17 -21.66 -74.45 -39.31
C THR A 17 -22.01 -75.79 -39.92
N SER A 18 -22.58 -75.79 -41.12
CA SER A 18 -22.89 -77.03 -41.81
C SER A 18 -22.53 -76.89 -43.28
N LEU A 19 -22.21 -78.03 -43.88
CA LEU A 19 -21.97 -78.13 -45.31
C LEU A 19 -22.81 -79.28 -45.82
N ASP A 20 -23.47 -79.07 -46.95
CA ASP A 20 -24.16 -80.14 -47.63
C ASP A 20 -23.45 -80.40 -48.94
N ILE A 21 -22.97 -81.62 -49.14
CA ILE A 21 -22.30 -82.02 -50.37
C ILE A 21 -23.28 -82.88 -51.15
N PRO A 22 -23.55 -82.57 -52.41
CA PRO A 22 -24.39 -83.45 -53.23
C PRO A 22 -23.74 -84.82 -53.37
N LEU A 23 -24.55 -85.86 -53.20
CA LEU A 23 -24.09 -87.20 -53.46
C LEU A 23 -24.35 -87.52 -54.92
N LYS A 24 -23.60 -88.46 -55.47
CA LYS A 24 -23.65 -88.68 -56.91
C LYS A 24 -24.34 -89.98 -57.31
N ALA A 25 -24.42 -90.97 -56.43
CA ALA A 25 -25.26 -92.13 -56.73
C ALA A 25 -26.72 -91.76 -56.50
N SER A 26 -27.10 -91.52 -55.26
CA SER A 26 -28.34 -90.79 -55.00
C SER A 26 -28.14 -89.34 -55.39
N GLU A 27 -29.22 -88.66 -55.74
CA GLU A 27 -29.20 -87.19 -55.75
C GLU A 27 -29.91 -86.68 -54.50
N GLU A 28 -29.21 -86.87 -53.38
CA GLU A 28 -29.56 -86.33 -52.08
C GLU A 28 -28.30 -85.68 -51.56
N LEU A 29 -28.28 -85.23 -50.31
CA LEU A 29 -27.11 -84.55 -49.79
C LEU A 29 -26.59 -85.24 -48.55
N VAL A 30 -25.26 -85.20 -48.37
CA VAL A 30 -24.62 -85.68 -47.16
C VAL A 30 -24.10 -84.48 -46.41
N GLY A 31 -24.35 -84.45 -45.10
CA GLY A 31 -24.16 -83.26 -44.29
C GLY A 31 -22.98 -83.41 -43.35
N ILE A 32 -22.18 -82.36 -43.24
CA ILE A 32 -21.01 -82.33 -42.36
C ILE A 32 -21.09 -81.12 -41.46
N ASP A 33 -20.98 -81.37 -40.17
CA ASP A 33 -20.86 -80.31 -39.18
C ASP A 33 -19.41 -79.82 -39.18
N LEU A 34 -19.19 -78.60 -39.66
CA LEU A 34 -17.83 -78.08 -39.71
C LEU A 34 -17.26 -77.80 -38.33
N GLU A 35 -18.08 -77.95 -37.29
CA GLU A 35 -17.72 -77.71 -35.91
C GLU A 35 -17.23 -79.00 -35.25
N THR A 36 -18.00 -80.08 -35.41
CA THR A 36 -17.69 -81.39 -34.84
C THR A 36 -17.15 -82.41 -35.86
N ASP A 37 -17.88 -82.63 -36.96
CA ASP A 37 -17.72 -83.79 -37.83
C ASP A 37 -16.36 -83.93 -38.51
N LEU A 38 -15.46 -82.98 -38.38
CA LEU A 38 -14.22 -83.00 -39.17
C LEU A 38 -13.26 -84.08 -38.69
N PRO A 39 -12.76 -84.95 -39.57
CA PRO A 39 -11.93 -86.07 -39.10
C PRO A 39 -10.62 -85.59 -38.50
N ASP A 40 -10.15 -86.35 -37.50
CA ASP A 40 -8.91 -86.00 -36.81
C ASP A 40 -7.70 -86.05 -37.74
N ASP A 41 -7.78 -86.79 -38.83
CA ASP A 41 -6.79 -86.75 -39.90
C ASP A 41 -7.55 -86.39 -41.18
N PRO A 42 -7.14 -85.36 -41.91
CA PRO A 42 -7.99 -84.87 -43.00
C PRO A 42 -8.11 -85.80 -44.19
N THR A 43 -7.25 -86.82 -44.30
CA THR A 43 -7.33 -87.69 -45.47
C THR A 43 -8.65 -88.46 -45.50
N ASP A 44 -9.24 -88.70 -44.33
CA ASP A 44 -10.53 -89.38 -44.26
C ASP A 44 -11.63 -88.61 -44.96
N LEU A 45 -11.38 -87.36 -45.36
CA LEU A 45 -12.37 -86.65 -46.14
C LEU A 45 -11.96 -86.44 -47.58
N LYS A 46 -10.66 -86.49 -47.88
CA LYS A 46 -10.22 -86.53 -49.28
C LYS A 46 -11.06 -87.52 -50.06
N THR A 47 -11.16 -88.74 -49.52
CA THR A 47 -11.92 -89.80 -50.16
C THR A 47 -13.30 -89.33 -50.54
N LEU A 48 -14.03 -88.80 -49.55
CA LEU A 48 -15.43 -88.48 -49.77
C LEU A 48 -15.57 -87.42 -50.85
N LEU A 49 -14.59 -86.54 -50.95
CA LEU A 49 -14.64 -85.43 -51.90
C LEU A 49 -14.14 -85.79 -53.29
N VAL A 50 -13.64 -87.02 -53.53
CA VAL A 50 -13.20 -87.36 -54.88
C VAL A 50 -14.14 -88.34 -55.59
N GLU A 51 -14.76 -89.29 -54.88
CA GLU A 51 -15.74 -90.15 -55.50
C GLU A 51 -16.92 -89.35 -56.02
N GLU A 52 -17.55 -88.55 -55.15
CA GLU A 52 -18.77 -87.83 -55.49
C GLU A 52 -18.48 -86.52 -56.23
N ASN A 53 -17.28 -86.40 -56.80
CA ASN A 53 -16.86 -85.29 -57.66
C ASN A 53 -17.37 -83.94 -57.16
N SER A 54 -17.02 -83.62 -55.92
CA SER A 54 -17.47 -82.37 -55.32
C SER A 54 -16.73 -81.18 -55.93
N GLU A 55 -17.39 -80.03 -55.91
CA GLU A 55 -16.79 -78.81 -56.45
C GLU A 55 -15.60 -78.40 -55.58
N LYS A 56 -14.71 -77.59 -56.17
CA LYS A 56 -13.53 -77.13 -55.43
C LYS A 56 -13.91 -76.23 -54.27
N GLU A 57 -15.10 -75.61 -54.33
CA GLU A 57 -15.53 -74.70 -53.29
C GLU A 57 -15.78 -75.43 -51.98
N HIS A 58 -16.17 -76.71 -52.03
CA HIS A 58 -16.39 -77.45 -50.78
C HIS A 58 -15.07 -77.89 -50.17
N TRP A 59 -14.07 -78.22 -51.00
CA TRP A 59 -12.70 -78.39 -50.50
C TRP A 59 -12.25 -77.14 -49.77
N LEU A 60 -12.44 -75.98 -50.40
CA LEU A 60 -12.04 -74.73 -49.77
C LEU A 60 -12.82 -74.48 -48.49
N THR A 61 -14.12 -74.81 -48.48
CA THR A 61 -14.94 -74.57 -47.28
C THR A 61 -14.48 -75.44 -46.12
N ILE A 62 -14.21 -76.72 -46.37
CA ILE A 62 -13.75 -77.60 -45.30
C ILE A 62 -12.37 -77.17 -44.81
N ALA A 63 -11.51 -76.72 -45.72
CA ALA A 63 -10.19 -76.28 -45.28
C ALA A 63 -10.30 -75.03 -44.41
N LEU A 64 -11.17 -74.09 -44.81
CA LEU A 64 -11.37 -72.89 -44.01
C LEU A 64 -11.96 -73.22 -42.65
N ALA A 65 -12.86 -74.22 -42.60
CA ALA A 65 -13.41 -74.67 -41.32
C ALA A 65 -12.30 -75.22 -40.42
N TYR A 66 -11.42 -76.05 -40.99
CA TYR A 66 -10.27 -76.57 -40.25
C TYR A 66 -9.44 -75.43 -39.66
N CYS A 67 -9.14 -74.41 -40.48
CA CYS A 67 -8.28 -73.33 -40.02
C CYS A 67 -8.98 -72.46 -38.98
N ASN A 68 -10.28 -72.22 -39.13
CA ASN A 68 -11.00 -71.40 -38.18
C ASN A 68 -11.40 -72.17 -36.92
N HIS A 69 -11.14 -73.49 -36.88
CA HIS A 69 -11.36 -74.27 -35.67
C HIS A 69 -10.04 -74.79 -35.10
N GLY A 70 -8.95 -74.09 -35.36
CA GLY A 70 -7.68 -74.39 -34.72
C GLY A 70 -6.88 -75.51 -35.34
N LYS A 71 -7.08 -75.79 -36.63
CA LYS A 71 -6.39 -76.89 -37.32
C LYS A 71 -5.93 -76.44 -38.71
N THR A 72 -5.15 -75.36 -38.76
CA THR A 72 -4.72 -74.81 -40.04
C THR A 72 -3.84 -75.77 -40.84
N ASN A 73 -3.05 -76.61 -40.19
CA ASN A 73 -2.27 -77.60 -40.94
C ASN A 73 -3.16 -78.61 -41.65
N GLU A 74 -4.23 -79.05 -40.98
CA GLU A 74 -5.17 -79.96 -41.65
C GLU A 74 -5.72 -79.32 -42.92
N GLY A 75 -6.02 -78.02 -42.86
CA GLY A 75 -6.55 -77.32 -44.03
C GLY A 75 -5.52 -77.14 -45.13
N ILE A 76 -4.29 -76.75 -44.77
CA ILE A 76 -3.26 -76.61 -45.79
C ILE A 76 -3.02 -77.95 -46.47
N LYS A 77 -3.12 -79.05 -45.72
CA LYS A 77 -2.86 -80.34 -46.36
C LYS A 77 -4.06 -80.81 -47.17
N LEU A 78 -5.28 -80.39 -46.82
CA LEU A 78 -6.41 -80.78 -47.65
C LEU A 78 -6.42 -80.00 -48.97
N ILE A 79 -5.97 -78.74 -48.95
CA ILE A 79 -5.89 -78.02 -50.22
C ILE A 79 -4.62 -78.41 -50.97
N GLU A 80 -3.61 -78.91 -50.27
CA GLU A 80 -2.48 -79.55 -50.94
C GLU A 80 -2.94 -80.77 -51.73
N ALA A 82 -5.91 -81.23 -52.78
CA ALA A 82 -6.77 -80.70 -53.84
C ALA A 82 -5.97 -80.30 -55.07
N LEU A 83 -4.71 -79.90 -54.91
CA LEU A 83 -3.92 -79.48 -56.06
C LEU A 83 -3.64 -80.62 -57.03
N ASP A 84 -3.69 -81.86 -56.54
CA ASP A 84 -3.59 -83.02 -57.42
C ASP A 84 -4.85 -83.30 -58.22
N VAL A 85 -5.99 -82.75 -57.82
CA VAL A 85 -7.30 -83.16 -58.35
C VAL A 85 -7.81 -82.19 -59.41
N PHE A 86 -7.55 -80.91 -59.24
CA PHE A 86 -7.97 -79.89 -60.20
C PHE A 86 -6.76 -79.44 -61.00
N GLN A 87 -7.00 -79.02 -62.23
CA GLN A 87 -5.90 -78.69 -63.10
C GLN A 87 -5.86 -77.19 -63.38
N ASN A 88 -5.08 -76.79 -64.39
CA ASN A 88 -4.38 -75.51 -64.40
C ASN A 88 -5.15 -74.33 -63.81
N SER A 89 -6.20 -73.84 -64.45
CA SER A 89 -6.73 -72.55 -64.01
C SER A 89 -7.58 -72.73 -62.77
N GLU A 90 -8.16 -73.93 -62.61
CA GLU A 90 -8.84 -74.30 -61.38
C GLU A 90 -7.95 -74.12 -60.14
N ARG A 91 -6.63 -74.08 -60.31
CA ARG A 91 -5.77 -73.95 -59.15
C ARG A 91 -5.69 -72.53 -58.61
N ALA A 92 -6.17 -71.53 -59.36
CA ALA A 92 -5.94 -70.14 -58.98
C ALA A 92 -6.38 -69.85 -57.55
N SER A 93 -7.70 -69.92 -57.31
CA SER A 93 -8.24 -69.84 -55.95
C SER A 93 -7.44 -70.68 -54.96
N LEU A 94 -7.19 -71.95 -55.31
CA LEU A 94 -6.52 -72.85 -54.35
C LEU A 94 -5.14 -72.34 -53.96
N HIS A 95 -4.47 -71.62 -54.85
CA HIS A 95 -3.20 -71.03 -54.45
C HIS A 95 -3.43 -69.85 -53.52
N THR A 96 -4.43 -69.02 -53.83
CA THR A 96 -4.72 -67.85 -53.01
C THR A 96 -5.00 -68.26 -51.58
N PHE A 97 -5.90 -69.24 -51.40
CA PHE A 97 -6.13 -69.85 -50.10
C PHE A 97 -4.81 -70.18 -49.42
N LEU A 98 -3.99 -70.99 -50.09
CA LEU A 98 -2.77 -71.46 -49.48
C LEU A 98 -1.92 -70.28 -49.03
N THR A 99 -1.89 -69.21 -49.83
CA THR A 99 -1.13 -68.03 -49.44
C THR A 99 -1.57 -67.56 -48.05
N TRP A 100 -2.87 -67.27 -47.93
CA TRP A 100 -3.41 -66.79 -46.68
C TRP A 100 -3.30 -67.83 -45.58
N ALA A 101 -3.21 -69.11 -45.94
CA ALA A 101 -2.98 -70.11 -44.92
C ALA A 101 -1.60 -69.95 -44.31
N HIS A 102 -0.57 -69.88 -45.17
CA HIS A 102 0.79 -69.83 -44.67
C HIS A 102 1.06 -68.52 -43.94
N LEU A 103 0.51 -67.41 -44.46
CA LEU A 103 0.58 -66.15 -43.72
C LEU A 103 0.14 -66.33 -42.27
N ASN A 104 -0.97 -67.04 -42.05
CA ASN A 104 -1.44 -67.18 -40.67
C ASN A 104 -0.59 -68.15 -39.87
N LEU A 105 0.17 -69.02 -40.54
CA LEU A 105 1.16 -69.79 -39.80
C LEU A 105 2.40 -68.95 -39.53
N ALA A 106 2.66 -67.95 -40.38
CA ALA A 106 3.81 -67.08 -40.15
C ALA A 106 3.54 -66.06 -39.06
N LYS A 107 2.28 -65.90 -38.66
CA LYS A 107 1.90 -65.04 -37.55
C LYS A 107 2.02 -65.73 -36.20
N GLY A 108 2.63 -66.91 -36.13
CA GLY A 108 2.87 -67.51 -34.84
C GLY A 108 3.70 -66.60 -33.94
N GLN A 109 3.13 -66.26 -32.78
CA GLN A 109 3.81 -65.36 -31.86
C GLN A 109 4.90 -66.07 -31.07
N SER A 110 4.63 -67.29 -30.62
CA SER A 110 5.62 -68.12 -29.95
C SER A 110 6.29 -69.05 -30.96
N LEU A 111 6.81 -68.48 -32.03
CA LEU A 111 7.43 -69.24 -33.11
C LEU A 111 8.89 -68.84 -33.24
N SER A 112 9.63 -69.64 -34.01
CA SER A 112 11.04 -69.39 -34.25
C SER A 112 11.22 -68.63 -35.56
N VAL A 113 12.44 -68.10 -35.77
CA VAL A 113 12.64 -67.15 -36.86
C VAL A 113 12.75 -67.85 -38.21
N GLU A 114 13.40 -69.02 -38.25
CA GLU A 114 13.50 -69.74 -39.52
C GLU A 114 12.19 -70.38 -39.94
N THR A 115 11.37 -70.83 -38.98
CA THR A 115 10.06 -71.35 -39.36
C THR A 115 9.19 -70.25 -39.93
N LYS A 116 9.33 -69.03 -39.40
CA LYS A 116 8.51 -67.93 -39.91
C LYS A 116 8.97 -67.52 -41.30
N GLU A 117 10.28 -67.55 -41.54
CA GLU A 117 10.74 -67.25 -42.90
C GLU A 117 10.31 -68.35 -43.87
N HIS A 118 10.26 -69.59 -43.40
CA HIS A 118 9.74 -70.67 -44.24
C HIS A 118 8.27 -70.44 -44.60
N GLU A 119 7.45 -70.11 -43.61
CA GLU A 119 6.02 -69.91 -43.89
C GLU A 119 5.79 -68.71 -44.80
N LEU A 120 6.63 -67.68 -44.70
CA LEU A 120 6.43 -66.54 -45.59
C LEU A 120 6.91 -66.84 -47.01
N THR A 121 8.00 -67.61 -47.13
CA THR A 121 8.40 -68.13 -48.45
C THR A 121 7.27 -68.93 -49.09
N GLN A 122 6.61 -69.80 -48.31
CA GLN A 122 5.55 -70.61 -48.90
C GLN A 122 4.37 -69.74 -49.32
N ALA A 123 4.04 -68.75 -48.50
CA ALA A 123 3.01 -67.77 -48.86
C ALA A 123 3.33 -67.10 -50.20
N GLU A 124 4.56 -66.61 -50.38
CA GLU A 124 4.81 -65.88 -51.61
C GLU A 124 4.94 -66.80 -52.82
N LEU A 125 5.41 -68.04 -52.63
CA LEU A 125 5.32 -69.06 -53.68
C LEU A 125 3.89 -69.16 -54.20
N ASN A 126 2.94 -69.46 -53.30
CA ASN A 126 1.57 -69.64 -53.75
C ASN A 126 0.98 -68.34 -54.29
N LEU A 127 1.43 -67.19 -53.78
CA LEU A 127 0.90 -65.93 -54.26
C LEU A 127 1.39 -65.62 -55.67
N LYS A 128 2.65 -65.93 -55.97
CA LYS A 128 3.13 -65.69 -57.32
C LYS A 128 2.40 -66.61 -58.30
N ASP A 129 2.10 -67.84 -57.85
CA ASP A 129 1.31 -68.75 -58.70
C ASP A 129 -0.08 -68.19 -58.97
N ALA A 130 -0.80 -67.80 -57.91
CA ALA A 130 -2.17 -67.33 -58.06
C ALA A 130 -2.23 -66.04 -58.88
N ILE A 131 -1.27 -65.13 -58.67
CA ILE A 131 -1.29 -63.88 -59.41
C ILE A 131 -0.94 -64.12 -60.87
N GLY A 132 -0.11 -65.14 -61.14
CA GLY A 132 0.09 -65.56 -62.52
C GLY A 132 -1.18 -66.10 -63.15
N PHE A 133 -2.05 -66.71 -62.34
CA PHE A 133 -3.33 -67.18 -62.88
C PHE A 133 -4.39 -66.10 -62.93
N ASP A 134 -4.40 -65.18 -61.96
CA ASP A 134 -5.33 -64.05 -61.96
C ASP A 134 -4.69 -62.92 -61.18
N PRO A 135 -4.15 -61.90 -61.88
CA PRO A 135 -3.42 -60.85 -61.17
C PRO A 135 -4.31 -59.80 -60.53
N THR A 136 -5.58 -59.73 -60.90
CA THR A 136 -6.46 -58.65 -60.47
C THR A 136 -7.48 -59.07 -59.43
N TRP A 137 -7.46 -60.33 -59.00
CA TRP A 137 -8.30 -60.76 -57.89
C TRP A 137 -7.84 -60.06 -56.61
N ILE A 138 -8.79 -59.49 -55.87
CA ILE A 138 -8.39 -58.66 -54.73
C ILE A 138 -7.68 -59.48 -53.66
N GLY A 139 -8.08 -60.75 -53.51
CA GLY A 139 -7.43 -61.60 -52.52
C GLY A 139 -5.94 -61.73 -52.79
N ASN A 140 -5.56 -61.75 -54.06
CA ASN A 140 -4.14 -61.75 -54.39
C ASN A 140 -3.51 -60.41 -54.09
N LEU A 142 -4.34 -57.84 -52.07
CA LEU A 142 -4.18 -57.61 -50.64
C LEU A 142 -3.07 -58.50 -50.10
N ALA A 143 -2.97 -59.73 -50.61
CA ALA A 143 -1.95 -60.65 -50.15
C ALA A 143 -0.57 -60.09 -50.42
N THR A 144 -0.43 -59.33 -51.50
CA THR A 144 0.86 -58.72 -51.80
C THR A 144 1.24 -57.68 -50.76
N VAL A 145 0.31 -56.77 -50.44
CA VAL A 145 0.69 -55.66 -49.56
C VAL A 145 0.98 -56.19 -48.16
N GLU A 146 0.17 -57.14 -47.69
CA GLU A 146 0.40 -57.74 -46.39
C GLU A 146 1.76 -58.40 -46.35
N LEU A 147 2.18 -59.02 -47.47
CA LEU A 147 3.52 -59.60 -47.50
C LEU A 147 4.56 -58.53 -47.23
N TYR A 148 4.49 -57.42 -47.95
CA TYR A 148 5.42 -56.33 -47.70
C TYR A 148 5.37 -55.91 -46.23
N TYR A 149 4.15 -55.85 -45.67
CA TYR A 149 4.01 -55.47 -44.28
C TYR A 149 4.73 -56.45 -43.37
N GLN A 150 4.57 -57.75 -43.63
CA GLN A 150 5.22 -58.71 -42.76
C GLN A 150 6.73 -58.70 -42.93
N ARG A 151 7.22 -58.12 -44.04
CA ARG A 151 8.66 -58.00 -44.25
C ARG A 151 9.17 -56.60 -43.92
N GLY A 152 8.44 -55.83 -43.11
CA GLY A 152 8.90 -54.55 -42.63
C GLY A 152 8.99 -53.44 -43.66
N HIS A 153 8.67 -53.72 -44.92
CA HIS A 153 8.79 -52.73 -45.99
C HIS A 153 7.52 -51.87 -46.01
N TYR A 154 7.41 -51.03 -44.98
CA TYR A 154 6.19 -50.25 -44.75
C TYR A 154 6.00 -49.19 -45.83
N ASP A 155 7.09 -48.51 -46.22
CA ASP A 155 6.98 -47.52 -47.30
C ASP A 155 6.52 -48.19 -48.59
N LYS A 156 7.13 -49.33 -48.94
CA LYS A 156 6.71 -50.05 -50.13
C LYS A 156 5.31 -50.60 -49.99
N ALA A 157 4.96 -51.08 -48.79
CA ALA A 157 3.59 -51.55 -48.55
C ALA A 157 2.59 -50.43 -48.78
N LEU A 158 2.90 -49.22 -48.32
CA LEU A 158 1.93 -48.13 -48.42
C LEU A 158 1.85 -47.59 -49.84
N GLU A 159 2.98 -47.55 -50.55
CA GLU A 159 2.89 -47.09 -51.93
C GLU A 159 2.25 -48.13 -52.84
N THR A 160 2.39 -49.43 -52.51
CA THR A 160 1.71 -50.45 -53.30
C THR A 160 0.22 -50.47 -53.00
N SER A 161 -0.15 -50.17 -51.75
CA SER A 161 -1.56 -49.97 -51.45
C SER A 161 -2.12 -48.79 -52.23
N ASP A 162 -1.38 -47.69 -52.27
CA ASP A 162 -1.84 -46.50 -53.01
C ASP A 162 -1.98 -46.79 -54.51
N LEU A 163 -0.96 -47.42 -55.10
CA LEU A 163 -1.03 -47.80 -56.50
C LEU A 163 -2.22 -48.70 -56.75
N PHE A 164 -2.48 -49.65 -55.85
CA PHE A 164 -3.61 -50.55 -56.03
C PHE A 164 -4.94 -49.78 -55.95
N VAL A 165 -5.05 -48.88 -54.96
CA VAL A 165 -6.30 -48.09 -54.76
C VAL A 165 -6.53 -47.20 -55.98
N LYS A 166 -5.48 -46.55 -56.47
CA LYS A 166 -5.59 -45.68 -57.67
C LYS A 166 -5.97 -46.54 -58.88
N SER A 167 -5.37 -47.73 -58.97
CA SER A 167 -5.62 -48.68 -60.08
C SER A 167 -7.07 -49.16 -60.07
N ILE A 168 -7.64 -49.42 -58.88
CA ILE A 168 -9.00 -49.93 -58.80
C ILE A 168 -9.99 -48.82 -59.14
N HIS A 169 -9.68 -47.58 -58.76
CA HIS A 169 -10.50 -46.46 -59.20
C HIS A 169 -10.28 -46.17 -60.67
N ALA A 170 -9.11 -46.53 -61.20
CA ALA A 170 -8.78 -46.36 -62.61
C ALA A 170 -9.39 -47.44 -63.49
N GLU A 171 -9.99 -48.48 -62.90
CA GLU A 171 -10.72 -49.48 -63.68
C GLU A 171 -12.18 -49.60 -63.24
N ASP A 172 -12.73 -48.57 -62.59
CA ASP A 172 -14.17 -48.35 -62.55
C ASP A 172 -14.56 -47.02 -63.14
N HIS A 173 -13.69 -46.02 -63.06
CA HIS A 173 -13.78 -44.89 -63.96
C HIS A 173 -13.23 -45.25 -65.33
N ARG A 174 -13.02 -46.53 -65.59
CA ARG A 174 -12.69 -46.99 -66.92
C ARG A 174 -13.69 -48.04 -67.41
N SER A 175 -14.62 -48.46 -66.55
CA SER A 175 -15.83 -49.15 -66.96
C SER A 175 -17.06 -48.33 -66.62
N GLY A 176 -16.87 -47.10 -66.17
CA GLY A 176 -17.90 -46.15 -65.82
C GLY A 176 -18.71 -46.43 -64.57
N ARG A 177 -18.07 -46.61 -63.42
CA ARG A 177 -18.84 -46.86 -62.20
C ARG A 177 -17.92 -46.40 -61.06
N GLN A 178 -18.40 -46.50 -59.83
CA GLN A 178 -17.49 -46.20 -58.73
C GLN A 178 -17.44 -47.37 -57.74
N SER A 179 -16.75 -47.14 -56.63
CA SER A 179 -16.54 -48.16 -55.60
C SER A 179 -16.69 -47.55 -54.22
N LYS A 180 -17.46 -48.21 -53.34
CA LYS A 180 -17.44 -47.71 -51.98
C LYS A 180 -16.23 -48.32 -51.29
N PRO A 181 -15.80 -47.77 -50.15
CA PRO A 181 -14.46 -48.11 -49.63
C PRO A 181 -14.27 -49.59 -49.35
N ASN A 182 -13.04 -50.05 -49.63
CA ASN A 182 -12.64 -51.43 -49.39
C ASN A 182 -12.01 -51.50 -48.00
N CYS A 183 -12.63 -52.28 -47.12
CA CYS A 183 -12.28 -52.26 -45.70
C CYS A 183 -10.84 -52.68 -45.46
N LEU A 184 -10.32 -53.64 -46.21
CA LEU A 184 -8.99 -54.12 -45.90
C LEU A 184 -7.89 -53.20 -46.40
N PHE A 185 -8.10 -52.53 -47.54
CA PHE A 185 -7.15 -51.50 -47.94
C PHE A 185 -7.14 -50.34 -46.96
N LEU A 186 -8.33 -49.93 -46.51
CA LEU A 186 -8.42 -48.95 -45.42
C LEU A 186 -7.66 -49.41 -44.19
N LEU A 187 -7.84 -50.68 -43.80
CA LEU A 187 -7.19 -51.19 -42.59
C LEU A 187 -5.67 -51.20 -42.72
N LEU A 188 -5.16 -51.64 -43.88
CA LEU A 188 -3.72 -51.65 -44.08
C LEU A 188 -3.15 -50.24 -44.12
N ARG A 189 -3.88 -49.29 -44.72
CA ARG A 189 -3.36 -47.92 -44.73
C ARG A 189 -3.41 -47.30 -43.34
N ALA A 190 -4.41 -47.65 -42.54
CA ALA A 190 -4.46 -47.14 -41.17
C ALA A 190 -3.30 -47.69 -40.36
N LYS A 191 -3.00 -48.99 -40.50
CA LYS A 191 -1.85 -49.57 -39.80
C LYS A 191 -0.56 -48.91 -40.25
N LEU A 192 -0.38 -48.74 -41.57
CA LEU A 192 0.84 -48.11 -42.08
C LEU A 192 0.96 -46.64 -41.66
N LEU A 193 -0.15 -45.94 -41.50
CA LEU A 193 -0.08 -44.57 -41.03
C LEU A 193 0.23 -44.51 -39.55
N TYR A 194 -0.23 -45.50 -38.78
CA TYR A 194 0.24 -45.61 -37.39
C TYR A 194 1.73 -45.86 -37.35
N GLN A 195 2.24 -46.70 -38.25
CA GLN A 195 3.68 -46.98 -38.30
C GLN A 195 4.48 -45.72 -38.62
N LYS A 196 3.99 -44.87 -39.53
CA LYS A 196 4.62 -43.60 -39.85
C LYS A 196 4.37 -42.53 -38.79
N LYS A 197 3.73 -42.89 -37.68
CA LYS A 197 3.45 -41.99 -36.56
C LYS A 197 2.56 -40.82 -36.97
N ASN A 198 1.86 -40.95 -38.10
CA ASN A 198 0.79 -40.03 -38.47
C ASN A 198 -0.49 -40.50 -37.80
N TYR A 199 -0.50 -40.37 -36.46
CA TYR A 199 -1.53 -40.99 -35.65
C TYR A 199 -2.92 -40.47 -36.02
N ALA A 201 -4.37 -38.95 -38.71
CA ALA A 201 -4.83 -39.55 -39.96
C ALA A 201 -5.29 -40.99 -39.73
N SER A 202 -4.43 -41.79 -39.10
CA SER A 202 -4.74 -43.20 -38.91
C SER A 202 -6.02 -43.38 -38.11
N LEU A 203 -6.17 -42.59 -37.03
CA LEU A 203 -7.39 -42.65 -36.23
C LEU A 203 -8.61 -42.54 -37.12
N LYS A 204 -8.62 -41.53 -37.99
CA LYS A 204 -9.81 -41.30 -38.80
C LYS A 204 -10.16 -42.54 -39.61
N ILE A 205 -9.16 -43.18 -40.20
CA ILE A 205 -9.46 -44.35 -41.02
C ILE A 205 -10.02 -45.45 -40.15
N PHE A 206 -9.40 -45.68 -38.99
CA PHE A 206 -9.96 -46.65 -38.06
C PHE A 206 -11.40 -46.29 -37.72
N GLN A 207 -11.62 -45.02 -37.39
CA GLN A 207 -12.96 -44.56 -37.09
C GLN A 207 -13.88 -44.80 -38.27
N GLU A 208 -13.39 -44.50 -39.49
CA GLU A 208 -14.19 -44.74 -40.69
C GLU A 208 -14.62 -46.20 -40.76
N LEU A 209 -13.68 -47.13 -40.54
CA LEU A 209 -14.02 -48.55 -40.60
C LEU A 209 -15.12 -48.88 -39.61
N LEU A 210 -15.13 -48.22 -38.45
CA LEU A 210 -16.13 -48.55 -37.45
C LEU A 210 -17.55 -48.34 -37.98
N VAL A 211 -17.76 -47.31 -38.81
CA VAL A 211 -19.12 -47.12 -39.32
C VAL A 211 -19.41 -48.06 -40.49
N ILE A 212 -18.37 -48.52 -41.19
CA ILE A 212 -18.60 -49.40 -42.33
C ILE A 212 -18.79 -50.84 -41.89
N ASN A 213 -18.13 -51.25 -40.81
CA ASN A 213 -18.20 -52.64 -40.40
C ASN A 213 -17.87 -52.76 -38.92
N PRO A 214 -18.86 -52.54 -38.04
CA PRO A 214 -18.59 -52.62 -36.60
C PRO A 214 -18.38 -54.04 -36.07
N VAL A 215 -18.46 -55.07 -36.91
CA VAL A 215 -18.08 -56.41 -36.51
C VAL A 215 -16.91 -56.93 -37.35
N LEU A 216 -16.15 -56.02 -37.94
CA LEU A 216 -14.94 -56.38 -38.66
C LEU A 216 -13.91 -57.01 -37.73
N GLN A 217 -13.21 -58.03 -38.24
CA GLN A 217 -12.06 -58.59 -37.56
C GLN A 217 -10.84 -58.42 -38.46
N PRO A 218 -9.74 -57.83 -37.96
CA PRO A 218 -9.55 -57.43 -36.56
C PRO A 218 -10.39 -56.21 -36.15
N ASP A 219 -10.70 -56.11 -34.87
CA ASP A 219 -11.57 -55.07 -34.35
C ASP A 219 -10.92 -53.70 -34.55
N PRO A 220 -11.51 -52.81 -35.35
CA PRO A 220 -10.88 -51.50 -35.58
C PRO A 220 -10.92 -50.59 -34.36
N ARG A 221 -11.76 -50.92 -33.37
CA ARG A 221 -11.70 -50.25 -32.07
C ARG A 221 -10.31 -50.29 -31.48
N ILE A 222 -9.53 -51.34 -31.77
CA ILE A 222 -8.17 -51.45 -31.27
C ILE A 222 -7.29 -50.33 -31.84
N GLY A 223 -7.38 -50.11 -33.16
CA GLY A 223 -6.61 -49.03 -33.76
C GLY A 223 -7.11 -47.66 -33.35
N ILE A 224 -8.43 -47.51 -33.25
CA ILE A 224 -9.02 -46.29 -32.69
C ILE A 224 -8.36 -45.95 -31.36
N GLY A 225 -8.31 -46.94 -30.47
CA GLY A 225 -7.74 -46.71 -29.15
C GLY A 225 -6.25 -46.44 -29.20
N LEU A 226 -5.53 -47.16 -30.06
CA LEU A 226 -4.10 -46.90 -30.23
C LEU A 226 -3.85 -45.44 -30.57
N CYS A 227 -4.64 -44.90 -31.52
CA CYS A 227 -4.41 -43.53 -31.94
C CYS A 227 -4.91 -42.53 -30.91
N PHE A 228 -5.97 -42.86 -30.17
CA PHE A 228 -6.40 -42.02 -29.06
C PHE A 228 -5.30 -41.93 -28.01
N TRP A 229 -4.62 -43.05 -27.77
CA TRP A 229 -3.55 -43.08 -26.77
C TRP A 229 -2.36 -42.26 -27.23
N GLN A 230 -1.98 -42.40 -28.51
CA GLN A 230 -0.87 -41.59 -29.01
C GLN A 230 -1.23 -40.11 -29.04
N LEU A 231 -2.50 -39.76 -29.26
CA LEU A 231 -2.94 -38.37 -29.29
C LEU A 231 -3.30 -37.84 -27.91
N LYS A 232 -2.85 -38.52 -26.84
CA LYS A 232 -3.01 -38.03 -25.47
C LYS A 232 -4.48 -37.87 -25.09
N ASP A 233 -5.31 -38.80 -25.56
CA ASP A 233 -6.66 -38.99 -25.03
C ASP A 233 -6.78 -40.46 -24.67
N SER A 234 -5.84 -40.91 -23.84
CA SER A 234 -5.75 -42.33 -23.47
C SER A 234 -7.00 -42.81 -22.77
N LYS A 235 -7.67 -41.93 -22.02
CA LYS A 235 -8.90 -42.31 -21.35
C LYS A 235 -9.86 -42.94 -22.35
N ALA A 237 -9.11 -43.95 -25.30
CA ALA A 237 -8.46 -45.16 -25.78
C ALA A 237 -8.95 -46.37 -25.00
N ILE A 238 -8.88 -46.29 -23.67
CA ILE A 238 -9.23 -47.43 -22.85
C ILE A 238 -10.66 -47.86 -23.13
N LYS A 239 -11.57 -46.88 -23.21
CA LYS A 239 -12.97 -47.22 -23.42
C LYS A 239 -13.13 -48.05 -24.69
N SER A 240 -12.48 -47.63 -25.78
CA SER A 240 -12.67 -48.36 -27.02
C SER A 240 -12.15 -49.78 -26.88
N TRP A 241 -10.99 -49.92 -26.23
CA TRP A 241 -10.43 -51.23 -25.98
C TRP A 241 -11.37 -52.07 -25.12
N GLN A 242 -11.89 -51.46 -24.04
CA GLN A 242 -12.89 -52.16 -23.24
C GLN A 242 -14.09 -52.52 -24.10
N ARG A 243 -14.52 -51.58 -24.96
CA ARG A 243 -15.60 -51.88 -25.88
C ARG A 243 -15.27 -53.14 -26.69
N ALA A 244 -14.04 -53.22 -27.20
CA ALA A 244 -13.66 -54.37 -28.01
C ALA A 244 -13.77 -55.66 -27.20
N LEU A 245 -13.41 -55.61 -25.92
CA LEU A 245 -13.51 -56.80 -25.09
C LEU A 245 -14.94 -57.09 -24.69
N GLN A 246 -15.79 -56.04 -24.59
CA GLN A 246 -17.19 -56.27 -24.29
C GLN A 246 -17.86 -57.05 -25.41
N LEU A 247 -17.59 -56.67 -26.67
CA LEU A 247 -18.20 -57.35 -27.80
C LEU A 247 -17.60 -58.72 -28.06
N ASN A 248 -16.41 -59.01 -27.54
CA ASN A 248 -15.78 -60.30 -27.76
C ASN A 248 -14.83 -60.63 -26.62
N PRO A 249 -15.30 -61.33 -25.58
CA PRO A 249 -14.40 -61.65 -24.45
C PRO A 249 -13.32 -62.64 -24.82
N LYS A 250 -13.48 -63.40 -25.91
CA LYS A 250 -12.44 -64.32 -26.36
C LYS A 250 -11.32 -63.63 -27.13
N ASN A 251 -11.45 -62.35 -27.45
CA ASN A 251 -10.39 -61.62 -28.14
C ASN A 251 -9.23 -61.32 -27.19
N THR A 252 -8.20 -62.18 -27.20
CA THR A 252 -7.14 -62.07 -26.20
C THR A 252 -6.31 -60.79 -26.33
N SER A 253 -6.17 -60.23 -27.53
CA SER A 253 -5.39 -59.00 -27.66
C SER A 253 -6.14 -57.81 -27.09
N ALA A 254 -7.47 -57.79 -27.26
CA ALA A 254 -8.29 -56.81 -26.58
C ALA A 254 -8.19 -56.96 -25.07
N SER A 255 -8.19 -58.20 -24.58
CA SER A 255 -7.96 -58.45 -23.16
C SER A 255 -6.65 -57.82 -22.69
N ILE A 256 -5.56 -58.03 -23.43
CA ILE A 256 -4.27 -57.49 -23.02
C ILE A 256 -4.27 -55.96 -23.04
N LEU A 257 -4.90 -55.36 -24.05
CA LEU A 257 -5.01 -53.89 -24.08
C LEU A 257 -5.80 -53.38 -22.88
N VAL A 258 -6.88 -54.08 -22.51
CA VAL A 258 -7.65 -53.71 -21.33
C VAL A 258 -6.80 -53.86 -20.06
N LEU A 259 -5.93 -54.87 -20.04
CA LEU A 259 -5.02 -55.04 -18.90
C LEU A 259 -4.07 -53.86 -18.77
N LEU A 260 -3.49 -53.43 -19.89
CA LEU A 260 -2.65 -52.24 -19.89
C LEU A 260 -3.43 -51.02 -19.41
N GLY A 261 -4.68 -50.90 -19.86
CA GLY A 261 -5.53 -49.83 -19.35
C GLY A 261 -5.75 -49.93 -17.85
N GLU A 262 -5.86 -51.15 -17.33
CA GLU A 262 -6.03 -51.32 -15.90
C GLU A 262 -4.80 -50.84 -15.13
N PHE A 263 -3.61 -51.15 -15.65
CA PHE A 263 -2.40 -50.66 -14.99
C PHE A 263 -2.32 -49.14 -15.05
N ARG A 264 -2.62 -48.55 -16.21
CA ARG A 264 -2.55 -47.09 -16.33
C ARG A 264 -3.61 -46.40 -15.46
N GLU A 265 -4.79 -47.00 -15.33
CA GLU A 265 -5.86 -46.39 -14.55
C GLU A 265 -5.68 -46.60 -13.05
N SER A 266 -4.91 -47.60 -12.64
CA SER A 266 -4.58 -47.71 -11.21
C SER A 266 -3.79 -46.49 -10.76
N PHE A 267 -3.05 -45.86 -11.67
CA PHE A 267 -2.36 -44.61 -11.39
C PHE A 267 -3.26 -43.40 -11.61
N THR A 268 -3.99 -43.35 -12.73
CA THR A 268 -4.74 -42.13 -13.04
C THR A 268 -6.04 -42.00 -12.24
N ASN A 269 -6.64 -43.10 -11.79
CA ASN A 269 -7.98 -43.03 -11.20
C ASN A 269 -8.02 -43.29 -9.71
N SER A 270 -6.91 -43.65 -9.07
CA SER A 270 -6.95 -43.96 -7.65
C SER A 270 -6.99 -42.67 -6.84
N THR A 271 -7.88 -42.63 -5.85
CA THR A 271 -8.10 -41.45 -5.02
C THR A 271 -7.13 -41.38 -3.85
N ASN A 272 -6.72 -42.53 -3.31
CA ASN A 272 -5.84 -42.57 -2.15
C ASN A 272 -5.06 -43.89 -2.19
N ASP A 273 -4.45 -44.24 -1.05
CA ASP A 273 -3.59 -45.43 -1.02
C ASP A 273 -4.41 -46.72 -1.12
N LYS A 274 -5.57 -46.79 -0.45
CA LYS A 274 -6.37 -48.01 -0.46
C LYS A 274 -6.90 -48.32 -1.86
N THR A 275 -7.44 -47.31 -2.54
CA THR A 275 -7.94 -47.52 -3.89
C THR A 275 -6.82 -47.91 -4.84
N PHE A 276 -5.62 -47.33 -4.66
CA PHE A 276 -4.51 -47.72 -5.52
C PHE A 276 -4.14 -49.18 -5.30
N LYS A 277 -4.09 -49.62 -4.03
CA LYS A 277 -3.75 -51.00 -3.78
C LYS A 277 -4.79 -51.95 -4.37
N GLU A 278 -6.07 -51.56 -4.31
CA GLU A 278 -7.11 -52.40 -4.89
C GLU A 278 -6.94 -52.49 -6.41
N ALA A 279 -6.72 -51.35 -7.06
CA ALA A 279 -6.63 -51.34 -8.52
C ALA A 279 -5.38 -52.05 -9.01
N PHE A 280 -4.25 -51.83 -8.34
CA PHE A 280 -3.02 -52.50 -8.76
C PHE A 280 -3.09 -54.00 -8.49
N THR A 281 -3.76 -54.41 -7.41
CA THR A 281 -3.88 -55.83 -7.14
C THR A 281 -4.79 -56.52 -8.13
N LYS A 282 -5.82 -55.82 -8.62
CA LYS A 282 -6.66 -56.43 -9.64
C LYS A 282 -5.93 -56.48 -10.98
N ALA A 283 -5.14 -55.46 -11.29
CA ALA A 283 -4.31 -55.50 -12.49
C ALA A 283 -3.33 -56.67 -12.44
N LEU A 284 -2.72 -56.91 -11.28
CA LEU A 284 -1.72 -57.96 -11.17
C LEU A 284 -2.36 -59.35 -11.23
N SER A 285 -3.53 -59.52 -10.61
CA SER A 285 -4.15 -60.84 -10.68
C SER A 285 -4.71 -61.11 -12.06
N ASP A 286 -5.19 -60.08 -12.76
CA ASP A 286 -5.59 -60.26 -14.16
C ASP A 286 -4.37 -60.59 -15.02
N LEU A 287 -3.22 -59.98 -14.72
CA LEU A 287 -1.99 -60.30 -15.43
C LEU A 287 -1.61 -61.76 -15.25
N ASN A 288 -1.65 -62.24 -14.01
CA ASN A 288 -1.35 -63.65 -13.74
C ASN A 288 -2.30 -64.56 -14.51
N ASN A 289 -3.61 -64.24 -14.48
CA ASN A 289 -4.62 -65.05 -15.14
C ASN A 289 -4.36 -65.13 -16.65
N ILE A 290 -4.14 -63.98 -17.29
CA ILE A 290 -3.87 -64.00 -18.72
C ILE A 290 -2.54 -64.66 -19.03
N PHE A 291 -1.53 -64.45 -18.18
CA PHE A 291 -0.18 -64.92 -18.48
C PHE A 291 -0.06 -66.43 -18.39
N SER A 292 -0.79 -67.06 -17.47
CA SER A 292 -0.59 -68.51 -17.32
C SER A 292 -1.16 -69.32 -18.48
N GLU A 293 -1.73 -68.67 -19.50
CA GLU A 293 -2.03 -69.33 -20.76
C GLU A 293 -1.46 -68.58 -21.96
N ASN A 294 -0.63 -67.57 -21.74
CA ASN A 294 0.03 -66.82 -22.79
C ASN A 294 1.50 -66.58 -22.42
N GLN A 295 2.20 -67.65 -22.02
CA GLN A 295 3.49 -67.56 -21.33
C GLN A 295 4.65 -67.11 -22.22
N HIS A 296 4.45 -66.89 -23.52
CA HIS A 296 5.52 -66.36 -24.36
C HIS A 296 5.11 -65.04 -24.99
N ASN A 297 4.41 -64.23 -24.21
CA ASN A 297 3.95 -62.92 -24.63
C ASN A 297 4.92 -61.89 -24.07
N PRO A 298 5.68 -61.19 -24.92
CA PRO A 298 6.67 -60.23 -24.39
C PRO A 298 6.06 -59.11 -23.59
N VAL A 299 4.84 -58.69 -23.92
CA VAL A 299 4.18 -57.61 -23.17
C VAL A 299 3.91 -58.07 -21.74
N LEU A 300 3.34 -59.26 -21.58
CA LEU A 300 3.06 -59.77 -20.24
C LEU A 300 4.34 -60.02 -19.47
N LEU A 301 5.40 -60.46 -20.17
CA LEU A 301 6.69 -60.68 -19.54
C LEU A 301 7.29 -59.36 -19.06
N THR A 302 7.14 -58.29 -19.84
CA THR A 302 7.66 -57.00 -19.41
C THR A 302 6.84 -56.41 -18.26
N LEU A 303 5.54 -56.70 -18.23
CA LEU A 303 4.71 -56.33 -17.09
C LEU A 303 5.14 -57.07 -15.83
N LEU A 304 5.38 -58.38 -15.93
CA LEU A 304 5.94 -59.12 -14.81
C LEU A 304 7.27 -58.52 -14.36
N GLN A 305 8.10 -58.09 -15.31
CA GLN A 305 9.36 -57.43 -14.97
C GLN A 305 9.10 -56.18 -14.15
N THR A 306 8.13 -55.36 -14.58
CA THR A 306 7.74 -54.18 -13.81
C THR A 306 7.39 -54.56 -12.38
N TYR A 307 6.51 -55.56 -12.24
CA TYR A 307 6.07 -55.97 -10.92
C TYR A 307 7.23 -56.42 -10.06
N TYR A 308 8.09 -57.28 -10.60
CA TYR A 308 9.21 -57.80 -9.80
C TYR A 308 10.21 -56.72 -9.44
N TYR A 309 10.39 -55.70 -10.29
CA TYR A 309 11.25 -54.60 -9.89
C TYR A 309 10.66 -53.85 -8.71
N PHE A 310 9.38 -53.48 -8.81
CA PHE A 310 8.78 -52.70 -7.72
C PHE A 310 8.60 -53.52 -6.45
N LYS A 311 8.62 -54.84 -6.56
CA LYS A 311 8.61 -55.70 -5.38
C LYS A 311 10.03 -55.99 -4.88
N GLY A 312 11.05 -55.39 -5.49
CA GLY A 312 12.42 -55.54 -5.03
C GLY A 312 13.10 -56.81 -5.51
N ASP A 313 12.40 -57.63 -6.28
CA ASP A 313 12.91 -58.93 -6.75
C ASP A 313 13.61 -58.72 -8.08
N TYR A 314 14.84 -58.19 -7.99
CA TYR A 314 15.56 -57.77 -9.18
C TYR A 314 16.09 -58.96 -9.97
N GLN A 315 16.53 -60.02 -9.26
CA GLN A 315 17.02 -61.21 -9.94
C GLN A 315 15.98 -61.80 -10.87
N THR A 316 14.69 -61.73 -10.49
CA THR A 316 13.66 -62.26 -11.37
C THR A 316 13.46 -61.39 -12.60
N VAL A 317 13.65 -60.07 -12.46
CA VAL A 317 13.65 -59.21 -13.64
C VAL A 317 14.73 -59.65 -14.62
N LEU A 318 15.94 -59.84 -14.10
CA LEU A 318 17.05 -60.31 -14.93
C LEU A 318 16.74 -61.67 -15.53
N ASP A 319 16.18 -62.58 -14.73
CA ASP A 319 15.89 -63.93 -15.19
C ASP A 319 14.88 -63.93 -16.32
N ILE A 320 13.81 -63.14 -16.20
CA ILE A 320 12.83 -63.03 -17.28
C ILE A 320 13.52 -62.60 -18.56
N TYR A 321 14.34 -61.54 -18.48
CA TYR A 321 15.02 -61.09 -19.69
C TYR A 321 15.90 -62.18 -20.27
N HIS A 322 16.72 -62.81 -19.43
CA HIS A 322 17.76 -63.70 -19.93
C HIS A 322 17.21 -65.01 -20.46
N HIS A 323 16.26 -65.61 -19.75
CA HIS A 323 15.76 -66.93 -20.10
C HIS A 323 14.53 -66.92 -20.98
N ARG A 324 13.83 -65.79 -21.10
CA ARG A 324 12.63 -65.75 -21.94
C ARG A 324 12.75 -64.75 -23.09
N ILE A 325 13.06 -63.49 -22.81
CA ILE A 325 12.99 -62.47 -23.85
C ILE A 325 14.11 -62.66 -24.86
N LEU A 326 15.33 -62.95 -24.38
CA LEU A 326 16.48 -63.05 -25.29
C LEU A 326 16.30 -64.17 -26.31
N LYS A 327 15.78 -65.32 -25.88
CA LYS A 327 15.61 -66.45 -26.80
C LYS A 327 14.72 -66.08 -27.98
N SER A 329 14.12 -62.69 -28.96
CA SER A 329 14.30 -61.27 -29.26
C SER A 329 14.09 -60.88 -30.72
N PRO A 330 14.61 -61.62 -31.72
CA PRO A 330 14.45 -61.17 -33.12
C PRO A 330 13.01 -61.10 -33.61
N ILE A 332 10.33 -60.18 -31.37
CA ILE A 332 9.61 -59.18 -30.58
C ILE A 332 9.71 -57.84 -31.29
N ALA A 333 8.65 -57.06 -31.24
CA ALA A 333 8.71 -55.70 -31.74
C ALA A 333 9.71 -54.90 -30.91
N LYS A 334 10.54 -54.10 -31.57
CA LYS A 334 11.69 -53.51 -30.88
C LYS A 334 11.29 -52.53 -29.78
N ILE A 335 10.08 -51.97 -29.80
CA ILE A 335 9.66 -51.11 -28.70
C ILE A 335 9.45 -51.95 -27.44
N VAL A 336 8.90 -53.16 -27.60
CA VAL A 336 8.67 -54.03 -26.45
C VAL A 336 10.00 -54.59 -25.93
N LEU A 337 10.89 -54.98 -26.85
CA LEU A 337 12.23 -55.40 -26.46
C LEU A 337 12.96 -54.27 -25.74
N SER A 338 12.73 -53.03 -26.15
CA SER A 338 13.37 -51.90 -25.49
C SER A 338 12.84 -51.73 -24.08
N GLU A 339 11.53 -51.91 -23.88
CA GLU A 339 11.00 -51.87 -22.52
C GLU A 339 11.61 -52.98 -21.66
N SER A 340 11.79 -54.16 -22.23
CA SER A 340 12.27 -55.27 -21.41
C SER A 340 13.74 -55.12 -21.06
N SER A 341 14.55 -54.63 -21.99
CA SER A 341 15.95 -54.36 -21.69
C SER A 341 16.09 -53.17 -20.74
N PHE A 342 15.16 -52.22 -20.81
CA PHE A 342 15.21 -51.10 -19.88
C PHE A 342 14.92 -51.57 -18.45
N TRP A 343 13.95 -52.47 -18.28
CA TRP A 343 13.72 -53.00 -16.95
C TRP A 343 14.89 -53.86 -16.47
N CYS A 344 15.55 -54.57 -17.38
CA CYS A 344 16.71 -55.35 -16.97
C CYS A 344 17.83 -54.42 -16.49
N GLY A 345 17.99 -53.28 -17.16
CA GLY A 345 18.94 -52.28 -16.70
C GLY A 345 18.55 -51.67 -15.37
N ARG A 346 17.26 -51.42 -15.16
CA ARG A 346 16.80 -50.94 -13.86
C ARG A 346 17.20 -51.92 -12.77
N ALA A 347 17.00 -53.22 -13.01
CA ALA A 347 17.36 -54.21 -12.01
C ALA A 347 18.85 -54.20 -11.73
N HIS A 348 19.68 -54.12 -12.78
CA HIS A 348 21.13 -54.04 -12.57
C HIS A 348 21.50 -52.81 -11.74
N TYR A 349 20.90 -51.66 -12.05
CA TYR A 349 21.14 -50.44 -11.28
C TYR A 349 20.78 -50.63 -9.82
N ALA A 350 19.63 -51.26 -9.56
CA ALA A 350 19.17 -51.49 -8.20
C ALA A 350 20.11 -52.40 -7.42
N LEU A 351 20.83 -53.28 -8.12
CA LEU A 351 21.83 -54.15 -7.51
C LEU A 351 23.20 -53.51 -7.44
N GLY A 352 23.30 -52.22 -7.75
CA GLY A 352 24.57 -51.52 -7.65
C GLY A 352 25.62 -51.98 -8.64
N ASP A 353 25.21 -52.55 -9.76
CA ASP A 353 26.13 -52.99 -10.81
C ASP A 353 25.90 -52.06 -12.00
N TYR A 354 26.60 -50.94 -11.98
CA TYR A 354 26.34 -49.84 -12.89
C TYR A 354 26.91 -50.08 -14.28
N ARG A 355 27.92 -50.94 -14.41
CA ARG A 355 28.40 -51.33 -15.73
C ARG A 355 27.30 -52.03 -16.52
N LYS A 356 26.63 -53.00 -15.90
CA LYS A 356 25.64 -53.79 -16.62
C LYS A 356 24.35 -53.01 -16.84
N SER A 357 23.98 -52.14 -15.90
CA SER A 357 22.83 -51.27 -16.15
C SER A 357 23.14 -50.30 -17.28
N PHE A 358 24.39 -49.85 -17.40
CA PHE A 358 24.77 -49.02 -18.54
C PHE A 358 24.64 -49.80 -19.84
N ILE A 359 25.24 -51.00 -19.90
CA ILE A 359 25.10 -51.86 -21.07
C ILE A 359 23.63 -52.05 -21.46
N PHE A 361 20.87 -50.16 -20.61
CA PHE A 361 20.24 -48.95 -21.10
C PHE A 361 20.72 -48.61 -22.50
N GLN A 362 21.98 -48.91 -22.81
CA GLN A 362 22.47 -48.75 -24.17
C GLN A 362 21.71 -49.66 -25.12
N GLU A 363 21.47 -50.91 -24.70
CA GLU A 363 20.76 -51.85 -25.58
C GLU A 363 19.31 -51.43 -25.78
N SER A 364 18.67 -50.96 -24.71
CA SER A 364 17.30 -50.48 -24.80
C SER A 364 17.21 -49.27 -25.72
N LEU A 365 18.19 -48.38 -25.67
CA LEU A 365 18.21 -47.24 -26.58
C LEU A 365 18.49 -47.68 -28.01
N LYS A 366 19.27 -48.76 -28.19
CA LYS A 366 19.50 -49.28 -29.53
C LYS A 366 18.21 -49.81 -30.14
N LYS A 367 17.32 -50.38 -29.32
CA LYS A 367 16.07 -50.89 -29.88
C LYS A 367 14.97 -49.84 -29.99
N ASN A 368 15.04 -48.76 -29.20
CA ASN A 368 14.07 -47.67 -29.29
C ASN A 368 14.80 -46.39 -28.86
N GLU A 369 15.33 -45.66 -29.85
CA GLU A 369 16.12 -44.47 -29.55
C GLU A 369 15.32 -43.41 -28.79
N ASP A 370 13.99 -43.50 -28.79
CA ASP A 370 13.16 -42.52 -28.12
C ASP A 370 12.61 -43.04 -26.79
N ASN A 371 13.24 -44.06 -26.20
CA ASN A 371 12.89 -44.55 -24.86
C ASN A 371 13.40 -43.57 -23.81
N LEU A 372 12.49 -42.76 -23.26
CA LEU A 372 12.88 -41.67 -22.36
C LEU A 372 13.51 -42.21 -21.09
N LEU A 373 12.81 -43.11 -20.40
CA LEU A 373 13.26 -43.63 -19.12
C LEU A 373 14.59 -44.38 -19.23
N ALA A 374 14.81 -45.08 -20.35
CA ALA A 374 16.11 -45.71 -20.56
C ALA A 374 17.23 -44.67 -20.66
N LYS A 375 16.96 -43.52 -21.29
CA LYS A 375 18.00 -42.50 -21.40
C LYS A 375 18.28 -41.82 -20.07
N LEU A 376 17.22 -41.56 -19.29
CA LEU A 376 17.42 -41.07 -17.93
C LEU A 376 18.25 -42.06 -17.11
N GLY A 377 17.98 -43.36 -17.28
CA GLY A 377 18.78 -44.35 -16.58
C GLY A 377 20.23 -44.36 -17.02
N LEU A 378 20.48 -44.18 -18.31
CA LEU A 378 21.85 -44.09 -18.81
C LEU A 378 22.59 -42.95 -18.15
N GLY A 379 21.98 -41.75 -18.13
CA GLY A 379 22.63 -40.63 -17.46
C GLY A 379 22.86 -40.89 -15.99
N GLN A 380 21.91 -41.56 -15.32
CA GLN A 380 22.10 -41.85 -13.90
C GLN A 380 23.26 -42.81 -13.68
N THR A 381 23.38 -43.83 -14.53
CA THR A 381 24.52 -44.74 -14.39
C THR A 381 25.82 -44.00 -14.64
N GLN A 382 25.78 -43.00 -15.53
CA GLN A 382 26.97 -42.19 -15.73
C GLN A 382 27.32 -41.41 -14.47
N ILE A 383 26.31 -40.86 -13.80
CA ILE A 383 26.52 -40.20 -12.52
C ILE A 383 27.15 -41.18 -11.52
N LYS A 384 26.60 -42.39 -11.43
CA LYS A 384 27.10 -43.36 -10.47
C LYS A 384 28.56 -43.70 -10.70
N ASN A 385 29.02 -43.67 -11.95
CA ASN A 385 30.41 -43.96 -12.29
C ASN A 385 31.28 -42.71 -12.27
N ASN A 386 30.79 -41.62 -11.67
CA ASN A 386 31.53 -40.36 -11.51
C ASN A 386 31.90 -39.75 -12.84
N LEU A 387 31.05 -39.95 -13.85
CA LEU A 387 31.18 -39.30 -15.14
C LEU A 387 30.14 -38.18 -15.20
N LEU A 388 30.48 -37.06 -14.56
CA LEU A 388 29.52 -35.97 -14.38
C LEU A 388 29.27 -35.20 -15.66
N GLU A 389 30.34 -34.74 -16.31
CA GLU A 389 30.18 -33.96 -17.53
C GLU A 389 29.55 -34.80 -18.63
N GLU A 390 29.89 -36.10 -18.67
CA GLU A 390 29.30 -37.00 -19.65
C GLU A 390 27.81 -37.18 -19.42
N SER A 391 27.43 -37.34 -18.14
CA SER A 391 26.01 -37.45 -17.82
C SER A 391 25.28 -36.16 -18.17
N ILE A 392 25.93 -35.02 -17.96
CA ILE A 392 25.33 -33.75 -18.34
C ILE A 392 25.10 -33.71 -19.85
N ILE A 393 26.06 -34.22 -20.62
CA ILE A 393 25.89 -34.28 -22.06
C ILE A 393 24.64 -35.09 -22.42
N THR A 394 24.45 -36.25 -21.79
CA THR A 394 23.32 -37.08 -22.22
C THR A 394 22.00 -36.46 -21.77
N PHE A 395 21.97 -35.92 -20.56
CA PHE A 395 20.74 -35.29 -20.08
C PHE A 395 20.37 -34.08 -20.93
N GLU A 396 21.35 -33.29 -21.37
CA GLU A 396 21.05 -32.13 -22.18
C GLU A 396 20.64 -32.52 -23.60
N ASN A 397 21.23 -33.59 -24.14
CA ASN A 397 20.76 -34.07 -25.44
C ASN A 397 19.32 -34.53 -25.35
N LEU A 398 18.95 -35.17 -24.24
CA LEU A 398 17.55 -35.49 -24.01
C LEU A 398 16.70 -34.24 -23.80
N TYR A 399 17.29 -33.19 -23.22
CA TYR A 399 16.55 -31.96 -22.98
C TYR A 399 16.20 -31.25 -24.27
N LYS A 400 17.03 -31.42 -25.31
CA LYS A 400 16.77 -30.74 -26.56
C LYS A 400 15.36 -30.99 -27.09
N THR A 401 14.71 -32.09 -26.68
CA THR A 401 13.36 -32.43 -27.11
C THR A 401 12.43 -32.80 -25.97
N ASN A 402 12.80 -32.55 -24.71
CA ASN A 402 11.94 -32.84 -23.56
C ASN A 402 12.04 -31.75 -22.51
N GLU A 403 12.16 -30.49 -22.94
CA GLU A 403 12.37 -29.38 -22.02
C GLU A 403 11.23 -29.21 -21.01
N SER A 404 10.07 -29.80 -21.25
CA SER A 404 8.93 -29.67 -20.33
C SER A 404 8.81 -30.82 -19.35
N LEU A 405 9.83 -31.67 -19.26
CA LEU A 405 9.82 -32.82 -18.35
C LEU A 405 10.32 -32.39 -16.98
N GLN A 406 9.46 -32.52 -15.95
CA GLN A 406 9.84 -32.06 -14.61
C GLN A 406 11.08 -32.78 -14.11
N GLU A 407 11.08 -34.11 -14.22
CA GLU A 407 12.20 -34.89 -13.69
C GLU A 407 13.52 -34.50 -14.35
N LEU A 408 13.48 -34.18 -15.65
CA LEU A 408 14.71 -33.80 -16.33
C LEU A 408 15.21 -32.42 -15.89
N ASN A 409 14.28 -31.47 -15.72
CA ASN A 409 14.67 -30.16 -15.21
C ASN A 409 15.23 -30.27 -13.81
N TYR A 410 14.63 -31.13 -12.97
CA TYR A 410 15.16 -31.35 -11.62
C TYR A 410 16.58 -31.90 -11.67
N ILE A 411 16.79 -32.96 -12.47
CA ILE A 411 18.10 -33.60 -12.54
C ILE A 411 19.16 -32.63 -13.04
N LEU A 412 18.86 -31.89 -14.10
CA LEU A 412 19.86 -30.96 -14.63
C LEU A 412 20.11 -29.82 -13.66
N GLY A 413 19.05 -29.37 -12.97
CA GLY A 413 19.22 -28.33 -11.97
C GLY A 413 20.13 -28.76 -10.84
N LEU A 415 22.46 -31.26 -10.96
CA LEU A 415 23.82 -31.40 -11.46
C LEU A 415 24.51 -30.05 -11.54
N TYR A 416 23.81 -29.05 -12.08
CA TYR A 416 24.42 -27.74 -12.18
C TYR A 416 24.57 -27.06 -10.82
N ALA A 417 23.67 -27.33 -9.88
CA ALA A 417 23.83 -26.77 -8.54
C ALA A 417 25.05 -27.35 -7.85
N GLY A 418 25.28 -28.66 -8.01
CA GLY A 418 26.49 -29.27 -7.49
C GLY A 418 27.72 -28.64 -8.10
N LYS A 419 27.68 -28.40 -9.42
CA LYS A 419 28.81 -27.75 -10.08
C LYS A 419 29.04 -26.34 -9.54
N ALA A 420 27.96 -25.59 -9.28
CA ALA A 420 28.09 -24.23 -8.75
C ALA A 420 28.68 -24.24 -7.35
N PHE A 421 28.19 -25.13 -6.48
CA PHE A 421 28.72 -25.20 -5.12
C PHE A 421 30.19 -25.60 -5.13
N ASP A 422 30.54 -26.60 -5.94
CA ASP A 422 31.94 -27.01 -6.05
C ASP A 422 32.80 -25.86 -6.58
N ALA A 423 32.30 -25.11 -7.56
CA ALA A 423 33.04 -23.96 -8.07
C ALA A 423 33.23 -22.90 -6.99
N LYS A 424 32.25 -22.75 -6.11
CA LYS A 424 32.39 -21.79 -5.03
C LYS A 424 33.49 -22.21 -4.05
N THR A 425 33.61 -23.50 -3.77
CA THR A 425 34.67 -23.91 -2.85
C THR A 425 36.07 -23.85 -3.48
N ALA A 426 36.19 -23.80 -4.80
CA ALA A 426 37.49 -23.72 -5.45
C ALA A 426 38.04 -22.29 -5.48
N LYS A 427 39.37 -22.18 -5.51
CA LYS A 427 40.03 -20.88 -5.67
C LYS A 427 39.97 -20.39 -7.12
N ASN A 428 40.28 -21.25 -8.07
CA ASN A 428 40.44 -20.83 -9.47
C ASN A 428 39.13 -20.92 -10.25
N THR A 429 38.08 -20.26 -9.75
CA THR A 429 36.83 -20.09 -10.48
C THR A 429 36.56 -18.59 -10.63
N SER A 430 36.60 -18.13 -11.87
CA SER A 430 36.34 -16.73 -12.17
C SER A 430 34.88 -16.36 -11.85
N ALA A 431 34.63 -15.05 -11.75
CA ALA A 431 33.31 -14.56 -11.37
C ALA A 431 32.25 -14.93 -12.40
N LYS A 432 32.61 -14.93 -13.68
CA LYS A 432 31.58 -15.22 -14.69
C LYS A 432 31.34 -16.72 -14.83
N GLU A 433 32.35 -17.56 -14.54
CA GLU A 433 32.07 -18.99 -14.38
C GLU A 433 31.09 -19.24 -13.25
N GLN A 434 31.34 -18.63 -12.09
CA GLN A 434 30.47 -18.80 -10.93
C GLN A 434 29.04 -18.34 -11.23
N SER A 435 28.89 -17.12 -11.75
CA SER A 435 27.55 -16.60 -12.02
C SER A 435 26.84 -17.42 -13.10
N ASN A 436 27.58 -17.88 -14.12
CA ASN A 436 26.95 -18.69 -15.16
C ASN A 436 26.45 -20.02 -14.60
N LEU A 437 27.26 -20.68 -13.77
CA LEU A 437 26.81 -21.91 -13.11
C LEU A 437 25.57 -21.67 -12.25
N ASN A 438 25.64 -20.64 -11.39
CA ASN A 438 24.50 -20.31 -10.51
C ASN A 438 23.22 -20.12 -11.32
N GLU A 439 23.31 -19.31 -12.38
CA GLU A 439 22.13 -18.96 -13.15
C GLU A 439 21.60 -20.15 -13.96
N LYS A 440 22.50 -21.01 -14.47
CA LYS A 440 22.04 -22.19 -15.18
C LYS A 440 21.27 -23.14 -14.25
N ALA A 441 21.85 -23.42 -13.07
CA ALA A 441 21.17 -24.27 -12.11
C ALA A 441 19.83 -23.66 -11.69
N LEU A 442 19.79 -22.32 -11.51
CA LEU A 442 18.54 -21.68 -11.16
C LEU A 442 17.52 -21.80 -12.28
N LYS A 443 17.95 -21.62 -13.53
CA LYS A 443 17.02 -21.77 -14.65
C LYS A 443 16.36 -23.14 -14.63
N TYR A 444 17.17 -24.19 -14.50
CA TYR A 444 16.63 -25.55 -14.51
C TYR A 444 15.69 -25.78 -13.33
N LEU A 445 16.12 -25.40 -12.12
CA LEU A 445 15.34 -25.70 -10.93
C LEU A 445 14.03 -24.91 -10.87
N GLU A 446 14.05 -23.65 -11.31
CA GLU A 446 12.83 -22.87 -11.36
C GLU A 446 11.88 -23.36 -12.45
N ARG A 447 12.41 -23.91 -13.54
CA ARG A 447 11.52 -24.52 -14.52
C ARG A 447 10.90 -25.80 -13.96
N TYR A 448 11.66 -26.56 -13.17
CA TYR A 448 11.09 -27.70 -12.45
C TYR A 448 9.93 -27.24 -11.57
N LEU A 449 10.15 -26.19 -10.78
CA LEU A 449 9.12 -25.70 -9.89
C LEU A 449 7.89 -25.23 -10.66
N LYS A 450 8.09 -24.48 -11.75
CA LYS A 450 6.95 -23.99 -12.51
C LYS A 450 6.15 -25.14 -13.12
N LEU A 451 6.84 -26.20 -13.56
CA LEU A 451 6.14 -27.32 -14.18
C LEU A 451 5.41 -28.18 -13.15
N THR A 452 6.03 -28.39 -11.99
CA THR A 452 5.42 -29.23 -10.97
C THR A 452 4.16 -28.58 -10.39
N LEU A 453 4.20 -27.27 -10.15
CA LEU A 453 3.05 -26.58 -9.60
C LEU A 453 1.93 -26.35 -10.62
N ALA A 454 2.25 -26.37 -11.92
CA ALA A 454 1.19 -26.31 -12.93
C ALA A 454 0.26 -27.51 -12.82
N THR A 455 0.82 -28.70 -12.63
CA THR A 455 0.03 -29.85 -12.25
C THR A 455 -0.27 -29.84 -10.74
N LYS A 456 -1.41 -30.41 -10.37
CA LYS A 456 -1.78 -30.48 -8.96
C LYS A 456 -1.98 -31.91 -8.47
N ASN A 457 -1.37 -32.90 -9.14
CA ASN A 457 -1.42 -34.26 -8.64
C ASN A 457 -0.17 -34.66 -7.85
N GLN A 458 0.98 -34.09 -8.18
CA GLN A 458 2.25 -34.48 -7.59
C GLN A 458 2.80 -33.34 -6.73
N LEU A 459 3.51 -33.71 -5.67
CA LEU A 459 4.09 -32.73 -4.77
C LEU A 459 5.51 -32.36 -5.20
N VAL A 460 6.00 -31.26 -4.64
CA VAL A 460 7.32 -30.75 -4.96
C VAL A 460 8.35 -31.50 -4.11
N ILE A 461 9.44 -31.92 -4.74
CA ILE A 461 10.56 -32.45 -3.96
C ILE A 461 11.18 -31.27 -3.21
N SER A 462 11.08 -31.27 -1.87
CA SER A 462 11.51 -30.13 -1.06
C SER A 462 13.02 -29.89 -1.12
N ARG A 463 13.78 -30.92 -1.51
CA ARG A 463 15.19 -30.74 -1.80
C ARG A 463 15.40 -29.62 -2.81
N ALA A 464 14.47 -29.48 -3.77
CA ALA A 464 14.57 -28.41 -4.75
C ALA A 464 14.51 -27.05 -4.06
N TYR A 465 13.65 -26.92 -3.05
CA TYR A 465 13.56 -25.67 -2.30
C TYR A 465 14.85 -25.37 -1.56
N LEU A 466 15.42 -26.37 -0.88
CA LEU A 466 16.67 -26.14 -0.16
C LEU A 466 17.78 -25.71 -1.12
N VAL A 467 17.92 -26.42 -2.23
CA VAL A 467 19.02 -26.15 -3.16
C VAL A 467 18.84 -24.78 -3.81
N ILE A 468 17.60 -24.43 -4.19
CA ILE A 468 17.33 -23.12 -4.76
C ILE A 468 17.68 -22.01 -3.76
N SER A 469 17.37 -22.22 -2.48
CA SER A 469 17.67 -21.17 -1.51
C SER A 469 19.17 -21.02 -1.33
N GLN A 470 19.93 -22.13 -1.41
CA GLN A 470 21.38 -21.98 -1.39
C GLN A 470 21.87 -21.23 -2.62
N LEU A 471 21.34 -21.56 -3.79
CA LEU A 471 21.78 -20.88 -5.00
C LEU A 471 21.51 -19.38 -4.90
N TYR A 472 20.35 -18.99 -4.36
CA TYR A 472 20.08 -17.57 -4.21
C TYR A 472 20.94 -16.93 -3.13
N GLU A 473 21.42 -17.72 -2.16
CA GLU A 473 22.55 -17.25 -1.36
C GLU A 473 23.68 -16.81 -2.28
N LEU A 474 24.08 -17.69 -3.21
CA LEU A 474 25.20 -17.36 -4.07
C LEU A 474 24.92 -16.15 -4.96
N GLN A 475 23.65 -15.78 -5.15
CA GLN A 475 23.29 -14.61 -5.94
C GLN A 475 23.11 -13.36 -5.10
N ASN A 476 23.49 -13.40 -3.83
CA ASN A 476 23.30 -12.27 -2.89
C ASN A 476 21.85 -11.78 -2.89
N GLN A 477 20.91 -12.73 -2.89
CA GLN A 477 19.49 -12.44 -2.72
C GLN A 477 18.97 -13.33 -1.60
N TYR A 478 19.07 -12.83 -0.38
CA TYR A 478 18.80 -13.63 0.81
C TYR A 478 17.34 -13.61 1.24
N LYS A 479 16.56 -12.60 0.84
CA LYS A 479 15.14 -12.65 1.08
C LYS A 479 14.48 -13.67 0.18
N THR A 480 15.01 -13.87 -1.02
CA THR A 480 14.55 -14.98 -1.86
C THR A 480 14.91 -16.33 -1.24
N SER A 481 16.12 -16.44 -0.69
CA SER A 481 16.46 -17.64 0.08
C SER A 481 15.45 -17.88 1.20
N LEU A 482 15.15 -16.84 1.98
CA LEU A 482 14.17 -16.96 3.04
C LEU A 482 12.83 -17.45 2.51
N ASP A 483 12.35 -16.84 1.42
CA ASP A 483 11.06 -17.21 0.86
C ASP A 483 11.04 -18.68 0.45
N TYR A 484 12.09 -19.13 -0.25
CA TYR A 484 12.07 -20.49 -0.76
C TYR A 484 12.21 -21.52 0.37
N LEU A 485 13.07 -21.23 1.35
CA LEU A 485 13.19 -22.17 2.46
C LEU A 485 11.92 -22.18 3.32
N SER A 486 11.21 -21.06 3.41
CA SER A 486 9.93 -21.08 4.10
C SER A 486 8.90 -21.87 3.33
N LYS A 487 8.98 -21.86 1.99
CA LYS A 487 8.11 -22.72 1.20
C LYS A 487 8.40 -24.18 1.48
N ALA A 488 9.68 -24.53 1.64
CA ALA A 488 10.06 -25.88 2.04
C ALA A 488 9.42 -26.25 3.39
N LEU A 489 9.57 -25.39 4.39
CA LEU A 489 9.03 -25.70 5.72
C LEU A 489 7.49 -25.81 5.68
N GLU A 490 6.85 -24.94 4.90
CA GLU A 490 5.39 -24.96 4.81
C GLU A 490 4.91 -26.24 4.15
N GLU A 491 5.61 -26.70 3.10
CA GLU A 491 5.27 -27.98 2.49
C GLU A 491 5.46 -29.14 3.46
N GLU A 493 5.34 -29.19 6.76
CA GLU A 493 4.26 -29.23 7.73
C GLU A 493 2.91 -29.51 7.09
N PHE A 494 2.77 -29.22 5.78
CA PHE A 494 1.56 -29.61 5.08
C PHE A 494 1.43 -31.13 5.00
N ILE A 495 2.55 -31.84 4.86
CA ILE A 495 2.50 -33.30 4.80
C ILE A 495 2.81 -33.94 6.15
N LYS A 496 2.71 -33.17 7.24
CA LYS A 496 2.92 -33.67 8.60
C LYS A 496 4.25 -34.40 8.76
N LYS A 497 5.31 -33.86 8.17
CA LYS A 497 6.64 -34.43 8.33
C LYS A 497 7.42 -33.59 9.33
N GLU A 498 8.29 -34.25 10.09
CA GLU A 498 9.12 -33.55 11.07
C GLU A 498 10.10 -32.62 10.39
N ILE A 499 10.31 -31.45 11.00
CA ILE A 499 11.19 -30.44 10.44
C ILE A 499 12.60 -30.72 10.94
N PRO A 500 13.58 -30.85 10.05
CA PRO A 500 14.96 -31.08 10.48
C PRO A 500 15.53 -29.87 11.20
N LEU A 501 16.31 -30.15 12.25
CA LEU A 501 17.10 -29.10 12.91
C LEU A 501 17.82 -28.21 11.90
N GLU A 502 18.33 -28.80 10.83
CA GLU A 502 19.09 -28.04 9.84
C GLU A 502 18.23 -26.97 9.19
N VAL A 503 16.96 -27.30 8.88
CA VAL A 503 16.11 -26.34 8.19
C VAL A 503 15.71 -25.21 9.13
N LEU A 504 15.44 -25.53 10.40
CA LEU A 504 15.17 -24.47 11.37
C LEU A 504 16.39 -23.55 11.52
N ASN A 505 17.58 -24.13 11.61
CA ASN A 505 18.79 -23.33 11.82
C ASN A 505 19.07 -22.43 10.61
N ASN A 506 18.98 -22.99 9.41
CA ASN A 506 19.26 -22.21 8.21
C ASN A 506 18.18 -21.19 7.95
N LEU A 507 16.93 -21.50 8.31
CA LEU A 507 15.86 -20.51 8.25
C LEU A 507 16.14 -19.35 9.20
N ALA A 508 16.64 -19.67 10.40
CA ALA A 508 17.03 -18.63 11.34
C ALA A 508 18.18 -17.78 10.81
N CYS A 509 19.12 -18.40 10.08
CA CYS A 509 20.21 -17.60 9.51
C CYS A 509 19.70 -16.67 8.42
N TYR A 510 18.80 -17.15 7.57
CA TYR A 510 18.21 -16.28 6.56
C TYR A 510 17.40 -15.16 7.20
N HIS A 511 16.72 -15.44 8.32
CA HIS A 511 16.01 -14.39 9.04
C HIS A 511 16.98 -13.38 9.64
N PHE A 512 18.11 -13.86 10.17
CA PHE A 512 19.13 -12.97 10.71
C PHE A 512 19.61 -11.99 9.65
N ILE A 513 20.01 -12.52 8.50
CA ILE A 513 20.58 -11.68 7.46
C ILE A 513 19.58 -10.63 6.97
N ASN A 514 18.29 -10.82 7.25
CA ASN A 514 17.24 -9.92 6.82
C ASN A 514 16.85 -8.90 7.88
N GLY A 515 17.33 -9.06 9.12
CA GLY A 515 17.05 -8.11 10.17
C GLY A 515 16.01 -8.53 11.17
N ASP A 516 15.45 -9.73 11.03
CA ASP A 516 14.44 -10.23 11.96
C ASP A 516 15.12 -11.09 13.03
N PHE A 517 15.72 -10.39 13.99
CA PHE A 517 16.51 -11.05 15.02
C PHE A 517 15.62 -11.78 16.02
N ILE A 518 14.37 -11.36 16.16
CA ILE A 518 13.47 -12.05 17.09
C ILE A 518 13.00 -13.38 16.50
N LYS A 519 12.67 -13.38 15.21
CA LYS A 519 12.27 -14.63 14.56
C LYS A 519 13.46 -15.59 14.47
N ALA A 520 14.65 -15.05 14.23
CA ALA A 520 15.87 -15.85 14.18
C ALA A 520 16.19 -16.43 15.55
N ASP A 521 16.09 -15.61 16.61
CA ASP A 521 16.27 -16.11 17.97
C ASP A 521 15.30 -17.25 18.26
N ASP A 522 14.03 -17.09 17.86
CA ASP A 522 13.03 -18.11 18.16
C ASP A 522 13.32 -19.40 17.40
N LEU A 523 13.76 -19.28 16.15
CA LEU A 523 14.06 -20.48 15.36
C LEU A 523 15.33 -21.18 15.81
N PHE A 524 16.34 -20.40 16.23
CA PHE A 524 17.55 -21.01 16.80
C PHE A 524 17.22 -21.72 18.11
N LYS A 525 16.27 -21.21 18.87
CA LYS A 525 15.91 -21.90 20.11
C LYS A 525 15.11 -23.16 19.83
N GLN A 526 14.32 -23.16 18.75
CA GLN A 526 13.65 -24.40 18.33
C GLN A 526 14.67 -25.45 17.90
N ALA A 527 15.62 -25.04 17.05
CA ALA A 527 16.67 -25.94 16.61
C ALA A 527 17.42 -26.53 17.80
N LYS A 528 17.83 -25.68 18.75
CA LYS A 528 18.54 -26.20 19.91
C LYS A 528 17.65 -27.05 20.79
N ALA A 529 16.35 -26.77 20.83
CA ALA A 529 15.42 -27.62 21.55
C ALA A 529 15.30 -28.99 20.93
N LYS A 530 15.65 -29.14 19.65
CA LYS A 530 15.59 -30.43 18.97
C LYS A 530 16.94 -31.17 18.98
N VAL A 531 17.74 -31.02 20.03
CA VAL A 531 19.05 -31.65 20.12
C VAL A 531 19.25 -32.35 21.46
N SER A 532 19.97 -33.48 21.44
CA SER A 532 20.31 -34.22 22.68
C SER A 532 21.26 -33.35 23.52
N ASP A 533 21.11 -33.39 24.84
CA ASP A 533 21.93 -32.58 25.78
C ASP A 533 23.42 -33.00 25.71
N LYS A 534 23.70 -34.29 25.58
CA LYS A 534 25.08 -34.82 25.58
C LYS A 534 25.91 -34.26 24.42
N ASP A 535 25.33 -34.13 23.22
CA ASP A 535 26.07 -33.63 22.04
C ASP A 535 26.54 -32.19 22.25
N GLU A 536 27.76 -31.88 21.79
CA GLU A 536 28.34 -30.53 21.90
C GLU A 536 28.88 -29.99 20.58
N SER A 537 29.06 -30.83 19.55
CA SER A 537 29.47 -30.33 18.25
C SER A 537 28.45 -29.37 17.67
N VAL A 538 27.19 -29.79 17.58
CA VAL A 538 26.15 -28.90 17.08
C VAL A 538 25.81 -27.83 18.12
N ASN A 539 25.98 -28.14 19.41
CA ASN A 539 25.62 -27.18 20.45
C ASN A 539 26.54 -25.96 20.43
N ILE A 540 27.82 -26.13 20.03
CA ILE A 540 28.72 -24.98 19.92
C ILE A 540 28.21 -24.00 18.86
N THR A 541 27.85 -24.52 17.68
CA THR A 541 27.36 -23.65 16.61
C THR A 541 26.02 -23.03 16.97
N LEU A 542 25.15 -23.77 17.65
CA LEU A 542 23.84 -23.19 17.99
C LEU A 542 23.98 -22.14 19.08
N GLU A 543 24.91 -22.33 20.03
CA GLU A 543 25.18 -21.28 21.01
C GLU A 543 25.77 -20.04 20.35
N TYR A 544 26.73 -20.23 19.44
CA TYR A 544 27.26 -19.08 18.71
C TYR A 544 26.17 -18.38 17.92
N ASN A 545 25.25 -19.13 17.33
CA ASN A 545 24.19 -18.53 16.53
C ASN A 545 23.28 -17.67 17.40
N ILE A 546 22.88 -18.20 18.56
CA ILE A 546 22.00 -17.44 19.46
C ILE A 546 22.70 -16.18 19.95
N ALA A 547 23.96 -16.32 20.37
CA ALA A 547 24.70 -15.17 20.87
C ALA A 547 24.88 -14.13 19.77
N ARG A 548 25.21 -14.57 18.55
CA ARG A 548 25.38 -13.67 17.44
C ARG A 548 24.09 -12.94 17.11
N THR A 549 22.94 -13.60 17.30
CA THR A 549 21.67 -12.94 16.98
C THR A 549 21.28 -11.94 18.04
N ASN A 550 21.69 -12.15 19.29
CA ASN A 550 21.33 -11.24 20.37
C ASN A 550 22.46 -10.25 20.72
N GLU A 551 23.28 -9.84 19.76
CA GLU A 551 24.34 -8.87 20.08
C GLU A 551 23.76 -7.47 20.29
N LYS A 552 22.77 -7.09 19.49
CA LYS A 552 22.22 -5.73 19.53
C LYS A 552 20.97 -5.62 20.40
N ASN A 553 20.57 -6.70 21.08
CA ASN A 553 19.36 -6.68 21.89
C ASN A 553 19.59 -7.24 23.28
N ASP A 554 20.46 -8.24 23.43
CA ASP A 554 20.90 -8.73 24.74
C ASP A 554 22.41 -8.95 24.69
N CYS A 555 23.18 -7.86 24.71
CA CYS A 555 24.62 -7.99 24.49
C CYS A 555 25.30 -8.67 25.67
N GLU A 556 24.68 -8.60 26.85
CA GLU A 556 25.24 -9.24 28.02
C GLU A 556 25.11 -10.77 27.95
N LYS A 557 24.05 -11.25 27.30
CA LYS A 557 23.94 -12.69 27.04
C LYS A 557 24.96 -13.13 25.99
N SER A 558 25.15 -12.30 24.96
CA SER A 558 26.10 -12.63 23.91
C SER A 558 27.53 -12.70 24.44
N GLU A 559 27.91 -11.76 25.30
CA GLU A 559 29.28 -11.78 25.81
C GLU A 559 29.52 -12.96 26.74
N SER A 560 28.51 -13.37 27.51
CA SER A 560 28.63 -14.57 28.33
C SER A 560 28.82 -15.82 27.47
N ILE A 561 27.98 -15.98 26.45
CA ILE A 561 28.11 -17.13 25.55
C ILE A 561 29.48 -17.13 24.88
N TYR A 562 29.94 -15.95 24.46
CA TYR A 562 31.24 -15.85 23.82
C TYR A 562 32.37 -16.23 24.76
N SER A 563 32.31 -15.76 26.01
CA SER A 563 33.34 -16.14 26.98
C SER A 563 33.34 -17.65 27.20
N GLN A 564 32.15 -18.27 27.21
CA GLN A 564 32.12 -19.71 27.44
C GLN A 564 32.73 -20.46 26.26
N VAL A 565 32.41 -20.05 25.04
CA VAL A 565 32.93 -20.75 23.86
C VAL A 565 34.42 -20.48 23.67
N THR A 566 34.91 -19.31 24.09
CA THR A 566 36.32 -19.01 23.91
C THR A 566 37.17 -19.66 25.00
N SER A 567 36.62 -19.77 26.21
CA SER A 567 37.31 -20.49 27.28
C SER A 567 37.38 -21.99 26.99
N LEU A 568 36.24 -22.61 26.68
CA LEU A 568 36.23 -24.07 26.53
C LEU A 568 36.87 -24.48 25.21
N HIS A 569 36.43 -23.88 24.10
CA HIS A 569 36.87 -24.26 22.75
C HIS A 569 37.49 -23.04 22.09
N PRO A 570 38.75 -22.71 22.43
CA PRO A 570 39.39 -21.53 21.84
C PRO A 570 39.61 -21.64 20.35
N ALA A 571 39.56 -22.83 19.76
CA ALA A 571 39.79 -22.97 18.32
C ALA A 571 38.60 -22.49 17.51
N TYR A 572 37.44 -22.29 18.14
CA TYR A 572 36.27 -21.76 17.43
C TYR A 572 36.49 -20.26 17.19
N ILE A 573 36.72 -19.90 15.93
CA ILE A 573 37.32 -18.61 15.61
C ILE A 573 36.30 -17.48 15.71
N ALA A 574 35.09 -17.69 15.22
CA ALA A 574 34.09 -16.62 15.17
C ALA A 574 33.79 -16.08 16.56
N ALA A 575 33.67 -16.97 17.55
CA ALA A 575 33.43 -16.51 18.92
C ALA A 575 34.55 -15.62 19.41
N ARG A 576 35.81 -15.99 19.14
CA ARG A 576 36.94 -15.17 19.58
C ARG A 576 36.91 -13.80 18.92
N ILE A 577 36.72 -13.79 17.60
CA ILE A 577 36.71 -12.53 16.86
C ILE A 577 35.66 -11.59 17.44
N ARG A 578 34.45 -12.11 17.66
CA ARG A 578 33.39 -11.20 18.08
C ARG A 578 33.44 -10.90 19.57
N ASN A 579 34.00 -11.79 20.39
CA ASN A 579 34.27 -11.47 21.78
C ASN A 579 35.21 -10.28 21.90
N LEU A 580 36.33 -10.32 21.15
CA LEU A 580 37.25 -9.21 21.16
C LEU A 580 36.64 -7.96 20.53
N TYR A 581 35.85 -8.12 19.47
CA TYR A 581 35.19 -6.97 18.84
C TYR A 581 34.26 -6.26 19.82
N LEU A 582 33.41 -7.03 20.51
CA LEU A 582 32.48 -6.43 21.47
C LEU A 582 33.21 -5.74 22.60
N LYS A 583 34.25 -6.38 23.15
CA LYS A 583 34.94 -5.74 24.28
C LYS A 583 35.77 -4.54 23.84
N PHE A 584 36.24 -4.52 22.59
CA PHE A 584 37.00 -3.38 22.09
C PHE A 584 36.07 -2.22 21.75
N ALA A 585 34.98 -2.51 21.04
CA ALA A 585 34.07 -1.46 20.61
C ALA A 585 33.39 -0.76 21.79
N GLN A 586 33.36 -1.41 22.95
CA GLN A 586 32.75 -0.85 24.15
C GLN A 586 33.77 -0.32 25.15
N SER A 587 35.05 -0.27 24.78
CA SER A 587 36.13 0.13 25.69
C SER A 587 36.11 -0.68 26.99
N LYS A 588 35.82 -1.97 26.89
CA LYS A 588 35.82 -2.88 28.03
C LYS A 588 37.10 -3.68 28.15
N ILE A 589 38.09 -3.40 27.31
CA ILE A 589 39.38 -4.08 27.35
C ILE A 589 40.49 -3.03 27.23
N GLU A 590 41.46 -3.11 28.13
CA GLU A 590 42.60 -2.19 28.07
C GLU A 590 43.34 -2.37 26.76
N ASP A 591 43.86 -1.25 26.21
CA ASP A 591 44.43 -1.32 24.88
C ASP A 591 45.71 -2.15 24.86
N SER A 592 46.47 -2.16 25.95
CA SER A 592 47.58 -3.10 26.06
C SER A 592 47.10 -4.54 25.91
N ASP A 593 46.11 -4.93 26.72
CA ASP A 593 45.62 -6.30 26.70
C ASP A 593 44.86 -6.63 25.42
N SER A 595 45.94 -5.23 22.40
CA SER A 595 47.05 -5.39 21.47
C SER A 595 47.76 -6.71 21.69
N THR A 596 47.72 -7.26 22.91
CA THR A 596 48.25 -8.60 23.12
C THR A 596 47.31 -9.67 22.60
N GLU A 597 46.00 -9.49 22.84
CA GLU A 597 45.04 -10.51 22.45
C GLU A 597 44.99 -10.72 20.95
N ASN A 599 47.39 -10.23 18.75
CA ASN A 599 48.59 -10.88 18.28
C ASN A 599 48.58 -12.37 18.62
N LYS A 600 48.13 -12.72 19.82
CA LYS A 600 47.95 -14.13 20.15
C LYS A 600 46.83 -14.76 19.33
N LEU A 601 45.88 -13.95 18.83
CA LEU A 601 44.87 -14.46 17.92
C LEU A 601 45.38 -14.61 16.49
N LEU A 602 46.33 -13.75 16.07
CA LEU A 602 46.86 -13.79 14.72
C LEU A 602 48.01 -14.79 14.57
N ASP A 603 48.95 -14.79 15.51
CA ASP A 603 50.16 -15.60 15.37
C ASP A 603 49.93 -17.10 15.55
N LEU A 604 48.72 -17.53 15.89
CA LEU A 604 48.39 -18.95 15.88
C LEU A 604 47.44 -19.35 14.75
N ASN A 605 46.86 -18.38 14.05
CA ASN A 605 45.96 -18.64 12.92
C ASN A 605 46.30 -17.69 11.78
N LYS A 606 47.59 -17.56 11.48
CA LYS A 606 48.07 -16.50 10.58
C LYS A 606 47.66 -16.69 9.13
N SER A 607 47.02 -17.80 8.77
CA SER A 607 46.47 -17.99 7.43
C SER A 607 44.95 -17.88 7.42
N ASP A 608 44.31 -17.72 8.57
CA ASP A 608 42.86 -17.51 8.62
C ASP A 608 42.54 -16.12 8.09
N LEU A 609 41.91 -16.05 6.92
CA LEU A 609 41.70 -14.76 6.27
C LEU A 609 40.67 -13.91 7.01
N GLU A 610 39.72 -14.56 7.70
CA GLU A 610 38.83 -13.81 8.58
C GLU A 610 39.58 -13.16 9.73
N ILE A 611 40.52 -13.90 10.32
CA ILE A 611 41.33 -13.34 11.41
C ILE A 611 42.25 -12.26 10.87
N ARG A 612 42.82 -12.45 9.68
CA ARG A 612 43.66 -11.42 9.09
C ARG A 612 42.87 -10.15 8.81
N SER A 613 41.60 -10.28 8.42
CA SER A 613 40.80 -9.12 8.10
C SER A 613 40.34 -8.41 9.38
N PHE A 614 40.05 -9.19 10.42
CA PHE A 614 39.81 -8.62 11.75
C PHE A 614 41.04 -7.86 12.24
N TYR A 615 42.24 -8.40 11.99
CA TYR A 615 43.46 -7.74 12.43
C TYR A 615 43.69 -6.44 11.67
N GLY A 616 43.48 -6.46 10.35
CA GLY A 616 43.57 -5.23 9.59
C GLY A 616 42.59 -4.18 10.07
N TRP A 617 41.36 -4.60 10.37
CA TRP A 617 40.37 -3.68 10.91
C TRP A 617 40.82 -3.09 12.23
N TYR A 618 41.39 -3.92 13.10
CA TYR A 618 41.92 -3.44 14.37
C TYR A 618 43.02 -2.40 14.16
N LEU A 619 43.91 -2.65 13.21
CA LEU A 619 44.99 -1.71 12.95
C LEU A 619 44.46 -0.38 12.42
N LYS A 620 43.46 -0.45 11.54
CA LYS A 620 42.92 0.80 11.00
C LYS A 620 42.10 1.55 12.05
N ASN A 621 41.29 0.79 12.79
CA ASN A 621 40.29 1.34 13.75
C ASN A 621 40.93 2.10 14.93
N SER A 622 41.98 1.56 15.55
CA SER A 622 42.53 2.28 16.73
C SER A 622 43.11 3.64 16.32
N LYS A 623 43.90 3.66 15.24
CA LYS A 623 44.55 4.88 14.66
C LYS A 623 45.50 5.56 15.66
N GLU A 624 46.09 4.82 16.60
CA GLU A 624 47.02 5.38 17.62
C GLU A 624 48.10 4.35 17.93
N ARG A 625 47.70 3.25 18.56
CA ARG A 625 48.63 2.15 18.96
C ARG A 625 49.28 1.55 17.72
N LYS A 626 48.50 1.35 16.64
CA LYS A 626 49.09 0.79 15.43
C LYS A 626 48.42 1.40 14.19
N ASN A 627 49.18 2.16 13.40
CA ASN A 627 48.70 2.87 12.22
C ASN A 627 49.32 2.33 10.91
N ASN A 628 49.11 3.07 9.82
CA ASN A 628 49.21 2.67 8.42
C ASN A 628 50.46 1.92 7.96
N GLU A 629 51.57 2.07 8.68
CA GLU A 629 52.76 1.28 8.38
C GLU A 629 52.49 -0.22 8.49
N LYS A 630 51.98 -0.64 9.65
CA LYS A 630 51.73 -2.06 9.86
C LYS A 630 50.53 -2.56 9.07
N SER A 631 49.56 -1.69 8.74
CA SER A 631 48.45 -2.18 7.93
C SER A 631 48.88 -2.36 6.47
N THR A 632 49.82 -1.54 5.99
CA THR A 632 50.34 -1.76 4.64
C THR A 632 51.11 -3.07 4.58
N THR A 633 51.99 -3.30 5.56
CA THR A 633 52.75 -4.56 5.53
C THR A 633 51.84 -5.77 5.76
N HIS A 634 50.84 -5.65 6.65
CA HIS A 634 49.95 -6.75 6.95
C HIS A 634 49.12 -7.14 5.73
N ASN A 635 48.55 -6.14 5.04
CA ASN A 635 47.70 -6.46 3.91
C ASN A 635 48.51 -6.99 2.73
N LYS A 636 49.72 -6.45 2.51
CA LYS A 636 50.55 -7.05 1.46
C LYS A 636 51.04 -8.44 1.84
N GLU A 637 51.18 -8.72 3.14
CA GLU A 637 51.52 -10.08 3.53
C GLU A 637 50.36 -11.03 3.23
N THR A 638 49.14 -10.55 3.49
CA THR A 638 47.94 -11.34 3.16
C THR A 638 47.87 -11.62 1.66
N LEU A 639 48.13 -10.60 0.85
CA LEU A 639 48.09 -10.77 -0.60
C LEU A 639 49.20 -11.71 -1.07
N VAL A 640 50.47 -11.34 -0.86
CA VAL A 640 51.57 -12.07 -1.48
C VAL A 640 51.85 -13.41 -0.79
N LYS A 641 51.18 -13.74 0.31
CA LYS A 641 51.44 -15.01 0.96
C LYS A 641 50.21 -15.88 1.16
N TYR A 642 48.99 -15.34 1.11
CA TYR A 642 47.86 -16.21 1.38
C TYR A 642 46.80 -16.24 0.27
N ASN A 643 46.31 -15.10 -0.22
CA ASN A 643 45.33 -15.14 -1.30
C ASN A 643 45.72 -14.34 -2.54
N SER A 644 46.04 -13.05 -2.39
CA SER A 644 46.37 -12.13 -3.49
C SER A 644 45.18 -11.79 -4.38
N HIS A 645 44.06 -12.48 -4.18
CA HIS A 645 42.79 -12.09 -4.76
C HIS A 645 41.81 -11.58 -3.72
N ASP A 646 42.24 -11.53 -2.46
CA ASP A 646 41.40 -11.16 -1.33
C ASP A 646 40.92 -9.71 -1.45
N ALA A 647 39.63 -9.54 -1.74
CA ALA A 647 39.06 -8.21 -1.90
C ALA A 647 39.31 -7.34 -0.67
N TYR A 648 39.25 -7.93 0.52
CA TYR A 648 39.40 -7.14 1.75
C TYR A 648 40.77 -6.48 1.82
N ALA A 649 41.83 -7.27 1.69
CA ALA A 649 43.18 -6.73 1.76
C ALA A 649 43.43 -5.74 0.63
N LEU A 650 42.94 -6.05 -0.58
CA LEU A 650 43.12 -5.16 -1.72
C LEU A 650 42.47 -3.81 -1.47
N ILE A 651 41.26 -3.82 -0.89
CA ILE A 651 40.57 -2.56 -0.64
C ILE A 651 41.25 -1.77 0.47
N SER A 652 41.78 -2.46 1.48
CA SER A 652 42.52 -1.73 2.51
C SER A 652 43.78 -1.10 1.95
N LEU A 653 44.49 -1.83 1.08
CA LEU A 653 45.65 -1.29 0.41
C LEU A 653 45.28 -0.06 -0.43
N ALA A 654 44.21 -0.18 -1.22
CA ALA A 654 43.79 0.95 -2.05
C ALA A 654 43.40 2.16 -1.20
N ASN A 655 42.77 1.91 -0.05
CA ASN A 655 42.39 3.01 0.83
C ASN A 655 43.61 3.74 1.38
N LEU A 656 44.62 2.99 1.83
CA LEU A 656 45.84 3.65 2.31
C LEU A 656 46.53 4.43 1.19
N TYR A 657 46.50 3.87 -0.02
CA TYR A 657 47.05 4.58 -1.17
C TYR A 657 46.27 5.87 -1.44
N VAL A 658 44.95 5.84 -1.22
CA VAL A 658 44.16 7.05 -1.47
C VAL A 658 44.44 8.10 -0.43
N THR A 659 44.68 7.70 0.82
CA THR A 659 44.99 8.69 1.86
C THR A 659 46.34 9.34 1.60
N ILE A 660 47.36 8.54 1.26
CA ILE A 660 48.64 9.17 0.96
C ILE A 660 48.56 10.00 -0.31
N ALA A 661 47.71 9.62 -1.27
CA ALA A 661 47.57 10.41 -2.49
C ALA A 661 46.95 11.77 -2.19
N ARG A 662 45.87 11.78 -1.40
CA ARG A 662 45.23 13.05 -1.09
C ARG A 662 46.11 13.93 -0.19
N ASP A 663 46.95 13.32 0.65
CA ASP A 663 47.86 14.14 1.45
C ASP A 663 49.11 14.55 0.67
N GLY A 664 49.34 13.97 -0.50
CA GLY A 664 50.35 14.45 -1.41
C GLY A 664 49.87 15.52 -2.37
N LYS A 665 48.58 15.49 -2.71
CA LYS A 665 48.03 16.45 -3.67
C LYS A 665 47.79 17.84 -3.08
N LYS A 666 47.87 17.99 -1.77
CA LYS A 666 47.78 19.31 -1.14
C LYS A 666 49.13 19.82 -0.63
N SER A 667 50.19 19.65 -1.42
CA SER A 667 51.45 20.34 -1.17
C SER A 667 52.14 20.60 -2.50
N ARG A 668 53.09 21.54 -2.48
CA ARG A 668 53.84 21.93 -3.67
C ARG A 668 55.31 21.59 -3.50
N ASN A 669 55.67 20.38 -3.91
CA ASN A 669 57.03 19.85 -3.87
C ASN A 669 57.18 18.95 -5.08
N PRO A 670 58.12 19.25 -5.99
CA PRO A 670 58.09 18.65 -7.34
C PRO A 670 57.99 17.13 -7.36
N LYS A 671 58.99 16.48 -6.76
CA LYS A 671 59.01 15.02 -6.71
C LYS A 671 57.85 14.43 -5.93
N GLU A 672 57.32 15.18 -4.94
CA GLU A 672 56.35 14.63 -4.00
C GLU A 672 54.92 15.13 -4.24
N GLN A 673 54.63 15.73 -5.39
CA GLN A 673 53.25 15.81 -5.85
C GLN A 673 52.96 14.82 -6.97
N GLU A 674 54.00 14.23 -7.54
CA GLU A 674 53.85 13.16 -8.51
C GLU A 674 53.77 11.78 -7.86
N LYS A 675 54.23 11.65 -6.61
CA LYS A 675 53.92 10.45 -5.84
C LYS A 675 52.46 10.40 -5.41
N SER A 676 51.71 11.50 -5.57
CA SER A 676 50.28 11.45 -5.35
C SER A 676 49.55 11.08 -6.63
N LYS A 677 50.15 11.39 -7.78
CA LYS A 677 49.60 10.93 -9.04
C LYS A 677 49.80 9.44 -9.21
N HIS A 678 50.93 8.92 -8.70
CA HIS A 678 51.20 7.48 -8.77
C HIS A 678 50.35 6.70 -7.77
N SER A 679 50.06 7.30 -6.62
CA SER A 679 49.30 6.57 -5.60
C SER A 679 47.81 6.53 -5.92
N TYR A 680 47.28 7.58 -6.54
CA TYR A 680 45.92 7.50 -7.08
C TYR A 680 45.81 6.40 -8.13
N LEU A 681 46.86 6.23 -8.92
CA LEU A 681 46.84 5.23 -9.98
C LEU A 681 46.95 3.82 -9.41
N LYS A 682 47.81 3.61 -8.41
CA LYS A 682 47.88 2.30 -7.78
C LYS A 682 46.58 1.96 -7.06
N ALA A 683 45.97 2.96 -6.42
CA ALA A 683 44.68 2.73 -5.77
C ALA A 683 43.62 2.36 -6.80
N ILE A 684 43.60 3.04 -7.94
CA ILE A 684 42.66 2.72 -9.01
C ILE A 684 42.91 1.29 -9.49
N GLN A 685 44.18 0.90 -9.66
CA GLN A 685 44.49 -0.45 -10.09
C GLN A 685 44.00 -1.49 -9.11
N LEU A 686 44.14 -1.22 -7.81
CA LEU A 686 43.69 -2.19 -6.80
C LEU A 686 42.18 -2.33 -6.78
N TYR A 687 41.46 -1.20 -6.88
CA TYR A 687 40.00 -1.26 -6.98
C TYR A 687 39.57 -2.04 -8.23
N GLN A 688 40.25 -1.79 -9.35
CA GLN A 688 39.94 -2.49 -10.59
C GLN A 688 40.17 -3.99 -10.47
N LYS A 689 41.24 -4.39 -9.78
CA LYS A 689 41.48 -5.83 -9.60
C LYS A 689 40.39 -6.45 -8.73
N VAL A 690 39.96 -5.74 -7.69
CA VAL A 690 38.86 -6.22 -6.86
C VAL A 690 37.61 -6.41 -7.71
N LEU A 691 37.35 -5.48 -8.62
CA LEU A 691 36.17 -5.59 -9.46
C LEU A 691 36.31 -6.72 -10.47
N GLN A 692 37.55 -7.04 -10.86
CA GLN A 692 37.77 -8.22 -11.68
C GLN A 692 37.42 -9.49 -10.92
N VAL A 693 37.79 -9.54 -9.63
CA VAL A 693 37.49 -10.73 -8.84
C VAL A 693 36.02 -10.76 -8.44
N ASP A 694 35.41 -9.61 -8.25
CA ASP A 694 34.02 -9.54 -7.81
C ASP A 694 33.44 -8.22 -8.28
N PRO A 695 32.68 -8.22 -9.38
CA PRO A 695 32.10 -6.96 -9.86
C PRO A 695 30.96 -6.45 -8.99
N PHE A 696 30.48 -7.26 -8.03
CA PHE A 696 29.43 -6.86 -7.09
C PHE A 696 29.99 -6.23 -5.82
N ASN A 697 31.31 -6.00 -5.75
CA ASN A 697 31.96 -5.43 -4.57
C ASN A 697 31.67 -3.94 -4.52
N ILE A 698 30.76 -3.53 -3.64
CA ILE A 698 30.32 -2.13 -3.63
C ILE A 698 31.30 -1.22 -2.93
N PHE A 699 32.21 -1.78 -2.12
CA PHE A 699 33.23 -0.95 -1.48
C PHE A 699 34.31 -0.55 -2.48
N ALA A 700 34.63 -1.41 -3.43
CA ALA A 700 35.51 -0.99 -4.52
C ALA A 700 34.85 0.12 -5.33
N ALA A 701 33.55 0.00 -5.60
CA ALA A 701 32.81 1.04 -6.29
C ALA A 701 32.87 2.35 -5.52
N GLN A 702 32.72 2.28 -4.18
CA GLN A 702 32.74 3.49 -3.38
C GLN A 702 34.13 4.15 -3.36
N GLY A 703 35.19 3.33 -3.29
CA GLY A 703 36.54 3.88 -3.38
C GLY A 703 36.78 4.57 -4.71
N LEU A 704 36.32 3.95 -5.80
CA LEU A 704 36.45 4.57 -7.11
C LEU A 704 35.64 5.86 -7.18
N ALA A 705 34.46 5.89 -6.56
CA ALA A 705 33.65 7.11 -6.54
C ALA A 705 34.33 8.23 -5.75
N ILE A 706 34.97 7.87 -4.64
CA ILE A 706 35.73 8.85 -3.86
C ILE A 706 36.86 9.42 -4.70
N ILE A 707 37.57 8.56 -5.44
CA ILE A 707 38.64 9.07 -6.32
C ILE A 707 38.04 9.93 -7.43
N PHE A 708 36.83 9.59 -7.89
CA PHE A 708 36.13 10.43 -8.86
C PHE A 708 35.84 11.81 -8.29
N ALA A 709 35.45 11.87 -7.01
CA ALA A 709 35.08 13.14 -6.40
C ALA A 709 36.30 13.99 -6.08
N GLU A 710 37.44 13.35 -5.77
CA GLU A 710 38.65 14.08 -5.47
C GLU A 710 39.42 14.49 -6.73
N SER A 711 38.98 14.03 -7.91
CA SER A 711 39.34 14.67 -9.17
C SER A 711 38.31 15.71 -9.61
N LYS A 712 37.44 16.13 -8.68
CA LYS A 712 36.32 17.03 -8.95
C LYS A 712 35.51 16.60 -10.18
N ARG A 713 35.28 15.29 -10.28
CA ARG A 713 34.28 14.72 -11.18
C ARG A 713 33.09 14.29 -10.32
N LEU A 714 32.21 15.25 -10.01
CA LEU A 714 31.17 15.02 -9.01
C LEU A 714 29.93 14.33 -9.55
N GLY A 715 29.65 14.42 -10.85
CA GLY A 715 28.54 13.73 -11.46
C GLY A 715 28.65 12.21 -11.34
N PRO A 716 29.72 11.66 -11.91
CA PRO A 716 29.95 10.21 -11.77
C PRO A 716 30.05 9.77 -10.31
N ALA A 717 30.73 10.56 -9.47
CA ALA A 717 30.84 10.22 -8.07
C ALA A 717 29.47 10.12 -7.41
N LEU A 718 28.58 11.08 -7.72
CA LEU A 718 27.26 11.06 -7.10
C LEU A 718 26.44 9.87 -7.61
N GLU A 719 26.58 9.52 -8.89
CA GLU A 719 25.77 8.41 -9.38
C GLU A 719 26.27 7.07 -8.82
N ILE A 720 27.59 6.95 -8.61
CA ILE A 720 28.10 5.73 -7.97
C ILE A 720 27.66 5.68 -6.52
N LEU A 721 27.72 6.82 -5.82
CA LEU A 721 27.34 6.83 -4.41
C LEU A 721 25.86 6.54 -4.22
N ARG A 722 25.03 7.04 -5.15
CA ARG A 722 23.61 6.71 -5.11
C ARG A 722 23.38 5.21 -5.31
N LYS A 723 24.12 4.60 -6.24
CA LYS A 723 23.91 3.16 -6.47
C LYS A 723 24.45 2.34 -5.31
N VAL A 724 25.53 2.80 -4.66
CA VAL A 724 26.05 2.11 -3.48
C VAL A 724 25.08 2.22 -2.32
N ARG A 725 24.50 3.41 -2.11
CA ARG A 725 23.53 3.59 -1.03
C ARG A 725 22.32 2.69 -1.21
N ASP A 726 22.04 2.29 -2.45
CA ASP A 726 20.92 1.40 -2.72
C ASP A 726 21.20 -0.04 -2.31
N SER A 727 22.39 -0.33 -1.75
CA SER A 727 22.67 -1.65 -1.22
C SER A 727 23.54 -1.63 0.04
N LEU A 728 23.80 -0.47 0.61
CA LEU A 728 24.63 -0.38 1.81
C LEU A 728 24.08 0.73 2.66
N ASP A 729 23.55 0.37 3.83
CA ASP A 729 22.97 1.34 4.74
C ASP A 729 24.08 1.61 5.75
N ASN A 730 24.85 2.65 5.49
CA ASN A 730 26.17 2.84 6.07
C ASN A 730 26.37 4.30 6.48
N GLU A 731 27.06 4.50 7.59
CA GLU A 731 27.50 5.84 7.99
C GLU A 731 28.23 6.52 6.83
N ASP A 732 29.17 5.80 6.22
CA ASP A 732 30.13 6.42 5.29
C ASP A 732 29.48 6.81 3.96
N VAL A 733 28.60 5.97 3.42
CA VAL A 733 28.02 6.31 2.13
C VAL A 733 27.07 7.50 2.27
N GLN A 734 26.34 7.59 3.37
CA GLN A 734 25.50 8.77 3.60
C GLN A 734 26.35 10.01 3.81
N LEU A 735 27.44 9.88 4.58
CA LEU A 735 28.36 11.00 4.75
C LEU A 735 28.98 11.42 3.43
N ASN A 736 29.25 10.45 2.55
CA ASN A 736 29.85 10.77 1.25
C ASN A 736 28.84 11.45 0.34
N LEU A 737 27.59 11.02 0.38
CA LEU A 737 26.53 11.71 -0.34
C LEU A 737 26.42 13.15 0.12
N ALA A 738 26.44 13.37 1.44
CA ALA A 738 26.35 14.74 1.95
C ALA A 738 27.57 15.56 1.53
N HIS A 739 28.77 15.00 1.72
CA HIS A 739 30.01 15.63 1.27
C HIS A 739 29.90 16.03 -0.20
N CYS A 740 29.37 15.14 -1.02
CA CYS A 740 29.42 15.37 -2.46
C CYS A 740 28.38 16.40 -2.87
N TYR A 741 27.22 16.40 -2.21
CA TYR A 741 26.24 17.45 -2.43
C TYR A 741 26.79 18.82 -2.03
N LEU A 742 27.57 18.87 -0.94
CA LEU A 742 28.15 20.14 -0.51
C LEU A 742 29.11 20.70 -1.56
N GLU A 743 29.92 19.81 -2.17
CA GLU A 743 30.87 20.24 -3.19
C GLU A 743 30.21 20.60 -4.51
N ARG A 745 27.65 22.59 -4.59
CA ARG A 745 26.94 23.80 -4.18
C ARG A 745 25.45 23.52 -4.04
N GLU A 746 25.08 22.25 -3.83
CA GLU A 746 23.70 21.87 -3.56
C GLU A 746 23.47 21.84 -2.05
N TYR A 747 23.47 23.06 -1.47
CA TYR A 747 23.50 23.17 -0.01
C TYR A 747 22.27 22.54 0.63
N GLY A 748 21.11 22.63 -0.02
CA GLY A 748 19.90 22.03 0.55
C GLY A 748 20.04 20.53 0.78
N LYS A 749 20.45 19.80 -0.27
CA LYS A 749 20.56 18.35 -0.12
C LYS A 749 21.77 17.96 0.72
N ALA A 750 22.82 18.77 0.72
CA ALA A 750 23.93 18.53 1.63
C ALA A 750 23.46 18.59 3.08
N ILE A 751 22.67 19.60 3.42
CA ILE A 751 22.15 19.72 4.78
C ILE A 751 21.21 18.57 5.09
N GLU A 752 20.34 18.22 4.15
CA GLU A 752 19.42 17.10 4.35
C GLU A 752 20.18 15.82 4.70
N ASN A 753 21.22 15.50 3.91
CA ASN A 753 21.95 14.26 4.14
C ASN A 753 22.85 14.31 5.36
N TYR A 754 23.34 15.50 5.74
CA TYR A 754 24.11 15.61 6.97
C TYR A 754 23.22 15.35 8.19
N GLU A 755 22.05 15.99 8.24
CA GLU A 755 21.18 15.69 9.37
C GLU A 755 20.66 14.27 9.33
N LEU A 756 20.54 13.68 8.13
CA LEU A 756 20.19 12.27 8.04
C LEU A 756 21.26 11.39 8.69
N VAL A 757 22.52 11.53 8.25
CA VAL A 757 23.61 10.76 8.83
C VAL A 757 23.72 11.02 10.33
N LEU A 758 23.19 12.14 10.81
CA LEU A 758 23.15 12.35 12.26
C LEU A 758 21.96 11.67 12.92
N LYS A 759 20.82 11.54 12.22
CA LYS A 759 19.62 11.03 12.88
C LYS A 759 19.65 9.51 13.02
N LYS A 760 20.19 8.82 12.02
CA LYS A 760 20.62 7.44 12.23
C LYS A 760 22.10 7.47 12.54
N PHE A 761 22.64 6.30 12.92
CA PHE A 761 24.06 6.17 13.20
C PHE A 761 24.50 7.11 14.33
N ASP A 762 24.07 6.79 15.54
CA ASP A 762 24.52 7.57 16.68
C ASP A 762 25.97 7.21 16.99
N ASN A 763 26.90 7.99 16.41
CA ASN A 763 28.33 7.81 16.55
C ASN A 763 28.92 9.10 17.11
N GLU A 764 29.59 9.00 18.25
CA GLU A 764 30.02 10.17 18.98
C GLU A 764 31.34 10.77 18.50
N LYS A 765 32.25 9.98 17.92
CA LYS A 765 33.49 10.56 17.46
C LYS A 765 33.33 11.26 16.11
N THR A 766 32.31 10.86 15.33
CA THR A 766 32.03 11.51 14.05
C THR A 766 31.05 12.67 14.17
N ARG A 767 30.31 12.75 15.27
CA ARG A 767 29.26 13.77 15.44
C ARG A 767 29.77 15.21 15.30
N PRO A 768 30.84 15.64 15.98
CA PRO A 768 31.23 17.05 15.87
C PRO A 768 31.66 17.46 14.48
N HIS A 769 32.31 16.57 13.73
CA HIS A 769 32.69 16.91 12.37
C HIS A 769 31.46 17.12 11.51
N ILE A 770 30.42 16.31 11.70
CA ILE A 770 29.20 16.47 10.92
C ILE A 770 28.49 17.76 11.31
N LEU A 771 28.53 18.12 12.59
CA LEU A 771 27.92 19.38 13.00
C LEU A 771 28.67 20.58 12.42
N ASN A 772 30.01 20.48 12.37
CA ASN A 772 30.82 21.54 11.76
C ASN A 772 30.57 21.65 10.26
N LEU A 773 30.33 20.52 9.58
CA LEU A 773 30.04 20.61 8.15
C LEU A 773 28.62 21.12 7.90
N LEU A 774 27.68 20.81 8.80
CA LEU A 774 26.37 21.47 8.76
C LEU A 774 26.53 22.98 8.92
N GLY A 775 27.43 23.40 9.80
CA GLY A 775 27.73 24.82 9.94
C GLY A 775 28.32 25.41 8.67
N ARG A 776 29.24 24.69 8.04
CA ARG A 776 29.81 25.12 6.76
C ARG A 776 28.75 25.25 5.67
N ALA A 777 27.82 24.30 5.62
CA ALA A 777 26.77 24.36 4.60
C ALA A 777 25.85 25.55 4.84
N TRP A 778 25.45 25.78 6.10
CA TRP A 778 24.61 26.93 6.39
C TRP A 778 25.35 28.25 6.18
N TYR A 779 26.66 28.29 6.46
CA TYR A 779 27.45 29.47 6.15
C TYR A 779 27.48 29.72 4.66
N ALA A 780 27.64 28.66 3.87
CA ALA A 780 27.65 28.81 2.42
C ALA A 780 26.31 29.35 1.93
N ARG A 781 25.20 28.81 2.42
CA ARG A 781 23.91 29.30 1.97
C ARG A 781 23.59 30.69 2.53
N ALA A 782 24.31 31.11 3.58
CA ALA A 782 24.10 32.43 4.14
C ALA A 782 24.78 33.53 3.33
N ILE A 783 26.06 33.35 2.98
CA ILE A 783 26.76 34.37 2.21
C ILE A 783 26.18 34.52 0.81
N LYS A 784 25.47 33.50 0.31
CA LYS A 784 24.86 33.57 -1.01
C LYS A 784 23.39 33.96 -0.94
N GLU A 785 22.91 34.35 0.24
CA GLU A 785 21.62 35.02 0.36
C GLU A 785 21.62 36.13 1.40
N ARG A 786 22.76 36.47 1.98
CA ARG A 786 22.89 37.50 3.00
C ARG A 786 21.78 37.39 4.04
N SER A 787 21.62 36.17 4.55
CA SER A 787 20.56 35.84 5.49
C SER A 787 21.17 35.59 6.86
N VAL A 788 20.63 36.25 7.88
CA VAL A 788 21.17 36.06 9.22
C VAL A 788 20.58 34.82 9.87
N ASN A 789 19.40 34.36 9.43
CA ASN A 789 18.87 33.11 9.96
C ASN A 789 19.75 31.92 9.61
N PHE A 790 20.35 31.94 8.42
CA PHE A 790 21.25 30.86 8.04
C PHE A 790 22.57 30.97 8.78
N TYR A 791 23.06 32.20 8.97
CA TYR A 791 24.25 32.40 9.80
C TYR A 791 24.03 31.88 11.22
N GLN A 792 22.84 32.08 11.78
CA GLN A 792 22.59 31.62 13.15
C GLN A 792 22.38 30.12 13.23
N LYS A 793 21.79 29.51 12.19
CA LYS A 793 21.75 28.04 12.16
C LYS A 793 23.17 27.47 12.13
N ALA A 794 24.01 28.03 11.24
CA ALA A 794 25.43 27.70 11.26
C ALA A 794 26.04 27.90 12.64
N LEU A 795 25.64 28.98 13.31
CA LEU A 795 26.24 29.31 14.60
C LEU A 795 25.91 28.26 15.66
N GLU A 796 24.64 27.85 15.73
CA GLU A 796 24.28 26.83 16.72
C GLU A 796 24.95 25.51 16.41
N ASN A 797 25.01 25.14 15.13
CA ASN A 797 25.70 23.91 14.76
C ASN A 797 27.16 23.95 15.19
N ALA A 798 27.85 25.06 14.91
CA ALA A 798 29.26 25.19 15.25
C ALA A 798 29.46 25.22 16.76
N LYS A 799 28.56 25.87 17.50
CA LYS A 799 28.70 25.93 18.95
C LYS A 799 28.60 24.54 19.56
N THR A 800 27.64 23.73 19.10
CA THR A 800 27.52 22.39 19.67
C THR A 800 28.68 21.50 19.22
N ALA A 801 29.17 21.69 18.00
CA ALA A 801 30.36 20.98 17.56
C ALA A 801 31.56 21.30 18.44
N LEU A 802 31.75 22.58 18.79
CA LEU A 802 32.87 22.96 19.65
C LEU A 802 32.71 22.40 21.06
N ASP A 803 31.50 22.45 21.61
CA ASP A 803 31.29 21.92 22.95
C ASP A 803 31.57 20.42 22.99
N LEU A 804 31.25 19.71 21.90
CA LEU A 804 31.57 18.29 21.87
C LEU A 804 33.05 18.06 21.64
N PHE A 805 33.70 18.93 20.86
CA PHE A 805 35.14 18.81 20.64
C PHE A 805 35.91 18.95 21.94
N VAL A 806 35.46 19.82 22.84
CA VAL A 806 36.14 19.94 24.12
C VAL A 806 35.61 18.93 25.15
N LYS A 807 34.42 18.36 24.92
CA LYS A 807 33.97 17.24 25.74
C LYS A 807 34.85 16.02 25.50
N GLU A 808 35.10 15.70 24.22
CA GLU A 808 35.99 14.61 23.85
C GLU A 808 37.41 14.84 24.34
N SER A 809 37.82 16.10 24.49
CA SER A 809 39.20 16.50 24.75
C SER A 809 40.03 16.40 23.47
N SER A 810 39.37 16.58 22.33
CA SER A 810 39.89 16.18 21.03
C SER A 810 40.97 17.15 20.58
N LYS A 811 41.40 17.01 19.32
CA LYS A 811 42.57 17.73 18.83
C LYS A 811 42.33 19.23 18.85
N SER A 812 43.32 19.97 19.36
CA SER A 812 43.20 21.42 19.41
C SER A 812 43.16 22.03 18.01
N LYS A 813 43.61 21.29 16.99
CA LYS A 813 43.32 21.63 15.61
C LYS A 813 41.83 21.92 15.42
N PHE A 814 40.99 20.96 15.81
CA PHE A 814 39.55 21.06 15.57
C PHE A 814 38.92 22.13 16.45
N ILE A 815 39.38 22.25 17.70
CA ILE A 815 38.82 23.25 18.60
C ILE A 815 39.14 24.65 18.11
N HIS A 816 40.38 24.87 17.67
CA HIS A 816 40.73 26.17 17.12
C HIS A 816 39.94 26.45 15.85
N SER A 817 39.70 25.41 15.04
CA SER A 817 38.96 25.63 13.79
C SER A 817 37.52 26.02 14.08
N VAL A 818 36.90 25.40 15.06
CA VAL A 818 35.51 25.75 15.34
C VAL A 818 35.40 27.08 16.11
N LYS A 819 36.42 27.42 16.91
CA LYS A 819 36.44 28.75 17.53
C LYS A 819 36.52 29.84 16.46
N PHE A 820 37.40 29.64 15.48
CA PHE A 820 37.45 30.55 14.34
C PHE A 820 36.12 30.61 13.61
N ASN A 821 35.47 29.46 13.43
CA ASN A 821 34.18 29.44 12.72
C ASN A 821 33.15 30.28 13.47
N ILE A 822 33.07 30.11 14.78
CA ILE A 822 32.10 30.85 15.58
C ILE A 822 32.37 32.35 15.52
N ALA A 823 33.64 32.74 15.63
CA ALA A 823 33.97 34.17 15.57
C ALA A 823 33.63 34.75 14.19
N LEU A 824 33.99 34.02 13.13
CA LEU A 824 33.65 34.43 11.77
C LEU A 824 32.15 34.60 11.60
N LEU A 825 31.37 33.68 12.18
CA LEU A 825 29.92 33.76 12.07
C LEU A 825 29.37 34.99 12.78
N HIS A 826 29.87 35.29 13.98
CA HIS A 826 29.41 36.49 14.68
C HIS A 826 29.73 37.75 13.88
N PHE A 827 30.92 37.79 13.27
CA PHE A 827 31.29 38.95 12.47
C PHE A 827 30.41 39.07 11.22
N GLN A 828 30.07 37.94 10.60
CA GLN A 828 29.18 37.97 9.44
C GLN A 828 27.78 38.42 9.82
N ILE A 829 27.29 37.99 10.98
CA ILE A 829 25.98 38.41 11.45
C ILE A 829 25.96 39.91 11.67
N ALA A 830 27.00 40.43 12.33
CA ALA A 830 27.10 41.87 12.54
C ALA A 830 27.07 42.63 11.22
N GLU A 831 27.94 42.22 10.28
CA GLU A 831 28.09 42.96 9.04
C GLU A 831 26.89 42.80 8.12
N THR A 832 26.09 41.74 8.29
CA THR A 832 24.89 41.60 7.49
C THR A 832 23.70 42.34 8.09
N LEU A 833 23.66 42.45 9.42
CA LEU A 833 22.63 43.28 10.05
C LEU A 833 22.90 44.74 9.79
N ARG A 834 24.17 45.12 9.72
CA ARG A 834 24.54 46.52 9.55
C ARG A 834 24.10 47.05 8.19
N ARG A 835 24.13 46.21 7.17
CA ARG A 835 23.65 46.51 5.82
C ARG A 835 22.21 46.07 5.59
N SER A 836 21.30 46.41 6.49
CA SER A 836 19.91 45.98 6.32
C SER A 836 18.95 47.13 6.52
N ASN A 837 17.79 47.01 5.90
CA ASN A 837 16.74 48.01 6.08
C ASN A 837 16.15 47.81 7.47
N PRO A 838 15.95 48.88 8.24
CA PRO A 838 15.45 48.71 9.62
C PRO A 838 14.11 48.01 9.72
N LYS A 839 13.24 48.12 8.71
CA LYS A 839 11.96 47.41 8.75
C LYS A 839 12.14 45.89 8.78
N PHE A 840 13.35 45.38 8.58
CA PHE A 840 13.63 43.95 8.60
C PHE A 840 14.52 43.56 9.79
N ARG A 841 14.57 44.38 10.83
CA ARG A 841 15.42 44.13 11.98
C ARG A 841 14.61 44.21 13.27
N THR A 842 15.14 43.60 14.32
CA THR A 842 14.65 43.81 15.68
C THR A 842 15.68 44.64 16.45
N VAL A 843 15.19 45.45 17.39
CA VAL A 843 16.12 46.12 18.29
C VAL A 843 16.86 45.07 19.12
N GLN A 844 16.17 43.99 19.48
CA GLN A 844 16.78 42.95 20.31
C GLN A 844 17.73 42.10 19.48
N GLN A 845 17.49 42.00 18.18
CA GLN A 845 18.40 41.29 17.29
C GLN A 845 19.71 42.06 17.12
N ILE A 846 19.64 43.40 17.12
CA ILE A 846 20.88 44.19 17.07
C ILE A 846 21.61 44.15 18.42
N LYS A 847 20.87 44.17 19.53
CA LYS A 847 21.50 43.96 20.83
C LYS A 847 22.26 42.62 20.86
N ASP A 848 21.58 41.55 20.44
CA ASP A 848 22.21 40.23 20.42
C ASP A 848 23.40 40.20 19.47
N SER A 849 23.34 40.96 18.37
CA SER A 849 24.47 40.95 17.46
C SER A 849 25.66 41.71 18.02
N LEU A 850 25.42 42.74 18.84
CA LEU A 850 26.56 43.40 19.49
C LEU A 850 27.24 42.46 20.48
N GLU A 851 26.44 41.72 21.26
CA GLU A 851 27.09 40.82 22.22
C GLU A 851 27.74 39.63 21.50
N GLY A 852 27.16 39.21 20.38
CA GLY A 852 27.80 38.18 19.58
C GLY A 852 29.12 38.64 19.00
N LEU A 853 29.19 39.91 18.61
CA LEU A 853 30.44 40.41 18.05
C LEU A 853 31.52 40.58 19.13
N LYS A 854 31.12 40.93 20.34
CA LYS A 854 32.11 40.96 21.43
C LYS A 854 32.64 39.55 21.71
N GLU A 855 31.77 38.53 21.64
CA GLU A 855 32.30 37.19 21.90
C GLU A 855 33.13 36.68 20.72
N GLY A 856 32.79 37.09 19.50
CA GLY A 856 33.66 36.77 18.37
C GLY A 856 35.04 37.38 18.49
N LEU A 857 35.13 38.62 19.00
CA LEU A 857 36.45 39.21 19.15
C LEU A 857 37.22 38.56 20.30
N GLU A 858 36.52 38.06 21.31
CA GLU A 858 37.25 37.37 22.38
C GLU A 858 37.83 36.06 21.88
N LEU A 859 37.12 35.37 20.98
CA LEU A 859 37.70 34.15 20.41
C LEU A 859 38.81 34.50 19.43
N PHE A 860 38.68 35.62 18.71
CA PHE A 860 39.75 36.02 17.82
C PHE A 860 41.04 36.36 18.57
N ARG A 861 40.96 37.08 19.70
CA ARG A 861 42.24 37.36 20.38
C ARG A 861 42.76 36.14 21.10
N GLU A 862 41.90 35.17 21.43
CA GLU A 862 42.51 33.95 21.94
C GLU A 862 43.13 33.12 20.82
N LEU A 863 42.71 33.32 19.57
CA LEU A 863 43.41 32.69 18.46
C LEU A 863 44.71 33.41 18.10
N ASN A 864 44.79 34.73 18.34
CA ASN A 864 46.02 35.44 17.97
C ASN A 864 47.17 35.16 18.94
N ASP A 865 46.91 35.21 20.25
CA ASP A 865 47.98 34.96 21.20
C ASP A 865 48.42 33.50 21.25
N LEU A 866 47.66 32.58 20.67
CA LEU A 866 48.12 31.20 20.61
C LEU A 866 49.20 31.07 19.54
N LYS A 867 50.40 30.69 19.97
CA LYS A 867 51.62 30.61 19.16
C LYS A 867 51.62 29.47 18.17
N GLU A 868 50.52 28.82 17.83
CA GLU A 868 50.55 27.74 16.85
C GLU A 868 49.49 27.82 15.77
N PHE A 869 48.65 28.85 15.74
CA PHE A 869 47.52 28.88 14.82
C PHE A 869 47.92 29.61 13.55
N ASN A 870 48.11 28.85 12.46
CA ASN A 870 48.35 29.43 11.14
C ASN A 870 47.37 28.94 10.09
N ILE A 872 44.71 31.12 9.36
CA ILE A 872 44.69 32.42 8.70
C ILE A 872 45.97 33.13 9.10
N PRO A 873 46.48 34.08 8.30
CA PRO A 873 47.86 34.55 8.50
C PRO A 873 48.15 35.34 9.77
N LYS A 874 47.17 35.53 10.65
CA LYS A 874 47.42 36.18 11.94
C LYS A 874 47.93 37.60 11.71
N GLU A 875 47.80 38.06 10.47
CA GLU A 875 47.93 39.45 10.07
C GLU A 875 46.63 39.94 9.47
N GLU A 876 45.88 39.04 8.84
CA GLU A 876 44.44 39.26 8.66
C GLU A 876 43.72 39.14 10.00
N LEU A 877 44.20 38.27 10.88
CA LEU A 877 43.54 38.03 12.15
C LEU A 877 43.62 39.28 13.04
N GLU A 878 44.78 39.95 13.08
CA GLU A 878 44.92 41.17 13.87
C GLU A 878 43.99 42.27 13.37
N GLN A 879 43.88 42.42 12.05
CA GLN A 879 43.07 43.49 11.49
C GLN A 879 41.59 43.28 11.82
N ARG A 880 41.14 42.03 11.85
CA ARG A 880 39.74 41.82 12.23
C ARG A 880 39.54 41.96 13.73
N ILE A 881 40.58 41.75 14.54
CA ILE A 881 40.47 42.04 15.97
C ILE A 881 40.30 43.53 16.21
N GLN A 882 41.11 44.36 15.56
CA GLN A 882 41.00 45.79 15.84
C GLN A 882 40.09 46.47 14.82
N LEU A 883 39.35 45.69 14.03
CA LEU A 883 38.15 46.13 13.35
C LEU A 883 36.89 45.78 14.14
N GLY A 884 36.92 44.70 14.91
CA GLY A 884 35.86 44.31 15.80
C GLY A 884 35.88 45.18 17.04
N GLU A 885 37.07 45.62 17.40
CA GLU A 885 37.28 46.30 18.68
C GLU A 885 36.89 47.76 18.65
N THR A 886 37.18 48.47 17.56
CA THR A 886 36.85 49.88 17.43
C THR A 886 35.58 50.17 16.63
N THR A 887 35.63 49.88 15.34
CA THR A 887 34.75 50.49 14.35
C THR A 887 33.43 49.74 14.16
N LYS A 889 31.84 47.64 15.93
CA LYS A 889 31.05 47.89 17.13
C LYS A 889 30.26 49.19 17.03
N SER A 890 30.98 50.29 16.81
CA SER A 890 30.31 51.58 16.72
C SER A 890 29.27 51.56 15.62
N ALA A 891 29.62 50.96 14.49
CA ALA A 891 28.67 50.81 13.38
C ALA A 891 27.39 50.13 13.86
N LEU A 892 27.54 49.03 14.59
CA LEU A 892 26.36 48.29 15.00
C LEU A 892 25.54 49.00 16.08
N GLU A 893 26.08 50.04 16.73
CA GLU A 893 25.20 50.81 17.61
C GLU A 893 24.50 51.94 16.87
N ARG A 894 25.08 52.37 15.74
CA ARG A 894 24.40 53.35 14.89
C ARG A 894 23.12 52.75 14.35
N SER A 895 23.25 51.58 13.72
CA SER A 895 22.09 50.84 13.27
C SER A 895 21.22 50.42 14.43
N LEU A 896 21.76 50.41 15.66
CA LEU A 896 20.91 50.17 16.81
C LEU A 896 20.10 51.41 17.14
N ASN A 897 20.75 52.58 17.14
CA ASN A 897 20.01 53.79 17.49
C ASN A 897 19.03 54.14 16.38
N GLU A 898 19.47 54.01 15.13
CA GLU A 898 18.55 54.21 14.02
C GLU A 898 17.35 53.30 14.19
N GLN A 899 17.59 52.05 14.60
CA GLN A 899 16.49 51.10 14.67
C GLN A 899 15.46 51.60 15.67
N GLU A 900 15.91 52.05 16.83
CA GLU A 900 14.93 52.43 17.85
C GLU A 900 14.30 53.78 17.50
N GLU A 901 15.08 54.69 16.91
CA GLU A 901 14.40 55.88 16.40
C GLU A 901 13.38 55.46 15.36
N PHE A 902 13.78 54.53 14.48
CA PHE A 902 12.81 53.95 13.55
C PHE A 902 11.61 53.43 14.32
N GLU A 903 11.88 52.61 15.35
CA GLU A 903 10.80 52.00 16.10
C GLU A 903 9.90 53.08 16.67
N LYS A 904 10.51 54.11 17.31
CA LYS A 904 9.70 55.17 17.89
C LYS A 904 8.90 55.89 16.82
N GLU A 905 9.52 56.12 15.66
CA GLU A 905 8.84 56.84 14.60
C GLU A 905 7.56 56.13 14.20
N GLN A 906 7.55 54.80 14.27
CA GLN A 906 6.36 54.10 13.79
C GLN A 906 5.24 54.16 14.82
N SER A 907 5.58 54.33 16.10
CA SER A 907 4.53 54.62 17.07
C SER A 907 4.02 56.03 16.85
N ALA A 908 4.87 56.91 16.31
CA ALA A 908 4.39 58.16 15.75
C ALA A 908 3.29 57.93 14.72
N LYS A 909 3.50 56.97 13.80
CA LYS A 909 2.65 56.89 12.62
C LYS A 909 1.25 56.38 12.93
N ILE A 910 1.14 55.39 13.82
CA ILE A 910 -0.19 54.86 14.14
C ILE A 910 -1.05 55.91 14.84
N ASP A 911 -0.46 56.71 15.72
CA ASP A 911 -1.26 57.67 16.48
C ASP A 911 -1.82 58.77 15.57
N GLU A 912 -1.07 59.15 14.53
CA GLU A 912 -1.61 60.06 13.54
C GLU A 912 -2.80 59.45 12.81
N ALA A 913 -2.66 58.20 12.38
CA ALA A 913 -3.80 57.47 11.83
C ALA A 913 -4.94 57.42 12.84
N ARG A 914 -4.59 57.23 14.11
CA ARG A 914 -5.60 57.24 15.17
C ARG A 914 -6.41 58.53 15.14
N LYS A 915 -5.74 59.68 15.13
CA LYS A 915 -6.53 60.90 15.15
C LYS A 915 -7.21 61.16 13.83
N ILE A 916 -6.74 60.58 12.72
CA ILE A 916 -7.43 60.82 11.46
C ILE A 916 -8.74 60.03 11.41
N LEU A 917 -8.72 58.79 11.91
CA LEU A 917 -9.97 58.03 11.87
C LEU A 917 -10.85 58.31 13.08
N GLU A 918 -10.34 59.02 14.08
CA GLU A 918 -11.22 59.68 15.03
C GLU A 918 -11.87 60.92 14.41
N GLU A 919 -11.06 61.72 13.71
CA GLU A 919 -11.54 62.95 13.07
C GLU A 919 -12.64 62.67 12.04
N ASN A 920 -12.58 61.53 11.36
CA ASN A 920 -13.52 61.23 10.27
C ASN A 920 -14.79 60.56 10.80
N GLU A 921 -15.57 61.34 11.57
CA GLU A 921 -16.94 60.98 11.89
C GLU A 921 -17.93 62.03 11.40
N LEU A 922 -19.07 61.56 10.90
CA LEU A 922 -20.24 62.40 10.71
C LEU A 922 -21.33 61.94 11.68
N GLN B 5 33.36 30.95 2.10
CA GLN B 5 34.60 31.30 1.42
C GLN B 5 35.79 31.06 2.33
N GLU B 6 35.52 31.23 3.62
CA GLU B 6 36.56 31.20 4.65
C GLU B 6 36.20 30.31 5.82
N TYR B 7 35.03 29.66 5.78
CA TYR B 7 34.67 28.75 6.85
C TYR B 7 35.49 27.48 6.74
N ILE B 8 36.09 27.08 7.85
CA ILE B 8 37.09 26.03 7.89
C ILE B 8 36.43 24.75 8.39
N ALA B 9 36.27 23.79 7.49
CA ALA B 9 35.61 22.51 7.73
C ALA B 9 36.04 21.53 6.65
N PRO B 10 37.13 20.80 6.85
CA PRO B 10 37.64 19.93 5.78
C PRO B 10 36.71 18.77 5.51
N ILE B 11 36.65 18.39 4.24
CA ILE B 11 35.84 17.27 3.78
C ILE B 11 36.74 16.05 3.62
N LYS B 12 36.32 14.92 4.19
CA LYS B 12 37.11 13.69 4.10
C LYS B 12 36.16 12.54 3.74
N TYR B 13 36.24 12.10 2.50
CA TYR B 13 35.45 10.94 2.06
C TYR B 13 36.08 9.69 2.65
N GLN B 14 35.25 8.72 3.03
CA GLN B 14 35.75 7.50 3.68
C GLN B 14 35.14 6.26 3.05
N ASN B 15 35.91 5.17 3.05
CA ASN B 15 35.46 3.90 2.49
C ASN B 15 35.29 2.83 3.57
N SER B 16 36.34 2.54 4.35
CA SER B 16 36.21 2.00 5.71
C SER B 16 35.48 0.64 5.73
N LEU B 17 36.20 -0.40 5.28
CA LEU B 17 35.67 -1.75 5.41
C LEU B 17 35.16 -2.03 6.81
N PRO B 18 34.10 -2.82 6.95
CA PRO B 18 33.58 -3.16 8.27
C PRO B 18 34.41 -4.27 8.93
N VAL B 19 34.16 -4.45 10.22
CA VAL B 19 34.68 -5.61 10.93
C VAL B 19 34.00 -6.79 10.24
N PRO B 20 34.66 -7.96 10.11
CA PRO B 20 34.08 -9.07 9.34
C PRO B 20 32.61 -9.35 9.59
N GLN B 21 32.14 -9.15 10.81
CA GLN B 21 30.73 -9.36 11.18
C GLN B 21 30.25 -10.76 10.79
N LEU B 22 30.85 -11.74 11.44
CA LEU B 22 30.64 -13.15 11.16
C LEU B 22 29.20 -13.54 11.50
N PRO B 23 28.30 -13.67 10.53
CA PRO B 23 26.90 -13.95 10.87
C PRO B 23 26.72 -15.37 11.38
N PRO B 24 25.51 -15.73 11.84
CA PRO B 24 25.27 -17.10 12.28
C PRO B 24 25.60 -18.10 11.18
N LYS B 25 26.01 -19.30 11.59
CA LYS B 25 26.46 -20.33 10.67
C LYS B 25 25.31 -21.21 10.22
N LEU B 26 25.33 -21.56 8.93
CA LEU B 26 24.41 -22.57 8.43
C LEU B 26 24.98 -23.95 8.74
N LEU B 27 24.09 -24.94 8.72
CA LEU B 27 24.47 -26.34 8.85
C LEU B 27 24.25 -27.04 7.51
N VAL B 28 25.19 -27.92 7.14
CA VAL B 28 25.00 -28.72 5.94
C VAL B 28 23.85 -29.68 6.19
N TYR B 29 22.95 -29.80 5.21
CA TYR B 29 21.82 -30.68 5.39
C TYR B 29 22.26 -32.14 5.42
N PRO B 30 21.57 -32.98 6.21
CA PRO B 30 21.87 -34.41 6.18
C PRO B 30 21.58 -35.00 4.81
N GLU B 31 22.37 -36.00 4.43
CA GLU B 31 22.23 -36.60 3.11
C GLU B 31 20.86 -37.23 2.91
N SER B 32 20.30 -37.01 1.72
CA SER B 32 19.01 -37.56 1.33
C SER B 32 19.22 -38.25 -0.01
N PRO B 33 19.53 -39.54 0.00
CA PRO B 33 19.90 -40.22 -1.26
C PRO B 33 18.76 -40.26 -2.27
N GLU B 34 17.50 -40.21 -1.82
CA GLU B 34 16.37 -40.37 -2.73
C GLU B 34 16.01 -39.10 -3.48
N THR B 35 16.71 -37.99 -3.22
CA THR B 35 16.50 -36.74 -3.96
C THR B 35 17.76 -36.29 -4.69
N ASN B 36 18.80 -37.12 -4.73
CA ASN B 36 19.94 -36.83 -5.56
C ASN B 36 19.56 -36.97 -7.05
N ALA B 37 20.39 -36.41 -7.93
CA ALA B 37 20.18 -36.57 -9.36
C ALA B 37 20.17 -38.05 -9.76
N ASP B 38 20.95 -38.89 -9.06
CA ASP B 38 21.06 -40.31 -9.36
C ASP B 38 19.96 -41.17 -8.74
N SER B 39 18.99 -40.58 -8.07
CA SER B 39 17.94 -41.36 -7.43
C SER B 39 17.07 -42.09 -8.44
N SER B 40 16.83 -43.40 -8.21
CA SER B 40 15.86 -44.11 -9.01
C SER B 40 14.44 -43.60 -8.80
N GLN B 41 14.20 -42.92 -7.69
CA GLN B 41 12.85 -42.43 -7.42
C GLN B 41 12.43 -41.37 -8.41
N LEU B 42 13.37 -40.69 -9.07
CA LEU B 42 12.99 -39.77 -10.13
C LEU B 42 12.43 -40.53 -11.34
N ILE B 43 13.08 -41.63 -11.71
CA ILE B 43 12.57 -42.47 -12.79
C ILE B 43 11.21 -43.04 -12.41
N ASN B 44 11.03 -43.41 -11.14
CA ASN B 44 9.72 -43.88 -10.70
C ASN B 44 8.67 -42.78 -10.73
N SER B 45 9.03 -41.58 -10.27
CA SER B 45 8.19 -40.39 -10.41
C SER B 45 7.66 -40.26 -11.83
N LEU B 46 8.55 -40.40 -12.80
CA LEU B 46 8.16 -40.29 -14.21
C LEU B 46 7.32 -41.49 -14.64
N TYR B 47 7.67 -42.69 -14.18
CA TYR B 47 6.93 -43.89 -14.57
C TYR B 47 5.48 -43.79 -14.14
N ILE B 48 5.22 -43.19 -12.98
CA ILE B 48 3.85 -43.01 -12.52
C ILE B 48 3.01 -42.34 -13.60
N LYS B 49 3.62 -41.41 -14.35
CA LYS B 49 2.91 -40.71 -15.42
C LYS B 49 2.89 -41.48 -16.74
N THR B 50 4.06 -42.00 -17.18
CA THR B 50 4.19 -42.56 -18.52
C THR B 50 4.06 -44.09 -18.58
N ASN B 51 3.39 -44.71 -17.61
CA ASN B 51 3.57 -46.11 -17.21
C ASN B 51 3.74 -47.16 -18.31
N VAL B 52 2.72 -47.45 -19.11
CA VAL B 52 2.76 -48.59 -20.03
C VAL B 52 2.67 -48.15 -21.48
N THR B 53 3.08 -46.91 -21.76
CA THR B 53 2.82 -46.30 -23.06
C THR B 53 3.50 -47.05 -24.21
N ASN B 54 4.68 -47.59 -23.98
CA ASN B 54 5.46 -48.22 -25.05
C ASN B 54 5.06 -49.65 -25.32
N LEU B 55 4.05 -50.18 -24.61
CA LEU B 55 3.62 -51.55 -24.75
C LEU B 55 2.30 -51.69 -25.51
N ILE B 56 1.56 -50.60 -25.74
CA ILE B 56 0.22 -50.71 -26.27
C ILE B 56 0.23 -51.31 -27.67
N GLN B 57 1.28 -51.03 -28.44
CA GLN B 57 1.56 -51.69 -29.72
C GLN B 57 2.15 -53.04 -29.35
N GLN B 58 1.29 -54.05 -29.21
CA GLN B 58 1.69 -55.36 -28.72
C GLN B 58 2.78 -56.01 -29.56
N ASP B 59 2.88 -55.67 -30.84
CA ASP B 59 3.79 -56.32 -31.77
C ASP B 59 3.79 -55.50 -33.06
N GLU B 60 4.52 -56.00 -34.07
CA GLU B 60 4.58 -55.28 -35.33
C GLU B 60 3.29 -55.40 -36.13
N ASP B 61 2.41 -56.31 -35.75
CA ASP B 61 1.07 -56.38 -36.32
C ASP B 61 0.11 -55.40 -35.65
N LEU B 62 0.60 -54.61 -34.70
CA LEU B 62 -0.20 -53.63 -33.96
C LEU B 62 -1.35 -54.29 -33.19
N GLY B 63 -1.24 -55.59 -32.93
CA GLY B 63 -2.32 -56.30 -32.28
C GLY B 63 -3.50 -56.57 -33.18
N PRO B 65 -4.04 -58.58 -36.49
CA PRO B 65 -3.66 -59.45 -37.61
C PRO B 65 -4.71 -59.44 -38.70
N VAL B 66 -4.27 -59.29 -39.94
CA VAL B 66 -5.14 -59.32 -41.11
C VAL B 66 -5.32 -60.78 -41.50
N ASP B 67 -6.56 -61.23 -41.55
CA ASP B 67 -6.87 -62.61 -41.89
C ASP B 67 -8.06 -62.63 -42.84
N LEU B 68 -7.84 -63.11 -44.06
CA LEU B 68 -8.93 -63.22 -45.02
C LEU B 68 -9.81 -64.44 -44.79
N LYS B 70 -11.45 -64.94 -42.29
CA LYS B 70 -12.48 -64.39 -41.43
C LYS B 70 -13.67 -63.84 -42.22
N PHE B 71 -13.63 -63.93 -43.56
CA PHE B 71 -14.67 -63.36 -44.41
C PHE B 71 -15.42 -64.45 -45.16
N PRO B 72 -16.63 -64.80 -44.73
CA PRO B 72 -17.39 -65.85 -45.42
C PRO B 72 -17.69 -65.48 -46.87
N GLY B 73 -17.69 -66.49 -47.72
CA GLY B 73 -17.91 -66.29 -49.15
C GLY B 73 -16.62 -66.04 -49.89
N LEU B 74 -15.79 -65.13 -49.37
CA LEU B 74 -14.48 -64.88 -49.93
C LEU B 74 -13.52 -65.98 -49.52
N LEU B 75 -12.61 -66.33 -50.43
CA LEU B 75 -11.60 -67.38 -50.39
C LEU B 75 -12.19 -68.76 -50.65
N ASN B 76 -13.52 -68.92 -50.67
CA ASN B 76 -14.10 -70.19 -51.10
C ASN B 76 -15.06 -70.04 -52.26
N LYS B 77 -15.94 -69.03 -52.23
CA LYS B 77 -16.87 -68.76 -53.32
C LYS B 77 -16.49 -67.55 -54.15
N LEU B 78 -15.33 -66.93 -53.87
CA LEU B 78 -14.86 -65.76 -54.60
C LEU B 78 -15.80 -64.57 -54.41
N ASP B 79 -16.31 -64.42 -53.19
CA ASP B 79 -17.35 -63.43 -52.87
C ASP B 79 -16.73 -62.21 -52.18
N SER B 80 -16.24 -61.26 -52.97
CA SER B 80 -15.60 -60.05 -52.47
C SER B 80 -16.56 -59.15 -51.68
N LYS B 81 -17.86 -59.46 -51.64
CA LYS B 81 -18.85 -58.54 -51.08
C LYS B 81 -18.54 -58.13 -49.65
N LEU B 82 -18.16 -59.08 -48.80
CA LEU B 82 -18.06 -58.77 -47.38
C LEU B 82 -16.90 -57.83 -47.05
N LEU B 83 -15.99 -57.56 -47.99
CA LEU B 83 -14.94 -56.59 -47.75
C LEU B 83 -15.39 -55.14 -47.90
N TYR B 84 -16.53 -54.89 -48.50
CA TYR B 84 -16.97 -53.52 -48.76
C TYR B 84 -17.93 -53.01 -47.71
N GLY B 85 -18.13 -53.76 -46.63
CA GLY B 85 -18.89 -53.27 -45.50
C GLY B 85 -20.39 -53.22 -45.64
N PHE B 86 -21.06 -53.40 -44.51
CA PHE B 86 -22.51 -53.31 -44.46
C PHE B 86 -22.97 -51.89 -44.75
N ASP B 87 -24.05 -51.77 -45.49
CA ASP B 87 -24.68 -50.48 -45.75
C ASP B 87 -25.86 -50.33 -44.78
N ASN B 88 -26.19 -49.09 -44.44
CA ASN B 88 -27.25 -48.79 -43.48
C ASN B 88 -26.99 -49.50 -42.15
N VAL B 89 -25.93 -49.04 -41.47
CA VAL B 89 -25.49 -49.65 -40.22
C VAL B 89 -25.92 -48.77 -39.04
N LYS B 90 -26.14 -49.42 -37.90
CA LYS B 90 -26.90 -48.88 -36.77
C LYS B 90 -26.04 -48.05 -35.82
N LEU B 91 -24.87 -48.56 -35.43
CA LEU B 91 -23.90 -47.86 -34.59
C LEU B 91 -24.47 -47.49 -33.21
N ASP B 92 -24.58 -48.54 -32.39
CA ASP B 92 -24.77 -48.48 -30.94
C ASP B 92 -23.96 -47.37 -30.27
N LYS B 93 -24.50 -46.77 -29.20
CA LYS B 93 -23.91 -45.55 -28.64
C LYS B 93 -22.53 -45.77 -28.05
N ASP B 94 -22.31 -46.93 -27.42
CA ASP B 94 -20.99 -47.21 -26.86
C ASP B 94 -19.93 -47.37 -27.94
N ASP B 95 -20.36 -47.62 -29.17
CA ASP B 95 -19.47 -47.53 -30.32
C ASP B 95 -19.48 -46.13 -30.93
N ARG B 96 -20.61 -45.44 -30.84
CA ARG B 96 -20.74 -44.14 -31.50
C ARG B 96 -19.91 -43.06 -30.82
N ILE B 97 -19.63 -43.22 -29.53
CA ILE B 97 -18.75 -42.28 -28.84
C ILE B 97 -17.29 -42.39 -29.28
N LEU B 98 -16.94 -43.42 -30.05
CA LEU B 98 -15.57 -43.66 -30.46
C LEU B 98 -15.19 -42.97 -31.75
N LEU B 99 -16.10 -42.21 -32.35
CA LEU B 99 -15.79 -41.45 -33.56
C LEU B 99 -15.49 -40.01 -33.22
N ARG B 100 -15.41 -39.70 -31.93
CA ARG B 100 -15.08 -38.37 -31.44
C ARG B 100 -13.62 -38.01 -31.79
N ASP B 101 -13.30 -36.72 -31.68
CA ASP B 101 -11.92 -36.26 -31.74
C ASP B 101 -11.26 -36.38 -30.37
N PRO B 102 -9.93 -36.28 -30.30
CA PRO B 102 -9.26 -36.36 -29.00
C PRO B 102 -9.58 -35.13 -28.16
N ARG B 103 -9.31 -35.26 -26.85
CA ARG B 103 -9.65 -34.20 -25.91
C ARG B 103 -8.60 -34.08 -24.81
N ASP C 2 53.24 -22.20 18.61
CA ASP C 2 53.15 -22.95 17.35
C ASP C 2 52.01 -22.40 16.49
N SER C 3 50.90 -23.11 16.57
CA SER C 3 49.60 -22.63 16.11
C SER C 3 48.67 -23.07 17.24
N GLU C 4 47.36 -23.03 17.01
CA GLU C 4 46.43 -23.06 18.12
C GLU C 4 46.29 -24.52 18.58
N VAL C 5 45.29 -24.82 19.38
CA VAL C 5 45.26 -26.08 20.10
C VAL C 5 44.30 -27.05 19.44
N SER C 6 44.59 -28.34 19.59
CA SER C 6 43.95 -29.39 18.83
C SER C 6 42.66 -29.78 19.54
N ASP C 7 41.53 -29.37 18.97
CA ASP C 7 40.21 -29.58 19.56
C ASP C 7 39.36 -30.45 18.65
N PRO C 8 39.15 -31.72 18.98
CA PRO C 8 38.36 -32.59 18.08
C PRO C 8 36.90 -32.19 17.96
N VAL C 9 36.34 -31.50 18.98
CA VAL C 9 34.90 -31.22 18.97
C VAL C 9 34.58 -30.00 18.11
N VAL C 10 35.51 -29.06 17.96
CA VAL C 10 35.31 -28.00 16.98
C VAL C 10 35.64 -28.48 15.58
N VAL C 11 36.55 -29.45 15.45
CA VAL C 11 36.85 -30.03 14.13
C VAL C 11 35.59 -30.60 13.51
N GLU C 12 34.81 -31.35 14.29
CA GLU C 12 33.56 -31.87 13.78
C GLU C 12 32.45 -30.82 13.73
N THR C 13 32.64 -29.66 14.35
CA THR C 13 31.70 -28.57 14.14
C THR C 13 31.87 -27.93 12.76
N LYS C 15 32.98 -29.39 10.10
CA LYS C 15 32.53 -30.34 9.09
C LYS C 15 31.05 -30.17 8.79
N HIS C 16 30.28 -29.76 9.79
CA HIS C 16 28.84 -29.60 9.65
C HIS C 16 28.41 -28.15 9.49
N GLU C 17 29.35 -27.22 9.40
CA GLU C 17 29.01 -25.81 9.22
C GLU C 17 29.19 -25.39 7.77
N ARG C 18 28.39 -24.43 7.34
CA ARG C 18 28.52 -23.78 6.04
C ARG C 18 28.43 -22.28 6.24
N ILE C 19 29.34 -21.53 5.61
CA ILE C 19 29.48 -20.11 5.86
C ILE C 19 28.51 -19.35 4.96
N LEU C 20 27.58 -18.62 5.59
CA LEU C 20 26.58 -17.85 4.86
C LEU C 20 27.23 -16.64 4.19
N VAL C 21 27.96 -15.84 4.96
CA VAL C 21 28.66 -14.67 4.46
C VAL C 21 30.05 -14.65 5.06
N ASP C 22 31.07 -14.42 4.23
CA ASP C 22 32.43 -14.28 4.73
C ASP C 22 32.88 -12.82 4.62
N HIS C 23 34.13 -12.57 4.98
CA HIS C 23 34.63 -11.20 5.01
C HIS C 23 34.68 -10.57 3.63
N ASN C 24 34.68 -11.38 2.58
CA ASN C 24 34.76 -10.92 1.21
C ASN C 24 33.41 -10.77 0.53
N SER C 25 32.48 -11.72 0.72
CA SER C 25 31.15 -11.58 0.14
C SER C 25 30.33 -10.50 0.84
N ALA C 26 30.63 -10.22 2.10
CA ALA C 26 29.93 -9.16 2.83
C ALA C 26 30.09 -7.80 2.16
N LEU C 27 31.07 -7.67 1.27
CA LEU C 27 31.30 -6.42 0.54
C LEU C 27 30.44 -6.31 -0.71
N ARG C 28 29.47 -7.20 -0.89
CA ARG C 28 28.47 -7.05 -1.95
C ARG C 28 27.26 -6.26 -1.47
N GLY C 29 27.19 -5.92 -0.19
CA GLY C 29 26.05 -5.22 0.35
C GLY C 29 24.86 -6.14 0.62
N ALA C 30 23.70 -5.51 0.74
CA ALA C 30 22.46 -6.23 0.97
C ALA C 30 21.72 -6.58 -0.31
N LYS C 31 21.90 -5.81 -1.39
CA LYS C 31 21.36 -6.16 -2.69
C LYS C 31 22.45 -6.09 -3.76
N PRO C 32 22.47 -7.03 -4.70
CA PRO C 32 23.57 -7.10 -5.68
C PRO C 32 23.49 -5.99 -6.72
N ILE C 33 24.54 -5.17 -6.80
CA ILE C 33 24.73 -4.22 -7.89
C ILE C 33 26.01 -4.58 -8.63
N ASN C 34 25.90 -4.87 -9.92
CA ASN C 34 27.06 -5.15 -10.74
C ASN C 34 27.76 -3.85 -11.07
N PHE C 35 28.97 -3.65 -10.53
CA PHE C 35 29.76 -2.46 -10.76
C PHE C 35 30.91 -2.71 -11.73
N GLY C 36 30.85 -3.78 -12.53
CA GLY C 36 31.94 -4.09 -13.43
C GLY C 36 32.24 -3.00 -14.44
N TYR C 37 31.21 -2.28 -14.88
CA TYR C 37 31.40 -1.22 -15.87
C TYR C 37 32.40 -0.18 -15.39
N LEU C 38 32.60 -0.05 -14.07
CA LEU C 38 33.51 0.97 -13.56
C LEU C 38 34.94 0.66 -13.94
N ILE C 39 35.28 -0.63 -14.10
CA ILE C 39 36.61 -0.99 -14.58
C ILE C 39 36.91 -0.20 -15.84
N LYS C 40 35.95 -0.12 -16.76
CA LYS C 40 36.16 0.66 -17.96
C LYS C 40 36.10 2.16 -17.65
N ASP C 41 35.10 2.56 -16.87
CA ASP C 41 34.89 3.98 -16.59
C ASP C 41 36.11 4.61 -15.95
N ALA C 42 36.56 4.04 -14.82
CA ALA C 42 37.75 4.57 -14.15
C ALA C 42 38.95 4.64 -15.07
N GLU C 43 39.01 3.82 -16.11
CA GLU C 43 40.19 3.83 -16.97
C GLU C 43 40.06 4.83 -18.12
N LEU C 44 38.87 5.34 -18.41
CA LEU C 44 38.73 6.41 -19.39
C LEU C 44 38.57 7.79 -18.77
N LYS C 45 37.97 7.86 -17.57
CA LYS C 45 37.72 9.13 -16.92
C LYS C 45 38.75 9.51 -15.87
N LEU C 46 39.53 8.56 -15.36
CA LEU C 46 40.55 8.87 -14.37
C LEU C 46 41.96 8.63 -14.87
N VAL C 47 42.30 7.39 -15.26
CA VAL C 47 43.70 7.04 -15.51
C VAL C 47 44.27 7.93 -16.60
N GLN C 48 43.56 8.05 -17.72
CA GLN C 48 44.07 8.80 -18.85
C GLN C 48 44.13 10.28 -18.52
N SER C 49 43.26 10.75 -17.61
CA SER C 49 43.34 12.12 -17.17
C SER C 49 44.37 12.29 -16.05
N ILE C 50 44.59 11.25 -15.24
CA ILE C 50 45.66 11.31 -14.26
C ILE C 50 47.02 11.14 -14.89
N LYS C 51 47.11 10.44 -16.02
CA LYS C 51 48.42 10.23 -16.63
C LYS C 51 48.90 11.45 -17.42
N GLY C 52 48.20 12.57 -17.33
CA GLY C 52 48.69 13.82 -17.87
C GLY C 52 49.71 14.42 -16.93
N SER C 53 50.83 13.73 -16.75
CA SER C 53 51.89 14.18 -15.85
C SER C 53 53.23 13.55 -16.23
N LYS D 18 -37.56 -14.38 2.00
CA LYS D 18 -37.55 -15.10 0.74
C LYS D 18 -36.12 -15.45 0.33
N ALA D 19 -35.17 -15.06 1.17
CA ALA D 19 -33.76 -15.39 0.99
C ALA D 19 -33.39 -16.74 1.58
N LYS D 20 -34.37 -17.64 1.66
CA LYS D 20 -34.22 -18.96 2.30
C LYS D 20 -33.23 -19.88 1.60
N GLU D 21 -32.56 -19.37 0.56
CA GLU D 21 -31.63 -20.16 -0.24
C GLU D 21 -30.20 -20.10 0.29
N ILE D 22 -29.99 -19.56 1.49
CA ILE D 22 -28.69 -19.66 2.14
C ILE D 22 -28.37 -21.08 2.57
N ALA D 23 -29.30 -22.01 2.37
CA ALA D 23 -28.98 -23.42 2.58
C ALA D 23 -28.22 -23.98 1.39
N GLN D 24 -28.55 -23.53 0.18
CA GLN D 24 -27.94 -24.09 -1.03
C GLN D 24 -26.73 -23.32 -1.52
N GLN D 25 -26.40 -22.16 -0.94
CA GLN D 25 -25.08 -21.59 -1.15
C GLN D 25 -24.06 -22.10 -0.15
N GLU D 26 -24.50 -22.77 0.92
CA GLU D 26 -23.60 -23.48 1.81
C GLU D 26 -23.54 -24.97 1.49
N LYS D 27 -24.36 -25.43 0.55
CA LYS D 27 -24.13 -26.72 -0.07
C LYS D 27 -22.98 -26.64 -1.06
N LEU D 28 -22.88 -25.54 -1.79
CA LEU D 28 -21.78 -25.34 -2.72
C LEU D 28 -20.43 -25.30 -2.00
N GLN D 29 -20.40 -24.72 -0.79
CA GLN D 29 -19.11 -24.52 -0.12
C GLN D 29 -18.59 -25.79 0.52
N GLU D 30 -19.49 -26.64 1.04
CA GLU D 30 -19.02 -27.90 1.58
C GLU D 30 -18.74 -28.91 0.48
N ASP D 31 -19.31 -28.70 -0.70
CA ASP D 31 -18.94 -29.50 -1.86
C ASP D 31 -17.57 -29.07 -2.37
N LYS D 32 -17.27 -27.77 -2.31
CA LYS D 32 -15.92 -27.31 -2.60
C LYS D 32 -14.89 -27.84 -1.62
N ASP D 33 -15.16 -27.83 -0.31
CA ASP D 33 -14.11 -28.30 0.60
C ASP D 33 -14.01 -29.82 0.58
N ALA D 34 -15.07 -30.53 0.21
CA ALA D 34 -14.91 -31.95 -0.09
C ALA D 34 -13.97 -32.15 -1.28
N LYS D 35 -14.11 -31.32 -2.31
CA LYS D 35 -13.20 -31.40 -3.44
C LYS D 35 -11.77 -31.12 -3.02
N ASP D 36 -11.59 -30.19 -2.07
CA ASP D 36 -10.24 -29.88 -1.62
C ASP D 36 -9.67 -30.98 -0.73
N LYS D 37 -10.52 -31.66 0.03
CA LYS D 37 -10.01 -32.74 0.85
C LYS D 37 -9.62 -33.94 0.00
N ARG D 38 -10.27 -34.15 -1.15
CA ARG D 38 -9.81 -35.23 -2.01
C ARG D 38 -8.52 -34.85 -2.74
N GLU D 39 -8.37 -33.57 -3.12
CA GLU D 39 -7.08 -33.15 -3.68
C GLU D 39 -5.94 -33.35 -2.68
N LYS D 40 -6.14 -32.90 -1.44
CA LYS D 40 -5.10 -33.06 -0.43
C LYS D 40 -4.82 -34.54 -0.15
N GLU D 41 -5.87 -35.35 -0.05
CA GLU D 41 -5.68 -36.78 0.18
C GLU D 41 -4.89 -37.42 -0.95
N LEU D 42 -5.04 -36.92 -2.18
CA LEU D 42 -4.28 -37.48 -3.29
C LEU D 42 -2.83 -37.03 -3.24
N LEU D 43 -2.58 -35.77 -2.84
CA LEU D 43 -1.20 -35.28 -2.79
C LEU D 43 -0.35 -36.08 -1.82
N VAL D 44 -0.88 -36.40 -0.63
CA VAL D 44 -0.09 -37.07 0.39
C VAL D 44 -0.20 -38.58 0.31
N ALA D 45 -0.94 -39.10 -0.66
CA ALA D 45 -1.00 -40.54 -0.86
C ALA D 45 0.41 -41.05 -1.18
N GLN D 46 0.75 -42.20 -0.60
CA GLN D 46 2.13 -42.64 -0.68
C GLN D 46 2.49 -43.14 -2.07
N PHE D 47 1.52 -43.71 -2.79
CA PHE D 47 1.82 -44.22 -4.12
C PHE D 47 2.16 -43.11 -5.12
N ARG D 48 1.94 -41.84 -4.78
CA ARG D 48 2.32 -40.72 -5.62
C ARG D 48 3.53 -39.95 -5.09
N ARG D 49 4.25 -40.49 -4.12
CA ARG D 49 5.38 -39.79 -3.51
C ARG D 49 6.67 -40.60 -3.66
N LEU D 50 7.80 -39.89 -3.51
CA LEU D 50 9.11 -40.51 -3.67
C LEU D 50 9.23 -41.78 -2.85
N GLY D 51 9.60 -42.87 -3.51
CA GLY D 51 9.79 -44.13 -2.85
C GLY D 51 8.52 -44.81 -2.38
N GLY D 52 7.36 -44.19 -2.56
CA GLY D 52 6.13 -44.77 -2.06
C GLY D 52 5.57 -45.87 -2.92
N LEU D 53 5.76 -45.78 -4.25
CA LEU D 53 5.24 -46.84 -5.12
C LEU D 53 5.82 -48.20 -4.74
N GLU D 54 7.12 -48.26 -4.50
CA GLU D 54 7.71 -49.51 -4.01
C GLU D 54 7.07 -49.92 -2.69
N ARG D 55 6.99 -48.97 -1.75
CA ARG D 55 6.40 -49.26 -0.44
C ARG D 55 4.99 -49.83 -0.56
N VAL D 57 3.74 -51.31 -3.32
CA VAL D 57 3.75 -52.59 -4.01
C VAL D 57 4.12 -53.71 -3.03
N GLY D 58 5.03 -53.42 -2.11
CA GLY D 58 5.44 -54.40 -1.11
C GLY D 58 4.36 -54.74 -0.09
N GLU D 59 3.36 -53.87 0.09
CA GLU D 59 2.28 -54.12 1.03
C GLU D 59 1.17 -54.98 0.45
N LEU D 60 1.24 -55.33 -0.83
CA LEU D 60 0.20 -56.11 -1.47
C LEU D 60 0.27 -57.56 -1.04
N ASP D 61 -0.90 -58.21 -0.97
CA ASP D 61 -0.98 -59.59 -0.51
C ASP D 61 -1.24 -60.57 -1.67
N ILE D 62 -0.67 -60.30 -2.83
CA ILE D 62 -0.81 -61.13 -4.03
C ILE D 62 0.53 -61.81 -4.24
N LYS D 63 0.51 -63.12 -4.43
CA LYS D 63 1.70 -63.98 -4.42
C LYS D 63 1.84 -64.73 -5.74
N PHE D 64 2.47 -64.11 -6.74
CA PHE D 64 2.85 -64.86 -7.93
C PHE D 64 3.71 -66.06 -7.54
N ASP D 65 3.37 -67.23 -8.09
CA ASP D 65 4.20 -68.42 -7.97
C ASP D 65 4.81 -68.66 -9.36
N LEU D 66 5.97 -68.07 -9.60
CA LEU D 66 6.61 -68.21 -10.89
C LEU D 66 8.12 -68.20 -10.71
N LYS D 67 8.81 -68.94 -11.56
CA LYS D 67 10.26 -68.97 -11.63
C LYS D 67 10.66 -69.07 -13.10
N PHE D 68 11.66 -68.29 -13.49
CA PHE D 68 12.05 -68.22 -14.89
C PHE D 68 13.50 -68.66 -15.10
N TYR E 10 44.41 -23.19 50.01
CA TYR E 10 45.04 -21.88 49.84
C TYR E 10 46.16 -21.65 50.86
N PRO E 11 47.09 -20.75 50.52
CA PRO E 11 48.17 -20.40 51.46
C PRO E 11 47.71 -19.69 52.72
N SER E 12 48.67 -19.31 53.58
CA SER E 12 48.40 -18.62 54.83
C SER E 12 49.46 -17.56 55.05
N GLU E 14 49.76 -16.08 58.50
CA GLU E 14 49.57 -15.84 59.92
C GLU E 14 50.90 -15.74 60.66
N TRP E 15 50.84 -15.08 61.81
CA TRP E 15 51.96 -14.92 62.73
C TRP E 15 51.96 -16.06 63.73
N PRO E 16 53.15 -16.55 64.09
CA PRO E 16 53.27 -17.55 65.16
C PRO E 16 52.59 -17.09 66.44
N THR E 17 51.97 -18.05 67.14
CA THR E 17 51.21 -17.74 68.35
C THR E 17 52.00 -18.03 69.62
N SER E 18 53.26 -18.48 69.48
CA SER E 18 54.16 -18.65 70.61
C SER E 18 55.55 -18.22 70.21
N LEU E 19 56.31 -17.74 71.20
CA LEU E 19 57.70 -17.38 70.96
C LEU E 19 58.59 -17.98 72.04
N ASP E 20 59.72 -18.54 71.61
CA ASP E 20 60.78 -18.97 72.50
C ASP E 20 62.03 -18.16 72.23
N ILE E 21 62.54 -17.50 73.26
CA ILE E 21 63.73 -16.67 73.19
C ILE E 21 64.90 -17.42 73.80
N PRO E 22 66.07 -17.44 73.17
CA PRO E 22 67.24 -18.07 73.78
C PRO E 22 67.50 -17.48 75.17
N LEU E 23 67.78 -18.36 76.12
CA LEU E 23 68.09 -17.98 77.49
C LEU E 23 69.60 -17.77 77.64
N LYS E 24 69.97 -17.00 78.66
CA LYS E 24 71.36 -16.58 78.83
C LYS E 24 72.11 -17.28 79.96
N ALA E 25 71.45 -17.57 81.08
CA ALA E 25 72.07 -18.41 82.11
C ALA E 25 71.86 -19.88 81.83
N SER E 26 70.59 -20.31 81.85
CA SER E 26 70.18 -21.63 81.42
C SER E 26 70.44 -21.83 79.93
N GLU E 27 70.63 -23.09 79.54
CA GLU E 27 70.47 -23.51 78.16
C GLU E 27 69.10 -24.18 77.96
N GLU E 28 68.09 -23.33 78.10
CA GLU E 28 66.73 -23.63 77.73
C GLU E 28 66.23 -22.38 77.01
N LEU E 29 64.94 -22.32 76.70
CA LEU E 29 64.36 -21.19 76.02
C LEU E 29 63.25 -20.66 76.90
N VAL E 30 62.94 -19.38 76.76
CA VAL E 30 61.85 -18.78 77.51
C VAL E 30 60.66 -18.69 76.57
N GLY E 31 59.54 -19.26 76.99
CA GLY E 31 58.40 -19.48 76.14
C GLY E 31 57.20 -18.64 76.57
N ILE E 32 56.60 -17.98 75.59
CA ILE E 32 55.42 -17.15 75.84
C ILE E 32 54.37 -17.49 74.80
N ASP E 33 53.16 -17.81 75.27
CA ASP E 33 52.03 -18.00 74.38
C ASP E 33 51.51 -16.61 73.99
N LEU E 34 51.66 -16.25 72.71
CA LEU E 34 51.39 -14.88 72.30
C LEU E 34 49.92 -14.47 72.35
N GLU E 35 49.00 -15.38 72.69
CA GLU E 35 47.59 -15.01 72.69
C GLU E 35 47.15 -14.55 74.07
N THR E 36 47.50 -15.30 75.12
CA THR E 36 47.17 -14.96 76.49
C THR E 36 48.32 -14.32 77.24
N ASP E 37 49.50 -14.95 77.21
CA ASP E 37 50.61 -14.66 78.11
C ASP E 37 51.13 -13.22 78.03
N LEU E 38 50.69 -12.41 77.08
CA LEU E 38 51.29 -11.07 76.96
C LEU E 38 50.82 -10.18 78.10
N PRO E 39 51.72 -9.55 78.83
CA PRO E 39 51.32 -8.79 80.02
C PRO E 39 50.45 -7.59 79.65
N ASP E 40 49.52 -7.27 80.56
CA ASP E 40 48.62 -6.15 80.32
C ASP E 40 49.41 -4.84 80.25
N ASP E 41 50.59 -4.82 80.85
CA ASP E 41 51.56 -3.73 80.67
C ASP E 41 52.85 -4.36 80.17
N PRO E 42 53.40 -3.91 79.03
CA PRO E 42 54.55 -4.62 78.43
C PRO E 42 55.85 -4.47 79.19
N THR E 43 55.93 -3.57 80.17
CA THR E 43 57.17 -3.41 80.93
C THR E 43 57.50 -4.65 81.73
N ASP E 44 56.49 -5.50 82.00
CA ASP E 44 56.72 -6.79 82.63
C ASP E 44 57.65 -7.66 81.80
N LEU E 45 57.94 -7.27 80.57
CA LEU E 45 58.92 -7.94 79.72
C LEU E 45 60.19 -7.13 79.52
N LYS E 46 60.17 -5.84 79.86
CA LYS E 46 61.38 -5.03 79.94
C LYS E 46 62.57 -5.82 80.47
N THR E 47 62.39 -6.43 81.63
CA THR E 47 63.46 -7.23 82.23
C THR E 47 63.95 -8.30 81.27
N LEU E 48 63.05 -9.16 80.81
CA LEU E 48 63.49 -10.39 80.14
C LEU E 48 64.27 -10.10 78.87
N LEU E 49 63.81 -9.15 78.07
CA LEU E 49 64.47 -8.97 76.78
C LEU E 49 65.75 -8.17 76.90
N VAL E 50 66.10 -7.74 78.11
CA VAL E 50 67.43 -7.19 78.37
C VAL E 50 68.26 -8.17 79.18
N GLU E 51 67.63 -9.02 80.00
CA GLU E 51 68.37 -10.05 80.72
C GLU E 51 69.11 -10.99 79.76
N GLU E 52 68.37 -11.63 78.85
CA GLU E 52 68.92 -12.67 77.98
C GLU E 52 69.62 -12.10 76.74
N ASN E 53 69.95 -10.81 76.77
CA ASN E 53 70.66 -10.14 75.68
C ASN E 53 70.15 -10.61 74.32
N SER E 54 68.84 -10.54 74.16
CA SER E 54 68.20 -11.04 72.95
C SER E 54 68.42 -10.10 71.78
N GLU E 55 68.46 -10.69 70.58
CA GLU E 55 68.58 -9.88 69.37
C GLU E 55 67.28 -9.10 69.15
N LYS E 56 67.38 -8.04 68.34
CA LYS E 56 66.25 -7.17 68.10
C LYS E 56 65.07 -7.84 67.39
N GLU E 57 65.29 -9.00 66.75
CA GLU E 57 64.17 -9.64 66.06
C GLU E 57 63.09 -10.08 67.02
N HIS E 58 63.45 -10.49 68.24
CA HIS E 58 62.40 -10.95 69.16
C HIS E 58 61.67 -9.78 69.78
N TRP E 59 62.36 -8.66 69.99
CA TRP E 59 61.70 -7.41 70.33
C TRP E 59 60.65 -7.06 69.29
N LEU E 60 61.06 -7.05 68.02
CA LEU E 60 60.13 -6.65 66.97
C LEU E 60 58.95 -7.61 66.88
N THR E 61 59.19 -8.92 67.02
CA THR E 61 58.10 -9.89 66.91
C THR E 61 57.11 -9.76 68.06
N ILE E 62 57.59 -9.59 69.29
CA ILE E 62 56.65 -9.45 70.41
C ILE E 62 55.85 -8.17 70.26
N ALA E 63 56.49 -7.10 69.78
CA ALA E 63 55.76 -5.85 69.58
C ALA E 63 54.71 -5.97 68.49
N LEU E 64 55.04 -6.68 67.40
CA LEU E 64 54.05 -6.89 66.34
C LEU E 64 52.90 -7.75 66.82
N ALA E 65 53.17 -8.75 67.65
CA ALA E 65 52.08 -9.52 68.24
C ALA E 65 51.18 -8.63 69.08
N TYR E 66 51.79 -7.76 69.89
CA TYR E 66 51.02 -6.76 70.64
C TYR E 66 50.12 -5.96 69.72
N CYS E 67 50.66 -5.51 68.59
CA CYS E 67 49.88 -4.67 67.69
C CYS E 67 48.76 -5.46 67.03
N ASN E 68 49.01 -6.73 66.71
CA ASN E 68 48.02 -7.58 66.07
C ASN E 68 47.01 -8.15 67.05
N HIS E 69 47.18 -7.89 68.36
CA HIS E 69 46.20 -8.30 69.36
C HIS E 69 45.47 -7.11 69.98
N GLY E 70 45.39 -5.99 69.26
CA GLY E 70 44.56 -4.88 69.69
C GLY E 70 45.16 -3.98 70.73
N LYS E 71 46.49 -3.95 70.86
CA LYS E 71 47.18 -3.12 71.85
C LYS E 71 48.39 -2.43 71.23
N THR E 72 48.14 -1.66 70.17
CA THR E 72 49.23 -0.99 69.46
C THR E 72 50.00 -0.01 70.36
N ASN E 73 49.34 0.54 71.38
CA ASN E 73 50.05 1.40 72.33
C ASN E 73 51.13 0.62 73.05
N GLU E 74 50.83 -0.62 73.45
CA GLU E 74 51.82 -1.48 74.08
C GLU E 74 53.02 -1.70 73.17
N GLY E 75 52.78 -1.89 71.88
CA GLY E 75 53.88 -2.09 70.95
C GLY E 75 54.73 -0.84 70.75
N ILE E 76 54.09 0.32 70.58
CA ILE E 76 54.87 1.54 70.43
C ILE E 76 55.68 1.82 71.70
N LYS E 77 55.15 1.49 72.88
CA LYS E 77 55.94 1.77 74.08
C LYS E 77 57.04 0.75 74.27
N LEU E 78 56.82 -0.48 73.80
CA LEU E 78 57.87 -1.49 73.96
C LEU E 78 59.02 -1.25 72.98
N ILE E 79 58.74 -0.71 71.80
CA ILE E 79 59.86 -0.39 70.91
C ILE E 79 60.47 0.98 71.22
N GLU E 80 59.71 1.90 71.81
CA GLU E 80 60.34 3.09 72.37
C GLU E 80 61.26 2.74 73.53
N ALA E 82 62.73 -0.10 73.39
CA ALA E 82 63.77 -0.78 72.63
C ALA E 82 64.81 0.19 72.08
N LEU E 83 64.41 1.43 71.79
CA LEU E 83 65.37 2.41 71.28
C LEU E 83 66.40 2.79 72.34
N ASP E 84 66.10 2.55 73.61
CA ASP E 84 67.06 2.76 74.69
C ASP E 84 68.20 1.76 74.69
N VAL E 85 68.03 0.61 74.04
CA VAL E 85 68.94 -0.51 74.21
C VAL E 85 69.92 -0.64 73.05
N PHE E 86 69.49 -0.33 71.84
CA PHE E 86 70.34 -0.41 70.66
C PHE E 86 70.72 1.00 70.22
N GLN E 87 71.90 1.13 69.61
CA GLN E 87 72.34 2.45 69.21
C GLN E 87 72.40 2.53 67.67
N ASN E 88 73.05 3.58 67.17
CA ASN E 88 72.64 4.23 65.92
C ASN E 88 72.12 3.35 64.79
N SER E 89 72.95 2.55 64.12
CA SER E 89 72.44 2.05 62.85
C SER E 89 71.52 0.86 63.04
N GLU E 90 71.75 0.06 64.08
CA GLU E 90 70.80 -0.97 64.47
C GLU E 90 69.41 -0.42 64.76
N ARG E 91 69.28 0.89 65.01
CA ARG E 91 67.95 1.42 65.30
C ARG E 91 67.08 1.54 64.05
N ALA E 92 67.65 1.35 62.86
CA ALA E 92 66.91 1.62 61.63
C ALA E 92 65.56 0.90 61.58
N SER E 93 65.60 -0.44 61.55
CA SER E 93 64.40 -1.25 61.68
C SER E 93 63.46 -0.75 62.76
N LEU E 94 63.99 -0.47 63.96
CA LEU E 94 63.13 -0.09 65.08
C LEU E 94 62.34 1.17 64.78
N HIS E 95 62.87 2.06 63.95
CA HIS E 95 62.08 3.23 63.56
C HIS E 95 61.02 2.84 62.54
N THR E 96 61.38 1.97 61.60
CA THR E 96 60.44 1.58 60.55
C THR E 96 59.18 0.98 61.16
N PHE E 97 59.36 0.04 62.08
CA PHE E 97 58.23 -0.47 62.86
C PHE E 97 57.39 0.69 63.38
N LEU E 98 58.04 1.58 64.14
CA LEU E 98 57.30 2.67 64.77
C LEU E 98 56.51 3.47 63.74
N THR E 99 57.11 3.69 62.56
CA THR E 99 56.39 4.44 61.53
C THR E 99 55.07 3.75 61.24
N TRP E 100 55.15 2.47 60.85
CA TRP E 100 53.94 1.71 60.53
C TRP E 100 53.04 1.54 61.73
N ALA E 101 53.59 1.64 62.94
CA ALA E 101 52.73 1.62 64.11
C ALA E 101 51.87 2.88 64.16
N HIS E 102 52.49 4.05 64.03
CA HIS E 102 51.74 5.29 64.17
C HIS E 102 50.78 5.47 63.01
N LEU E 103 51.22 5.11 61.80
CA LEU E 103 50.33 5.07 60.65
C LEU E 103 49.06 4.30 60.97
N ASN E 104 49.21 3.14 61.63
CA ASN E 104 48.06 2.29 61.90
C ASN E 104 47.19 2.86 63.01
N LEU E 105 47.73 3.77 63.83
CA LEU E 105 46.89 4.50 64.76
C LEU E 105 46.16 5.62 64.05
N ALA E 106 46.74 6.16 62.97
CA ALA E 106 46.12 7.24 62.24
C ALA E 106 44.96 6.78 61.36
N LYS E 107 44.82 5.47 61.14
CA LYS E 107 43.67 4.93 60.43
C LYS E 107 42.46 4.75 61.33
N GLY E 108 42.52 5.28 62.56
CA GLY E 108 41.39 5.26 63.46
C GLY E 108 40.16 5.92 62.88
N GLN E 109 39.05 5.20 62.87
CA GLN E 109 37.84 5.73 62.24
C GLN E 109 37.17 6.78 63.11
N SER E 110 37.04 6.50 64.40
CA SER E 110 36.39 7.40 65.35
C SER E 110 37.37 8.24 66.16
N LEU E 111 38.30 8.94 65.52
CA LEU E 111 39.22 9.81 66.25
C LEU E 111 39.11 11.23 65.71
N SER E 112 39.79 12.16 66.37
CA SER E 112 39.71 13.56 66.03
C SER E 112 40.80 13.94 65.02
N VAL E 113 40.67 15.13 64.44
CA VAL E 113 41.50 15.49 63.31
C VAL E 113 42.91 15.85 63.78
N GLU E 114 43.01 16.45 64.96
CA GLU E 114 44.31 16.73 65.55
C GLU E 114 45.00 15.47 65.99
N THR E 115 44.25 14.45 66.42
CA THR E 115 44.85 13.17 66.79
C THR E 115 45.47 12.49 65.57
N LYS E 116 44.82 12.60 64.41
CA LYS E 116 45.37 11.97 63.23
C LYS E 116 46.57 12.77 62.71
N GLU E 117 46.53 14.09 62.85
CA GLU E 117 47.70 14.87 62.44
C GLU E 117 48.89 14.58 63.34
N HIS E 118 48.63 14.35 64.64
CA HIS E 118 49.69 13.96 65.56
C HIS E 118 50.29 12.61 65.19
N GLU E 119 49.44 11.61 64.96
CA GLU E 119 49.99 10.29 64.66
C GLU E 119 50.73 10.26 63.33
N LEU E 120 50.32 11.08 62.36
CA LEU E 120 51.08 11.11 61.12
C LEU E 120 52.39 11.86 61.27
N THR E 121 52.41 12.92 62.09
CA THR E 121 53.69 13.52 62.45
C THR E 121 54.61 12.49 63.08
N GLN E 122 54.10 11.63 63.96
CA GLN E 122 54.97 10.66 64.62
C GLN E 122 55.49 9.62 63.62
N ALA E 123 54.61 9.18 62.71
CA ALA E 123 55.03 8.32 61.62
C ALA E 123 56.17 8.94 60.83
N GLU E 124 56.05 10.23 60.51
CA GLU E 124 57.05 10.86 59.65
C GLU E 124 58.35 11.13 60.40
N LEU E 125 58.27 11.42 61.69
CA LEU E 125 59.45 11.45 62.54
C LEU E 125 60.26 10.16 62.40
N ASN E 126 59.61 9.04 62.75
CA ASN E 126 60.33 7.77 62.76
C ASN E 126 60.75 7.34 61.37
N LEU E 127 59.98 7.71 60.34
CA LEU E 127 60.34 7.32 58.98
C LEU E 127 61.55 8.08 58.48
N LYS E 128 61.64 9.39 58.76
CA LYS E 128 62.82 10.13 58.33
C LYS E 128 64.06 9.70 59.11
N ASP E 129 63.91 9.33 60.39
CA ASP E 129 65.06 8.77 61.10
C ASP E 129 65.51 7.46 60.46
N ALA E 130 64.57 6.56 60.17
CA ALA E 130 64.91 5.28 59.55
C ALA E 130 65.56 5.49 58.18
N ILE E 131 65.07 6.47 57.43
CA ILE E 131 65.64 6.75 56.12
C ILE E 131 67.05 7.31 56.28
N GLY E 132 67.29 8.07 57.35
CA GLY E 132 68.64 8.47 57.66
C GLY E 132 69.54 7.29 57.94
N PHE E 133 68.99 6.22 58.52
CA PHE E 133 69.79 5.02 58.76
C PHE E 133 69.81 4.06 57.57
N ASP E 134 68.72 3.95 56.82
CA ASP E 134 68.66 3.07 55.65
C ASP E 134 67.60 3.65 54.71
N PRO E 135 68.03 4.32 53.64
CA PRO E 135 67.05 5.03 52.79
C PRO E 135 66.34 4.13 51.80
N THR E 136 66.87 2.95 51.51
CA THR E 136 66.36 2.09 50.44
C THR E 136 65.63 0.86 50.96
N TRP E 137 65.44 0.73 52.26
CA TRP E 137 64.65 -0.38 52.79
C TRP E 137 63.21 -0.25 52.32
N ILE E 138 62.65 -1.37 51.83
CA ILE E 138 61.34 -1.33 51.17
C ILE E 138 60.26 -0.86 52.13
N GLY E 139 60.39 -1.20 53.41
CA GLY E 139 59.44 -0.70 54.40
C GLY E 139 59.48 0.82 54.51
N ASN E 140 60.67 1.40 54.39
CA ASN E 140 60.79 2.86 54.46
C ASN E 140 60.22 3.53 53.21
N LEU E 142 57.79 2.27 50.99
CA LEU E 142 56.34 2.12 51.05
C LEU E 142 55.71 3.04 52.09
N ALA E 143 56.45 3.33 53.17
CA ALA E 143 55.92 4.23 54.19
C ALA E 143 55.80 5.66 53.67
N THR E 144 56.72 6.09 52.81
CA THR E 144 56.64 7.46 52.28
C THR E 144 55.44 7.64 51.37
N VAL E 145 55.21 6.69 50.46
CA VAL E 145 54.09 6.82 49.53
C VAL E 145 52.78 6.68 50.27
N GLU E 146 52.72 5.77 51.24
CA GLU E 146 51.52 5.63 52.05
C GLU E 146 51.25 6.89 52.87
N LEU E 147 52.31 7.54 53.36
CA LEU E 147 52.14 8.81 54.05
C LEU E 147 51.54 9.87 53.13
N TYR E 148 52.13 10.02 51.93
CA TYR E 148 51.56 10.95 50.95
C TYR E 148 50.10 10.62 50.67
N TYR E 149 49.78 9.34 50.57
CA TYR E 149 48.39 8.92 50.37
C TYR E 149 47.52 9.36 51.53
N GLN E 150 47.98 9.13 52.76
CA GLN E 150 47.21 9.46 53.95
C GLN E 150 47.03 10.95 54.12
N ARG E 151 47.86 11.76 53.46
CA ARG E 151 47.71 13.20 53.46
C ARG E 151 47.00 13.71 52.22
N GLY E 152 46.26 12.86 51.51
CA GLY E 152 45.49 13.27 50.36
C GLY E 152 46.30 13.68 49.15
N HIS E 153 47.62 13.70 49.24
CA HIS E 153 48.47 14.16 48.15
C HIS E 153 48.70 13.02 47.16
N TYR E 154 47.63 12.71 46.42
CA TYR E 154 47.61 11.54 45.56
C TYR E 154 48.55 11.68 44.36
N ASP E 155 48.63 12.88 43.77
CA ASP E 155 49.52 13.09 42.63
C ASP E 155 50.97 12.78 43.01
N LYS E 156 51.42 13.34 44.13
CA LYS E 156 52.80 13.09 44.57
C LYS E 156 53.00 11.64 44.98
N ALA E 157 51.99 11.03 45.60
CA ALA E 157 52.08 9.62 45.96
C ALA E 157 52.35 8.77 44.72
N LEU E 158 51.62 9.04 43.63
CA LEU E 158 51.76 8.21 42.44
C LEU E 158 53.06 8.55 41.71
N GLU E 159 53.49 9.81 41.77
CA GLU E 159 54.73 10.21 41.13
C GLU E 159 55.94 9.58 41.81
N THR E 160 55.93 9.52 43.14
CA THR E 160 57.04 8.92 43.86
C THR E 160 56.98 7.40 43.86
N SER E 161 55.79 6.80 43.82
CA SER E 161 55.72 5.34 43.65
C SER E 161 56.31 4.93 42.31
N ASP E 162 55.95 5.63 41.23
CA ASP E 162 56.53 5.29 39.93
C ASP E 162 58.03 5.52 39.92
N LEU E 163 58.47 6.64 40.51
CA LEU E 163 59.90 6.91 40.65
C LEU E 163 60.61 5.78 41.38
N PHE E 164 60.01 5.28 42.47
CA PHE E 164 60.62 4.21 43.24
C PHE E 164 60.73 2.91 42.45
N VAL E 165 59.69 2.57 41.69
CA VAL E 165 59.76 1.28 41.01
C VAL E 165 60.74 1.35 39.85
N LYS E 166 60.88 2.52 39.21
CA LYS E 166 61.88 2.60 38.16
C LYS E 166 63.28 2.72 38.73
N SER E 167 63.41 3.16 39.98
CA SER E 167 64.74 3.13 40.58
C SER E 167 65.10 1.73 41.07
N ILE E 168 64.11 0.88 41.33
CA ILE E 168 64.48 -0.48 41.70
C ILE E 168 64.80 -1.29 40.45
N HIS E 169 64.14 -0.99 39.33
CA HIS E 169 64.59 -1.66 38.11
C HIS E 169 65.96 -1.14 37.68
N ALA E 170 66.26 0.14 37.93
CA ALA E 170 67.54 0.71 37.53
C ALA E 170 68.68 0.36 38.48
N GLU E 171 68.40 -0.14 39.68
CA GLU E 171 69.46 -0.69 40.52
C GLU E 171 69.25 -2.16 40.86
N ASP E 172 68.50 -2.89 40.03
CA ASP E 172 68.64 -4.33 39.97
C ASP E 172 69.09 -4.85 38.61
N HIS E 173 68.78 -4.16 37.50
CA HIS E 173 69.47 -4.48 36.26
C HIS E 173 70.85 -3.83 36.16
N ARG E 174 71.35 -3.22 37.25
CA ARG E 174 72.70 -2.69 37.32
C ARG E 174 73.47 -3.27 38.49
N SER E 175 72.86 -4.20 39.23
CA SER E 175 73.58 -5.10 40.12
C SER E 175 73.58 -6.51 39.55
N GLY E 176 73.17 -6.67 38.30
CA GLY E 176 73.09 -7.92 37.58
C GLY E 176 72.00 -8.84 38.10
N ARG E 177 70.74 -8.38 38.06
CA ARG E 177 69.67 -9.15 38.68
C ARG E 177 68.38 -8.80 37.94
N GLN E 178 67.25 -9.34 38.42
CA GLN E 178 65.95 -8.98 37.87
C GLN E 178 65.06 -8.43 39.00
N SER E 179 63.78 -8.20 38.68
CA SER E 179 62.82 -7.65 39.63
C SER E 179 61.47 -8.35 39.53
N LYS E 180 60.97 -8.87 40.68
CA LYS E 180 59.64 -9.46 40.73
C LYS E 180 58.61 -8.42 41.17
N PRO E 181 57.33 -8.61 40.83
CA PRO E 181 56.33 -7.57 41.15
C PRO E 181 56.13 -7.44 42.67
N ASN E 182 56.05 -6.19 43.13
CA ASN E 182 55.85 -5.89 44.55
C ASN E 182 54.37 -5.65 44.82
N CYS E 183 53.77 -6.48 45.67
CA CYS E 183 52.33 -6.46 45.87
C CYS E 183 51.85 -5.12 46.44
N LEU E 184 52.64 -4.52 47.34
CA LEU E 184 52.16 -3.31 47.98
C LEU E 184 52.31 -2.08 47.11
N PHE E 185 53.35 -2.04 46.26
CA PHE E 185 53.41 -0.99 45.25
C PHE E 185 52.28 -1.13 44.25
N LEU E 186 51.96 -2.37 43.85
CA LEU E 186 50.79 -2.62 43.02
C LEU E 186 49.52 -2.11 43.70
N LEU E 187 49.38 -2.39 45.00
CA LEU E 187 48.17 -2.00 45.73
C LEU E 187 48.04 -0.49 45.83
N LEU E 188 49.15 0.19 46.11
CA LEU E 188 49.13 1.65 46.19
C LEU E 188 48.84 2.27 44.82
N ARG E 189 49.37 1.68 43.75
CA ARG E 189 49.08 2.22 42.43
C ARG E 189 47.63 1.97 42.03
N ALA E 190 47.07 0.83 42.42
CA ALA E 190 45.67 0.55 42.11
C ALA E 190 44.75 1.51 42.85
N LYS E 191 45.02 1.73 44.15
CA LYS E 191 44.23 2.71 44.90
C LYS E 191 44.36 4.10 44.29
N LEU E 192 45.59 4.51 43.96
CA LEU E 192 45.80 5.83 43.39
C LEU E 192 45.14 6.00 42.03
N LEU E 193 45.07 4.92 41.23
CA LEU E 193 44.36 5.01 39.96
C LEU E 193 42.86 5.05 40.16
N TYR E 194 42.36 4.39 41.21
CA TYR E 194 40.95 4.55 41.54
C TYR E 194 40.64 6.00 41.93
N GLN E 195 41.54 6.64 42.67
CA GLN E 195 41.31 8.04 43.03
C GLN E 195 41.25 8.91 41.79
N LYS E 196 42.12 8.64 40.81
CA LYS E 196 42.15 9.33 39.53
C LYS E 196 41.10 8.83 38.55
N LYS E 197 40.19 7.94 38.98
CA LYS E 197 39.09 7.44 38.16
C LYS E 197 39.55 6.68 36.91
N ASN E 198 40.79 6.18 36.90
CA ASN E 198 41.23 5.26 35.84
C ASN E 198 40.80 3.83 36.21
N TYR E 199 39.49 3.63 36.16
CA TYR E 199 38.90 2.39 36.69
C TYR E 199 39.36 1.16 35.94
N ALA E 201 42.36 0.48 34.17
CA ALA E 201 43.71 0.15 34.62
C ALA E 201 43.69 -0.40 36.03
N SER E 202 43.03 0.31 36.95
CA SER E 202 43.07 -0.09 38.35
C SER E 202 42.48 -1.49 38.53
N LEU E 203 41.35 -1.78 37.87
CA LEU E 203 40.78 -3.11 37.94
C LEU E 203 41.83 -4.15 37.62
N LYS E 204 42.54 -3.95 36.50
CA LYS E 204 43.54 -4.91 36.08
C LYS E 204 44.55 -5.17 37.18
N ILE E 205 45.04 -4.11 37.81
CA ILE E 205 46.08 -4.30 38.82
C ILE E 205 45.50 -5.07 40.00
N PHE E 206 44.28 -4.72 40.42
CA PHE E 206 43.64 -5.48 41.49
C PHE E 206 43.56 -6.95 41.11
N GLN E 207 43.09 -7.22 39.88
CA GLN E 207 43.00 -8.61 39.43
C GLN E 207 44.37 -9.25 39.45
N GLU E 208 45.40 -8.52 39.02
CA GLU E 208 46.75 -9.04 39.07
C GLU E 208 47.11 -9.48 40.49
N LEU E 209 46.81 -8.63 41.47
CA LEU E 209 47.15 -8.97 42.85
C LEU E 209 46.47 -10.27 43.26
N LEU E 210 45.26 -10.51 42.77
CA LEU E 210 44.53 -11.71 43.16
C LEU E 210 45.29 -12.98 42.77
N VAL E 211 45.97 -12.98 41.62
CA VAL E 211 46.72 -14.18 41.26
C VAL E 211 48.06 -14.23 41.97
N ILE E 212 48.59 -13.08 42.39
CA ILE E 212 49.90 -13.09 43.02
C ILE E 212 49.78 -13.46 44.50
N ASN E 213 48.66 -13.14 45.13
CA ASN E 213 48.45 -13.40 46.54
C ASN E 213 46.96 -13.41 46.85
N PRO E 214 46.27 -14.53 46.64
CA PRO E 214 44.82 -14.55 46.85
C PRO E 214 44.39 -14.48 48.31
N VAL E 215 45.31 -14.44 49.26
CA VAL E 215 44.97 -14.19 50.66
C VAL E 215 45.66 -12.90 51.17
N LEU E 216 45.98 -12.00 50.25
CA LEU E 216 46.52 -10.69 50.62
C LEU E 216 45.52 -9.93 51.48
N GLN E 217 46.04 -9.19 52.46
CA GLN E 217 45.24 -8.27 53.26
C GLN E 217 45.79 -6.86 53.07
N PRO E 218 44.97 -5.89 52.65
CA PRO E 218 43.52 -5.98 52.42
C PRO E 218 43.14 -6.84 51.21
N ASP E 219 41.92 -7.38 51.25
CA ASP E 219 41.46 -8.28 50.20
C ASP E 219 41.35 -7.53 48.87
N PRO E 220 42.10 -7.91 47.83
CA PRO E 220 42.02 -7.17 46.57
C PRO E 220 40.72 -7.40 45.82
N ARG E 221 39.94 -8.42 46.20
CA ARG E 221 38.57 -8.57 45.71
C ARG E 221 37.75 -7.32 45.96
N ILE E 222 38.06 -6.59 47.03
CA ILE E 222 37.33 -5.35 47.32
C ILE E 222 37.55 -4.34 46.21
N GLY E 223 38.81 -4.14 45.80
CA GLY E 223 39.09 -3.22 44.71
C GLY E 223 38.57 -3.74 43.38
N ILE E 224 38.67 -5.05 43.17
CA ILE E 224 38.04 -5.69 42.01
C ILE E 224 36.60 -5.25 41.89
N GLY E 225 35.84 -5.38 42.98
CA GLY E 225 34.44 -5.01 42.97
C GLY E 225 34.22 -3.52 42.80
N LEU E 226 35.05 -2.71 43.45
CA LEU E 226 34.95 -1.26 43.28
C LEU E 226 35.05 -0.86 41.80
N CYS E 227 36.04 -1.41 41.10
CA CYS E 227 36.23 -1.05 39.71
C CYS E 227 35.19 -1.68 38.81
N PHE E 228 34.71 -2.89 39.14
CA PHE E 228 33.60 -3.46 38.39
C PHE E 228 32.36 -2.59 38.51
N TRP E 229 32.13 -2.02 39.70
CA TRP E 229 30.97 -1.18 39.91
C TRP E 229 31.09 0.12 39.12
N GLN E 230 32.27 0.76 39.19
CA GLN E 230 32.46 1.99 38.43
C GLN E 230 32.44 1.74 36.92
N LEU E 231 32.86 0.56 36.48
CA LEU E 231 32.85 0.19 35.07
C LEU E 231 31.51 -0.38 34.62
N LYS E 232 30.44 -0.11 35.36
CA LYS E 232 29.06 -0.46 35.00
C LYS E 232 28.83 -1.97 34.89
N ASP E 233 29.47 -2.78 35.74
CA ASP E 233 29.05 -4.16 35.97
C ASP E 233 28.99 -4.40 37.48
N SER E 234 27.96 -3.85 38.11
CA SER E 234 27.82 -4.00 39.56
C SER E 234 27.58 -5.45 39.95
N LYS E 235 26.91 -6.21 39.08
CA LYS E 235 26.63 -7.62 39.37
C LYS E 235 27.91 -8.35 39.76
N ALA E 237 30.69 -6.97 40.49
CA ALA E 237 31.16 -6.28 41.68
C ALA E 237 30.63 -6.96 42.93
N ILE E 238 29.31 -7.13 42.98
CA ILE E 238 28.68 -7.67 44.18
C ILE E 238 29.24 -9.06 44.48
N LYS E 239 29.38 -9.88 43.44
CA LYS E 239 29.88 -11.23 43.65
C LYS E 239 31.25 -11.22 44.30
N SER E 240 32.15 -10.37 43.80
CA SER E 240 33.49 -10.37 44.38
C SER E 240 33.43 -9.93 45.83
N TRP E 241 32.61 -8.92 46.12
CA TRP E 241 32.48 -8.49 47.50
C TRP E 241 31.91 -9.63 48.34
N GLN E 242 30.88 -10.32 47.82
CA GLN E 242 30.37 -11.49 48.51
C GLN E 242 31.48 -12.52 48.68
N ARG E 243 32.28 -12.74 47.63
CA ARG E 243 33.42 -13.63 47.75
C ARG E 243 34.32 -13.20 48.90
N ALA E 244 34.60 -11.90 48.97
CA ALA E 244 35.46 -11.38 50.02
C ALA E 244 34.90 -11.70 51.40
N LEU E 245 33.57 -11.62 51.55
CA LEU E 245 32.98 -11.91 52.85
C LEU E 245 32.92 -13.40 53.13
N GLN E 246 32.82 -14.24 52.09
CA GLN E 246 32.85 -15.68 52.33
C GLN E 246 34.18 -16.12 52.92
N LEU E 247 35.28 -15.61 52.37
CA LEU E 247 36.60 -15.97 52.86
C LEU E 247 36.90 -15.34 54.22
N ASN E 248 36.18 -14.31 54.62
CA ASN E 248 36.44 -13.63 55.88
C ASN E 248 35.16 -12.95 56.38
N PRO E 249 34.38 -13.64 57.22
CA PRO E 249 33.14 -13.04 57.70
C PRO E 249 33.34 -11.89 58.69
N LYS E 250 34.50 -11.79 59.34
CA LYS E 250 34.77 -10.66 60.23
C LYS E 250 35.23 -9.41 59.48
N ASN E 251 35.44 -9.49 58.16
CA ASN E 251 35.85 -8.34 57.37
C ASN E 251 34.69 -7.34 57.26
N THR E 252 34.66 -6.36 58.16
CA THR E 252 33.52 -5.48 58.28
C THR E 252 33.30 -4.64 57.02
N SER E 253 34.38 -4.28 56.31
CA SER E 253 34.20 -3.49 55.10
C SER E 253 33.60 -4.32 53.98
N ALA E 254 34.01 -5.60 53.90
CA ALA E 254 33.36 -6.53 52.98
C ALA E 254 31.89 -6.72 53.35
N SER E 255 31.61 -6.82 54.65
CA SER E 255 30.22 -6.87 55.13
C SER E 255 29.42 -5.68 54.61
N ILE E 256 29.97 -4.47 54.74
CA ILE E 256 29.24 -3.27 54.35
C ILE E 256 29.05 -3.25 52.83
N LEU E 257 30.06 -3.67 52.08
CA LEU E 257 29.91 -3.72 50.63
C LEU E 257 28.82 -4.71 50.23
N VAL E 258 28.75 -5.86 50.91
CA VAL E 258 27.70 -6.83 50.63
C VAL E 258 26.32 -6.24 50.94
N LEU E 259 26.25 -5.43 52.01
CA LEU E 259 24.98 -4.76 52.32
C LEU E 259 24.58 -3.78 51.22
N LEU E 260 25.54 -3.01 50.72
CA LEU E 260 25.26 -2.11 49.60
C LEU E 260 24.80 -2.89 48.37
N GLY E 261 25.41 -4.04 48.13
CA GLY E 261 24.98 -4.88 47.03
C GLY E 261 23.55 -5.35 47.22
N GLU E 262 23.16 -5.65 48.45
CA GLU E 262 21.78 -6.07 48.71
C GLU E 262 20.80 -4.94 48.42
N PHE E 263 21.16 -3.72 48.82
CA PHE E 263 20.28 -2.58 48.53
C PHE E 263 20.17 -2.34 47.02
N ARG E 264 21.28 -2.45 46.30
CA ARG E 264 21.25 -2.23 44.85
C ARG E 264 20.46 -3.34 44.14
N GLU E 265 20.56 -4.57 44.64
CA GLU E 265 19.89 -5.69 43.98
C GLU E 265 18.41 -5.79 44.33
N SER E 266 17.99 -5.19 45.43
CA SER E 266 16.55 -5.12 45.68
C SER E 266 15.85 -4.30 44.59
N PHE E 267 16.57 -3.36 43.98
CA PHE E 267 16.06 -2.62 42.84
C PHE E 267 16.30 -3.34 41.52
N THR E 268 17.51 -3.84 41.30
CA THR E 268 17.79 -4.44 40.00
C THR E 268 17.21 -5.83 39.82
N ASN E 269 16.97 -6.57 40.90
CA ASN E 269 16.60 -7.98 40.78
C ASN E 269 15.16 -8.30 41.16
N SER E 270 14.39 -7.35 41.66
CA SER E 270 13.03 -7.64 42.09
C SER E 270 12.11 -7.76 40.88
N THR E 271 11.27 -8.80 40.89
CA THR E 271 10.37 -9.09 39.78
C THR E 271 9.10 -8.27 39.85
N ASN E 272 8.60 -8.01 41.05
CA ASN E 272 7.34 -7.33 41.26
C ASN E 272 7.40 -6.64 42.62
N ASP E 273 6.24 -6.24 43.14
CA ASP E 273 6.17 -5.52 44.41
C ASP E 273 6.50 -6.42 45.60
N LYS E 274 5.99 -7.65 45.60
CA LYS E 274 6.22 -8.55 46.74
C LYS E 274 7.70 -8.88 46.89
N THR E 275 8.37 -9.20 45.77
CA THR E 275 9.79 -9.49 45.82
C THR E 275 10.59 -8.28 46.26
N PHE E 276 10.18 -7.08 45.82
CA PHE E 276 10.89 -5.88 46.24
C PHE E 276 10.75 -5.66 47.74
N LYS E 277 9.54 -5.82 48.27
CA LYS E 277 9.34 -5.58 49.69
C LYS E 277 10.13 -6.59 50.53
N GLU E 278 10.18 -7.84 50.08
CA GLU E 278 10.97 -8.82 50.82
C GLU E 278 12.47 -8.49 50.77
N ALA E 279 12.97 -8.14 49.58
CA ALA E 279 14.41 -7.90 49.44
C ALA E 279 14.82 -6.65 50.21
N PHE E 280 14.01 -5.60 50.13
CA PHE E 280 14.31 -4.39 50.89
C PHE E 280 14.18 -4.61 52.38
N THR E 281 13.26 -5.49 52.82
CA THR E 281 13.16 -5.72 54.25
C THR E 281 14.36 -6.50 54.77
N LYS E 282 14.91 -7.42 53.96
CA LYS E 282 16.12 -8.09 54.44
C LYS E 282 17.30 -7.11 54.41
N ALA E 283 17.33 -6.22 53.41
CA ALA E 283 18.36 -5.20 53.38
C ALA E 283 18.32 -4.31 54.61
N LEU E 284 17.11 -3.94 55.04
CA LEU E 284 16.98 -3.04 56.19
C LEU E 284 17.34 -3.76 57.49
N SER E 285 16.97 -5.03 57.61
CA SER E 285 17.32 -5.74 58.83
C SER E 285 18.81 -6.03 58.89
N ASP E 286 19.44 -6.27 57.73
CA ASP E 286 20.89 -6.41 57.69
C ASP E 286 21.58 -5.09 58.04
N LEU E 287 20.99 -3.96 57.60
CA LEU E 287 21.52 -2.65 57.95
C LEU E 287 21.49 -2.43 59.46
N ASN E 288 20.36 -2.77 60.08
CA ASN E 288 20.25 -2.69 61.54
C ASN E 288 21.32 -3.56 62.19
N ASN E 289 21.50 -4.78 61.67
CA ASN E 289 22.48 -5.71 62.24
C ASN E 289 23.89 -5.15 62.19
N ILE E 290 24.30 -4.65 61.03
CA ILE E 290 25.66 -4.10 60.91
C ILE E 290 25.80 -2.85 61.76
N PHE E 291 24.73 -2.03 61.83
CA PHE E 291 24.83 -0.73 62.48
C PHE E 291 24.94 -0.81 63.99
N SER E 292 24.26 -1.76 64.63
CA SER E 292 24.28 -1.69 66.10
C SER E 292 25.62 -2.13 66.70
N GLU E 293 26.64 -2.41 65.87
CA GLU E 293 28.01 -2.50 66.34
C GLU E 293 28.92 -1.59 65.52
N ASN E 294 28.35 -0.73 64.68
CA ASN E 294 29.05 0.27 63.89
C ASN E 294 28.30 1.60 63.92
N GLN E 295 27.95 2.08 65.13
CA GLN E 295 27.02 3.20 65.21
C GLN E 295 27.62 4.51 64.76
N HIS E 296 28.89 4.56 64.39
CA HIS E 296 29.51 5.76 63.85
C HIS E 296 30.07 5.50 62.46
N ASN E 297 29.32 4.74 61.66
CA ASN E 297 29.72 4.46 60.29
C ASN E 297 28.95 5.40 59.38
N PRO E 298 29.62 6.32 58.70
CA PRO E 298 28.88 7.30 57.89
C PRO E 298 28.07 6.66 56.79
N VAL E 299 28.53 5.54 56.23
CA VAL E 299 27.80 4.85 55.17
C VAL E 299 26.47 4.32 55.70
N LEU E 300 26.51 3.64 56.86
CA LEU E 300 25.28 3.13 57.44
C LEU E 300 24.37 4.26 57.92
N LEU E 301 24.95 5.36 58.40
CA LEU E 301 24.13 6.50 58.81
C LEU E 301 23.41 7.11 57.62
N THR E 302 24.08 7.21 56.47
CA THR E 302 23.41 7.76 55.30
C THR E 302 22.41 6.76 54.71
N LEU E 303 22.67 5.46 54.86
CA LEU E 303 21.66 4.48 54.48
C LEU E 303 20.41 4.62 55.34
N LEU E 304 20.59 4.77 56.65
CA LEU E 304 19.47 5.08 57.54
C LEU E 304 18.78 6.37 57.11
N GLN E 305 19.55 7.36 56.69
CA GLN E 305 18.97 8.61 56.18
C GLN E 305 18.04 8.33 55.00
N THR E 306 18.53 7.53 54.04
CA THR E 306 17.73 7.13 52.88
C THR E 306 16.43 6.46 53.33
N TYR E 307 16.54 5.49 54.24
CA TYR E 307 15.36 4.77 54.71
C TYR E 307 14.36 5.72 55.36
N TYR E 308 14.83 6.56 56.27
CA TYR E 308 13.94 7.47 56.99
C TYR E 308 13.33 8.49 56.05
N TYR E 309 14.05 8.87 55.00
CA TYR E 309 13.45 9.75 54.01
C TYR E 309 12.30 9.07 53.30
N PHE E 310 12.52 7.84 52.83
CA PHE E 310 11.46 7.17 52.07
C PHE E 310 10.30 6.75 52.95
N LYS E 311 10.50 6.67 54.27
CA LYS E 311 9.41 6.41 55.19
C LYS E 311 8.74 7.70 55.67
N GLY E 312 9.15 8.85 55.15
CA GLY E 312 8.50 10.11 55.46
C GLY E 312 8.95 10.77 56.74
N ASP E 313 9.90 10.19 57.47
CA ASP E 313 10.37 10.71 58.75
C ASP E 313 11.57 11.63 58.48
N TYR E 314 11.26 12.85 58.04
CA TYR E 314 12.31 13.76 57.55
C TYR E 314 13.14 14.32 58.71
N GLN E 315 12.50 14.60 59.84
CA GLN E 315 13.21 15.11 61.01
C GLN E 315 14.35 14.19 61.42
N THR E 316 14.17 12.87 61.26
CA THR E 316 15.23 11.95 61.63
C THR E 316 16.40 11.99 60.64
N VAL E 317 16.13 12.24 59.36
CA VAL E 317 17.22 12.46 58.41
C VAL E 317 18.05 13.65 58.85
N LEU E 318 17.35 14.77 59.14
CA LEU E 318 18.03 15.97 59.62
C LEU E 318 18.80 15.69 60.89
N ASP E 319 18.20 14.95 61.82
CA ASP E 319 18.82 14.65 63.09
C ASP E 319 20.07 13.80 62.92
N ILE E 320 20.02 12.79 62.06
CA ILE E 320 21.21 11.97 61.80
C ILE E 320 22.35 12.88 61.33
N TYR E 321 22.06 13.74 60.35
CA TYR E 321 23.10 14.65 59.86
C TYR E 321 23.64 15.54 60.99
N HIS E 322 22.74 16.15 61.76
CA HIS E 322 23.16 17.19 62.71
C HIS E 322 23.84 16.60 63.95
N HIS E 323 23.32 15.50 64.48
CA HIS E 323 23.81 14.96 65.73
C HIS E 323 24.88 13.89 65.55
N ARG E 324 25.03 13.29 64.36
CA ARG E 324 26.08 12.30 64.18
C ARG E 324 27.08 12.69 63.10
N ILE E 325 26.61 13.04 61.90
CA ILE E 325 27.51 13.23 60.78
C ILE E 325 28.34 14.49 60.95
N LEU E 326 27.71 15.59 61.40
CA LEU E 326 28.42 16.86 61.50
C LEU E 326 29.58 16.78 62.50
N LYS E 327 29.35 16.17 63.66
CA LYS E 327 30.40 16.09 64.68
C LYS E 327 31.67 15.40 64.18
N SER E 329 32.37 15.28 60.81
CA SER E 329 32.42 15.68 59.40
C SER E 329 33.82 15.74 58.82
N PRO E 330 34.83 16.35 59.44
CA PRO E 330 36.15 16.42 58.79
C PRO E 330 36.82 15.06 58.64
N ILE E 332 35.30 12.01 57.67
CA ILE E 332 34.65 11.09 56.74
C ILE E 332 34.99 11.51 55.33
N ALA E 333 35.08 10.51 54.44
CA ALA E 333 35.38 10.80 53.04
C ALA E 333 34.30 11.70 52.45
N LYS E 334 34.74 12.72 51.72
CA LYS E 334 33.83 13.80 51.33
C LYS E 334 32.78 13.37 50.32
N ILE E 335 32.96 12.25 49.61
CA ILE E 335 31.87 11.76 48.77
C ILE E 335 30.74 11.23 49.65
N VAL E 336 31.10 10.56 50.76
CA VAL E 336 30.08 10.06 51.68
C VAL E 336 29.42 11.22 52.40
N LEU E 337 30.22 12.22 52.79
CA LEU E 337 29.68 13.44 53.40
C LEU E 337 28.74 14.16 52.45
N SER E 338 29.05 14.18 51.16
CA SER E 338 28.17 14.85 50.22
C SER E 338 26.86 14.09 50.06
N GLU E 339 26.90 12.75 50.07
CA GLU E 339 25.65 11.98 50.06
C GLU E 339 24.80 12.30 51.29
N SER E 340 25.47 12.49 52.44
CA SER E 340 24.70 12.74 53.66
C SER E 340 24.09 14.13 53.62
N SER E 341 24.82 15.10 53.05
CA SER E 341 24.29 16.43 52.87
C SER E 341 23.16 16.46 51.85
N PHE E 342 23.23 15.58 50.85
CA PHE E 342 22.16 15.49 49.85
C PHE E 342 20.87 14.97 50.47
N TRP E 343 20.97 13.94 51.31
CA TRP E 343 19.75 13.47 51.95
C TRP E 343 19.20 14.48 52.95
N CYS E 344 20.09 15.24 53.61
CA CYS E 344 19.60 16.29 54.50
C CYS E 344 18.86 17.36 53.71
N GLY E 345 19.36 17.69 52.52
CA GLY E 345 18.66 18.63 51.66
C GLY E 345 17.34 18.10 51.16
N ARG E 346 17.29 16.81 50.80
CA ARG E 346 16.02 16.20 50.44
C ARG E 346 15.00 16.33 51.57
N ALA E 347 15.44 16.06 52.79
CA ALA E 347 14.53 16.17 53.94
C ALA E 347 14.04 17.61 54.11
N HIS E 348 14.94 18.58 53.96
CA HIS E 348 14.53 19.99 53.99
C HIS E 348 13.50 20.30 52.90
N TYR E 349 13.74 19.79 51.69
CA TYR E 349 12.85 20.00 50.56
C TYR E 349 11.45 19.45 50.84
N ALA E 350 11.38 18.24 51.41
CA ALA E 350 10.08 17.61 51.67
C ALA E 350 9.26 18.40 52.68
N LEU E 351 9.91 19.13 53.58
CA LEU E 351 9.23 19.98 54.54
C LEU E 351 8.96 21.38 54.00
N GLY E 352 9.20 21.61 52.71
CA GLY E 352 8.92 22.89 52.09
C GLY E 352 9.79 24.03 52.54
N ASP E 353 11.01 23.73 53.00
CA ASP E 353 11.96 24.74 53.47
C ASP E 353 13.09 24.83 52.46
N TYR E 354 12.88 25.67 51.44
CA TYR E 354 13.75 25.71 50.27
C TYR E 354 15.04 26.49 50.49
N ARG E 355 15.07 27.40 51.47
CA ARG E 355 16.32 28.05 51.85
C ARG E 355 17.34 27.01 52.29
N LYS E 356 16.95 26.15 53.23
CA LYS E 356 17.86 25.19 53.81
C LYS E 356 18.14 24.04 52.84
N SER E 357 17.16 23.68 52.01
CA SER E 357 17.41 22.68 50.98
C SER E 357 18.40 23.19 49.95
N PHE E 358 18.34 24.49 49.63
CA PHE E 358 19.35 25.07 48.75
C PHE E 358 20.72 25.02 49.40
N ILE E 359 20.81 25.48 50.65
CA ILE E 359 22.05 25.44 51.42
C ILE E 359 22.67 24.04 51.38
N PHE E 361 21.99 21.26 49.41
CA PHE E 361 22.43 20.79 48.10
C PHE E 361 23.71 21.49 47.68
N GLN E 362 23.85 22.76 48.06
CA GLN E 362 25.11 23.46 47.82
C GLN E 362 26.26 22.79 48.58
N GLU E 363 26.02 22.40 49.83
CA GLU E 363 27.09 21.80 50.61
C GLU E 363 27.47 20.44 50.05
N SER E 364 26.47 19.67 49.64
CA SER E 364 26.71 18.37 49.02
C SER E 364 27.52 18.54 47.74
N LEU E 365 27.20 19.54 46.94
CA LEU E 365 27.96 19.78 45.72
C LEU E 365 29.38 20.25 46.03
N LYS E 366 29.56 21.02 47.09
CA LYS E 366 30.90 21.46 47.47
C LYS E 366 31.77 20.29 47.89
N LYS E 367 31.19 19.27 48.51
CA LYS E 367 32.00 18.11 48.89
C LYS E 367 32.15 17.10 47.77
N ASN E 368 31.25 17.10 46.78
CA ASN E 368 31.37 16.22 45.62
C ASN E 368 30.73 16.95 44.44
N GLU E 369 31.57 17.62 43.66
CA GLU E 369 31.06 18.45 42.56
C GLU E 369 30.28 17.63 41.53
N ASP E 370 30.46 16.31 41.53
CA ASP E 370 29.82 15.42 40.58
C ASP E 370 28.67 14.62 41.21
N ASN E 371 28.13 15.08 42.33
CA ASN E 371 26.93 14.47 42.91
C ASN E 371 25.74 14.87 42.06
N LEU E 372 25.27 13.94 41.23
CA LEU E 372 24.26 14.22 40.21
C LEU E 372 22.93 14.61 40.84
N LEU E 373 22.42 13.75 41.74
CA LEU E 373 21.13 13.99 42.36
C LEU E 373 21.11 15.26 43.18
N ALA E 374 22.24 15.61 43.80
CA ALA E 374 22.35 16.87 44.55
C ALA E 374 22.18 18.09 43.65
N LYS E 375 22.73 18.03 42.43
CA LYS E 375 22.58 19.15 41.51
C LYS E 375 21.15 19.22 40.97
N LEU E 376 20.54 18.06 40.72
CA LEU E 376 19.11 18.06 40.38
C LEU E 376 18.30 18.71 41.49
N GLY E 377 18.60 18.38 42.74
CA GLY E 377 17.89 18.98 43.85
C GLY E 377 18.10 20.47 43.94
N LEU E 378 19.33 20.93 43.67
CA LEU E 378 19.62 22.36 43.66
C LEU E 378 18.75 23.08 42.64
N GLY E 379 18.70 22.54 41.41
CA GLY E 379 17.83 23.14 40.40
C GLY E 379 16.36 23.11 40.77
N GLN E 380 15.92 22.04 41.44
CA GLN E 380 14.53 21.95 41.85
C GLN E 380 14.17 22.99 42.91
N THR E 381 15.07 23.21 43.88
CA THR E 381 14.81 24.26 44.87
C THR E 381 14.86 25.64 44.21
N GLN E 382 15.66 25.78 43.15
CA GLN E 382 15.66 27.04 42.42
C GLN E 382 14.30 27.27 41.75
N ILE E 383 13.72 26.22 41.17
CA ILE E 383 12.36 26.32 40.65
C ILE E 383 11.39 26.70 41.76
N LYS E 384 11.50 26.03 42.91
CA LYS E 384 10.58 26.27 44.03
C LYS E 384 10.64 27.71 44.52
N ASN E 385 11.79 28.37 44.39
CA ASN E 385 11.94 29.77 44.76
C ASN E 385 11.62 30.71 43.61
N ASN E 386 11.00 30.20 42.55
CA ASN E 386 10.54 31.01 41.41
C ASN E 386 11.69 31.69 40.67
N LEU E 387 12.87 31.08 40.67
CA LEU E 387 13.99 31.53 39.84
C LEU E 387 14.15 30.53 38.70
N LEU E 388 13.33 30.72 37.65
CA LEU E 388 13.22 29.71 36.59
C LEU E 388 14.47 29.67 35.71
N GLU E 389 14.90 30.83 35.22
CA GLU E 389 16.06 30.88 34.33
C GLU E 389 17.33 30.42 35.04
N GLU E 390 17.44 30.70 36.33
CA GLU E 390 18.60 30.24 37.10
C GLU E 390 18.61 28.71 37.20
N SER E 391 17.43 28.12 37.44
CA SER E 391 17.36 26.66 37.47
C SER E 391 17.69 26.07 36.11
N ILE E 392 17.26 26.76 35.03
CA ILE E 392 17.59 26.31 33.68
C ILE E 392 19.10 26.33 33.48
N ILE E 393 19.76 27.36 34.02
CA ILE E 393 21.21 27.45 33.94
C ILE E 393 21.86 26.23 34.57
N THR E 394 21.40 25.85 35.77
CA THR E 394 22.08 24.75 36.47
C THR E 394 21.78 23.41 35.80
N PHE E 395 20.53 23.23 35.35
CA PHE E 395 20.16 21.99 34.67
C PHE E 395 20.91 21.84 33.35
N GLU E 396 21.11 22.93 32.61
CA GLU E 396 21.84 22.83 31.35
C GLU E 396 23.32 22.59 31.57
N ASN E 397 23.88 23.18 32.63
CA ASN E 397 25.28 22.89 32.95
C ASN E 397 25.45 21.42 33.34
N LEU E 398 24.48 20.86 34.06
CA LEU E 398 24.50 19.42 34.33
C LEU E 398 24.28 18.61 33.06
N TYR E 399 23.52 19.16 32.10
CA TYR E 399 23.25 18.49 30.84
C TYR E 399 24.51 18.39 30.00
N LYS E 400 25.43 19.34 30.15
CA LYS E 400 26.65 19.33 29.35
C LYS E 400 27.40 18.01 29.43
N THR E 401 27.15 17.22 30.48
CA THR E 401 27.79 15.93 30.66
C THR E 401 26.83 14.80 30.99
N ASN E 402 25.52 15.01 30.87
CA ASN E 402 24.53 13.98 31.16
C ASN E 402 23.38 14.01 30.15
N GLU E 403 23.68 14.30 28.89
CA GLU E 403 22.62 14.42 27.89
C GLU E 403 21.84 13.12 27.69
N SER E 404 22.33 11.99 28.18
CA SER E 404 21.65 10.71 28.06
C SER E 404 20.84 10.35 29.31
N LEU E 405 20.62 11.31 30.21
CA LEU E 405 19.83 11.10 31.42
C LEU E 405 18.36 11.39 31.12
N GLN E 406 17.48 10.37 31.31
CA GLN E 406 16.06 10.58 31.02
C GLN E 406 15.48 11.69 31.87
N GLU E 407 15.72 11.63 33.17
CA GLU E 407 15.11 12.58 34.10
C GLU E 407 15.54 14.01 33.79
N LEU E 408 16.79 14.19 33.37
CA LEU E 408 17.22 15.56 33.04
C LEU E 408 16.57 16.04 31.77
N ASN E 409 16.43 15.18 30.77
CA ASN E 409 15.75 15.57 29.55
C ASN E 409 14.30 15.91 29.82
N TYR E 410 13.64 15.14 30.69
CA TYR E 410 12.28 15.45 31.09
C TYR E 410 12.20 16.83 31.73
N ILE E 411 13.08 17.10 32.69
CA ILE E 411 13.03 18.36 33.42
C ILE E 411 13.24 19.54 32.46
N LEU E 412 14.26 19.43 31.61
CA LEU E 412 14.55 20.54 30.69
C LEU E 412 13.44 20.69 29.66
N GLY E 413 12.88 19.59 29.17
CA GLY E 413 11.76 19.68 28.25
C GLY E 413 10.56 20.36 28.86
N LEU E 415 10.52 22.53 31.47
CA LEU E 415 10.80 23.94 31.67
C LEU E 415 10.70 24.70 30.36
N TYR E 416 11.27 24.15 29.29
CA TYR E 416 11.22 24.85 28.00
C TYR E 416 9.81 24.86 27.42
N ALA E 417 9.01 23.83 27.69
CA ALA E 417 7.62 23.85 27.25
C ALA E 417 6.82 24.92 27.97
N GLY E 418 7.07 25.07 29.28
CA GLY E 418 6.45 26.17 30.00
C GLY E 418 6.85 27.52 29.43
N LYS E 419 8.13 27.67 29.09
CA LYS E 419 8.57 28.92 28.47
C LYS E 419 7.87 29.16 27.14
N ALA E 420 7.68 28.08 26.35
CA ALA E 420 7.01 28.23 25.07
C ALA E 420 5.55 28.61 25.24
N PHE E 421 4.85 27.98 26.17
CA PHE E 421 3.44 28.33 26.39
C PHE E 421 3.31 29.78 26.87
N ASP E 422 4.15 30.18 27.81
CA ASP E 422 4.12 31.56 28.29
C ASP E 422 4.43 32.54 27.17
N ALA E 423 5.40 32.20 26.31
CA ALA E 423 5.69 33.06 25.17
C ALA E 423 4.50 33.13 24.23
N LYS E 424 3.74 32.04 24.12
CA LYS E 424 2.56 32.07 23.27
C LYS E 424 1.53 33.04 23.80
N THR E 425 1.36 33.10 25.13
CA THR E 425 0.40 34.05 25.67
C THR E 425 0.90 35.49 25.66
N ALA E 426 2.19 35.72 25.51
CA ALA E 426 2.71 37.08 25.52
C ALA E 426 2.53 37.74 24.15
N LYS E 427 2.41 39.07 24.17
CA LYS E 427 2.31 39.84 22.92
C LYS E 427 3.67 39.99 22.24
N ASN E 428 4.71 40.33 23.01
CA ASN E 428 6.01 40.71 22.45
C ASN E 428 6.93 39.50 22.28
N THR E 429 6.47 38.52 21.51
CA THR E 429 7.29 37.37 21.12
C THR E 429 7.38 37.30 19.59
N SER E 430 8.58 37.47 19.07
CA SER E 430 8.81 37.31 17.64
C SER E 430 8.55 35.86 17.22
N ALA E 431 8.38 35.67 15.91
CA ALA E 431 8.01 34.35 15.40
C ALA E 431 9.12 33.33 15.65
N LYS E 432 10.38 33.74 15.52
CA LYS E 432 11.43 32.73 15.68
C LYS E 432 11.80 32.51 17.13
N GLU E 433 11.57 33.48 18.01
CA GLU E 433 11.63 33.18 19.44
C GLU E 433 10.64 32.09 19.80
N GLN E 434 9.39 32.23 19.33
CA GLN E 434 8.37 31.22 19.56
C GLN E 434 8.78 29.85 19.00
N SER E 435 9.18 29.82 17.73
CA SER E 435 9.52 28.55 17.10
C SER E 435 10.73 27.89 17.76
N ASN E 436 11.73 28.70 18.14
CA ASN E 436 12.91 28.15 18.81
C ASN E 436 12.55 27.59 20.18
N LEU E 437 11.71 28.27 20.96
CA LEU E 437 11.24 27.70 22.22
C LEU E 437 10.53 26.38 22.01
N ASN E 438 9.58 26.36 21.05
CA ASN E 438 8.84 25.14 20.74
C ASN E 438 9.80 24.00 20.44
N GLU E 439 10.77 24.26 19.57
CA GLU E 439 11.67 23.22 19.10
C GLU E 439 12.63 22.76 20.19
N LYS E 440 13.08 23.65 21.07
CA LYS E 440 13.96 23.24 22.16
C LYS E 440 13.22 22.31 23.13
N ALA E 441 12.00 22.71 23.52
CA ALA E 441 11.21 21.86 24.39
C ALA E 441 10.92 20.51 23.73
N LEU E 442 10.61 20.51 22.43
CA LEU E 442 10.36 19.25 21.73
C LEU E 442 11.62 18.39 21.66
N LYS E 443 12.78 18.99 21.41
CA LYS E 443 14.02 18.23 21.39
C LYS E 443 14.25 17.52 22.71
N TYR E 444 14.13 18.25 23.82
CA TYR E 444 14.35 17.64 25.12
C TYR E 444 13.34 16.52 25.41
N LEU E 445 12.05 16.79 25.20
CA LEU E 445 11.03 15.82 25.57
C LEU E 445 11.07 14.57 24.68
N GLU E 446 11.35 14.73 23.39
CA GLU E 446 11.49 13.57 22.52
C GLU E 446 12.74 12.77 22.87
N ARG E 447 13.81 13.43 23.34
CA ARG E 447 14.96 12.66 23.80
C ARG E 447 14.62 11.87 25.05
N TYR E 448 13.81 12.45 25.93
CA TYR E 448 13.29 11.70 27.08
C TYR E 448 12.54 10.45 26.60
N LEU E 449 11.66 10.63 25.61
CA LEU E 449 10.88 9.50 25.11
C LEU E 449 11.78 8.42 24.53
N LYS E 450 12.76 8.84 23.73
CA LYS E 450 13.65 7.90 23.08
C LYS E 450 14.47 7.09 24.10
N LEU E 451 14.90 7.75 25.18
CA LEU E 451 15.69 7.01 26.17
C LEU E 451 14.81 6.11 27.03
N THR E 452 13.61 6.57 27.41
CA THR E 452 12.74 5.75 28.24
C THR E 452 12.24 4.52 27.47
N LEU E 453 11.92 4.69 26.19
CA LEU E 453 11.50 3.56 25.38
C LEU E 453 12.68 2.70 24.91
N ALA E 454 13.90 3.26 24.87
CA ALA E 454 15.07 2.45 24.57
C ALA E 454 15.25 1.33 25.59
N THR E 455 15.08 1.66 26.87
CA THR E 455 14.88 0.64 27.87
C THR E 455 13.43 0.17 27.83
N LYS E 456 13.23 -1.10 28.20
CA LYS E 456 11.91 -1.70 28.26
C LYS E 456 11.57 -2.13 29.68
N ASN E 457 12.22 -1.51 30.66
CA ASN E 457 11.99 -1.72 32.07
C ASN E 457 11.09 -0.66 32.71
N GLN E 458 11.16 0.59 32.25
CA GLN E 458 10.41 1.68 32.86
C GLN E 458 9.37 2.18 31.86
N LEU E 459 8.21 2.59 32.37
CA LEU E 459 7.14 3.11 31.55
C LEU E 459 7.19 4.64 31.49
N VAL E 460 6.49 5.20 30.51
CA VAL E 460 6.56 6.63 30.19
C VAL E 460 5.63 7.44 31.09
N ILE E 461 6.13 8.57 31.57
CA ILE E 461 5.30 9.56 32.24
C ILE E 461 4.37 10.18 31.20
N SER E 462 3.06 9.94 31.33
CA SER E 462 2.10 10.37 30.33
C SER E 462 1.97 11.89 30.24
N ARG E 463 2.36 12.60 31.31
CA ARG E 463 2.45 14.06 31.26
C ARG E 463 3.31 14.50 30.09
N ALA E 464 4.36 13.73 29.77
CA ALA E 464 5.20 14.06 28.64
C ALA E 464 4.43 13.99 27.34
N TYR E 465 3.55 12.99 27.22
CA TYR E 465 2.72 12.87 26.02
C TYR E 465 1.79 14.07 25.88
N LEU E 466 1.13 14.46 26.98
CA LEU E 466 0.22 15.60 26.92
C LEU E 466 0.97 16.87 26.50
N VAL E 467 2.12 17.11 27.12
CA VAL E 467 2.88 18.34 26.85
C VAL E 467 3.43 18.32 25.43
N ILE E 468 3.92 17.17 24.95
CA ILE E 468 4.41 17.08 23.59
C ILE E 468 3.29 17.38 22.60
N SER E 469 2.07 16.90 22.88
CA SER E 469 0.98 17.13 21.94
C SER E 469 0.57 18.61 21.91
N GLN E 470 0.64 19.28 23.06
CA GLN E 470 0.43 20.73 23.02
C GLN E 470 1.52 21.46 22.23
N LEU E 471 2.78 21.08 22.46
CA LEU E 471 3.86 21.72 21.70
C LEU E 471 3.66 21.54 20.20
N TYR E 472 3.21 20.35 19.79
CA TYR E 472 2.95 20.12 18.37
C TYR E 472 1.71 20.86 17.89
N GLU E 473 0.76 21.14 18.79
CA GLU E 473 -0.24 22.15 18.47
C GLU E 473 0.45 23.43 18.01
N LEU E 474 1.41 23.91 18.81
CA LEU E 474 2.08 25.15 18.48
C LEU E 474 2.86 25.09 17.16
N GLN E 475 3.17 23.89 16.66
CA GLN E 475 3.85 23.74 15.37
C GLN E 475 2.87 23.58 14.22
N ASN E 476 1.58 23.78 14.48
CA ASN E 476 0.52 23.55 13.51
C ASN E 476 0.63 22.18 12.87
N GLN E 477 0.91 21.17 13.70
CA GLN E 477 0.89 19.78 13.25
C GLN E 477 -0.01 19.04 14.22
N TYR E 478 -1.30 19.02 13.89
CA TYR E 478 -2.34 18.51 14.76
C TYR E 478 -2.53 17.01 14.65
N LYS E 479 -2.09 16.39 13.56
CA LYS E 479 -2.15 14.93 13.49
C LYS E 479 -1.10 14.30 14.39
N THR E 480 0.07 14.96 14.54
CA THR E 480 1.06 14.52 15.49
C THR E 480 0.57 14.71 16.92
N SER E 481 -0.09 15.85 17.18
CA SER E 481 -0.77 16.06 18.46
C SER E 481 -1.74 14.92 18.76
N LEU E 482 -2.60 14.59 17.81
CA LEU E 482 -3.55 13.50 17.97
C LEU E 482 -2.84 12.19 18.29
N ASP E 483 -1.78 11.89 17.54
CA ASP E 483 -1.04 10.65 17.74
C ASP E 483 -0.48 10.57 19.15
N TYR E 484 0.12 11.66 19.63
CA TYR E 484 0.77 11.62 20.93
C TYR E 484 -0.25 11.55 22.07
N LEU E 485 -1.36 12.30 21.95
CA LEU E 485 -2.38 12.21 23.00
C LEU E 485 -3.07 10.85 23.01
N SER E 486 -3.19 10.21 21.84
CA SER E 486 -3.74 8.86 21.81
C SER E 486 -2.76 7.85 22.40
N LYS E 487 -1.45 8.07 22.23
CA LYS E 487 -0.48 7.21 22.92
C LYS E 487 -0.59 7.38 24.42
N ALA E 488 -0.83 8.61 24.88
CA ALA E 488 -1.07 8.85 26.30
C ALA E 488 -2.26 8.04 26.79
N LEU E 489 -3.39 8.14 26.08
CA LEU E 489 -4.58 7.43 26.51
C LEU E 489 -4.36 5.92 26.51
N GLU E 490 -3.63 5.42 25.50
CA GLU E 490 -3.40 3.98 25.41
C GLU E 490 -2.55 3.48 26.57
N GLU E 491 -1.50 4.22 26.92
CA GLU E 491 -0.68 3.83 28.06
C GLU E 491 -1.47 3.88 29.37
N GLU E 493 -4.62 3.68 29.94
CA GLU E 493 -5.52 2.54 30.02
C GLU E 493 -4.76 1.23 30.17
N PHE E 494 -3.51 1.18 29.73
CA PHE E 494 -2.67 0.01 29.97
C PHE E 494 -2.38 -0.16 31.46
N ILE E 495 -2.29 0.95 32.20
CA ILE E 495 -2.01 0.88 33.64
C ILE E 495 -3.29 0.94 34.48
N LYS E 496 -4.46 0.67 33.86
CA LYS E 496 -5.74 0.65 34.57
C LYS E 496 -6.00 1.95 35.33
N LYS E 497 -5.68 3.08 34.70
CA LYS E 497 -5.93 4.39 35.28
C LYS E 497 -7.17 5.01 34.66
N GLU E 498 -7.95 5.71 35.47
CA GLU E 498 -9.11 6.42 34.94
C GLU E 498 -8.66 7.59 34.08
N ILE E 499 -9.37 7.80 32.98
CA ILE E 499 -9.00 8.83 32.01
C ILE E 499 -9.70 10.13 32.40
N PRO E 500 -8.97 11.24 32.54
CA PRO E 500 -9.62 12.52 32.84
C PRO E 500 -10.48 12.97 31.67
N LEU E 501 -11.65 13.51 32.00
CA LEU E 501 -12.50 14.14 30.98
C LEU E 501 -11.72 15.11 30.10
N GLU E 502 -10.72 15.80 30.67
CA GLU E 502 -9.99 16.80 29.90
C GLU E 502 -9.28 16.18 28.70
N VAL E 503 -8.68 15.00 28.87
CA VAL E 503 -7.95 14.41 27.76
C VAL E 503 -8.92 13.86 26.73
N LEU E 504 -10.06 13.33 27.16
CA LEU E 504 -11.09 12.93 26.20
C LEU E 504 -11.55 14.13 25.38
N ASN E 505 -11.78 15.26 26.03
CA ASN E 505 -12.24 16.47 25.35
C ASN E 505 -11.19 16.97 24.35
N ASN E 506 -9.93 17.00 24.77
CA ASN E 506 -8.89 17.50 23.89
C ASN E 506 -8.60 16.51 22.76
N LEU E 507 -8.75 15.22 23.01
CA LEU E 507 -8.67 14.22 21.95
C LEU E 507 -9.78 14.43 20.93
N ALA E 508 -10.98 14.76 21.40
CA ALA E 508 -12.07 15.09 20.49
C ALA E 508 -11.76 16.35 19.69
N CYS E 509 -11.06 17.30 20.31
CA CYS E 509 -10.70 18.52 19.57
C CYS E 509 -9.68 18.21 18.47
N TYR E 510 -8.69 17.37 18.79
CA TYR E 510 -7.72 16.97 17.77
C TYR E 510 -8.39 16.18 16.66
N HIS E 511 -9.40 15.37 16.99
CA HIS E 511 -10.12 14.66 15.94
C HIS E 511 -10.94 15.61 15.09
N PHE E 512 -11.56 16.63 15.70
CA PHE E 512 -12.31 17.62 14.94
C PHE E 512 -11.40 18.31 13.94
N ILE E 513 -10.26 18.82 14.41
CA ILE E 513 -9.35 19.57 13.56
C ILE E 513 -8.79 18.71 12.44
N ASN E 514 -8.89 17.38 12.58
CA ASN E 514 -8.38 16.44 11.59
C ASN E 514 -9.46 15.98 10.61
N GLY E 515 -10.73 16.33 10.88
CA GLY E 515 -11.83 16.03 9.98
C GLY E 515 -12.72 14.87 10.38
N ASP E 516 -12.45 14.21 11.50
CA ASP E 516 -13.25 13.07 11.94
C ASP E 516 -14.26 13.54 12.99
N PHE E 517 -15.36 14.11 12.50
CA PHE E 517 -16.35 14.72 13.39
C PHE E 517 -17.20 13.68 14.14
N ILE E 518 -17.28 12.45 13.64
CA ILE E 518 -18.08 11.44 14.33
C ILE E 518 -17.36 10.95 15.59
N LYS E 519 -16.05 10.69 15.49
CA LYS E 519 -15.30 10.32 16.69
C LYS E 519 -15.17 11.50 17.64
N ALA E 520 -15.10 12.72 17.10
CA ALA E 520 -15.06 13.90 17.95
C ALA E 520 -16.37 14.04 18.73
N ASP E 521 -17.51 13.86 18.05
CA ASP E 521 -18.80 13.85 18.72
C ASP E 521 -18.86 12.79 19.81
N ASP E 522 -18.34 11.59 19.51
CA ASP E 522 -18.41 10.49 20.46
C ASP E 522 -17.56 10.78 21.69
N LEU E 523 -16.39 11.38 21.48
CA LEU E 523 -15.51 11.70 22.60
C LEU E 523 -16.01 12.89 23.40
N PHE E 524 -16.65 13.87 22.75
CA PHE E 524 -17.26 14.96 23.51
C PHE E 524 -18.39 14.45 24.39
N LYS E 525 -19.15 13.47 23.91
CA LYS E 525 -20.21 12.93 24.75
C LYS E 525 -19.65 12.02 25.84
N GLN E 526 -18.51 11.37 25.57
CA GLN E 526 -17.82 10.63 26.63
C GLN E 526 -17.36 11.57 27.73
N ALA E 527 -16.71 12.68 27.35
CA ALA E 527 -16.29 13.68 28.31
C ALA E 527 -17.46 14.20 29.13
N LYS E 528 -18.56 14.57 28.46
CA LYS E 528 -19.71 15.13 29.16
C LYS E 528 -20.38 14.10 30.07
N ALA E 529 -20.30 12.81 29.72
CA ALA E 529 -20.84 11.79 30.62
C ALA E 529 -20.06 11.69 31.92
N LYS E 530 -18.80 12.15 31.95
CA LYS E 530 -17.94 12.08 33.12
C LYS E 530 -17.91 13.40 33.91
N VAL E 531 -19.04 14.11 33.98
CA VAL E 531 -19.12 15.39 34.67
C VAL E 531 -20.31 15.35 35.62
N SER E 532 -20.15 15.98 36.79
CA SER E 532 -21.24 16.21 37.76
C SER E 532 -22.50 16.76 37.10
N ASP E 533 -23.64 16.60 37.76
CA ASP E 533 -24.94 16.95 37.19
C ASP E 533 -24.95 18.30 36.49
N LYS E 534 -24.74 19.39 37.22
CA LYS E 534 -24.63 20.69 36.61
C LYS E 534 -23.43 21.44 37.18
N ASP E 535 -22.26 21.13 36.62
CA ASP E 535 -21.07 21.95 36.78
C ASP E 535 -20.99 22.88 35.57
N GLU E 536 -21.90 23.85 35.53
CA GLU E 536 -22.16 24.56 34.29
C GLU E 536 -20.97 25.36 33.82
N SER E 537 -19.87 25.51 34.57
CA SER E 537 -18.67 26.07 33.98
C SER E 537 -18.16 25.21 32.84
N VAL E 538 -17.96 23.92 33.10
CA VAL E 538 -17.51 22.98 32.06
C VAL E 538 -18.62 22.63 31.08
N ASN E 539 -19.87 22.59 31.55
CA ASN E 539 -20.95 22.04 30.71
C ASN E 539 -21.25 22.90 29.49
N ILE E 540 -21.15 24.22 29.59
CA ILE E 540 -21.34 25.04 28.40
C ILE E 540 -20.21 24.77 27.40
N THR E 541 -18.99 24.56 27.90
CA THR E 541 -17.89 24.25 27.00
C THR E 541 -18.15 22.95 26.24
N LEU E 542 -18.67 21.94 26.93
CA LEU E 542 -18.93 20.69 26.23
C LEU E 542 -20.13 20.80 25.30
N GLU E 543 -21.15 21.58 25.69
CA GLU E 543 -22.28 21.82 24.81
C GLU E 543 -21.85 22.55 23.54
N TYR E 544 -21.03 23.60 23.68
CA TYR E 544 -20.50 24.27 22.50
C TYR E 544 -19.67 23.32 21.65
N ASN E 545 -18.89 22.44 22.28
CA ASN E 545 -18.05 21.54 21.49
C ASN E 545 -18.91 20.58 20.67
N ILE E 546 -19.94 20.01 21.29
CA ILE E 546 -20.82 19.08 20.57
C ILE E 546 -21.52 19.81 19.43
N ALA E 547 -22.06 20.99 19.71
CA ALA E 547 -22.76 21.74 18.67
C ALA E 547 -21.82 22.13 17.53
N ARG E 548 -20.62 22.60 17.88
CA ARG E 548 -19.64 22.98 16.87
C ARG E 548 -19.23 21.79 16.02
N THR E 549 -19.18 20.60 16.62
CA THR E 549 -18.79 19.43 15.85
C THR E 549 -19.90 18.93 14.94
N ASN E 550 -21.16 19.13 15.32
CA ASN E 550 -22.28 18.65 14.51
C ASN E 550 -22.89 19.74 13.64
N GLU E 551 -22.08 20.69 13.18
CA GLU E 551 -22.57 21.75 12.29
C GLU E 551 -22.86 21.21 10.90
N LYS E 552 -22.06 20.25 10.44
CA LYS E 552 -22.14 19.73 9.08
C LYS E 552 -23.09 18.55 8.99
N ASN E 553 -23.64 18.10 10.12
CA ASN E 553 -24.36 16.83 10.15
C ASN E 553 -25.68 16.86 10.90
N ASP E 554 -25.78 17.66 11.95
CA ASP E 554 -27.02 17.85 12.69
C ASP E 554 -27.19 19.34 12.98
N CYS E 555 -27.25 20.13 11.91
CA CYS E 555 -27.14 21.58 12.08
C CYS E 555 -28.32 22.16 12.85
N GLU E 556 -29.47 21.48 12.87
CA GLU E 556 -30.57 22.00 13.69
C GLU E 556 -30.30 21.79 15.18
N LYS E 557 -29.62 20.69 15.54
CA LYS E 557 -29.23 20.51 16.92
C LYS E 557 -28.18 21.54 17.32
N SER E 558 -27.25 21.83 16.41
CA SER E 558 -26.22 22.83 16.70
C SER E 558 -26.83 24.23 16.86
N GLU E 559 -27.77 24.61 16.00
CA GLU E 559 -28.33 25.94 16.16
C GLU E 559 -29.24 26.01 17.39
N SER E 560 -29.89 24.90 17.76
CA SER E 560 -30.64 24.88 19.02
C SER E 560 -29.72 25.09 20.22
N ILE E 561 -28.61 24.35 20.25
CA ILE E 561 -27.64 24.49 21.34
C ILE E 561 -27.09 25.90 21.36
N TYR E 562 -26.79 26.45 20.18
CA TYR E 562 -26.27 27.81 20.10
C TYR E 562 -27.27 28.81 20.62
N SER E 563 -28.54 28.68 20.23
CA SER E 563 -29.57 29.61 20.68
C SER E 563 -29.77 29.55 22.19
N GLN E 564 -29.74 28.35 22.78
CA GLN E 564 -29.93 28.29 24.22
C GLN E 564 -28.72 28.85 24.97
N VAL E 565 -27.51 28.56 24.49
CA VAL E 565 -26.31 29.06 25.16
C VAL E 565 -26.17 30.56 24.97
N THR E 566 -26.66 31.10 23.85
CA THR E 566 -26.55 32.54 23.64
C THR E 566 -27.65 33.28 24.39
N SER E 567 -28.80 32.64 24.57
CA SER E 567 -29.85 33.23 25.41
C SER E 567 -29.40 33.31 26.86
N LEU E 568 -28.89 32.20 27.41
CA LEU E 568 -28.56 32.19 28.83
C LEU E 568 -27.30 32.99 29.13
N HIS E 569 -26.21 32.73 28.41
CA HIS E 569 -24.90 33.32 28.68
C HIS E 569 -24.46 34.10 27.45
N PRO E 570 -24.95 35.33 27.27
CA PRO E 570 -24.59 36.11 26.07
C PRO E 570 -23.11 36.44 26.00
N ALA E 571 -22.38 36.36 27.11
CA ALA E 571 -20.97 36.71 27.13
C ALA E 571 -20.07 35.66 26.48
N TYR E 572 -20.58 34.44 26.29
CA TYR E 572 -19.80 33.41 25.60
C TYR E 572 -19.79 33.72 24.10
N ILE E 573 -18.65 34.19 23.60
CA ILE E 573 -18.61 34.88 22.31
C ILE E 573 -18.68 33.88 21.15
N ALA E 574 -18.03 32.72 21.28
CA ALA E 574 -17.98 31.77 20.18
C ALA E 574 -19.38 31.33 19.76
N ALA E 575 -20.24 31.05 20.74
CA ALA E 575 -21.61 30.64 20.45
C ALA E 575 -22.36 31.72 19.69
N ARG E 576 -22.19 32.99 20.11
CA ARG E 576 -22.86 34.09 19.43
C ARG E 576 -22.40 34.21 17.98
N ILE E 577 -21.07 34.19 17.79
CA ILE E 577 -20.51 34.36 16.45
C ILE E 577 -21.03 33.28 15.53
N ARG E 578 -21.00 32.01 15.98
CA ARG E 578 -21.35 30.96 15.03
C ARG E 578 -22.86 30.79 14.92
N ASN E 579 -23.64 31.16 15.94
CA ASN E 579 -25.09 31.25 15.78
C ASN E 579 -25.44 32.21 14.65
N LEU E 580 -24.83 33.41 14.68
CA LEU E 580 -25.08 34.38 13.62
C LEU E 580 -24.52 33.91 12.28
N TYR E 581 -23.37 33.23 12.27
CA TYR E 581 -22.84 32.73 11.02
C TYR E 581 -23.79 31.71 10.38
N LEU E 582 -24.30 30.77 11.18
CA LEU E 582 -25.22 29.77 10.67
C LEU E 582 -26.50 30.41 10.15
N LYS E 583 -27.03 31.40 10.87
CA LYS E 583 -28.28 32.01 10.41
C LYS E 583 -28.06 32.91 9.19
N PHE E 584 -26.85 33.46 9.03
CA PHE E 584 -26.56 34.31 7.88
C PHE E 584 -26.31 33.49 6.61
N ALA E 585 -25.45 32.48 6.72
CA ALA E 585 -25.10 31.69 5.55
C ALA E 585 -26.28 30.93 4.98
N GLN E 586 -27.33 30.72 5.78
CA GLN E 586 -28.51 30.00 5.34
C GLN E 586 -29.68 30.93 4.98
N SER E 587 -29.44 32.25 4.92
CA SER E 587 -30.49 33.24 4.67
C SER E 587 -31.67 33.07 5.64
N LYS E 588 -31.36 32.78 6.90
CA LYS E 588 -32.38 32.58 7.93
C LYS E 588 -32.61 33.80 8.79
N ILE E 589 -31.99 34.94 8.48
CA ILE E 589 -32.16 36.15 9.26
C ILE E 589 -32.35 37.33 8.31
N GLU E 590 -33.33 38.17 8.61
CA GLU E 590 -33.53 39.37 7.79
C GLU E 590 -32.27 40.22 7.84
N ASP E 591 -31.94 40.84 6.71
CA ASP E 591 -30.67 41.57 6.62
C ASP E 591 -30.71 42.81 7.51
N SER E 592 -31.90 43.38 7.71
CA SER E 592 -32.09 44.41 8.71
C SER E 592 -31.68 43.93 10.09
N ASP E 593 -32.30 42.84 10.55
CA ASP E 593 -32.05 42.31 11.88
C ASP E 593 -30.69 41.65 12.01
N SER E 595 -27.90 43.10 10.36
CA SER E 595 -27.06 44.29 10.50
C SER E 595 -27.19 44.91 11.89
N THR E 596 -28.34 44.72 12.54
CA THR E 596 -28.47 45.16 13.92
C THR E 596 -27.76 44.21 14.88
N GLU E 597 -27.89 42.90 14.66
CA GLU E 597 -27.30 41.93 15.56
C GLU E 597 -25.77 42.04 15.59
N ASN E 599 -23.94 44.66 15.11
CA ASN E 599 -23.46 45.86 15.79
C ASN E 599 -23.62 45.74 17.30
N LYS E 600 -24.72 45.16 17.77
CA LYS E 600 -24.85 44.90 19.21
C LYS E 600 -23.83 43.88 19.70
N LEU E 601 -23.33 43.02 18.82
CA LEU E 601 -22.26 42.10 19.19
C LEU E 601 -20.90 42.78 19.19
N LEU E 602 -20.68 43.73 18.28
CA LEU E 602 -19.39 44.42 18.14
C LEU E 602 -19.25 45.61 19.09
N ASP E 603 -20.27 46.46 19.16
CA ASP E 603 -20.16 47.69 19.93
C ASP E 603 -20.16 47.44 21.43
N LEU E 604 -20.34 46.19 21.85
CA LEU E 604 -20.19 45.80 23.25
C LEU E 604 -18.92 45.00 23.48
N ASN E 605 -18.23 44.59 22.42
CA ASN E 605 -16.97 43.85 22.51
C ASN E 605 -15.97 44.36 21.49
N LYS E 606 -15.78 45.69 21.44
CA LYS E 606 -14.99 46.27 20.35
C LYS E 606 -13.51 45.89 20.41
N SER E 607 -13.07 45.24 21.48
CA SER E 607 -11.70 44.74 21.56
C SER E 607 -11.59 43.23 21.40
N ASP E 608 -12.69 42.51 21.28
CA ASP E 608 -12.64 41.08 20.99
C ASP E 608 -12.23 40.90 19.54
N LEU E 609 -11.01 40.40 19.30
CA LEU E 609 -10.49 40.35 17.94
C LEU E 609 -11.20 39.28 17.11
N GLU E 610 -11.69 38.22 17.74
CA GLU E 610 -12.52 37.26 17.02
C GLU E 610 -13.80 37.94 16.52
N ILE E 611 -14.41 38.76 17.37
CA ILE E 611 -15.62 39.48 16.99
C ILE E 611 -15.30 40.51 15.90
N ARG E 612 -14.16 41.19 16.01
CA ARG E 612 -13.77 42.15 14.98
C ARG E 612 -13.54 41.49 13.64
N SER E 613 -12.95 40.28 13.63
CA SER E 613 -12.68 39.63 12.36
C SER E 613 -13.95 39.03 11.79
N PHE E 614 -14.85 38.57 12.66
CA PHE E 614 -16.19 38.19 12.22
C PHE E 614 -16.91 39.37 11.59
N TYR E 615 -16.75 40.56 12.16
CA TYR E 615 -17.43 41.74 11.62
C TYR E 615 -16.86 42.13 10.27
N GLY E 616 -15.54 42.10 10.13
CA GLY E 616 -14.94 42.33 8.82
C GLY E 616 -15.42 41.33 7.78
N TRP E 617 -15.52 40.05 8.17
CA TRP E 617 -16.05 39.05 7.26
C TRP E 617 -17.49 39.36 6.88
N TYR E 618 -18.30 39.80 7.85
CA TYR E 618 -19.68 40.19 7.55
C TYR E 618 -19.74 41.33 6.55
N LEU E 619 -18.92 42.37 6.74
CA LEU E 619 -18.99 43.52 5.84
C LEU E 619 -18.53 43.14 4.43
N LYS E 620 -17.51 42.29 4.32
CA LYS E 620 -17.03 41.90 2.99
C LYS E 620 -17.99 40.92 2.30
N ASN E 621 -18.65 40.06 3.05
CA ASN E 621 -19.50 38.99 2.53
C ASN E 621 -21.01 39.31 2.56
N SER E 622 -21.41 40.53 2.90
CA SER E 622 -22.84 40.82 3.00
C SER E 622 -23.43 41.14 1.63
N LYS E 623 -24.51 40.41 1.28
CA LYS E 623 -25.28 40.59 0.05
C LYS E 623 -25.41 42.06 -0.31
N GLU E 624 -25.87 42.87 0.63
CA GLU E 624 -25.87 44.32 0.53
C GLU E 624 -24.92 44.84 1.59
N ARG E 625 -24.02 45.72 1.19
CA ARG E 625 -23.16 46.42 2.13
C ARG E 625 -23.78 47.78 2.45
N LYS E 626 -23.00 48.68 3.04
CA LYS E 626 -23.48 50.04 3.26
C LYS E 626 -22.66 51.02 2.44
N ASN E 627 -21.34 50.90 2.45
CA ASN E 627 -20.57 51.03 1.22
C ASN E 627 -19.73 49.78 1.09
N ASN E 628 -19.02 49.67 -0.04
CA ASN E 628 -18.31 48.42 -0.32
C ASN E 628 -17.07 48.29 0.54
N GLU E 629 -16.50 49.43 1.00
CA GLU E 629 -15.46 49.39 2.01
C GLU E 629 -15.71 50.48 3.06
N LYS E 630 -16.63 50.18 3.97
CA LYS E 630 -16.50 50.57 5.37
C LYS E 630 -15.52 49.64 6.06
N SER E 631 -15.20 48.52 5.40
CA SER E 631 -14.25 47.55 5.91
C SER E 631 -12.84 48.14 6.00
N THR E 632 -12.55 49.17 5.20
CA THR E 632 -11.27 49.86 5.36
C THR E 632 -11.21 50.57 6.72
N THR E 633 -12.29 51.23 7.10
CA THR E 633 -12.31 51.91 8.39
C THR E 633 -12.25 50.92 9.55
N HIS E 634 -12.96 49.79 9.42
CA HIS E 634 -13.03 48.81 10.50
C HIS E 634 -11.66 48.17 10.75
N ASN E 635 -11.02 47.70 9.69
CA ASN E 635 -9.73 47.03 9.87
C ASN E 635 -8.62 48.02 10.20
N LYS E 636 -8.68 49.23 9.64
CA LYS E 636 -7.70 50.23 10.04
C LYS E 636 -7.87 50.57 11.50
N GLU E 637 -9.11 50.51 12.00
CA GLU E 637 -9.36 50.74 13.42
C GLU E 637 -8.86 49.58 14.27
N THR E 638 -9.02 48.35 13.79
CA THR E 638 -8.50 47.19 14.51
C THR E 638 -6.99 47.30 14.67
N LEU E 639 -6.30 47.69 13.60
CA LEU E 639 -4.85 47.85 13.66
C LEU E 639 -4.47 49.02 14.58
N VAL E 640 -4.97 50.23 14.29
CA VAL E 640 -4.50 51.43 14.95
C VAL E 640 -5.02 51.58 16.39
N LYS E 641 -5.96 50.74 16.82
CA LYS E 641 -6.43 50.84 18.20
C LYS E 641 -6.35 49.54 18.99
N TYR E 642 -6.21 48.39 18.35
CA TYR E 642 -6.22 47.17 19.17
C TYR E 642 -5.00 46.28 19.02
N ASN E 643 -4.57 45.91 17.80
CA ASN E 643 -3.38 45.06 17.72
C ASN E 643 -2.28 45.60 16.81
N SER E 644 -2.59 45.91 15.54
CA SER E 644 -1.62 46.38 14.54
C SER E 644 -0.63 45.31 14.10
N HIS E 645 -0.65 44.15 14.75
CA HIS E 645 0.04 42.95 14.27
C HIS E 645 -0.95 41.90 13.80
N ASP E 646 -2.25 42.19 13.87
CA ASP E 646 -3.31 41.24 13.58
C ASP E 646 -3.29 40.87 12.10
N ALA E 647 -2.85 39.62 11.81
CA ALA E 647 -2.77 39.15 10.42
C ALA E 647 -4.11 39.27 9.70
N TYR E 648 -5.22 39.00 10.40
CA TYR E 648 -6.53 39.03 9.74
C TYR E 648 -6.85 40.42 9.20
N ALA E 649 -6.76 41.44 10.06
CA ALA E 649 -7.03 42.80 9.63
C ALA E 649 -6.03 43.26 8.58
N LEU E 650 -4.76 42.89 8.75
CA LEU E 650 -3.75 43.29 7.77
C LEU E 650 -4.06 42.72 6.39
N ILE E 651 -4.44 41.44 6.33
CA ILE E 651 -4.73 40.83 5.04
C ILE E 651 -6.03 41.37 4.45
N SER E 652 -7.01 41.72 5.29
CA SER E 652 -8.21 42.34 4.74
C SER E 652 -7.90 43.69 4.12
N LEU E 653 -7.08 44.49 4.80
CA LEU E 653 -6.63 45.77 4.26
C LEU E 653 -5.89 45.57 2.95
N ALA E 654 -4.96 44.61 2.93
CA ALA E 654 -4.19 44.34 1.72
C ALA E 654 -5.08 43.91 0.56
N ASN E 655 -6.13 43.13 0.86
CA ASN E 655 -7.04 42.70 -0.21
C ASN E 655 -7.81 43.88 -0.80
N LEU E 656 -8.33 44.76 0.05
CA LEU E 656 -9.02 45.94 -0.49
C LEU E 656 -8.06 46.84 -1.27
N TYR E 657 -6.81 46.93 -0.81
CA TYR E 657 -5.80 47.67 -1.54
C TYR E 657 -5.54 47.05 -2.90
N VAL E 658 -5.57 45.71 -2.98
CA VAL E 658 -5.31 45.04 -4.26
C VAL E 658 -6.47 45.28 -5.21
N THR E 659 -7.70 45.30 -4.69
CA THR E 659 -8.85 45.56 -5.57
C THR E 659 -8.81 46.98 -6.12
N ILE E 660 -8.49 47.95 -5.26
CA ILE E 660 -8.36 49.32 -5.76
C ILE E 660 -7.18 49.45 -6.71
N ALA E 661 -6.12 48.67 -6.50
CA ALA E 661 -4.97 48.72 -7.39
C ALA E 661 -5.32 48.20 -8.78
N ARG E 662 -5.99 47.05 -8.85
CA ARG E 662 -6.36 46.53 -10.17
C ARG E 662 -7.43 47.40 -10.83
N ASP E 663 -8.30 48.06 -10.04
CA ASP E 663 -9.27 48.96 -10.66
C ASP E 663 -8.66 50.31 -11.01
N GLY E 664 -7.43 50.59 -10.57
CA GLY E 664 -6.70 51.70 -11.12
C GLY E 664 -5.93 51.28 -12.35
N LYS E 665 -5.50 50.02 -12.37
CA LYS E 665 -4.74 49.49 -13.50
C LYS E 665 -5.62 49.08 -14.67
N LYS E 666 -6.95 49.06 -14.51
CA LYS E 666 -7.82 48.88 -15.66
C LYS E 666 -8.43 50.20 -16.12
N SER E 667 -7.63 51.28 -16.11
CA SER E 667 -7.94 52.50 -16.82
C SER E 667 -6.64 53.16 -17.25
N ARG E 668 -6.74 54.05 -18.23
CA ARG E 668 -5.60 54.77 -18.78
C ARG E 668 -5.86 56.25 -18.49
N ASN E 669 -5.47 56.68 -17.30
CA ASN E 669 -5.70 58.02 -16.81
C ASN E 669 -4.51 58.37 -15.93
N PRO E 670 -3.77 59.46 -16.24
CA PRO E 670 -2.44 59.66 -15.65
C PRO E 670 -2.35 59.56 -14.13
N LYS E 671 -3.11 60.39 -13.41
CA LYS E 671 -3.04 60.35 -11.95
C LYS E 671 -3.51 59.03 -11.35
N GLU E 672 -4.40 58.30 -12.03
CA GLU E 672 -5.03 57.11 -11.45
C GLU E 672 -4.48 55.80 -12.00
N GLN E 673 -3.33 55.82 -12.67
CA GLN E 673 -2.55 54.60 -12.82
C GLN E 673 -1.35 54.57 -11.89
N GLU E 674 -0.99 55.71 -11.30
CA GLU E 674 0.03 55.72 -10.27
C GLU E 674 -0.55 55.48 -8.88
N LYS E 675 -1.84 55.72 -8.68
CA LYS E 675 -2.49 55.24 -7.47
C LYS E 675 -2.65 53.72 -7.49
N SER E 676 -2.48 53.10 -8.65
CA SER E 676 -2.50 51.64 -8.69
C SER E 676 -1.14 51.08 -8.35
N LYS E 677 -0.08 51.82 -8.67
CA LYS E 677 1.25 51.44 -8.22
C LYS E 677 1.36 51.65 -6.71
N HIS E 678 0.75 52.71 -6.20
CA HIS E 678 0.80 52.97 -4.76
C HIS E 678 -0.05 51.96 -3.97
N SER E 679 -1.17 51.51 -4.54
CA SER E 679 -1.97 50.55 -3.80
C SER E 679 -1.39 49.14 -3.90
N TYR E 680 -0.76 48.81 -5.02
CA TYR E 680 0.03 47.58 -5.08
C TYR E 680 1.16 47.62 -4.05
N LEU E 681 1.77 48.79 -3.83
CA LEU E 681 2.87 48.85 -2.87
C LEU E 681 2.37 48.69 -1.44
N LYS E 682 1.25 49.34 -1.10
CA LYS E 682 0.72 49.14 0.24
C LYS E 682 0.27 47.70 0.49
N ALA E 683 -0.30 47.06 -0.54
CA ALA E 683 -0.67 45.66 -0.39
C ALA E 683 0.55 44.77 -0.16
N ILE E 684 1.61 44.99 -0.94
CA ILE E 684 2.83 44.20 -0.77
C ILE E 684 3.43 44.42 0.62
N GLN E 685 3.45 45.67 1.08
CA GLN E 685 4.00 45.94 2.40
C GLN E 685 3.19 45.28 3.50
N LEU E 686 1.86 45.27 3.38
CA LEU E 686 1.04 44.63 4.39
C LEU E 686 1.24 43.12 4.39
N TYR E 687 1.32 42.50 3.21
CA TYR E 687 1.61 41.08 3.14
C TYR E 687 2.97 40.76 3.75
N GLN E 688 3.97 41.61 3.48
CA GLN E 688 5.29 41.40 4.07
C GLN E 688 5.24 41.49 5.59
N LYS E 689 4.46 42.43 6.10
CA LYS E 689 4.35 42.60 7.55
C LYS E 689 3.71 41.39 8.19
N VAL E 690 2.67 40.85 7.53
CA VAL E 690 2.05 39.62 8.01
C VAL E 690 3.05 38.48 8.03
N LEU E 691 3.89 38.39 7.00
CA LEU E 691 4.85 37.30 6.94
C LEU E 691 5.96 37.47 7.97
N GLN E 692 6.31 38.70 8.32
CA GLN E 692 7.25 38.92 9.43
C GLN E 692 6.62 38.51 10.75
N VAL E 693 5.33 38.77 10.93
CA VAL E 693 4.68 38.36 12.18
C VAL E 693 4.42 36.85 12.19
N ASP E 694 4.18 36.27 11.03
CA ASP E 694 3.86 34.84 10.94
C ASP E 694 4.28 34.37 9.54
N PRO E 695 5.44 33.73 9.41
CA PRO E 695 5.87 33.28 8.08
C PRO E 695 5.07 32.11 7.55
N PHE E 696 4.26 31.47 8.39
CA PHE E 696 3.42 30.35 7.98
C PHE E 696 2.03 30.77 7.51
N ASN E 697 1.78 32.08 7.42
CA ASN E 697 0.48 32.61 6.99
C ASN E 697 0.36 32.43 5.47
N ILE E 698 -0.40 31.42 5.05
CA ILE E 698 -0.47 31.10 3.64
C ILE E 698 -1.42 32.03 2.88
N PHE E 699 -2.27 32.77 3.58
CA PHE E 699 -3.12 33.74 2.89
C PHE E 699 -2.35 34.99 2.49
N ALA E 700 -1.36 35.41 3.30
CA ALA E 700 -0.43 36.44 2.86
C ALA E 700 0.34 35.97 1.63
N ALA E 701 0.78 34.72 1.65
CA ALA E 701 1.45 34.14 0.49
C ALA E 701 0.56 34.17 -0.74
N GLN E 702 -0.72 33.86 -0.57
CA GLN E 702 -1.64 33.87 -1.72
C GLN E 702 -1.85 35.28 -2.24
N GLY E 703 -1.96 36.26 -1.35
CA GLY E 703 -2.06 37.65 -1.80
C GLY E 703 -0.84 38.08 -2.60
N LEU E 704 0.36 37.71 -2.11
CA LEU E 704 1.58 38.03 -2.84
C LEU E 704 1.62 37.32 -4.19
N ALA E 705 1.15 36.06 -4.23
CA ALA E 705 1.11 35.34 -5.49
C ALA E 705 0.12 35.98 -6.48
N ILE E 706 -1.01 36.46 -5.96
CA ILE E 706 -1.95 37.18 -6.81
C ILE E 706 -1.31 38.43 -7.40
N ILE E 707 -0.56 39.18 -6.58
CA ILE E 707 0.10 40.37 -7.11
C ILE E 707 1.19 39.98 -8.10
N PHE E 708 1.83 38.82 -7.90
CA PHE E 708 2.79 38.31 -8.87
C PHE E 708 2.12 38.01 -10.21
N ALA E 709 0.91 37.43 -10.17
CA ALA E 709 0.23 37.02 -11.38
C ALA E 709 -0.36 38.21 -12.13
N GLU E 710 -0.77 39.25 -11.39
CA GLU E 710 -1.28 40.47 -12.01
C GLU E 710 -0.16 41.41 -12.45
N SER E 711 1.09 41.09 -12.12
CA SER E 711 2.26 41.65 -12.78
C SER E 711 2.73 40.79 -13.95
N LYS E 712 1.98 39.73 -14.26
CA LYS E 712 2.33 38.75 -15.28
C LYS E 712 3.71 38.13 -15.04
N ARG E 713 4.03 37.89 -13.77
CA ARG E 713 5.12 36.99 -13.40
C ARG E 713 4.46 35.70 -12.92
N LEU E 714 4.09 34.85 -13.88
CA LEU E 714 3.24 33.70 -13.60
C LEU E 714 4.00 32.50 -13.03
N GLY E 715 5.31 32.40 -13.27
CA GLY E 715 6.11 31.36 -12.68
C GLY E 715 6.11 31.40 -11.17
N PRO E 716 6.57 32.51 -10.60
CA PRO E 716 6.56 32.65 -9.14
C PRO E 716 5.17 32.50 -8.54
N ALA E 717 4.17 33.12 -9.18
CA ALA E 717 2.80 33.02 -8.70
C ALA E 717 2.32 31.58 -8.68
N LEU E 718 2.65 30.82 -9.73
CA LEU E 718 2.24 29.42 -9.79
C LEU E 718 2.93 28.58 -8.73
N GLU E 719 4.21 28.84 -8.47
CA GLU E 719 4.88 27.99 -7.50
C GLU E 719 4.39 28.30 -6.08
N ILE E 720 4.05 29.57 -5.82
CA ILE E 720 3.46 29.91 -4.53
C ILE E 720 2.09 29.27 -4.40
N LEU E 721 1.30 29.31 -5.47
CA LEU E 721 -0.05 28.76 -5.41
C LEU E 721 -0.03 27.24 -5.22
N ARG E 722 0.94 26.55 -5.83
CA ARG E 722 1.07 25.12 -5.58
C ARG E 722 1.40 24.85 -4.12
N LYS E 723 2.33 25.65 -3.56
CA LYS E 723 2.69 25.40 -2.17
C LYS E 723 1.53 25.72 -1.24
N VAL E 724 0.71 26.71 -1.59
CA VAL E 724 -0.47 27.03 -0.79
C VAL E 724 -1.50 25.91 -0.87
N ARG E 725 -1.75 25.38 -2.09
CA ARG E 725 -2.73 24.31 -2.22
C ARG E 725 -2.32 23.08 -1.42
N ASP E 726 -1.01 22.89 -1.21
CA ASP E 726 -0.65 21.72 -0.42
C ASP E 726 -0.96 21.89 1.07
N SER E 727 -1.60 23.00 1.47
CA SER E 727 -2.05 23.16 2.84
C SER E 727 -3.41 23.84 2.95
N LEU E 728 -4.10 24.07 1.85
CA LEU E 728 -5.41 24.71 1.90
C LEU E 728 -6.28 24.17 0.77
N ASP E 729 -7.35 23.46 1.11
CA ASP E 729 -8.27 22.99 0.09
C ASP E 729 -9.45 23.96 0.11
N ASN E 730 -9.39 24.91 -0.81
CA ASN E 730 -10.20 26.13 -0.80
C ASN E 730 -10.65 26.33 -2.23
N GLU E 731 -11.89 26.79 -2.41
CA GLU E 731 -12.33 27.18 -3.75
C GLU E 731 -11.34 28.16 -4.37
N ASP E 732 -10.84 29.11 -3.56
CA ASP E 732 -10.06 30.22 -4.10
C ASP E 732 -8.69 29.77 -4.60
N VAL E 733 -8.02 28.88 -3.86
CA VAL E 733 -6.68 28.49 -4.31
C VAL E 733 -6.77 27.61 -5.55
N GLN E 734 -7.78 26.75 -5.64
CA GLN E 734 -7.96 25.93 -6.84
C GLN E 734 -8.31 26.81 -8.03
N LEU E 735 -9.22 27.77 -7.83
CA LEU E 735 -9.56 28.72 -8.89
C LEU E 735 -8.35 29.53 -9.31
N ASN E 736 -7.49 29.90 -8.36
CA ASN E 736 -6.32 30.71 -8.70
C ASN E 736 -5.28 29.88 -9.45
N LEU E 737 -5.11 28.61 -9.08
CA LEU E 737 -4.25 27.72 -9.85
C LEU E 737 -4.74 27.59 -11.29
N ALA E 738 -6.05 27.39 -11.46
CA ALA E 738 -6.61 27.27 -12.81
C ALA E 738 -6.46 28.57 -13.59
N HIS E 739 -6.84 29.69 -12.98
CA HIS E 739 -6.63 31.01 -13.57
C HIS E 739 -5.21 31.20 -14.02
N CYS E 740 -4.25 30.78 -13.19
CA CYS E 740 -2.86 31.08 -13.48
C CYS E 740 -2.35 30.20 -14.60
N TYR E 741 -2.80 28.93 -14.64
CA TYR E 741 -2.48 28.08 -15.77
C TYR E 741 -3.08 28.63 -17.06
N LEU E 742 -4.27 29.21 -17.00
CA LEU E 742 -4.88 29.76 -18.20
C LEU E 742 -4.05 30.90 -18.77
N GLU E 743 -3.52 31.76 -17.89
CA GLU E 743 -2.70 32.87 -18.36
C GLU E 743 -1.33 32.41 -18.86
N ARG E 745 -1.16 29.98 -20.75
CA ARG E 745 -1.62 29.30 -21.97
C ARG E 745 -1.41 27.79 -21.89
N GLU E 746 -1.38 27.23 -20.68
CA GLU E 746 -1.35 25.78 -20.52
C GLU E 746 -2.79 25.28 -20.33
N TYR E 747 -3.51 25.29 -21.45
CA TYR E 747 -4.96 25.10 -21.43
C TYR E 747 -5.36 23.75 -20.85
N GLY E 748 -4.55 22.71 -21.07
CA GLY E 748 -4.90 21.40 -20.52
C GLY E 748 -5.02 21.42 -19.00
N LYS E 749 -4.00 21.93 -18.31
CA LYS E 749 -4.06 21.94 -16.85
C LYS E 749 -5.04 22.97 -16.33
N ALA E 750 -5.24 24.06 -17.07
CA ALA E 750 -6.27 25.03 -16.69
C ALA E 750 -7.64 24.38 -16.70
N ILE E 751 -7.95 23.62 -17.76
CA ILE E 751 -9.23 22.92 -17.82
C ILE E 751 -9.32 21.88 -16.72
N GLU E 752 -8.24 21.14 -16.49
CA GLU E 752 -8.23 20.12 -15.44
C GLU E 752 -8.58 20.74 -14.09
N ASN E 753 -7.91 21.84 -13.74
CA ASN E 753 -8.16 22.45 -12.43
C ASN E 753 -9.52 23.15 -12.37
N TYR E 754 -10.04 23.64 -13.51
CA TYR E 754 -11.38 24.21 -13.53
C TYR E 754 -12.44 23.13 -13.27
N GLU E 755 -12.30 21.98 -13.92
CA GLU E 755 -13.24 20.89 -13.66
C GLU E 755 -13.07 20.38 -12.23
N LEU E 756 -11.86 20.48 -11.69
CA LEU E 756 -11.65 20.15 -10.28
C LEU E 756 -12.44 21.09 -9.36
N VAL E 757 -12.24 22.41 -9.52
CA VAL E 757 -12.95 23.39 -8.70
C VAL E 757 -14.46 23.27 -8.91
N LEU E 758 -14.90 22.72 -10.05
CA LEU E 758 -16.33 22.49 -10.21
C LEU E 758 -16.79 21.21 -9.52
N LYS E 759 -15.91 20.22 -9.41
CA LYS E 759 -16.33 18.93 -8.85
C LYS E 759 -16.46 18.99 -7.33
N LYS E 760 -15.56 19.70 -6.67
CA LYS E 760 -15.70 20.10 -5.29
C LYS E 760 -16.23 21.53 -5.20
N PHE E 761 -16.56 21.97 -3.98
CA PHE E 761 -16.93 23.36 -3.71
C PHE E 761 -18.14 23.80 -4.54
N ASP E 762 -19.31 23.27 -4.18
CA ASP E 762 -20.53 23.68 -4.85
C ASP E 762 -20.91 25.11 -4.45
N ASN E 763 -20.50 26.07 -5.28
CA ASN E 763 -20.78 27.49 -5.09
C ASN E 763 -21.54 28.00 -6.30
N GLU E 764 -22.72 28.57 -6.06
CA GLU E 764 -23.59 28.94 -7.17
C GLU E 764 -23.21 30.27 -7.80
N LYS E 765 -22.53 31.16 -7.07
CA LYS E 765 -22.13 32.44 -7.65
C LYS E 765 -20.91 32.32 -8.56
N THR E 766 -20.02 31.35 -8.34
CA THR E 766 -18.85 31.20 -9.19
C THR E 766 -19.06 30.21 -10.33
N ARG E 767 -20.06 29.33 -10.24
CA ARG E 767 -20.25 28.29 -11.24
C ARG E 767 -20.38 28.82 -12.66
N PRO E 768 -21.22 29.82 -12.95
CA PRO E 768 -21.30 30.28 -14.35
C PRO E 768 -20.01 30.88 -14.84
N HIS E 769 -19.28 31.60 -13.98
CA HIS E 769 -17.99 32.15 -14.38
C HIS E 769 -16.99 31.04 -14.67
N ILE E 770 -17.00 29.98 -13.87
CA ILE E 770 -16.08 28.87 -14.12
C ILE E 770 -16.44 28.14 -15.40
N LEU E 771 -17.73 28.01 -15.70
CA LEU E 771 -18.12 27.38 -16.97
C LEU E 771 -17.73 28.25 -18.15
N ASN E 772 -17.86 29.57 -18.01
CA ASN E 772 -17.42 30.47 -19.06
C ASN E 772 -15.91 30.42 -19.26
N LEU E 773 -15.14 30.25 -18.18
CA LEU E 773 -13.69 30.14 -18.33
C LEU E 773 -13.28 28.79 -18.90
N LEU E 774 -14.03 27.73 -18.56
CA LEU E 774 -13.86 26.46 -19.25
C LEU E 774 -14.09 26.62 -20.75
N GLY E 775 -15.13 27.38 -21.11
CA GLY E 775 -15.37 27.67 -22.51
C GLY E 775 -14.25 28.47 -23.15
N ARG E 776 -13.71 29.44 -22.41
CA ARG E 776 -12.57 30.21 -22.92
C ARG E 776 -11.37 29.30 -23.16
N ALA E 777 -11.12 28.38 -22.24
CA ALA E 777 -9.98 27.48 -22.39
C ALA E 777 -10.18 26.54 -23.57
N TRP E 778 -11.39 26.00 -23.75
CA TRP E 778 -11.65 25.13 -24.89
C TRP E 778 -11.60 25.90 -26.21
N TYR E 779 -12.05 27.16 -26.22
CA TYR E 779 -11.93 28.00 -27.40
C TYR E 779 -10.46 28.25 -27.73
N ALA E 780 -9.63 28.52 -26.72
CA ALA E 780 -8.20 28.72 -26.93
C ALA E 780 -7.54 27.45 -27.46
N ARG E 781 -7.91 26.29 -26.90
CA ARG E 781 -7.31 25.04 -27.38
C ARG E 781 -7.86 24.63 -28.74
N ALA E 782 -9.01 25.19 -29.13
CA ALA E 782 -9.57 24.91 -30.46
C ALA E 782 -8.89 25.76 -31.54
N ILE E 783 -8.76 27.07 -31.30
CA ILE E 783 -8.16 27.95 -32.28
C ILE E 783 -6.68 27.65 -32.49
N LYS E 784 -6.02 27.01 -31.53
CA LYS E 784 -4.61 26.67 -31.64
C LYS E 784 -4.41 25.20 -32.03
N GLU E 785 -5.49 24.49 -32.35
CA GLU E 785 -5.38 23.16 -32.94
C GLU E 785 -6.42 22.95 -34.02
N ARG E 786 -7.18 23.98 -34.39
CA ARG E 786 -8.20 23.92 -35.43
C ARG E 786 -9.11 22.70 -35.24
N SER E 787 -9.67 22.57 -34.05
CA SER E 787 -10.49 21.43 -33.68
C SER E 787 -11.93 21.86 -33.54
N VAL E 788 -12.83 21.13 -34.19
CA VAL E 788 -14.25 21.47 -34.06
C VAL E 788 -14.85 20.84 -32.81
N ASN E 789 -14.26 19.75 -32.31
CA ASN E 789 -14.72 19.16 -31.07
C ASN E 789 -14.41 20.06 -29.87
N PHE E 790 -13.28 20.77 -29.93
CA PHE E 790 -12.95 21.69 -28.85
C PHE E 790 -13.85 22.91 -28.89
N TYR E 791 -14.16 23.41 -30.09
CA TYR E 791 -15.17 24.45 -30.22
C TYR E 791 -16.51 23.98 -29.66
N GLN E 792 -16.83 22.69 -29.85
CA GLN E 792 -18.13 22.19 -29.39
C GLN E 792 -18.17 22.05 -27.87
N LYS E 793 -17.04 21.65 -27.27
CA LYS E 793 -16.94 21.63 -25.81
C LYS E 793 -17.10 23.04 -25.24
N ALA E 794 -16.39 24.01 -25.83
CA ALA E 794 -16.60 25.42 -25.49
C ALA E 794 -18.06 25.81 -25.59
N LEU E 795 -18.74 25.35 -26.64
CA LEU E 795 -20.14 25.72 -26.84
C LEU E 795 -21.01 25.18 -25.71
N GLU E 796 -20.79 23.92 -25.32
CA GLU E 796 -21.59 23.36 -24.24
C GLU E 796 -21.37 24.12 -22.94
N ASN E 797 -20.11 24.43 -22.64
CA ASN E 797 -19.81 25.17 -21.42
C ASN E 797 -20.49 26.54 -21.42
N ALA E 798 -20.38 27.27 -22.55
CA ALA E 798 -20.96 28.60 -22.62
C ALA E 798 -22.48 28.57 -22.52
N LYS E 799 -23.12 27.57 -23.12
CA LYS E 799 -24.58 27.49 -23.03
C LYS E 799 -25.02 27.24 -21.60
N THR E 800 -24.30 26.38 -20.87
CA THR E 800 -24.70 26.15 -19.49
C THR E 800 -24.45 27.39 -18.63
N ALA E 801 -23.37 28.11 -18.92
CA ALA E 801 -23.12 29.39 -18.26
C ALA E 801 -24.25 30.38 -18.51
N LEU E 802 -24.77 30.41 -19.74
CA LEU E 802 -25.86 31.33 -20.06
C LEU E 802 -27.12 30.98 -19.28
N ASP E 803 -27.45 29.70 -19.20
CA ASP E 803 -28.67 29.32 -18.47
C ASP E 803 -28.55 29.66 -16.98
N LEU E 804 -27.36 29.49 -16.40
CA LEU E 804 -27.24 29.83 -14.99
C LEU E 804 -27.17 31.34 -14.78
N PHE E 805 -26.55 32.08 -15.70
CA PHE E 805 -26.53 33.53 -15.59
C PHE E 805 -27.92 34.13 -15.65
N VAL E 806 -28.80 33.56 -16.48
CA VAL E 806 -30.16 34.08 -16.56
C VAL E 806 -31.10 33.47 -15.51
N LYS E 807 -30.70 32.37 -14.87
CA LYS E 807 -31.49 31.89 -13.73
C LYS E 807 -31.47 32.90 -12.59
N GLU E 808 -30.27 33.33 -12.18
CA GLU E 808 -30.14 34.36 -11.16
C GLU E 808 -30.70 35.72 -11.59
N SER E 809 -30.73 36.00 -12.90
CA SER E 809 -31.10 37.32 -13.44
C SER E 809 -29.93 38.29 -13.35
N SER E 810 -28.71 37.78 -13.49
CA SER E 810 -27.50 38.49 -13.08
C SER E 810 -27.19 39.62 -14.04
N LYS E 811 -26.02 40.22 -13.87
CA LYS E 811 -25.66 41.45 -14.56
C LYS E 811 -25.58 41.23 -16.06
N SER E 812 -26.14 42.16 -16.83
CA SER E 812 -26.15 42.02 -18.28
C SER E 812 -24.74 41.97 -18.87
N LYS E 813 -23.72 42.40 -18.13
CA LYS E 813 -22.35 42.10 -18.49
C LYS E 813 -22.20 40.64 -18.88
N PHE E 814 -22.53 39.74 -17.96
CA PHE E 814 -22.23 38.33 -18.16
C PHE E 814 -23.18 37.70 -19.18
N ILE E 815 -24.46 38.08 -19.17
CA ILE E 815 -25.40 37.48 -20.10
C ILE E 815 -25.05 37.87 -21.53
N HIS E 816 -24.77 39.16 -21.75
CA HIS E 816 -24.39 39.62 -23.09
C HIS E 816 -23.04 39.04 -23.51
N SER E 817 -22.10 38.91 -22.57
CA SER E 817 -20.80 38.37 -22.94
C SER E 817 -20.90 36.90 -23.30
N VAL E 818 -21.76 36.14 -22.61
CA VAL E 818 -21.88 34.72 -22.92
C VAL E 818 -22.68 34.51 -24.20
N LYS E 819 -23.66 35.38 -24.49
CA LYS E 819 -24.32 35.32 -25.78
C LYS E 819 -23.33 35.61 -26.91
N PHE E 820 -22.48 36.63 -26.73
CA PHE E 820 -21.42 36.90 -27.70
C PHE E 820 -20.50 35.69 -27.85
N ASN E 821 -20.15 35.04 -26.75
CA ASN E 821 -19.28 33.87 -26.82
C ASN E 821 -19.92 32.76 -27.64
N ILE E 822 -21.21 32.50 -27.40
CA ILE E 822 -21.91 31.44 -28.14
C ILE E 822 -21.96 31.77 -29.62
N ALA E 823 -22.25 33.03 -29.96
CA ALA E 823 -22.32 33.40 -31.37
C ALA E 823 -20.96 33.26 -32.05
N LEU E 824 -19.91 33.75 -31.38
CA LEU E 824 -18.56 33.60 -31.91
C LEU E 824 -18.21 32.13 -32.12
N LEU E 825 -18.62 31.28 -31.17
CA LEU E 825 -18.35 29.85 -31.30
C LEU E 825 -19.08 29.25 -32.49
N HIS E 826 -20.35 29.61 -32.69
CA HIS E 826 -21.08 29.09 -33.84
C HIS E 826 -20.40 29.48 -35.15
N PHE E 827 -19.93 30.73 -35.22
CA PHE E 827 -19.27 31.15 -36.45
C PHE E 827 -17.95 30.42 -36.64
N GLN E 828 -17.23 30.16 -35.54
CA GLN E 828 -15.97 29.44 -35.66
C GLN E 828 -16.18 27.99 -36.09
N ILE E 829 -17.20 27.32 -35.56
CA ILE E 829 -17.46 25.94 -36.00
C ILE E 829 -17.82 25.93 -37.48
N ALA E 830 -18.67 26.87 -37.92
CA ALA E 830 -19.03 26.94 -39.33
C ALA E 830 -17.80 27.14 -40.21
N GLU E 831 -16.99 28.16 -39.90
CA GLU E 831 -15.88 28.51 -40.76
C GLU E 831 -14.74 27.51 -40.69
N THR E 832 -14.65 26.71 -39.63
CA THR E 832 -13.63 25.68 -39.60
C THR E 832 -14.12 24.41 -40.29
N LEU E 833 -15.43 24.15 -40.28
CA LEU E 833 -15.96 23.02 -41.03
C LEU E 833 -15.93 23.22 -42.53
N ARG E 834 -16.21 24.43 -43.02
CA ARG E 834 -16.27 24.60 -44.47
C ARG E 834 -14.90 24.43 -45.11
N ARG E 835 -13.84 24.82 -44.40
CA ARG E 835 -12.45 24.70 -44.85
C ARG E 835 -11.82 23.39 -44.36
N SER E 836 -12.55 22.29 -44.54
CA SER E 836 -12.10 20.96 -44.17
C SER E 836 -12.39 19.97 -45.29
N ASN E 837 -11.62 18.87 -45.30
CA ASN E 837 -11.81 17.82 -46.29
C ASN E 837 -13.07 17.01 -46.00
N PRO E 838 -13.88 16.69 -47.02
CA PRO E 838 -15.13 15.96 -46.76
C PRO E 838 -14.95 14.60 -46.11
N LYS E 839 -13.81 13.94 -46.33
CA LYS E 839 -13.54 12.64 -45.71
C LYS E 839 -13.55 12.70 -44.19
N PHE E 840 -13.50 13.90 -43.59
CA PHE E 840 -13.47 14.04 -42.14
C PHE E 840 -14.74 14.71 -41.61
N ARG E 841 -15.82 14.71 -42.39
CA ARG E 841 -17.07 15.34 -41.99
C ARG E 841 -18.23 14.38 -42.21
N THR E 842 -19.32 14.63 -41.49
CA THR E 842 -20.62 14.04 -41.76
C THR E 842 -21.54 15.12 -42.32
N VAL E 843 -22.52 14.70 -43.12
CA VAL E 843 -23.51 15.65 -43.62
C VAL E 843 -24.30 16.29 -42.48
N GLN E 844 -24.57 15.53 -41.42
CA GLN E 844 -25.44 16.07 -40.38
C GLN E 844 -24.69 17.05 -39.48
N GLN E 845 -23.37 16.95 -39.38
CA GLN E 845 -22.67 18.00 -38.64
C GLN E 845 -22.69 19.32 -39.39
N ILE E 846 -22.70 19.28 -40.73
CA ILE E 846 -22.83 20.51 -41.49
C ILE E 846 -24.25 21.07 -41.34
N LYS E 847 -25.24 20.17 -41.32
CA LYS E 847 -26.62 20.58 -41.02
C LYS E 847 -26.70 21.30 -39.68
N ASP E 848 -26.16 20.67 -38.63
CA ASP E 848 -26.21 21.23 -37.29
C ASP E 848 -25.44 22.55 -37.20
N SER E 849 -24.33 22.68 -37.93
CA SER E 849 -23.59 23.93 -37.89
C SER E 849 -24.30 25.02 -38.67
N LEU E 850 -25.10 24.66 -39.68
CA LEU E 850 -25.92 25.66 -40.35
C LEU E 850 -26.98 26.21 -39.41
N GLU E 851 -27.59 25.33 -38.62
CA GLU E 851 -28.57 25.82 -37.65
C GLU E 851 -27.88 26.60 -36.54
N GLY E 852 -26.65 26.22 -36.21
CA GLY E 852 -25.88 26.97 -35.24
C GLY E 852 -25.52 28.35 -35.72
N LEU E 853 -25.24 28.49 -37.02
CA LEU E 853 -24.95 29.82 -37.54
C LEU E 853 -26.21 30.66 -37.60
N LYS E 854 -27.36 30.02 -37.84
CA LYS E 854 -28.62 30.76 -37.76
C LYS E 854 -28.86 31.32 -36.37
N GLU E 855 -28.61 30.52 -35.32
CA GLU E 855 -28.86 31.05 -33.98
C GLU E 855 -27.76 32.01 -33.55
N GLY E 856 -26.53 31.80 -34.06
CA GLY E 856 -25.49 32.79 -33.83
C GLY E 856 -25.85 34.14 -34.42
N LEU E 857 -26.48 34.15 -35.60
CA LEU E 857 -26.88 35.43 -36.17
C LEU E 857 -28.04 36.02 -35.38
N GLU E 858 -28.93 35.18 -34.85
CA GLU E 858 -30.02 35.75 -34.07
C GLU E 858 -29.52 36.33 -32.74
N LEU E 859 -28.46 35.74 -32.17
CA LEU E 859 -27.91 36.30 -30.93
C LEU E 859 -27.11 37.58 -31.23
N PHE E 860 -26.41 37.61 -32.36
CA PHE E 860 -25.72 38.83 -32.75
C PHE E 860 -26.71 39.97 -33.02
N ARG E 861 -27.82 39.66 -33.66
CA ARG E 861 -28.83 40.67 -33.96
C ARG E 861 -29.61 41.08 -32.73
N GLU E 862 -29.66 40.24 -31.68
CA GLU E 862 -30.21 40.74 -30.43
C GLU E 862 -29.19 41.58 -29.67
N LEU E 863 -27.89 41.39 -29.94
CA LEU E 863 -26.90 42.30 -29.34
C LEU E 863 -26.80 43.63 -30.08
N ASN E 864 -27.04 43.67 -31.38
CA ASN E 864 -26.85 44.94 -32.10
C ASN E 864 -28.00 45.92 -31.90
N ASP E 865 -29.25 45.47 -32.08
CA ASP E 865 -30.38 46.39 -32.00
C ASP E 865 -30.74 46.82 -30.59
N LEU E 866 -30.33 46.09 -29.55
CA LEU E 866 -30.63 46.56 -28.20
C LEU E 866 -29.64 47.67 -27.86
N LYS E 867 -30.17 48.87 -27.70
CA LYS E 867 -29.45 50.13 -27.83
C LYS E 867 -28.65 50.56 -26.59
N GLU E 868 -27.75 49.71 -26.05
CA GLU E 868 -26.93 50.12 -24.91
C GLU E 868 -25.53 49.51 -24.88
N PHE E 869 -25.15 48.68 -25.84
CA PHE E 869 -24.00 47.77 -25.68
C PHE E 869 -22.72 48.34 -26.30
N ASN E 870 -21.71 48.54 -25.47
CA ASN E 870 -20.38 48.96 -25.91
C ASN E 870 -19.34 47.88 -25.66
N ILE E 872 -18.03 45.16 -27.95
CA ILE E 872 -17.20 45.32 -29.14
C ILE E 872 -17.57 46.64 -29.80
N PRO E 873 -16.95 47.05 -30.94
CA PRO E 873 -17.21 48.40 -31.44
C PRO E 873 -18.59 48.69 -32.00
N LYS E 874 -19.56 47.77 -31.86
CA LYS E 874 -20.97 48.07 -32.17
C LYS E 874 -21.20 48.23 -33.67
N GLU E 875 -20.12 48.40 -34.43
CA GLU E 875 -20.18 48.37 -35.87
C GLU E 875 -19.32 47.27 -36.48
N GLU E 876 -18.47 46.63 -35.68
CA GLU E 876 -17.92 45.35 -36.09
C GLU E 876 -18.97 44.26 -36.00
N LEU E 877 -19.85 44.38 -35.01
CA LEU E 877 -20.86 43.35 -34.80
C LEU E 877 -21.81 43.29 -35.98
N GLU E 878 -22.23 44.47 -36.47
CA GLU E 878 -23.10 44.49 -37.64
C GLU E 878 -22.43 43.80 -38.80
N GLN E 879 -21.11 43.95 -38.92
CA GLN E 879 -20.42 43.33 -40.03
C GLN E 879 -20.61 41.83 -39.99
N ARG E 880 -20.52 41.24 -38.79
CA ARG E 880 -20.64 39.80 -38.75
C ARG E 880 -22.08 39.36 -38.94
N ILE E 881 -23.06 40.20 -38.56
CA ILE E 881 -24.42 39.81 -38.89
C ILE E 881 -24.57 39.77 -40.40
N GLN E 882 -24.05 40.79 -41.08
CA GLN E 882 -24.19 40.79 -42.53
C GLN E 882 -22.97 40.17 -43.18
N LEU E 883 -22.16 39.48 -42.37
CA LEU E 883 -21.30 38.43 -42.88
C LEU E 883 -21.95 37.06 -42.74
N GLY E 884 -22.79 36.88 -41.72
CA GLY E 884 -23.46 35.60 -41.55
C GLY E 884 -24.62 35.39 -42.49
N GLU E 885 -25.36 36.46 -42.82
CA GLU E 885 -26.57 36.33 -43.61
C GLU E 885 -26.31 36.31 -45.10
N THR E 886 -25.23 36.92 -45.58
CA THR E 886 -24.93 36.91 -47.02
C THR E 886 -24.04 35.75 -47.40
N THR E 887 -22.79 35.76 -46.95
CA THR E 887 -21.77 34.88 -47.52
C THR E 887 -21.66 33.55 -46.79
N LYS E 889 -23.11 31.39 -44.58
CA LYS E 889 -24.09 30.31 -44.74
C LYS E 889 -23.95 29.66 -46.11
N SER E 890 -23.96 30.48 -47.17
CA SER E 890 -23.93 29.95 -48.53
C SER E 890 -22.70 29.06 -48.73
N ALA E 891 -21.55 29.47 -48.21
CA ALA E 891 -20.36 28.63 -48.32
C ALA E 891 -20.63 27.25 -47.74
N LEU E 892 -21.15 27.20 -46.51
CA LEU E 892 -21.42 25.91 -45.90
C LEU E 892 -22.62 25.21 -46.51
N GLU E 893 -23.44 25.90 -47.32
CA GLU E 893 -24.43 25.11 -48.04
C GLU E 893 -23.82 24.55 -49.31
N ARG E 894 -22.85 25.27 -49.88
CA ARG E 894 -22.09 24.72 -50.98
C ARG E 894 -21.29 23.52 -50.51
N SER E 895 -20.50 23.73 -49.46
CA SER E 895 -19.77 22.64 -48.82
C SER E 895 -20.72 21.60 -48.24
N LEU E 896 -22.01 21.94 -48.08
CA LEU E 896 -22.95 20.92 -47.64
C LEU E 896 -23.29 19.98 -48.79
N ASN E 897 -23.55 20.54 -49.98
CA ASN E 897 -23.95 19.67 -51.08
C ASN E 897 -22.78 18.84 -51.58
N GLU E 898 -21.58 19.42 -51.60
CA GLU E 898 -20.39 18.63 -51.90
C GLU E 898 -20.31 17.43 -50.97
N GLN E 899 -20.73 17.61 -49.72
CA GLN E 899 -20.68 16.50 -48.78
C GLN E 899 -21.69 15.43 -49.17
N GLU E 900 -22.92 15.81 -49.53
CA GLU E 900 -23.92 14.79 -49.78
C GLU E 900 -23.62 14.08 -51.10
N GLU E 901 -23.17 14.85 -52.08
CA GLU E 901 -22.64 14.25 -53.30
C GLU E 901 -21.54 13.28 -52.96
N PHE E 902 -20.65 13.68 -52.04
CA PHE E 902 -19.58 12.80 -51.58
C PHE E 902 -20.16 11.49 -51.10
N GLU E 903 -21.15 11.55 -50.20
CA GLU E 903 -21.74 10.32 -49.68
C GLU E 903 -22.21 9.44 -50.82
N LYS E 904 -22.93 10.04 -51.77
CA LYS E 904 -23.45 9.26 -52.89
C LYS E 904 -22.31 8.60 -53.65
N GLU E 905 -21.25 9.36 -53.94
CA GLU E 905 -20.16 8.78 -54.70
C GLU E 905 -19.55 7.60 -53.95
N GLN E 906 -19.44 7.71 -52.63
CA GLN E 906 -18.76 6.63 -51.93
C GLN E 906 -19.68 5.43 -51.80
N SER E 907 -20.99 5.66 -51.74
CA SER E 907 -21.86 4.50 -51.78
C SER E 907 -21.90 3.96 -53.19
N ALA E 908 -21.77 4.85 -54.18
CA ALA E 908 -21.56 4.41 -55.55
C ALA E 908 -20.44 3.39 -55.59
N LYS E 909 -19.33 3.68 -54.90
CA LYS E 909 -18.18 2.83 -55.13
C LYS E 909 -18.42 1.44 -54.58
N ILE E 910 -19.09 1.37 -53.42
CA ILE E 910 -19.35 0.05 -52.84
C ILE E 910 -20.19 -0.76 -53.81
N ASP E 911 -21.16 -0.10 -54.45
CA ASP E 911 -22.08 -0.84 -55.31
C ASP E 911 -21.32 -1.38 -56.51
N GLU E 912 -20.40 -0.57 -57.05
CA GLU E 912 -19.57 -1.08 -58.13
C GLU E 912 -18.70 -2.22 -57.62
N ALA E 913 -18.05 -2.00 -56.47
CA ALA E 913 -17.22 -3.04 -55.89
C ALA E 913 -18.03 -4.32 -55.74
N ARG E 914 -19.30 -4.18 -55.33
CA ARG E 914 -20.13 -5.34 -55.12
C ARG E 914 -20.11 -6.23 -56.36
N LYS E 915 -20.48 -5.67 -57.51
CA LYS E 915 -20.67 -6.58 -58.63
C LYS E 915 -19.35 -7.07 -59.17
N ILE E 916 -18.24 -6.38 -58.87
CA ILE E 916 -16.98 -6.89 -59.40
C ILE E 916 -16.60 -8.19 -58.70
N LEU E 917 -16.89 -8.30 -57.40
CA LEU E 917 -16.50 -9.59 -56.84
C LEU E 917 -17.56 -10.66 -57.09
N GLU E 918 -18.68 -10.29 -57.72
CA GLU E 918 -19.48 -11.31 -58.36
C GLU E 918 -18.79 -11.83 -59.62
N GLU E 919 -18.33 -10.90 -60.47
CA GLU E 919 -17.67 -11.31 -61.72
C GLU E 919 -16.46 -12.20 -61.47
N ASN E 920 -15.76 -11.97 -60.36
CA ASN E 920 -14.54 -12.71 -60.11
C ASN E 920 -14.89 -14.02 -59.41
N GLU E 921 -16.03 -14.58 -59.79
CA GLU E 921 -16.30 -15.99 -59.54
C GLU E 921 -16.51 -16.75 -60.84
N LEU E 922 -16.40 -16.11 -61.99
CA LEU E 922 -16.32 -16.84 -63.26
C LEU E 922 -14.92 -16.74 -63.86
N GLN F 5 -8.32 35.13 -28.67
CA GLN F 5 -8.05 36.50 -28.22
C GLN F 5 -9.36 37.28 -28.03
N GLU F 6 -10.37 36.91 -28.81
CA GLU F 6 -11.64 37.62 -28.90
C GLU F 6 -12.69 37.13 -27.91
N TYR F 7 -12.38 36.12 -27.10
CA TYR F 7 -13.33 35.59 -26.11
C TYR F 7 -13.46 36.52 -24.90
N ALA F 9 -14.45 36.43 -21.06
CA ALA F 9 -14.30 35.63 -19.84
C ALA F 9 -13.14 36.17 -19.01
N PRO F 10 -13.42 37.18 -18.19
CA PRO F 10 -12.36 37.80 -17.38
C PRO F 10 -11.91 36.89 -16.26
N ILE F 11 -10.62 37.00 -15.91
CA ILE F 11 -10.04 36.25 -14.80
C ILE F 11 -9.95 37.16 -13.59
N LYS F 12 -10.36 36.64 -12.43
CA LYS F 12 -10.37 37.40 -11.18
C LYS F 12 -9.79 36.53 -10.07
N TYR F 13 -8.58 36.84 -9.64
CA TYR F 13 -7.99 36.10 -8.54
C TYR F 13 -8.63 36.50 -7.22
N GLN F 14 -8.73 35.55 -6.30
CA GLN F 14 -9.41 35.78 -5.04
C GLN F 14 -8.55 35.34 -3.87
N ASN F 15 -8.65 36.09 -2.75
CA ASN F 15 -7.89 35.78 -1.54
C ASN F 15 -8.80 35.39 -0.38
N SER F 16 -9.72 36.27 0.03
CA SER F 16 -10.97 35.90 0.69
C SER F 16 -10.72 35.08 1.97
N LEU F 17 -10.25 35.79 2.99
CA LEU F 17 -10.09 35.18 4.32
C LEU F 17 -11.37 34.45 4.72
N PRO F 18 -11.27 33.33 5.42
CA PRO F 18 -12.46 32.63 5.87
C PRO F 18 -13.06 33.28 7.12
N VAL F 19 -14.30 32.91 7.40
CA VAL F 19 -14.94 33.30 8.66
C VAL F 19 -14.19 32.66 9.82
N PRO F 20 -14.05 33.36 10.97
CA PRO F 20 -13.34 32.76 12.12
C PRO F 20 -13.81 31.35 12.41
N GLN F 21 -12.92 30.37 12.22
CA GLN F 21 -13.28 28.96 12.37
C GLN F 21 -13.97 28.69 13.71
N LEU F 22 -13.38 29.21 14.79
CA LEU F 22 -13.79 28.94 16.16
C LEU F 22 -14.02 27.44 16.34
N PRO F 23 -12.96 26.65 16.42
CA PRO F 23 -13.13 25.20 16.60
C PRO F 23 -13.51 24.88 18.03
N PRO F 24 -13.77 23.60 18.35
CA PRO F 24 -14.05 23.24 19.74
C PRO F 24 -12.91 23.68 20.65
N LYS F 25 -13.26 23.96 21.90
CA LYS F 25 -12.30 24.46 22.87
C LYS F 25 -11.63 23.30 23.59
N LEU F 26 -10.33 23.42 23.81
CA LEU F 26 -9.63 22.51 24.69
C LEU F 26 -9.86 22.92 26.14
N LEU F 27 -9.64 21.98 27.05
CA LEU F 27 -9.67 22.25 28.48
C LEU F 27 -8.28 22.17 29.08
N VAL F 28 -8.01 23.07 30.03
CA VAL F 28 -6.74 23.07 30.75
C VAL F 28 -6.64 21.78 31.55
N TYR F 29 -5.48 21.14 31.48
CA TYR F 29 -5.30 19.93 32.25
C TYR F 29 -5.24 20.26 33.74
N PRO F 30 -5.80 19.39 34.59
CA PRO F 30 -5.69 19.62 36.04
C PRO F 30 -4.25 19.55 36.49
N GLU F 31 -3.94 20.31 37.52
CA GLU F 31 -2.58 20.35 38.05
C GLU F 31 -2.18 18.96 38.56
N SER F 32 -0.98 18.53 38.19
CA SER F 32 -0.46 17.23 38.60
C SER F 32 0.92 17.48 39.19
N PRO F 33 1.00 17.65 40.51
CA PRO F 33 2.27 18.09 41.12
C PRO F 33 3.40 17.07 40.98
N GLU F 34 3.11 15.78 40.87
CA GLU F 34 4.17 14.78 40.88
C GLU F 34 4.84 14.60 39.53
N THR F 35 4.39 15.29 38.49
CA THR F 35 5.03 15.25 37.18
C THR F 35 5.51 16.63 36.73
N ASN F 36 5.46 17.61 37.61
CA ASN F 36 6.08 18.89 37.32
C ASN F 36 7.59 18.76 37.33
N ALA F 37 8.28 19.73 36.72
CA ALA F 37 9.73 19.74 36.72
C ALA F 37 10.31 19.75 38.13
N ASP F 38 9.59 20.33 39.09
CA ASP F 38 10.01 20.46 40.47
C ASP F 38 9.68 19.24 41.32
N SER F 39 9.10 18.20 40.73
CA SER F 39 8.70 17.02 41.48
C SER F 39 9.93 16.28 42.03
N SER F 40 9.88 15.92 43.32
CA SER F 40 10.89 15.05 43.89
C SER F 40 10.82 13.63 43.35
N GLN F 41 9.68 13.24 42.77
CA GLN F 41 9.53 11.89 42.24
C GLN F 41 10.44 11.65 41.05
N LEU F 42 10.87 12.70 40.36
CA LEU F 42 11.89 12.53 39.32
C LEU F 42 13.23 12.11 39.92
N ILE F 43 13.61 12.76 41.03
CA ILE F 43 14.81 12.36 41.74
C ILE F 43 14.68 10.93 42.26
N ASN F 44 13.47 10.53 42.67
CA ASN F 44 13.25 9.15 43.09
C ASN F 44 13.42 8.19 41.92
N SER F 45 12.82 8.52 40.77
CA SER F 45 13.03 7.79 39.53
C SER F 45 14.52 7.56 39.27
N LEU F 46 15.34 8.61 39.41
CA LEU F 46 16.76 8.44 39.15
C LEU F 46 17.44 7.61 40.23
N TYR F 47 17.02 7.80 41.50
CA TYR F 47 17.65 7.04 42.58
C TYR F 47 17.45 5.55 42.38
N ILE F 48 16.29 5.15 41.86
CA ILE F 48 16.04 3.73 41.62
C ILE F 48 17.16 3.12 40.78
N LYS F 49 17.72 3.89 39.84
CA LYS F 49 18.80 3.41 38.99
C LYS F 49 20.17 3.57 39.66
N THR F 50 20.44 4.74 40.26
CA THR F 50 21.77 5.12 40.73
C THR F 50 21.98 4.88 42.23
N ASN F 51 21.23 3.97 42.84
CA ASN F 51 20.96 3.97 44.29
C ASN F 51 22.12 4.29 45.24
N VAL F 52 23.12 3.43 45.34
CA VAL F 52 24.14 3.57 46.39
C VAL F 52 25.54 3.75 45.82
N THR F 53 25.64 4.26 44.59
CA THR F 53 26.91 4.25 43.87
C THR F 53 28.00 5.03 44.60
N ASN F 54 27.63 6.13 45.26
CA ASN F 54 28.61 7.01 45.88
C ASN F 54 29.05 6.56 47.26
N LEU F 55 28.56 5.41 47.75
CA LEU F 55 28.91 4.92 49.07
C LEU F 55 29.90 3.76 49.02
N ILE F 56 30.14 3.20 47.83
CA ILE F 56 30.94 1.97 47.76
C ILE F 56 32.36 2.24 48.21
N GLN F 57 32.86 3.44 47.94
CA GLN F 57 34.12 3.91 48.52
C GLN F 57 33.78 4.34 49.93
N GLN F 58 33.93 3.42 50.89
CA GLN F 58 33.54 3.67 52.27
C GLN F 58 34.28 4.85 52.91
N ASP F 59 35.47 5.17 52.42
CA ASP F 59 36.32 6.18 53.05
C ASP F 59 37.45 6.45 52.06
N GLU F 60 38.37 7.33 52.47
CA GLU F 60 39.46 7.66 51.55
C GLU F 60 40.48 6.54 51.41
N ASP F 61 40.45 5.53 52.28
CA ASP F 61 41.24 4.34 52.06
C ASP F 61 40.57 3.34 51.13
N LEU F 62 39.40 3.69 50.57
CA LEU F 62 38.63 2.81 49.69
C LEU F 62 38.21 1.52 50.37
N GLY F 63 38.19 1.49 51.70
CA GLY F 63 37.89 0.27 52.42
C GLY F 63 39.02 -0.73 52.43
N PRO F 65 42.69 -0.64 53.97
CA PRO F 65 43.84 -0.02 54.66
C PRO F 65 45.11 -0.84 54.48
N VAL F 66 46.20 -0.15 54.16
CA VAL F 66 47.50 -0.78 53.96
C VAL F 66 48.20 -0.92 55.32
N ASP F 67 48.57 -2.15 55.67
CA ASP F 67 49.22 -2.44 56.95
C ASP F 67 50.35 -3.43 56.72
N LEU F 68 51.57 -3.00 57.03
CA LEU F 68 52.74 -3.86 56.92
C LEU F 68 52.87 -4.82 58.10
N LYS F 70 50.77 -7.02 58.68
CA LYS F 70 50.12 -8.23 58.19
C LYS F 70 51.06 -9.15 57.42
N PHE F 71 52.34 -8.78 57.31
CA PHE F 71 53.31 -9.58 56.56
C PHE F 71 54.38 -10.14 57.48
N PRO F 72 54.29 -11.41 57.87
CA PRO F 72 55.30 -12.01 58.75
C PRO F 72 56.69 -12.02 58.12
N GLY F 73 57.69 -11.87 58.97
CA GLY F 73 59.10 -11.82 58.56
C GLY F 73 59.56 -10.41 58.25
N LEU F 74 58.81 -9.72 57.40
CA LEU F 74 59.07 -8.31 57.15
C LEU F 74 58.56 -7.50 58.32
N LEU F 75 59.27 -6.42 58.64
CA LEU F 75 59.10 -5.52 59.77
C LEU F 75 59.66 -6.10 61.08
N ASN F 76 60.04 -7.38 61.12
CA ASN F 76 60.77 -7.92 62.26
C ASN F 76 62.09 -8.55 61.87
N LYS F 77 62.11 -9.40 60.84
CA LYS F 77 63.33 -10.06 60.40
C LYS F 77 63.87 -9.51 59.08
N LEU F 78 63.29 -8.42 58.57
CA LEU F 78 63.76 -7.79 57.34
C LEU F 78 63.59 -8.74 56.16
N ASP F 79 62.47 -9.45 56.14
CA ASP F 79 62.21 -10.54 55.20
C ASP F 79 61.35 -9.97 54.08
N SER F 80 62.01 -9.41 53.06
CA SER F 80 61.27 -8.75 51.97
C SER F 80 60.32 -9.69 51.23
N LYS F 81 60.43 -11.01 51.40
CA LYS F 81 59.37 -11.88 50.92
C LYS F 81 58.04 -11.66 51.63
N LEU F 82 57.02 -12.29 51.06
CA LEU F 82 55.59 -12.18 51.27
C LEU F 82 55.02 -10.90 50.68
N LEU F 83 55.86 -9.94 50.27
CA LEU F 83 55.36 -8.85 49.44
C LEU F 83 55.30 -9.26 47.99
N TYR F 84 55.97 -10.34 47.63
CA TYR F 84 56.04 -10.83 46.28
C TYR F 84 55.06 -11.98 46.14
N GLY F 85 55.05 -12.64 44.99
CA GLY F 85 54.12 -13.73 44.80
C GLY F 85 54.39 -14.90 45.73
N PHE F 86 53.31 -15.54 46.17
CA PHE F 86 53.35 -16.99 46.30
C PHE F 86 53.36 -17.51 44.86
N ASP F 87 54.24 -18.45 44.58
CA ASP F 87 54.27 -19.01 43.23
C ASP F 87 53.57 -20.36 43.24
N ASN F 88 53.04 -20.75 42.09
CA ASN F 88 52.21 -21.95 41.95
C ASN F 88 50.99 -21.88 42.88
N VAL F 89 50.12 -20.94 42.55
CA VAL F 89 48.87 -20.74 43.29
C VAL F 89 47.72 -21.21 42.41
N LYS F 90 46.70 -21.77 43.06
CA LYS F 90 45.72 -22.57 42.35
C LYS F 90 44.57 -21.74 41.81
N LEU F 91 44.08 -20.76 42.59
CA LEU F 91 42.99 -19.88 42.19
C LEU F 91 41.69 -20.67 41.96
N ASP F 92 41.12 -21.09 43.09
CA ASP F 92 39.76 -21.62 43.19
C ASP F 92 38.80 -20.86 42.29
N LYS F 93 37.80 -21.56 41.75
CA LYS F 93 37.02 -21.00 40.64
C LYS F 93 36.22 -19.77 41.04
N ASP F 94 35.70 -19.71 42.27
CA ASP F 94 34.96 -18.51 42.68
C ASP F 94 35.87 -17.30 42.77
N ASP F 95 37.19 -17.50 42.83
CA ASP F 95 38.14 -16.41 42.66
C ASP F 95 38.55 -16.24 41.20
N ARG F 96 38.58 -17.34 40.44
CA ARG F 96 39.04 -17.28 39.05
C ARG F 96 38.04 -16.58 38.14
N ILE F 97 36.76 -16.60 38.49
CA ILE F 97 35.76 -15.86 37.71
C ILE F 97 35.89 -14.36 37.90
N LEU F 98 36.73 -13.91 38.83
CA LEU F 98 36.86 -12.49 39.13
C LEU F 98 37.91 -11.78 38.30
N LEU F 99 38.60 -12.47 37.40
CA LEU F 99 39.59 -11.82 36.54
C LEU F 99 39.04 -11.50 35.17
N ARG F 100 37.73 -11.61 35.02
CA ARG F 100 37.03 -11.28 33.79
C ARG F 100 37.17 -9.79 33.47
N ASP F 101 36.85 -9.44 32.23
CA ASP F 101 36.66 -8.06 31.84
C ASP F 101 35.26 -7.63 32.29
N PRO F 102 34.93 -6.33 32.21
CA PRO F 102 33.67 -5.87 32.80
C PRO F 102 32.37 -6.47 32.28
N ARG F 103 32.09 -6.39 30.97
CA ARG F 103 30.77 -6.76 30.44
C ARG F 103 29.70 -5.82 30.99
N SER G 3 -19.97 48.34 27.12
CA SER G 3 -19.74 46.92 26.82
C SER G 3 -20.85 46.03 27.39
N GLU G 4 -20.56 44.73 27.41
CA GLU G 4 -21.57 43.69 27.48
C GLU G 4 -21.89 43.39 28.95
N VAL G 5 -22.50 42.22 29.24
CA VAL G 5 -23.08 41.93 30.55
C VAL G 5 -22.17 40.98 31.31
N SER G 6 -22.17 41.11 32.64
CA SER G 6 -21.19 40.48 33.51
C SER G 6 -21.66 39.09 33.95
N ASP G 7 -21.01 38.06 33.44
CA ASP G 7 -21.39 36.67 33.72
C ASP G 7 -20.25 35.96 34.43
N PRO G 8 -20.35 35.73 35.75
CA PRO G 8 -19.23 35.08 36.46
C PRO G 8 -19.04 33.63 36.05
N VAL G 9 -20.09 32.95 35.59
CA VAL G 9 -19.93 31.54 35.30
C VAL G 9 -19.29 31.34 33.92
N VAL G 10 -19.41 32.32 33.03
CA VAL G 10 -18.60 32.24 31.82
C VAL G 10 -17.18 32.68 32.13
N VAL G 11 -17.00 33.54 33.14
CA VAL G 11 -15.66 33.88 33.60
C VAL G 11 -14.92 32.63 34.05
N GLU G 12 -15.60 31.78 34.84
CA GLU G 12 -14.98 30.52 35.21
C GLU G 12 -15.05 29.48 34.10
N THR G 13 -15.83 29.73 33.05
CA THR G 13 -15.77 28.87 31.88
C THR G 13 -14.48 29.09 31.10
N LYS G 15 -11.63 30.53 32.09
CA LYS G 15 -10.41 30.26 32.84
C LYS G 15 -9.92 28.83 32.61
N HIS G 16 -10.82 27.91 32.27
CA HIS G 16 -10.46 26.52 32.02
C HIS G 16 -10.35 26.17 30.55
N GLU G 17 -10.52 27.13 29.63
CA GLU G 17 -10.37 26.82 28.21
C GLU G 17 -9.02 27.29 27.68
N ARG G 18 -8.56 26.59 26.66
CA ARG G 18 -7.38 26.94 25.89
C ARG G 18 -7.83 26.91 24.43
N ILE G 19 -7.50 27.94 23.68
CA ILE G 19 -8.01 28.07 22.33
C ILE G 19 -7.10 27.28 21.40
N LEU G 20 -7.68 26.30 20.70
CA LEU G 20 -6.90 25.44 19.83
C LEU G 20 -6.38 26.22 18.63
N VAL G 21 -7.26 26.91 17.92
CA VAL G 21 -6.89 27.77 16.80
C VAL G 21 -7.72 29.03 16.91
N ASP G 22 -7.08 30.18 16.72
CA ASP G 22 -7.79 31.46 16.69
C ASP G 22 -7.84 31.97 15.25
N HIS G 23 -8.38 33.16 15.08
CA HIS G 23 -8.57 33.69 13.73
C HIS G 23 -7.25 33.92 13.01
N ASN G 24 -6.14 34.03 13.72
CA ASN G 24 -4.85 34.27 13.06
C ASN G 24 -4.07 33.00 12.80
N SER G 25 -4.06 32.06 13.74
CA SER G 25 -3.36 30.79 13.49
C SER G 25 -4.09 29.96 12.44
N ALA G 26 -5.41 30.16 12.32
CA ALA G 26 -6.19 29.46 11.31
C ALA G 26 -5.72 29.78 9.90
N LEU G 27 -4.98 30.87 9.73
CA LEU G 27 -4.44 31.26 8.43
C LEU G 27 -3.11 30.59 8.13
N ARG G 28 -2.71 29.60 8.93
CA ARG G 28 -1.54 28.79 8.62
C ARG G 28 -1.89 27.59 7.75
N GLY G 29 -3.18 27.35 7.50
CA GLY G 29 -3.61 26.19 6.76
C GLY G 29 -3.64 24.94 7.62
N ALA G 30 -3.67 23.80 6.93
CA ALA G 30 -3.69 22.51 7.60
C ALA G 30 -2.31 21.91 7.78
N LYS G 31 -1.35 22.29 6.92
CA LYS G 31 0.04 21.88 7.07
C LYS G 31 0.95 23.10 7.05
N PRO G 32 1.98 23.13 7.90
CA PRO G 32 2.84 24.32 7.97
C PRO G 32 3.71 24.42 6.73
N ILE G 33 3.52 25.50 5.97
CA ILE G 33 4.40 25.85 4.86
C ILE G 33 5.05 27.17 5.22
N ASN G 34 6.37 27.16 5.37
CA ASN G 34 7.10 28.39 5.70
C ASN G 34 7.23 29.23 4.44
N PHE G 35 6.56 30.38 4.41
CA PHE G 35 6.59 31.30 3.28
C PHE G 35 7.46 32.52 3.54
N GLY G 36 8.37 32.43 4.50
CA GLY G 36 9.23 33.56 4.81
C GLY G 36 10.06 34.01 3.62
N TYR G 37 10.43 33.08 2.74
CA TYR G 37 11.23 33.43 1.58
C TYR G 37 10.56 34.49 0.72
N LEU G 38 9.24 34.65 0.86
CA LEU G 38 8.53 35.63 0.06
C LEU G 38 8.84 37.06 0.50
N ILE G 39 9.16 37.26 1.79
CA ILE G 39 9.50 38.60 2.28
C ILE G 39 10.59 39.21 1.42
N LYS G 40 11.64 38.45 1.14
CA LYS G 40 12.69 38.97 0.28
C LYS G 40 12.24 38.98 -1.18
N ASP G 41 11.53 37.93 -1.62
CA ASP G 41 11.12 37.83 -3.01
C ASP G 41 10.31 39.04 -3.45
N ALA G 42 9.20 39.31 -2.74
CA ALA G 42 8.38 40.46 -3.05
C ALA G 42 9.18 41.76 -3.02
N GLU G 43 10.27 41.80 -2.25
CA GLU G 43 11.04 43.03 -2.14
C GLU G 43 12.07 43.18 -3.26
N LEU G 44 12.43 42.08 -3.94
CA LEU G 44 13.33 42.23 -5.09
C LEU G 44 12.62 42.13 -6.43
N LYS G 45 11.55 41.35 -6.54
CA LYS G 45 10.86 41.24 -7.82
C LYS G 45 9.60 42.10 -7.93
N LEU G 46 9.04 42.58 -6.83
CA LEU G 46 7.86 43.44 -6.89
C LEU G 46 8.14 44.87 -6.42
N VAL G 47 8.63 45.06 -5.20
CA VAL G 47 8.71 46.42 -4.64
C VAL G 47 9.62 47.29 -5.49
N GLN G 48 10.83 46.80 -5.80
CA GLN G 48 11.81 47.63 -6.51
C GLN G 48 11.41 47.84 -7.98
N SER G 49 10.65 46.91 -8.56
CA SER G 49 10.21 47.11 -9.94
C SER G 49 8.98 48.00 -10.03
N ILE G 50 8.12 47.98 -9.00
CA ILE G 50 7.01 48.92 -8.91
C ILE G 50 7.53 50.31 -8.59
N LYS G 51 8.70 50.41 -7.96
CA LYS G 51 9.34 51.70 -7.62
C LYS G 51 9.92 52.37 -8.85
N GLY G 52 9.55 51.81 -10.00
CA GLY G 52 9.85 52.36 -11.30
C GLY G 52 8.96 53.55 -11.58
N SER G 53 9.20 54.63 -10.85
CA SER G 53 8.44 55.86 -10.99
C SER G 53 9.29 57.05 -10.57
N LYS H 18 4.83 -34.27 13.24
CA LYS H 18 5.36 -34.63 14.55
C LYS H 18 5.50 -36.11 14.79
N ALA H 19 6.74 -36.59 14.82
CA ALA H 19 6.95 -37.94 15.31
C ALA H 19 7.01 -37.92 16.83
N LYS H 20 7.75 -36.96 17.40
CA LYS H 20 7.85 -36.88 18.85
C LYS H 20 7.94 -35.48 19.43
N GLU H 21 7.95 -34.40 18.64
CA GLU H 21 8.34 -33.15 19.28
C GLU H 21 7.57 -31.87 18.93
N ILE H 22 6.46 -31.89 18.19
CA ILE H 22 5.70 -30.65 18.04
C ILE H 22 5.02 -30.26 19.35
N ALA H 23 5.20 -31.06 20.40
CA ALA H 23 4.77 -30.71 21.73
C ALA H 23 5.64 -29.63 22.38
N GLN H 24 6.92 -29.54 22.01
CA GLN H 24 7.84 -28.61 22.63
C GLN H 24 7.83 -27.23 21.97
N GLN H 25 7.12 -27.07 20.87
CA GLN H 25 6.86 -25.72 20.37
C GLN H 25 5.72 -25.08 21.14
N GLU H 26 5.01 -25.85 21.97
CA GLU H 26 4.06 -25.32 22.93
C GLU H 26 4.65 -25.16 24.34
N LYS H 27 5.86 -25.67 24.59
CA LYS H 27 6.58 -25.27 25.79
C LYS H 27 7.29 -23.93 25.58
N LEU H 28 7.90 -23.75 24.41
CA LEU H 28 8.55 -22.49 24.10
C LEU H 28 7.55 -21.34 24.11
N GLN H 29 6.31 -21.61 23.69
CA GLN H 29 5.33 -20.53 23.61
C GLN H 29 4.82 -20.13 24.98
N GLU H 30 4.69 -21.09 25.89
CA GLU H 30 4.28 -20.72 27.24
C GLU H 30 5.45 -20.19 28.05
N ASP H 31 6.69 -20.48 27.63
CA ASP H 31 7.83 -19.84 28.26
C ASP H 31 7.98 -18.40 27.77
N LYS H 32 7.67 -18.16 26.50
CA LYS H 32 7.54 -16.80 25.99
C LYS H 32 6.44 -16.05 26.72
N ASP H 33 5.32 -16.72 26.99
CA ASP H 33 4.22 -16.04 27.66
C ASP H 33 4.54 -15.76 29.13
N ALA H 34 5.37 -16.63 29.74
CA ALA H 34 5.86 -16.34 31.08
C ALA H 34 6.77 -15.12 31.11
N LYS H 35 7.71 -15.03 30.16
CA LYS H 35 8.57 -13.84 30.16
C LYS H 35 7.77 -12.58 29.86
N ASP H 36 6.74 -12.68 29.03
CA ASP H 36 5.97 -11.48 28.72
C ASP H 36 5.09 -11.05 29.88
N LYS H 37 4.56 -12.02 30.65
CA LYS H 37 3.77 -11.63 31.80
C LYS H 37 4.63 -11.11 32.93
N ARG H 38 5.87 -11.59 33.05
CA ARG H 38 6.74 -11.01 34.07
C ARG H 38 7.28 -9.64 33.65
N GLU H 39 7.49 -9.40 32.35
CA GLU H 39 7.81 -8.04 31.90
C GLU H 39 6.69 -7.07 32.23
N LYS H 40 5.43 -7.44 31.90
CA LYS H 40 4.33 -6.54 32.24
C LYS H 40 4.21 -6.36 33.74
N GLU H 41 4.38 -7.43 34.51
CA GLU H 41 4.33 -7.34 35.96
C GLU H 41 5.39 -6.37 36.50
N LEU H 42 6.55 -6.32 35.83
CA LEU H 42 7.61 -5.43 36.29
C LEU H 42 7.33 -3.98 35.88
N LEU H 43 6.77 -3.76 34.70
CA LEU H 43 6.50 -2.40 34.25
C LEU H 43 5.50 -1.71 35.17
N VAL H 44 4.44 -2.42 35.57
CA VAL H 44 3.39 -1.83 36.38
C VAL H 44 3.60 -2.03 37.87
N ALA H 45 4.73 -2.64 38.27
CA ALA H 45 5.04 -2.77 39.69
C ALA H 45 5.16 -1.39 40.31
N GLN H 46 4.63 -1.25 41.54
CA GLN H 46 4.46 0.07 42.11
C GLN H 46 5.80 0.71 42.46
N PHE H 47 6.78 -0.09 42.90
CA PHE H 47 8.07 0.49 43.29
C PHE H 47 8.85 1.08 42.13
N ARG H 48 8.43 0.82 40.88
CA ARG H 48 9.07 1.40 39.70
C ARG H 48 8.25 2.51 39.07
N ARG H 49 7.25 3.03 39.79
CA ARG H 49 6.40 4.07 39.26
C ARG H 49 6.51 5.31 40.13
N LEU H 50 6.14 6.46 39.56
CA LEU H 50 6.23 7.73 40.28
C LEU H 50 5.56 7.64 41.64
N GLY H 51 6.29 7.98 42.69
CA GLY H 51 5.77 7.95 44.03
C GLY H 51 5.56 6.58 44.63
N GLY H 52 5.88 5.52 43.89
CA GLY H 52 5.63 4.17 44.38
C GLY H 52 6.66 3.67 45.37
N LEU H 53 7.91 4.10 45.25
CA LEU H 53 8.94 3.67 46.18
C LEU H 53 8.57 4.05 47.61
N GLU H 54 8.12 5.29 47.81
CA GLU H 54 7.63 5.70 49.12
C GLU H 54 6.43 4.86 49.54
N ARG H 55 5.45 4.72 48.64
CA ARG H 55 4.25 3.96 48.94
C ARG H 55 4.58 2.53 49.34
N VAL H 57 7.60 1.61 50.60
CA VAL H 57 8.35 1.68 51.84
C VAL H 57 7.40 1.88 53.01
N GLY H 58 6.33 2.64 52.80
CA GLY H 58 5.34 2.87 53.83
C GLY H 58 4.57 1.62 54.21
N GLU H 59 4.53 0.63 53.32
CA GLU H 59 3.86 -0.62 53.60
C GLU H 59 4.74 -1.61 54.36
N LEU H 60 6.02 -1.29 54.57
CA LEU H 60 6.92 -2.21 55.25
C LEU H 60 6.69 -2.22 56.76
N ASP H 61 6.93 -3.38 57.35
CA ASP H 61 6.63 -3.73 58.74
C ASP H 61 7.87 -3.86 59.62
N ILE H 62 8.85 -2.97 59.51
CA ILE H 62 10.13 -3.14 60.20
C ILE H 62 10.21 -2.29 61.47
N LYS H 63 10.00 -0.98 61.36
CA LYS H 63 10.09 -0.09 62.52
C LYS H 63 11.42 -0.22 63.26
N PHE H 64 12.47 0.39 62.69
CA PHE H 64 13.77 0.48 63.35
C PHE H 64 13.66 0.99 64.78
N ASP H 65 14.52 0.43 65.65
CA ASP H 65 14.65 0.89 67.02
C ASP H 65 15.87 1.80 67.08
N LEU H 66 15.65 3.08 66.77
CA LEU H 66 16.73 4.06 66.76
C LEU H 66 16.20 5.45 67.10
N LYS H 67 17.05 6.23 67.77
CA LYS H 67 16.83 7.63 68.05
C LYS H 67 18.18 8.34 67.99
N PHE H 68 18.22 9.52 67.37
CA PHE H 68 19.48 10.22 67.17
C PHE H 68 19.49 11.59 67.84
N TYR I 10 -52.73 37.48 27.15
CA TYR I 10 -53.67 37.23 28.24
C TYR I 10 -54.78 38.30 28.45
N PRO I 11 -54.75 39.46 27.74
CA PRO I 11 -55.93 40.34 27.77
C PRO I 11 -57.12 39.68 27.09
N SER I 12 -58.23 40.40 26.95
CA SER I 12 -59.42 39.83 26.33
C SER I 12 -60.05 40.84 25.39
N GLU I 14 -63.42 40.00 24.38
CA GLU I 14 -64.80 39.57 24.32
C GLU I 14 -65.71 40.78 24.21
N TRP I 15 -66.80 40.58 23.69
CA TRP I 15 -67.72 41.71 23.64
C TRP I 15 -68.57 41.73 24.90
N PRO I 16 -68.95 42.90 25.39
CA PRO I 16 -69.91 42.95 26.50
C PRO I 16 -71.13 42.11 26.14
N THR I 17 -71.60 41.35 27.13
CA THR I 17 -72.62 40.34 26.90
C THR I 17 -74.03 40.80 27.29
N SER I 18 -74.18 42.08 27.65
CA SER I 18 -75.49 42.66 27.92
C SER I 18 -75.50 44.11 27.46
N LEU I 19 -76.71 44.61 27.16
CA LEU I 19 -76.90 46.00 26.82
C LEU I 19 -78.02 46.58 27.66
N ASP I 20 -77.82 47.80 28.13
CA ASP I 20 -78.88 48.56 28.80
C ASP I 20 -79.29 49.74 27.91
N ILE I 21 -80.56 49.80 27.60
CA ILE I 21 -81.12 50.84 26.73
C ILE I 21 -81.79 51.88 27.62
N PRO I 22 -81.47 53.17 27.43
CA PRO I 22 -82.17 54.22 28.18
C PRO I 22 -83.65 54.25 27.85
N LEU I 23 -84.47 54.40 28.88
CA LEU I 23 -85.89 54.65 28.65
C LEU I 23 -86.13 56.15 28.55
N LYS I 24 -87.21 56.50 27.85
CA LYS I 24 -87.52 57.89 27.57
C LYS I 24 -88.72 58.37 28.37
N ALA I 25 -89.64 57.48 28.72
CA ALA I 25 -90.70 57.88 29.65
C ALA I 25 -90.19 57.81 31.08
N SER I 26 -89.92 56.61 31.59
CA SER I 26 -89.14 56.49 32.81
C SER I 26 -87.71 56.91 32.55
N GLU I 27 -87.01 57.33 33.59
CA GLU I 27 -85.55 57.36 33.52
C GLU I 27 -84.95 56.19 34.29
N GLU I 28 -85.14 55.02 33.70
CA GLU I 28 -84.41 53.81 34.08
C GLU I 28 -83.98 53.16 32.78
N LEU I 29 -83.40 51.96 32.84
CA LEU I 29 -82.91 51.31 31.63
C LEU I 29 -83.48 49.89 31.52
N VAL I 30 -83.60 49.44 30.29
CA VAL I 30 -84.09 48.09 29.97
C VAL I 30 -82.92 47.23 29.51
N GLY I 31 -82.84 46.01 30.02
CA GLY I 31 -81.68 45.17 29.88
C GLY I 31 -81.94 44.04 28.90
N ILE I 32 -80.97 43.82 28.02
CA ILE I 32 -81.05 42.82 26.96
C ILE I 32 -79.80 41.96 27.00
N ASP I 33 -79.97 40.65 27.04
CA ASP I 33 -78.85 39.73 26.92
C ASP I 33 -78.46 39.62 25.45
N LEU I 34 -77.30 40.18 25.10
CA LEU I 34 -76.85 40.22 23.71
C LEU I 34 -76.38 38.87 23.19
N GLU I 35 -76.34 37.84 24.03
CA GLU I 35 -75.83 36.55 23.61
C GLU I 35 -76.93 35.61 23.13
N THR I 36 -77.94 35.41 23.97
CA THR I 36 -79.06 34.52 23.70
C THR I 36 -80.35 35.26 23.33
N ASP I 37 -80.73 36.26 24.13
CA ASP I 37 -82.06 36.87 24.09
C ASP I 37 -82.44 37.50 22.76
N LEU I 38 -81.54 37.51 21.79
CA LEU I 38 -81.80 38.25 20.56
C LEU I 38 -82.91 37.57 19.77
N PRO I 39 -83.95 38.27 19.38
CA PRO I 39 -85.10 37.62 18.73
C PRO I 39 -84.75 37.02 17.38
N ASP I 40 -85.45 35.94 17.05
CA ASP I 40 -85.25 35.27 15.77
C ASP I 40 -85.58 36.20 14.61
N ASP I 41 -86.41 37.21 14.84
CA ASP I 41 -86.66 38.28 13.88
C ASP I 41 -86.33 39.60 14.56
N PRO I 42 -85.47 40.44 13.98
CA PRO I 42 -84.99 41.63 14.70
C PRO I 42 -86.03 42.71 14.90
N THR I 43 -87.20 42.64 14.26
CA THR I 43 -88.18 43.71 14.39
C THR I 43 -88.69 43.84 15.83
N ASP I 44 -88.63 42.75 16.61
CA ASP I 44 -89.01 42.82 18.01
C ASP I 44 -88.14 43.77 18.81
N LEU I 45 -87.03 44.23 18.23
CA LEU I 45 -86.22 45.26 18.86
C LEU I 45 -86.29 46.58 18.11
N LYS I 46 -86.64 46.54 16.81
CA LYS I 46 -86.96 47.76 16.08
C LYS I 46 -87.87 48.64 16.92
N THR I 47 -89.02 48.09 17.32
CA THR I 47 -89.97 48.83 18.14
C THR I 47 -89.27 49.41 19.36
N LEU I 48 -88.57 48.56 20.11
CA LEU I 48 -87.99 49.01 21.37
C LEU I 48 -86.97 50.11 21.13
N LEU I 49 -86.26 50.04 19.99
CA LEU I 49 -85.21 51.01 19.72
C LEU I 49 -85.74 52.29 19.08
N VAL I 50 -87.04 52.37 18.77
CA VAL I 50 -87.62 53.58 18.24
C VAL I 50 -88.52 54.30 19.25
N GLU I 51 -89.21 53.58 20.13
CA GLU I 51 -89.96 54.26 21.18
C GLU I 51 -89.03 55.11 22.05
N GLU I 52 -88.02 54.48 22.63
CA GLU I 52 -87.16 55.16 23.58
C GLU I 52 -86.05 55.96 22.93
N ASN I 53 -86.17 56.25 21.64
CA ASN I 53 -85.23 57.08 20.89
C ASN I 53 -83.79 56.77 21.28
N SER I 54 -83.43 55.50 21.15
CA SER I 54 -82.11 55.05 21.58
C SER I 54 -81.03 55.59 20.66
N GLU I 55 -79.83 55.72 21.21
CA GLU I 55 -78.70 56.22 20.44
C GLU I 55 -78.36 55.22 19.33
N LYS I 56 -77.71 55.72 18.28
CA LYS I 56 -77.37 54.83 17.17
C LYS I 56 -76.34 53.79 17.58
N GLU I 57 -75.58 54.07 18.65
CA GLU I 57 -74.57 53.13 19.08
C GLU I 57 -75.22 51.86 19.62
N HIS I 58 -76.44 51.95 20.14
CA HIS I 58 -77.12 50.76 20.64
C HIS I 58 -77.66 49.91 19.50
N TRP I 59 -78.15 50.55 18.43
CA TRP I 59 -78.44 49.84 17.20
C TRP I 59 -77.21 49.10 16.69
N LEU I 60 -76.08 49.82 16.60
CA LEU I 60 -74.86 49.20 16.11
C LEU I 60 -74.41 48.06 17.00
N THR I 61 -74.54 48.22 18.32
CA THR I 61 -74.12 47.19 19.25
C THR I 61 -74.96 45.93 19.10
N ILE I 62 -76.27 46.08 18.98
CA ILE I 62 -77.15 44.91 18.82
C ILE I 62 -76.88 44.22 17.48
N ALA I 63 -76.63 45.02 16.43
CA ALA I 63 -76.34 44.42 15.13
C ALA I 63 -75.02 43.67 15.14
N LEU I 64 -74.00 44.23 15.80
CA LEU I 64 -72.73 43.53 15.92
C LEU I 64 -72.87 42.25 16.72
N ALA I 65 -73.71 42.26 17.76
CA ALA I 65 -73.98 41.03 18.49
C ALA I 65 -74.61 39.98 17.58
N TYR I 66 -75.60 40.40 16.79
CA TYR I 66 -76.19 39.50 15.80
C TYR I 66 -75.13 38.88 14.90
N CYS I 67 -74.21 39.71 14.40
CA CYS I 67 -73.22 39.19 13.46
C CYS I 67 -72.23 38.26 14.15
N ASN I 68 -71.86 38.56 15.39
CA ASN I 68 -70.91 37.73 16.12
C ASN I 68 -71.56 36.50 16.74
N HIS I 69 -72.88 36.34 16.64
CA HIS I 69 -73.53 35.11 17.08
C HIS I 69 -74.14 34.34 15.91
N GLY I 70 -73.58 34.52 14.71
CA GLY I 70 -73.97 33.69 13.58
C GLY I 70 -75.22 34.12 12.84
N LYS I 71 -75.59 35.39 12.92
CA LYS I 71 -76.81 35.90 12.29
C LYS I 71 -76.53 37.23 11.61
N THR I 72 -75.55 37.23 10.69
CA THR I 72 -75.16 38.46 10.01
C THR I 72 -76.30 39.05 9.18
N ASN I 73 -77.21 38.20 8.66
CA ASN I 73 -78.36 38.75 7.93
C ASN I 73 -79.27 39.54 8.87
N GLU I 74 -79.51 39.05 10.08
CA GLU I 74 -80.30 39.80 11.04
C GLU I 74 -79.68 41.17 11.33
N GLY I 75 -78.35 41.21 11.46
CA GLY I 75 -77.68 42.48 11.72
C GLY I 75 -77.72 43.43 10.54
N ILE I 76 -77.47 42.93 9.33
CA ILE I 76 -77.54 43.81 8.16
C ILE I 76 -78.94 44.36 8.02
N LYS I 77 -79.96 43.57 8.37
CA LYS I 77 -81.32 44.07 8.20
C LYS I 77 -81.68 45.04 9.31
N LEU I 78 -81.07 44.89 10.49
CA LEU I 78 -81.34 45.85 11.56
C LEU I 78 -80.67 47.20 11.29
N ILE I 79 -79.49 47.20 10.67
CA ILE I 79 -78.88 48.50 10.35
C ILE I 79 -79.42 49.08 9.05
N GLU I 80 -79.94 48.25 8.15
CA GLU I 80 -80.72 48.78 7.03
C GLU I 80 -81.99 49.45 7.57
N ALA I 82 -82.21 50.73 10.33
CA ALA I 82 -81.77 51.90 11.08
C ALA I 82 -81.60 53.13 10.20
N LEU I 83 -81.32 52.94 8.90
CA LEU I 83 -81.10 54.07 8.02
C LEU I 83 -82.35 54.92 7.81
N ASP I 84 -83.53 54.36 8.09
CA ASP I 84 -84.77 55.14 8.06
C ASP I 84 -84.88 56.09 9.24
N VAL I 85 -84.09 55.89 10.30
CA VAL I 85 -84.32 56.58 11.56
C VAL I 85 -83.37 57.76 11.71
N PHE I 86 -82.15 57.63 11.18
CA PHE I 86 -81.14 58.67 11.26
C PHE I 86 -80.94 59.33 9.90
N GLN I 87 -80.50 60.59 9.95
CA GLN I 87 -80.28 61.37 8.74
C GLN I 87 -78.77 61.56 8.51
N ASN I 88 -78.44 62.49 7.60
CA ASN I 88 -77.21 62.44 6.79
C ASN I 88 -75.96 61.96 7.51
N SER I 89 -75.40 62.75 8.42
CA SER I 89 -74.05 62.43 8.86
C SER I 89 -74.05 61.34 9.91
N GLU I 90 -75.16 61.23 10.66
CA GLU I 90 -75.38 60.09 11.54
C GLU I 90 -75.30 58.77 10.79
N ARG I 91 -75.46 58.79 9.47
CA ARG I 91 -75.44 57.54 8.70
C ARG I 91 -74.02 57.04 8.44
N ALA I 92 -72.99 57.87 8.67
CA ALA I 92 -71.63 57.51 8.28
C ALA I 92 -71.23 56.17 8.90
N SER I 93 -71.15 56.13 10.23
CA SER I 93 -70.96 54.87 10.94
C SER I 93 -71.84 53.75 10.40
N LEU I 94 -73.15 54.03 10.24
CA LEU I 94 -74.08 52.97 9.84
C LEU I 94 -73.69 52.39 8.49
N HIS I 95 -73.05 53.19 7.64
CA HIS I 95 -72.60 52.68 6.36
C HIS I 95 -71.36 51.80 6.51
N THR I 96 -70.37 52.24 7.30
CA THR I 96 -69.14 51.47 7.40
C THR I 96 -69.42 50.07 7.91
N PHE I 97 -70.18 49.98 9.02
CA PHE I 97 -70.68 48.70 9.50
C PHE I 97 -71.21 47.87 8.34
N LEU I 98 -72.16 48.43 7.61
CA LEU I 98 -72.80 47.67 6.53
C LEU I 98 -71.76 47.13 5.55
N THR I 99 -70.76 47.95 5.19
CA THR I 99 -69.73 47.44 4.29
C THR I 99 -69.08 46.21 4.90
N TRP I 100 -68.58 46.35 6.13
CA TRP I 100 -67.90 45.25 6.79
C TRP I 100 -68.84 44.10 7.05
N ALA I 101 -70.15 44.36 7.13
CA ALA I 101 -71.08 43.25 7.22
C ALA I 101 -71.09 42.47 5.92
N HIS I 102 -71.26 43.18 4.80
CA HIS I 102 -71.35 42.51 3.51
C HIS I 102 -70.03 41.86 3.14
N LEU I 103 -68.90 42.50 3.45
CA LEU I 103 -67.60 41.85 3.30
C LEU I 103 -67.62 40.47 3.94
N ASN I 104 -68.17 40.36 5.15
CA ASN I 104 -68.14 39.10 5.86
C ASN I 104 -69.14 38.09 5.28
N LEU I 105 -70.12 38.57 4.53
CA LEU I 105 -70.96 37.63 3.80
C LEU I 105 -70.25 37.11 2.56
N ALA I 106 -69.31 37.88 2.02
CA ALA I 106 -68.56 37.42 0.87
C ALA I 106 -67.51 36.40 1.23
N LYS I 107 -67.19 36.26 2.53
CA LYS I 107 -66.28 35.24 3.00
C LYS I 107 -66.96 33.90 3.21
N GLY I 108 -68.23 33.76 2.81
CA GLY I 108 -68.85 32.47 2.79
C GLY I 108 -68.09 31.58 1.84
N GLN I 109 -67.59 30.45 2.32
CA GLN I 109 -66.78 29.60 1.47
C GLN I 109 -67.65 28.79 0.50
N SER I 110 -68.79 28.29 0.96
CA SER I 110 -69.69 27.49 0.13
C SER I 110 -70.84 28.29 -0.47
N LEU I 111 -70.56 29.42 -1.14
CA LEU I 111 -71.61 30.18 -1.83
C LEU I 111 -71.22 30.31 -3.29
N SER I 112 -72.11 30.86 -4.10
CA SER I 112 -71.84 30.94 -5.53
C SER I 112 -71.11 32.22 -5.86
N VAL I 113 -70.61 32.29 -7.10
CA VAL I 113 -69.66 33.34 -7.46
C VAL I 113 -70.39 34.67 -7.59
N GLU I 114 -71.64 34.62 -8.05
CA GLU I 114 -72.46 35.82 -8.14
C GLU I 114 -72.86 36.33 -6.76
N THR I 115 -73.04 35.43 -5.78
CA THR I 115 -73.33 35.89 -4.43
C THR I 115 -72.16 36.67 -3.84
N LYS I 116 -70.93 36.21 -4.09
CA LYS I 116 -69.79 36.91 -3.51
C LYS I 116 -69.52 38.22 -4.23
N GLU I 117 -69.70 38.25 -5.55
CA GLU I 117 -69.53 39.52 -6.24
C GLU I 117 -70.65 40.51 -5.88
N HIS I 118 -71.86 40.00 -5.61
CA HIS I 118 -72.95 40.86 -5.13
C HIS I 118 -72.62 41.45 -3.77
N GLU I 119 -72.16 40.62 -2.83
CA GLU I 119 -71.84 41.13 -1.50
C GLU I 119 -70.68 42.12 -1.56
N LEU I 120 -69.75 41.93 -2.50
CA LEU I 120 -68.64 42.88 -2.59
C LEU I 120 -69.08 44.19 -3.25
N THR I 121 -69.95 44.12 -4.25
CA THR I 121 -70.59 45.35 -4.76
C THR I 121 -71.29 46.12 -3.66
N GLN I 122 -72.03 45.41 -2.79
CA GLN I 122 -72.75 46.11 -1.74
C GLN I 122 -71.79 46.72 -0.72
N ALA I 123 -70.72 45.98 -0.39
CA ALA I 123 -69.66 46.52 0.45
C ALA I 123 -69.11 47.81 -0.13
N GLU I 124 -68.83 47.83 -1.44
CA GLU I 124 -68.19 49.01 -2.03
C GLU I 124 -69.18 50.16 -2.20
N LEU I 125 -70.45 49.84 -2.46
CA LEU I 125 -71.54 50.82 -2.40
C LEU I 125 -71.53 51.56 -1.06
N ASN I 126 -71.69 50.80 0.02
CA ASN I 126 -71.73 51.44 1.34
C ASN I 126 -70.40 52.09 1.67
N LEU I 127 -69.30 51.58 1.11
CA LEU I 127 -68.00 52.19 1.38
C LEU I 127 -67.87 53.54 0.69
N LYS I 128 -68.40 53.69 -0.54
CA LYS I 128 -68.41 55.03 -1.13
C LYS I 128 -69.30 55.96 -0.34
N ASP I 129 -70.41 55.45 0.19
CA ASP I 129 -71.27 56.29 1.01
C ASP I 129 -70.54 56.78 2.26
N ALA I 130 -69.94 55.86 3.00
CA ALA I 130 -69.24 56.23 4.23
C ALA I 130 -68.02 57.10 3.96
N ILE I 131 -67.27 56.80 2.89
CA ILE I 131 -66.07 57.57 2.58
C ILE I 131 -66.45 58.96 2.11
N GLY I 132 -67.58 59.12 1.43
CA GLY I 132 -68.10 60.44 1.13
C GLY I 132 -68.50 61.20 2.38
N PHE I 133 -68.99 60.49 3.40
CA PHE I 133 -69.34 61.18 4.63
C PHE I 133 -68.15 61.37 5.57
N ASP I 134 -67.19 60.44 5.59
CA ASP I 134 -65.98 60.58 6.40
C ASP I 134 -64.89 59.76 5.74
N PRO I 135 -63.96 60.40 5.03
CA PRO I 135 -62.94 59.63 4.29
C PRO I 135 -61.77 59.20 5.15
N THR I 136 -61.59 59.76 6.35
CA THR I 136 -60.39 59.52 7.14
C THR I 136 -60.64 58.63 8.34
N TRP I 137 -61.85 58.12 8.54
CA TRP I 137 -62.10 57.15 9.59
C TRP I 137 -61.35 55.86 9.31
N ILE I 138 -60.68 55.33 10.35
CA ILE I 138 -59.79 54.20 10.17
C ILE I 138 -60.53 52.96 9.67
N GLY I 139 -61.79 52.81 10.09
CA GLY I 139 -62.59 51.68 9.61
C GLY I 139 -62.83 51.74 8.11
N ASN I 140 -63.01 52.95 7.57
CA ASN I 140 -63.25 53.09 6.14
C ASN I 140 -62.00 52.78 5.30
N LEU I 142 -59.19 50.71 6.09
CA LEU I 142 -58.97 49.26 6.08
C LEU I 142 -59.99 48.55 5.19
N ALA I 143 -61.20 49.11 5.07
CA ALA I 143 -62.21 48.49 4.21
C ALA I 143 -61.82 48.56 2.73
N THR I 144 -61.19 49.65 2.31
CA THR I 144 -60.79 49.79 0.91
C THR I 144 -59.69 48.81 0.54
N VAL I 145 -58.66 48.71 1.39
CA VAL I 145 -57.55 47.80 1.11
C VAL I 145 -58.04 46.37 1.18
N GLU I 146 -58.92 46.06 2.13
CA GLU I 146 -59.48 44.71 2.20
C GLU I 146 -60.31 44.40 0.96
N LEU I 147 -61.02 45.39 0.43
CA LEU I 147 -61.74 45.18 -0.83
C LEU I 147 -60.78 44.85 -1.96
N TYR I 148 -59.72 45.65 -2.09
CA TYR I 148 -58.70 45.37 -3.11
C TYR I 148 -58.12 43.96 -2.93
N TYR I 149 -57.89 43.56 -1.68
CA TYR I 149 -57.38 42.21 -1.41
C TYR I 149 -58.39 41.16 -1.87
N GLN I 150 -59.66 41.34 -1.52
CA GLN I 150 -60.68 40.36 -1.85
C GLN I 150 -60.98 40.29 -3.34
N ARG I 151 -60.63 41.32 -4.10
CA ARG I 151 -60.75 41.28 -5.54
C ARG I 151 -59.42 40.96 -6.22
N GLY I 152 -58.50 40.31 -5.50
CA GLY I 152 -57.26 39.83 -6.04
C GLY I 152 -56.22 40.86 -6.42
N HIS I 153 -56.51 42.16 -6.27
CA HIS I 153 -55.56 43.20 -6.68
C HIS I 153 -54.57 43.46 -5.54
N TYR I 154 -53.66 42.48 -5.36
CA TYR I 154 -52.75 42.50 -4.23
C TYR I 154 -51.73 43.63 -4.35
N ASP I 155 -51.19 43.85 -5.55
CA ASP I 155 -50.23 44.93 -5.75
C ASP I 155 -50.85 46.28 -5.43
N LYS I 156 -52.06 46.52 -5.95
CA LYS I 156 -52.75 47.77 -5.68
C LYS I 156 -53.09 47.90 -4.21
N ALA I 157 -53.50 46.78 -3.59
CA ALA I 157 -53.79 46.78 -2.15
C ALA I 157 -52.57 47.20 -1.36
N LEU I 158 -51.40 46.70 -1.73
CA LEU I 158 -50.22 47.00 -0.93
C LEU I 158 -49.74 48.43 -1.16
N GLU I 159 -49.88 48.95 -2.38
CA GLU I 159 -49.44 50.33 -2.56
C GLU I 159 -50.41 51.30 -1.90
N THR I 160 -51.71 50.99 -1.86
CA THR I 160 -52.61 51.92 -1.18
C THR I 160 -52.52 51.79 0.34
N SER I 161 -52.22 50.59 0.85
CA SER I 161 -51.95 50.45 2.28
C SER I 161 -50.74 51.28 2.69
N ASP I 162 -49.66 51.19 1.91
CA ASP I 162 -48.47 51.98 2.22
C ASP I 162 -48.76 53.48 2.13
N LEU I 163 -49.52 53.90 1.11
CA LEU I 163 -49.92 55.31 1.01
C LEU I 163 -50.69 55.75 2.25
N PHE I 164 -51.61 54.90 2.73
CA PHE I 164 -52.40 55.27 3.91
C PHE I 164 -51.51 55.40 5.14
N VAL I 165 -50.54 54.50 5.29
CA VAL I 165 -49.74 54.53 6.51
C VAL I 165 -48.79 55.72 6.48
N LYS I 166 -48.30 56.10 5.30
CA LYS I 166 -47.42 57.25 5.25
C LYS I 166 -48.20 58.57 5.34
N SER I 167 -49.49 58.55 5.00
CA SER I 167 -50.31 59.74 5.23
C SER I 167 -50.80 59.83 6.66
N ILE I 168 -50.80 58.73 7.40
CA ILE I 168 -51.14 58.82 8.82
C ILE I 168 -49.92 59.23 9.63
N HIS I 169 -48.72 58.81 9.22
CA HIS I 169 -47.53 59.35 9.86
C HIS I 169 -47.25 60.79 9.44
N ALA I 170 -47.67 61.18 8.24
CA ALA I 170 -47.38 62.53 7.77
C ALA I 170 -48.30 63.62 8.32
N GLU I 171 -49.44 63.27 8.92
CA GLU I 171 -50.26 64.28 9.60
C GLU I 171 -50.54 63.90 11.06
N ASP I 172 -49.69 63.08 11.66
CA ASP I 172 -49.58 63.02 13.11
C ASP I 172 -48.21 63.41 13.62
N HIS I 173 -47.15 63.12 12.85
CA HIS I 173 -45.87 63.77 13.08
C HIS I 173 -45.88 65.20 12.58
N ARG I 174 -47.05 65.66 12.16
CA ARG I 174 -47.25 67.04 11.76
C ARG I 174 -48.37 67.65 12.55
N SER I 175 -49.00 66.92 13.47
CA SER I 175 -49.89 67.53 14.46
C SER I 175 -49.32 67.43 15.87
N GLY I 176 -48.04 67.08 15.99
CA GLY I 176 -47.41 66.88 17.27
C GLY I 176 -47.91 65.61 17.90
N ARG I 177 -47.72 64.51 17.18
CA ARG I 177 -48.18 63.19 17.58
C ARG I 177 -47.19 62.22 16.93
N GLN I 178 -47.36 60.93 17.20
CA GLN I 178 -46.66 59.91 16.42
C GLN I 178 -47.74 58.94 15.98
N SER I 179 -47.37 57.78 15.45
CA SER I 179 -48.36 56.78 15.09
C SER I 179 -47.91 55.46 15.70
N LYS I 180 -48.80 54.85 16.47
CA LYS I 180 -48.49 53.57 17.06
C LYS I 180 -48.87 52.49 16.06
N PRO I 181 -48.30 51.29 16.16
CA PRO I 181 -48.53 50.31 15.09
C PRO I 181 -50.01 49.96 15.00
N ASN I 182 -50.51 49.91 13.76
CA ASN I 182 -51.90 49.57 13.50
C ASN I 182 -51.93 48.07 13.19
N CYS I 183 -52.57 47.30 14.06
CA CYS I 183 -52.50 45.84 13.95
C CYS I 183 -53.11 45.34 12.65
N LEU I 184 -54.18 45.98 12.18
CA LEU I 184 -54.82 45.49 10.96
C LEU I 184 -54.07 45.92 9.71
N PHE I 185 -53.45 47.11 9.72
CA PHE I 185 -52.55 47.46 8.62
C PHE I 185 -51.35 46.53 8.61
N LEU I 186 -50.80 46.23 9.80
CA LEU I 186 -49.73 45.23 9.92
C LEU I 186 -50.15 43.90 9.33
N LEU I 187 -51.35 43.45 9.69
CA LEU I 187 -51.83 42.14 9.26
C LEU I 187 -52.04 42.10 7.74
N LEU I 188 -52.62 43.17 7.19
CA LEU I 188 -52.83 43.20 5.75
C LEU I 188 -51.49 43.25 5.01
N ARG I 189 -50.51 43.97 5.54
CA ARG I 189 -49.22 44.01 4.87
C ARG I 189 -48.52 42.66 4.97
N ALA I 190 -48.68 41.97 6.10
CA ALA I 190 -48.08 40.64 6.25
C ALA I 190 -48.71 39.64 5.30
N LYS I 191 -50.05 39.65 5.19
CA LYS I 191 -50.71 38.77 4.24
C LYS I 191 -50.27 39.07 2.81
N LEU I 192 -50.21 40.35 2.44
CA LEU I 192 -49.79 40.71 1.11
C LEU I 192 -48.34 40.31 0.85
N LEU I 193 -47.49 40.33 1.88
CA LEU I 193 -46.11 39.88 1.68
C LEU I 193 -46.02 38.37 1.56
N TYR I 194 -46.92 37.63 2.23
CA TYR I 194 -47.00 36.20 1.98
C TYR I 194 -47.43 35.92 0.54
N GLN I 195 -48.38 36.72 0.04
CA GLN I 195 -48.83 36.53 -1.33
C GLN I 195 -47.70 36.78 -2.33
N LYS I 196 -46.88 37.81 -2.09
CA LYS I 196 -45.72 38.06 -2.93
C LYS I 196 -44.52 37.16 -2.59
N LYS I 197 -44.72 36.16 -1.71
CA LYS I 197 -43.72 35.17 -1.34
C LYS I 197 -42.49 35.77 -0.66
N ASN I 198 -42.61 36.98 -0.12
CA ASN I 198 -41.58 37.50 0.76
C ASN I 198 -41.84 36.97 2.18
N TYR I 199 -41.65 35.66 2.32
CA TYR I 199 -42.06 34.98 3.54
C TYR I 199 -41.34 35.54 4.75
N ALA I 201 -39.82 38.45 5.48
CA ALA I 201 -40.40 39.72 5.90
C ALA I 201 -41.75 39.52 6.56
N SER I 202 -42.66 38.79 5.89
CA SER I 202 -44.00 38.66 6.43
C SER I 202 -43.97 37.99 7.78
N LEU I 203 -43.12 36.96 7.92
CA LEU I 203 -42.99 36.27 9.20
C LEU I 203 -42.76 37.29 10.31
N LYS I 204 -41.77 38.16 10.12
CA LYS I 204 -41.43 39.10 11.19
C LYS I 204 -42.64 39.95 11.56
N ILE I 205 -43.38 40.41 10.56
CA ILE I 205 -44.53 41.27 10.87
C ILE I 205 -45.55 40.49 11.66
N PHE I 206 -45.82 39.24 11.23
CA PHE I 206 -46.70 38.38 12.02
C PHE I 206 -46.17 38.23 13.44
N GLN I 207 -44.86 37.97 13.58
CA GLN I 207 -44.28 37.86 14.91
C GLN I 207 -44.48 39.17 15.67
N GLU I 208 -44.30 40.29 15.00
CA GLU I 208 -44.55 41.59 15.62
C GLU I 208 -45.96 41.65 16.17
N LEU I 209 -46.94 41.21 15.38
CA LEU I 209 -48.33 41.27 15.82
C LEU I 209 -48.50 40.47 17.11
N LEU I 210 -47.79 39.34 17.22
CA LEU I 210 -47.93 38.50 18.41
C LEU I 210 -47.60 39.27 19.68
N VAL I 211 -46.59 40.14 19.64
CA VAL I 211 -46.25 40.87 20.86
C VAL I 211 -47.16 42.06 21.09
N ILE I 212 -47.80 42.59 20.05
CA ILE I 212 -48.66 43.75 20.27
C ILE I 212 -50.02 43.32 20.80
N ASN I 213 -50.50 42.14 20.41
CA ASN I 213 -51.84 41.67 20.74
C ASN I 213 -51.91 40.16 20.62
N PRO I 214 -51.50 39.42 21.66
CA PRO I 214 -51.51 37.95 21.57
C PRO I 214 -52.89 37.32 21.56
N VAL I 215 -53.95 38.11 21.65
CA VAL I 215 -55.31 37.63 21.46
C VAL I 215 -55.98 38.27 20.24
N LEU I 216 -55.18 38.75 19.29
CA LEU I 216 -55.71 39.24 18.02
C LEU I 216 -56.43 38.12 17.27
N GLN I 217 -57.53 38.48 16.62
CA GLN I 217 -58.23 37.61 15.72
C GLN I 217 -58.26 38.25 14.33
N PRO I 218 -57.79 37.54 13.29
CA PRO I 218 -57.35 36.14 13.30
C PRO I 218 -56.03 35.94 14.04
N ASP I 219 -55.81 34.73 14.54
CA ASP I 219 -54.62 34.42 15.32
C ASP I 219 -53.37 34.55 14.47
N PRO I 220 -52.47 35.49 14.80
CA PRO I 220 -51.27 35.69 13.97
C PRO I 220 -50.26 34.57 14.08
N ARG I 221 -50.39 33.70 15.08
CA ARG I 221 -49.62 32.46 15.08
C ARG I 221 -49.81 31.67 13.81
N ILE I 222 -50.99 31.80 13.17
CA ILE I 222 -51.25 31.09 11.92
C ILE I 222 -50.31 31.58 10.83
N GLY I 223 -50.17 32.90 10.69
CA GLY I 223 -49.26 33.42 9.69
C GLY I 223 -47.81 33.11 10.03
N ILE I 224 -47.48 33.20 11.33
CA ILE I 224 -46.16 32.76 11.81
C ILE I 224 -45.86 31.36 11.29
N GLY I 225 -46.81 30.44 11.48
CA GLY I 225 -46.59 29.06 11.06
C GLY I 225 -46.51 28.92 9.55
N LEU I 226 -47.35 29.66 8.81
CA LEU I 226 -47.29 29.62 7.35
C LEU I 226 -45.89 29.98 6.85
N CYS I 227 -45.31 31.05 7.39
CA CYS I 227 -43.99 31.46 6.94
C CYS I 227 -42.88 30.56 7.47
N PHE I 228 -43.05 30.00 8.67
CA PHE I 228 -42.08 29.00 9.14
C PHE I 228 -42.05 27.81 8.20
N TRP I 229 -43.21 27.39 7.71
CA TRP I 229 -43.28 26.23 6.83
C TRP I 229 -42.66 26.55 5.47
N GLN I 230 -42.97 27.73 4.92
CA GLN I 230 -42.37 28.13 3.65
C GLN I 230 -40.87 28.34 3.77
N LEU I 231 -40.39 28.77 4.95
CA LEU I 231 -38.97 28.95 5.19
C LEU I 231 -38.29 27.66 5.64
N LYS I 232 -38.93 26.52 5.38
CA LYS I 232 -38.36 25.19 5.62
C LYS I 232 -38.07 24.92 7.10
N ASP I 233 -38.95 25.40 7.99
CA ASP I 233 -38.95 25.02 9.40
C ASP I 233 -40.36 24.59 9.79
N SER I 234 -40.88 23.60 9.07
CA SER I 234 -42.26 23.17 9.27
C SER I 234 -42.52 22.69 10.70
N LYS I 235 -41.50 22.11 11.34
CA LYS I 235 -41.67 21.63 12.71
C LYS I 235 -42.26 22.74 13.57
N ALA I 237 -43.54 25.55 12.54
CA ALA I 237 -44.85 25.86 11.99
C ALA I 237 -45.93 25.09 12.75
N ILE I 238 -45.74 23.77 12.85
CA ILE I 238 -46.76 22.93 13.48
C ILE I 238 -46.96 23.35 14.92
N LYS I 239 -45.84 23.58 15.65
CA LYS I 239 -45.95 23.99 17.04
C LYS I 239 -46.73 25.28 17.15
N SER I 240 -46.54 26.20 16.20
CA SER I 240 -47.28 27.45 16.24
C SER I 240 -48.77 27.20 16.03
N TRP I 241 -49.11 26.38 15.03
CA TRP I 241 -50.52 26.07 14.76
C TRP I 241 -51.15 25.34 15.95
N GLN I 242 -50.44 24.35 16.50
CA GLN I 242 -50.96 23.70 17.71
C GLN I 242 -51.21 24.73 18.79
N ARG I 243 -50.29 25.68 18.96
CA ARG I 243 -50.50 26.75 19.92
C ARG I 243 -51.82 27.46 19.65
N ALA I 244 -52.05 27.81 18.37
CA ALA I 244 -53.28 28.50 18.02
C ALA I 244 -54.50 27.65 18.38
N LEU I 245 -54.41 26.33 18.20
CA LEU I 245 -55.56 25.51 18.55
C LEU I 245 -55.66 25.31 20.06
N GLN I 246 -54.53 25.38 20.77
CA GLN I 246 -54.59 25.27 22.22
C GLN I 246 -55.35 26.44 22.84
N LEU I 247 -55.03 27.67 22.41
CA LEU I 247 -55.68 28.85 22.96
C LEU I 247 -57.13 29.00 22.51
N ASN I 248 -57.52 28.34 21.42
CA ASN I 248 -58.89 28.47 20.91
C ASN I 248 -59.22 27.19 20.16
N PRO I 249 -59.80 26.20 20.83
CA PRO I 249 -60.08 24.93 20.16
C PRO I 249 -61.20 25.00 19.14
N LYS I 250 -62.09 25.99 19.22
CA LYS I 250 -63.14 26.16 18.22
C LYS I 250 -62.67 26.87 16.95
N ASN I 251 -61.41 27.32 16.91
CA ASN I 251 -60.86 27.90 15.68
C ASN I 251 -60.61 26.79 14.66
N THR I 252 -61.57 26.56 13.77
CA THR I 252 -61.49 25.43 12.85
C THR I 252 -60.34 25.55 11.87
N SER I 253 -59.88 26.77 11.59
CA SER I 253 -58.77 26.94 10.66
C SER I 253 -57.46 26.45 11.29
N ALA I 254 -57.29 26.72 12.59
CA ALA I 254 -56.16 26.15 13.33
C ALA I 254 -56.26 24.64 13.39
N SER I 255 -57.46 24.10 13.65
CA SER I 255 -57.67 22.66 13.62
C SER I 255 -57.24 22.06 12.29
N ILE I 256 -57.61 22.69 11.18
CA ILE I 256 -57.27 22.17 9.86
C ILE I 256 -55.76 22.21 9.66
N LEU I 257 -55.11 23.29 10.08
CA LEU I 257 -53.66 23.36 9.99
C LEU I 257 -52.98 22.29 10.84
N VAL I 258 -53.50 22.04 12.04
CA VAL I 258 -52.95 20.98 12.91
C VAL I 258 -53.14 19.62 12.26
N LEU I 259 -54.24 19.42 11.54
CA LEU I 259 -54.45 18.17 10.82
C LEU I 259 -53.40 17.99 9.73
N LEU I 260 -53.14 19.05 8.97
CA LEU I 260 -52.09 18.98 7.96
C LEU I 260 -50.74 18.68 8.60
N GLY I 261 -50.47 19.28 9.76
CA GLY I 261 -49.26 18.96 10.49
C GLY I 261 -49.19 17.51 10.91
N GLU I 262 -50.33 16.93 11.27
CA GLU I 262 -50.36 15.52 11.65
C GLU I 262 -50.02 14.63 10.46
N PHE I 263 -50.55 14.96 9.29
CA PHE I 263 -50.22 14.19 8.09
C PHE I 263 -48.75 14.30 7.74
N ARG I 264 -48.18 15.51 7.84
CA ARG I 264 -46.76 15.69 7.54
C ARG I 264 -45.87 14.98 8.56
N GLU I 265 -46.29 14.96 9.83
CA GLU I 265 -45.49 14.36 10.88
C GLU I 265 -45.61 12.83 10.93
N SER I 266 -46.68 12.26 10.37
CA SER I 266 -46.72 10.80 10.24
C SER I 266 -45.61 10.30 9.34
N PHE I 267 -45.17 11.14 8.40
CA PHE I 267 -44.02 10.82 7.58
C PHE I 267 -42.70 11.23 8.23
N THR I 268 -42.62 12.46 8.76
CA THR I 268 -41.33 12.94 9.26
C THR I 268 -40.93 12.36 10.62
N ASN I 269 -41.89 11.95 11.45
CA ASN I 269 -41.57 11.53 12.81
C ASN I 269 -41.71 10.04 13.07
N SER I 270 -42.21 9.26 12.13
CA SER I 270 -42.41 7.83 12.38
C SER I 270 -41.08 7.08 12.29
N THR I 271 -40.84 6.22 13.26
CA THR I 271 -39.59 5.47 13.35
C THR I 271 -39.61 4.21 12.50
N ASN I 272 -40.76 3.58 12.36
CA ASN I 272 -40.84 2.33 11.62
C ASN I 272 -42.26 2.22 11.05
N ASP I 273 -42.62 1.02 10.61
CA ASP I 273 -43.92 0.82 9.96
C ASP I 273 -45.08 0.90 10.94
N LYS I 274 -44.91 0.32 12.13
CA LYS I 274 -45.99 0.33 13.12
C LYS I 274 -46.29 1.75 13.59
N THR I 275 -45.24 2.53 13.88
CA THR I 275 -45.43 3.92 14.27
C THR I 275 -46.06 4.72 13.15
N PHE I 276 -45.68 4.44 11.90
CA PHE I 276 -46.29 5.15 10.79
C PHE I 276 -47.77 4.84 10.68
N LYS I 277 -48.13 3.57 10.83
CA LYS I 277 -49.54 3.21 10.70
C LYS I 277 -50.36 3.84 11.81
N GLU I 278 -49.81 3.93 13.03
CA GLU I 278 -50.51 4.59 14.11
C GLU I 278 -50.70 6.08 13.82
N ALA I 279 -49.63 6.75 13.37
CA ALA I 279 -49.72 8.18 13.15
C ALA I 279 -50.66 8.50 11.98
N PHE I 280 -50.59 7.71 10.91
CA PHE I 280 -51.48 7.93 9.78
C PHE I 280 -52.93 7.60 10.11
N THR I 281 -53.20 6.59 10.97
CA THR I 281 -54.59 6.31 11.28
C THR I 281 -55.17 7.38 12.19
N LYS I 282 -54.36 7.99 13.04
CA LYS I 282 -54.88 9.09 13.84
C LYS I 282 -55.12 10.32 12.97
N ALA I 283 -54.23 10.55 11.99
CA ALA I 283 -54.46 11.63 11.05
C ALA I 283 -55.77 11.41 10.29
N LEU I 284 -56.04 10.17 9.88
CA LEU I 284 -57.21 9.87 9.07
C LEU I 284 -58.51 9.97 9.88
N SER I 285 -58.48 9.53 11.15
CA SER I 285 -59.70 9.64 11.93
C SER I 285 -59.98 11.08 12.31
N ASP I 286 -58.92 11.86 12.56
CA ASP I 286 -59.12 13.29 12.76
C ASP I 286 -59.64 13.95 11.49
N LEU I 287 -59.17 13.50 10.33
CA LEU I 287 -59.69 14.01 9.06
C LEU I 287 -61.17 13.73 8.92
N ASN I 288 -61.59 12.50 9.23
CA ASN I 288 -63.02 12.17 9.19
C ASN I 288 -63.82 13.09 10.11
N ASN I 289 -63.33 13.27 11.35
CA ASN I 289 -64.04 14.09 12.32
C ASN I 289 -64.18 15.54 11.85
N ILE I 290 -63.07 16.14 11.40
CA ILE I 290 -63.13 17.53 10.96
C ILE I 290 -63.98 17.66 9.70
N PHE I 291 -63.92 16.68 8.81
CA PHE I 291 -64.63 16.79 7.55
C PHE I 291 -66.13 16.68 7.74
N SER I 292 -66.58 15.90 8.73
CA SER I 292 -68.01 15.70 8.91
C SER I 292 -68.71 16.96 9.43
N GLU I 293 -67.95 18.06 9.57
CA GLU I 293 -68.53 19.38 9.81
C GLU I 293 -68.04 20.43 8.83
N ASN I 294 -67.26 20.05 7.82
CA ASN I 294 -66.79 20.96 6.78
C ASN I 294 -66.88 20.27 5.43
N GLN I 295 -68.04 19.69 5.13
CA GLN I 295 -68.12 18.75 4.02
C GLN I 295 -67.97 19.39 2.65
N HIS I 296 -67.79 20.71 2.57
CA HIS I 296 -67.47 21.40 1.33
C HIS I 296 -66.15 22.14 1.46
N ASN I 297 -65.19 21.52 2.15
CA ASN I 297 -63.87 22.11 2.38
C ASN I 297 -62.87 21.56 1.39
N PRO I 298 -62.31 22.38 0.50
CA PRO I 298 -61.42 21.84 -0.54
C PRO I 298 -60.18 21.16 0.02
N VAL I 299 -59.65 21.66 1.14
CA VAL I 299 -58.46 21.05 1.75
C VAL I 299 -58.78 19.64 2.26
N LEU I 300 -59.87 19.50 3.00
CA LEU I 300 -60.27 18.19 3.50
C LEU I 300 -60.64 17.25 2.37
N LEU I 301 -61.28 17.78 1.32
CA LEU I 301 -61.61 16.96 0.16
C LEU I 301 -60.35 16.48 -0.56
N THR I 302 -59.33 17.32 -0.67
CA THR I 302 -58.10 16.90 -1.31
C THR I 302 -57.31 15.92 -0.45
N LEU I 303 -57.39 16.04 0.88
CA LEU I 303 -56.82 15.03 1.75
C LEU I 303 -57.53 13.69 1.57
N LEU I 304 -58.86 13.72 1.50
CA LEU I 304 -59.62 12.52 1.17
C LEU I 304 -59.19 11.94 -0.17
N GLN I 305 -58.94 12.81 -1.16
CA GLN I 305 -58.45 12.34 -2.46
C GLN I 305 -57.15 11.59 -2.30
N THR I 306 -56.22 12.17 -1.53
CA THR I 306 -54.94 11.51 -1.26
C THR I 306 -55.15 10.14 -0.64
N TYR I 307 -55.98 10.07 0.39
CA TYR I 307 -56.21 8.79 1.06
C TYR I 307 -56.76 7.76 0.10
N TYR I 308 -57.79 8.14 -0.66
CA TYR I 308 -58.42 7.20 -1.58
C TYR I 308 -57.47 6.77 -2.68
N TYR I 309 -56.57 7.65 -3.10
CA TYR I 309 -55.56 7.23 -4.07
C TYR I 309 -54.67 6.16 -3.47
N PHE I 310 -54.14 6.41 -2.25
CA PHE I 310 -53.22 5.43 -1.69
C PHE I 310 -53.90 4.14 -1.26
N LYS I 311 -55.22 4.14 -1.06
CA LYS I 311 -55.93 2.88 -0.83
C LYS I 311 -56.45 2.27 -2.13
N GLY I 312 -56.10 2.85 -3.29
CA GLY I 312 -56.42 2.25 -4.56
C GLY I 312 -57.79 2.54 -5.12
N ASP I 313 -58.61 3.34 -4.43
CA ASP I 313 -59.97 3.63 -4.86
C ASP I 313 -59.96 4.90 -5.73
N TYR I 314 -59.56 4.72 -6.99
CA TYR I 314 -59.34 5.85 -7.89
C TYR I 314 -60.65 6.49 -8.33
N GLN I 315 -61.69 5.67 -8.53
CA GLN I 315 -63.00 6.21 -8.91
C GLN I 315 -63.48 7.24 -7.90
N THR I 316 -63.18 7.05 -6.62
CA THR I 316 -63.61 8.02 -5.61
C THR I 316 -62.79 9.31 -5.68
N VAL I 317 -61.51 9.23 -6.05
CA VAL I 317 -60.73 10.44 -6.28
C VAL I 317 -61.38 11.27 -7.38
N LEU I 318 -61.66 10.63 -8.52
CA LEU I 318 -62.33 11.33 -9.62
C LEU I 318 -63.70 11.83 -9.20
N ASP I 319 -64.44 11.03 -8.43
CA ASP I 319 -65.77 11.44 -8.00
C ASP I 319 -65.72 12.70 -7.15
N ILE I 320 -64.77 12.75 -6.21
CA ILE I 320 -64.61 13.95 -5.39
C ILE I 320 -64.37 15.16 -6.27
N TYR I 321 -63.43 15.04 -7.22
CA TYR I 321 -63.15 16.18 -8.10
C TYR I 321 -64.40 16.58 -8.91
N HIS I 322 -65.08 15.60 -9.50
CA HIS I 322 -66.14 15.90 -10.47
C HIS I 322 -67.38 16.44 -9.80
N HIS I 323 -67.78 15.83 -8.68
CA HIS I 323 -69.04 16.14 -8.04
C HIS I 323 -68.93 17.17 -6.92
N ARG I 324 -67.73 17.44 -6.40
CA ARG I 324 -67.58 18.43 -5.34
C ARG I 324 -66.68 19.59 -5.72
N ILE I 325 -65.45 19.32 -6.14
CA ILE I 325 -64.47 20.40 -6.30
C ILE I 325 -64.83 21.27 -7.50
N LEU I 326 -65.20 20.65 -8.62
CA LEU I 326 -65.47 21.40 -9.85
C LEU I 326 -66.61 22.40 -9.66
N LYS I 327 -67.68 21.97 -8.99
CA LYS I 327 -68.82 22.86 -8.74
C LYS I 327 -68.42 24.13 -7.99
N SER I 329 -65.15 25.32 -8.08
CA SER I 329 -63.80 25.67 -8.54
C SER I 329 -63.53 27.18 -8.59
N PRO I 330 -64.42 28.05 -9.08
CA PRO I 330 -64.07 29.47 -9.20
C PRO I 330 -63.80 30.20 -7.88
N ILE I 332 -62.10 28.65 -5.08
CA ILE I 332 -61.08 27.94 -4.31
C ILE I 332 -59.74 28.56 -4.65
N ALA I 333 -58.84 28.58 -3.67
CA ALA I 333 -57.49 29.07 -3.95
C ALA I 333 -56.87 28.19 -5.03
N LYS I 334 -56.22 28.82 -6.00
CA LYS I 334 -55.81 28.07 -7.18
C LYS I 334 -54.75 27.02 -6.86
N ILE I 335 -54.02 27.18 -5.76
CA ILE I 335 -53.04 26.17 -5.36
C ILE I 335 -53.74 24.92 -4.82
N VAL I 336 -54.83 25.10 -4.08
CA VAL I 336 -55.59 23.96 -3.56
C VAL I 336 -56.34 23.26 -4.69
N LEU I 337 -56.94 24.05 -5.59
CA LEU I 337 -57.58 23.49 -6.77
C LEU I 337 -56.59 22.72 -7.61
N SER I 338 -55.35 23.21 -7.70
CA SER I 338 -54.34 22.50 -8.48
C SER I 338 -53.97 21.18 -7.82
N GLU I 339 -53.89 21.15 -6.49
CA GLU I 339 -53.66 19.88 -5.80
C GLU I 339 -54.76 18.87 -6.09
N SER I 340 -56.00 19.36 -6.15
CA SER I 340 -57.11 18.44 -6.33
C SER I 340 -57.16 17.91 -7.76
N SER I 341 -56.86 18.77 -8.73
CA SER I 341 -56.77 18.31 -10.12
C SER I 341 -55.57 17.39 -10.32
N PHE I 342 -54.49 17.63 -9.58
CA PHE I 342 -53.33 16.75 -9.70
C PHE I 342 -53.66 15.35 -9.20
N TRP I 343 -54.39 15.27 -8.09
CA TRP I 343 -54.80 13.93 -7.63
C TRP I 343 -55.77 13.28 -8.60
N CYS I 344 -56.65 14.08 -9.24
CA CYS I 344 -57.54 13.49 -10.23
C CYS I 344 -56.77 12.94 -11.42
N GLY I 345 -55.70 13.64 -11.82
CA GLY I 345 -54.83 13.12 -12.87
C GLY I 345 -54.10 11.86 -12.44
N ARG I 346 -53.64 11.82 -11.19
CA ARG I 346 -53.03 10.60 -10.67
C ARG I 346 -53.99 9.43 -10.77
N ALA I 347 -55.26 9.65 -10.42
CA ALA I 347 -56.25 8.59 -10.50
C ALA I 347 -56.46 8.11 -11.93
N HIS I 348 -56.53 9.05 -12.88
CA HIS I 348 -56.62 8.65 -14.28
C HIS I 348 -55.41 7.81 -14.69
N TYR I 349 -54.22 8.25 -14.30
CA TYR I 349 -52.98 7.53 -14.63
C TYR I 349 -52.99 6.11 -14.10
N ALA I 350 -53.42 5.93 -12.84
CA ALA I 350 -53.46 4.61 -12.24
C ALA I 350 -54.44 3.69 -12.96
N LEU I 351 -55.47 4.24 -13.59
CA LEU I 351 -56.41 3.47 -14.38
C LEU I 351 -55.95 3.31 -15.82
N GLY I 352 -54.73 3.71 -16.12
CA GLY I 352 -54.16 3.53 -17.44
C GLY I 352 -54.81 4.34 -18.53
N ASP I 353 -55.41 5.48 -18.19
CA ASP I 353 -56.06 6.39 -19.14
C ASP I 353 -55.21 7.65 -19.22
N TYR I 354 -54.22 7.62 -20.10
CA TYR I 354 -53.18 8.65 -20.12
C TYR I 354 -53.61 9.94 -20.80
N ARG I 355 -54.64 9.90 -21.66
CA ARG I 355 -55.20 11.12 -22.23
C ARG I 355 -55.74 12.03 -21.14
N LYS I 356 -56.60 11.49 -20.26
CA LYS I 356 -57.22 12.33 -19.24
C LYS I 356 -56.25 12.69 -18.12
N SER I 357 -55.30 11.80 -17.81
CA SER I 357 -54.29 12.17 -16.83
C SER I 357 -53.40 13.28 -17.37
N PHE I 358 -53.15 13.29 -18.69
CA PHE I 358 -52.44 14.41 -19.30
C PHE I 358 -53.26 15.70 -19.18
N ILE I 359 -54.53 15.64 -19.59
CA ILE I 359 -55.43 16.79 -19.43
C ILE I 359 -55.40 17.35 -18.01
N PHE I 361 -53.12 16.82 -15.40
CA PHE I 361 -51.85 17.43 -15.01
C PHE I 361 -51.66 18.78 -15.69
N GLN I 362 -52.18 18.93 -16.92
CA GLN I 362 -52.15 20.22 -17.60
C GLN I 362 -52.98 21.26 -16.83
N GLU I 363 -54.17 20.88 -16.39
CA GLU I 363 -55.01 21.84 -15.70
C GLU I 363 -54.43 22.19 -14.33
N SER I 364 -53.88 21.19 -13.65
CA SER I 364 -53.23 21.44 -12.38
C SER I 364 -52.08 22.42 -12.56
N LEU I 365 -51.31 22.26 -13.63
CA LEU I 365 -50.24 23.20 -13.92
C LEU I 365 -50.76 24.58 -14.27
N LYS I 366 -51.91 24.65 -14.96
CA LYS I 366 -52.49 25.96 -15.28
C LYS I 366 -52.95 26.69 -14.03
N LYS I 367 -53.36 25.96 -13.00
CA LYS I 367 -53.77 26.62 -11.78
C LYS I 367 -52.60 26.91 -10.84
N ASN I 368 -51.48 26.19 -10.97
CA ASN I 368 -50.29 26.42 -10.15
C ASN I 368 -49.10 25.99 -11.00
N GLU I 369 -48.47 26.95 -11.69
CA GLU I 369 -47.39 26.61 -12.60
C GLU I 369 -46.21 25.95 -11.90
N ASP I 370 -46.13 26.08 -10.57
CA ASP I 370 -45.04 25.51 -9.79
C ASP I 370 -45.45 24.26 -9.01
N ASN I 371 -46.51 23.58 -9.44
CA ASN I 371 -46.88 22.28 -8.86
C ASN I 371 -45.89 21.24 -9.39
N LEU I 372 -44.95 20.85 -8.53
CA LEU I 372 -43.83 19.99 -8.93
C LEU I 372 -44.30 18.60 -9.34
N LEU I 373 -45.07 17.95 -8.46
CA LEU I 373 -45.53 16.59 -8.72
C LEU I 373 -46.43 16.53 -9.95
N ALA I 374 -47.23 17.57 -10.20
CA ALA I 374 -48.06 17.61 -11.41
C ALA I 374 -47.21 17.60 -12.67
N LYS I 375 -46.07 18.29 -12.66
CA LYS I 375 -45.19 18.32 -13.82
C LYS I 375 -44.47 16.99 -14.00
N LEU I 376 -44.05 16.36 -12.90
CA LEU I 376 -43.54 15.00 -13.00
C LEU I 376 -44.59 14.07 -13.61
N GLY I 377 -45.84 14.20 -13.17
CA GLY I 377 -46.88 13.38 -13.75
C GLY I 377 -47.10 13.65 -15.23
N LEU I 378 -47.02 14.92 -15.63
CA LEU I 378 -47.17 15.25 -17.05
C LEU I 378 -46.11 14.56 -17.88
N GLY I 379 -44.84 14.64 -17.45
CA GLY I 379 -43.79 13.96 -18.17
C GLY I 379 -43.97 12.45 -18.20
N GLN I 380 -44.48 11.89 -17.09
CA GLN I 380 -44.70 10.44 -17.07
C GLN I 380 -45.81 10.03 -18.03
N THR I 381 -46.90 10.80 -18.11
CA THR I 381 -47.94 10.47 -19.08
C THR I 381 -47.42 10.64 -20.51
N GLN I 382 -46.48 11.56 -20.70
CA GLN I 382 -45.87 11.71 -22.02
C GLN I 382 -45.07 10.47 -22.38
N ILE I 383 -44.35 9.91 -21.40
CA ILE I 383 -43.68 8.63 -21.59
C ILE I 383 -44.71 7.56 -21.95
N LYS I 384 -45.80 7.48 -21.18
CA LYS I 384 -46.82 6.46 -21.43
C LYS I 384 -47.44 6.58 -22.82
N ASN I 385 -47.54 7.79 -23.35
CA ASN I 385 -48.07 8.00 -24.70
C ASN I 385 -46.98 7.91 -25.77
N ASN I 386 -45.81 7.36 -25.42
CA ASN I 386 -44.71 7.13 -26.37
C ASN I 386 -44.19 8.42 -26.98
N LEU I 387 -44.25 9.51 -26.23
CA LEU I 387 -43.62 10.77 -26.61
C LEU I 387 -42.39 10.98 -25.72
N LEU I 388 -41.29 10.31 -26.09
CA LEU I 388 -40.12 10.26 -25.23
C LEU I 388 -39.35 11.59 -25.23
N GLU I 389 -39.03 12.11 -26.41
CA GLU I 389 -38.27 13.36 -26.50
C GLU I 389 -39.05 14.51 -25.88
N GLU I 390 -40.38 14.50 -26.03
CA GLU I 390 -41.22 15.53 -25.44
C GLU I 390 -41.20 15.45 -23.91
N SER I 391 -41.27 14.24 -23.36
CA SER I 391 -41.18 14.08 -21.93
C SER I 391 -39.82 14.54 -21.41
N ILE I 392 -38.76 14.28 -22.19
CA ILE I 392 -37.43 14.73 -21.82
C ILE I 392 -37.38 16.26 -21.79
N ILE I 393 -38.04 16.89 -22.77
CA ILE I 393 -38.11 18.35 -22.76
C ILE I 393 -38.75 18.85 -21.47
N THR I 394 -39.86 18.22 -21.05
CA THR I 394 -40.54 18.78 -19.87
C THR I 394 -39.71 18.52 -18.61
N PHE I 395 -39.11 17.33 -18.50
CA PHE I 395 -38.30 17.02 -17.33
C PHE I 395 -37.06 17.92 -17.25
N GLU I 396 -36.45 18.23 -18.40
CA GLU I 396 -35.29 19.11 -18.39
C GLU I 396 -35.66 20.54 -18.09
N ASN I 397 -36.84 20.99 -18.53
CA ASN I 397 -37.31 22.32 -18.15
C ASN I 397 -37.58 22.39 -16.66
N LEU I 398 -38.15 21.31 -16.09
CA LEU I 398 -38.32 21.25 -14.65
C LEU I 398 -36.98 21.21 -13.94
N TYR I 399 -35.96 20.63 -14.59
CA TYR I 399 -34.66 20.50 -13.96
C TYR I 399 -33.97 21.84 -13.74
N LYS I 400 -34.24 22.83 -14.62
CA LYS I 400 -33.55 24.12 -14.52
C LYS I 400 -33.71 24.78 -13.16
N THR I 401 -34.71 24.39 -12.36
CA THR I 401 -34.91 24.95 -11.03
C THR I 401 -35.10 23.88 -9.96
N ASN I 402 -34.83 22.62 -10.28
CA ASN I 402 -34.95 21.52 -9.30
C ASN I 402 -33.82 20.52 -9.47
N GLU I 403 -32.61 20.99 -9.82
CA GLU I 403 -31.53 20.07 -10.13
C GLU I 403 -31.11 19.18 -8.95
N SER I 404 -31.49 19.54 -7.73
CA SER I 404 -31.15 18.74 -6.54
C SER I 404 -32.27 17.81 -6.14
N LEU I 405 -33.25 17.60 -6.99
CA LEU I 405 -34.34 16.67 -6.72
C LEU I 405 -33.89 15.28 -7.16
N GLN I 406 -33.82 14.35 -6.20
CA GLN I 406 -33.34 13.00 -6.51
C GLN I 406 -34.19 12.34 -7.58
N GLU I 407 -35.52 12.40 -7.41
CA GLU I 407 -36.41 11.70 -8.33
C GLU I 407 -36.23 12.20 -9.75
N LEU I 408 -35.98 13.49 -9.92
CA LEU I 408 -35.80 14.05 -11.25
C LEU I 408 -34.48 13.60 -11.87
N ASN I 409 -33.43 13.55 -11.06
CA ASN I 409 -32.15 13.05 -11.55
C ASN I 409 -32.28 11.58 -11.95
N TYR I 410 -33.01 10.80 -11.15
CA TYR I 410 -33.24 9.39 -11.48
C TYR I 410 -33.99 9.25 -12.81
N ILE I 411 -35.09 9.99 -12.96
CA ILE I 411 -35.93 9.88 -14.15
C ILE I 411 -35.13 10.27 -15.41
N LEU I 412 -34.40 11.39 -15.34
CA LEU I 412 -33.62 11.84 -16.49
C LEU I 412 -32.47 10.88 -16.78
N GLY I 413 -31.85 10.32 -15.74
CA GLY I 413 -30.83 9.31 -15.95
C GLY I 413 -31.36 8.09 -16.67
N LEU I 415 -34.09 7.90 -18.62
CA LEU I 415 -34.46 8.24 -19.99
C LEU I 415 -33.22 8.30 -20.89
N TYR I 416 -32.15 8.94 -20.41
CA TYR I 416 -30.95 9.03 -21.21
C TYR I 416 -30.22 7.69 -21.31
N ALA I 417 -30.33 6.84 -20.29
CA ALA I 417 -29.76 5.50 -20.38
C ALA I 417 -30.49 4.66 -21.43
N GLY I 418 -31.82 4.78 -21.47
CA GLY I 418 -32.57 4.11 -22.52
C GLY I 418 -32.18 4.61 -23.90
N LYS I 419 -32.00 5.92 -24.03
CA LYS I 419 -31.57 6.47 -25.32
C LYS I 419 -30.20 5.96 -25.71
N ALA I 420 -29.29 5.86 -24.74
CA ALA I 420 -27.93 5.38 -25.04
C ALA I 420 -27.95 3.91 -25.46
N PHE I 421 -28.69 3.08 -24.74
CA PHE I 421 -28.76 1.66 -25.10
C PHE I 421 -29.36 1.48 -26.49
N ASP I 422 -30.45 2.19 -26.77
CA ASP I 422 -31.06 2.11 -28.09
C ASP I 422 -30.12 2.60 -29.18
N ALA I 423 -29.38 3.69 -28.92
CA ALA I 423 -28.39 4.15 -29.88
C ALA I 423 -27.32 3.10 -30.12
N LYS I 424 -26.98 2.33 -29.08
CA LYS I 424 -25.99 1.28 -29.26
C LYS I 424 -26.52 0.19 -30.17
N THR I 425 -27.80 -0.15 -30.06
CA THR I 425 -28.32 -1.18 -30.97
C THR I 425 -28.54 -0.67 -32.40
N ALA I 426 -28.59 0.63 -32.60
CA ALA I 426 -28.78 1.16 -33.96
C ALA I 426 -27.47 1.15 -34.75
N LYS I 427 -27.61 1.06 -36.07
CA LYS I 427 -26.42 1.12 -36.94
C LYS I 427 -25.89 2.53 -37.06
N ASN I 428 -26.76 3.51 -37.30
CA ASN I 428 -26.36 4.87 -37.63
C ASN I 428 -26.22 5.73 -36.37
N THR I 429 -25.33 5.29 -35.49
CA THR I 429 -24.94 6.05 -34.30
C THR I 429 -23.45 6.35 -34.39
N SER I 430 -23.12 7.65 -34.50
CA SER I 430 -21.73 8.07 -34.49
C SER I 430 -21.12 7.83 -33.12
N ALA I 431 -19.78 7.83 -33.07
CA ALA I 431 -19.08 7.47 -31.84
C ALA I 431 -19.35 8.48 -30.72
N LYS I 432 -19.36 9.77 -31.04
CA LYS I 432 -19.55 10.75 -29.97
C LYS I 432 -21.01 11.00 -29.66
N GLU I 433 -21.94 10.71 -30.57
CA GLU I 433 -23.34 10.64 -30.18
C GLU I 433 -23.51 9.60 -29.07
N GLN I 434 -22.92 8.42 -29.28
CA GLN I 434 -22.92 7.37 -28.27
C GLN I 434 -22.29 7.85 -26.98
N SER I 435 -21.10 8.45 -27.07
CA SER I 435 -20.39 8.88 -25.87
C SER I 435 -21.17 9.96 -25.12
N ASN I 436 -21.80 10.89 -25.84
CA ASN I 436 -22.58 11.94 -25.20
C ASN I 436 -23.80 11.37 -24.49
N LEU I 437 -24.49 10.42 -25.12
CA LEU I 437 -25.61 9.75 -24.43
C LEU I 437 -25.14 9.06 -23.16
N ASN I 438 -24.08 8.27 -23.27
CA ASN I 438 -23.53 7.58 -22.10
C ASN I 438 -23.22 8.56 -20.97
N GLU I 439 -22.51 9.64 -21.31
CA GLU I 439 -22.05 10.57 -20.28
C GLU I 439 -23.22 11.33 -19.67
N LYS I 440 -24.22 11.70 -20.47
CA LYS I 440 -25.39 12.39 -19.94
C LYS I 440 -26.15 11.50 -18.96
N ALA I 441 -26.40 10.25 -19.36
CA ALA I 441 -27.11 9.34 -18.46
C ALA I 441 -26.33 9.12 -17.18
N LEU I 442 -25.00 8.99 -17.29
CA LEU I 442 -24.16 8.81 -16.12
C LEU I 442 -24.19 10.04 -15.22
N LYS I 443 -24.16 11.24 -15.81
CA LYS I 443 -24.23 12.46 -15.02
C LYS I 443 -25.49 12.48 -14.17
N TYR I 444 -26.63 12.22 -14.81
CA TYR I 444 -27.90 12.23 -14.07
C TYR I 444 -27.92 11.16 -12.98
N LEU I 445 -27.55 9.92 -13.34
CA LEU I 445 -27.68 8.83 -12.37
C LEU I 445 -26.69 8.97 -11.21
N GLU I 446 -25.48 9.44 -11.48
CA GLU I 446 -24.52 9.66 -10.41
C GLU I 446 -24.95 10.82 -9.52
N ARG I 447 -25.61 11.84 -10.07
CA ARG I 447 -26.13 12.88 -9.18
C ARG I 447 -27.26 12.34 -8.31
N TYR I 448 -28.08 11.44 -8.86
CA TYR I 448 -29.05 10.74 -8.02
C TYR I 448 -28.37 10.02 -6.87
N LEU I 449 -27.30 9.28 -7.16
CA LEU I 449 -26.60 8.54 -6.12
C LEU I 449 -26.02 9.49 -5.07
N LYS I 450 -25.39 10.58 -5.53
CA LYS I 450 -24.79 11.54 -4.62
C LYS I 450 -25.84 12.21 -3.74
N LEU I 451 -27.02 12.50 -4.29
CA LEU I 451 -28.06 13.16 -3.50
C LEU I 451 -28.73 12.19 -2.53
N THR I 452 -28.95 10.95 -2.96
CA THR I 452 -29.58 9.97 -2.08
C THR I 452 -28.68 9.61 -0.92
N LEU I 453 -27.37 9.49 -1.18
CA LEU I 453 -26.44 9.19 -0.10
C LEU I 453 -26.14 10.40 0.77
N ALA I 454 -26.36 11.62 0.25
CA ALA I 454 -26.25 12.82 1.09
C ALA I 454 -27.22 12.74 2.24
N THR I 455 -28.44 12.31 1.98
CA THR I 455 -29.33 11.89 3.06
C THR I 455 -28.90 10.49 3.51
N LYS I 456 -29.10 10.20 4.79
CA LYS I 456 -28.78 8.89 5.32
C LYS I 456 -30.02 8.19 5.88
N ASN I 457 -31.21 8.62 5.48
CA ASN I 457 -32.47 8.00 5.83
C ASN I 457 -33.06 7.12 4.73
N GLN I 458 -32.76 7.41 3.46
CA GLN I 458 -33.39 6.73 2.34
C GLN I 458 -32.40 5.82 1.64
N LEU I 459 -32.91 4.71 1.12
CA LEU I 459 -32.07 3.75 0.41
C LEU I 459 -32.05 4.06 -1.09
N VAL I 460 -31.05 3.53 -1.76
CA VAL I 460 -30.86 3.72 -3.19
C VAL I 460 -31.66 2.69 -3.96
N ILE I 461 -32.33 3.13 -5.03
CA ILE I 461 -32.97 2.20 -5.95
C ILE I 461 -31.88 1.40 -6.67
N SER I 462 -31.84 0.10 -6.44
CA SER I 462 -30.76 -0.73 -6.98
C SER I 462 -30.78 -0.79 -8.50
N ARG I 463 -31.94 -0.50 -9.11
CA ARG I 463 -31.99 -0.34 -10.55
C ARG I 463 -30.97 0.69 -11.03
N ALA I 464 -30.73 1.73 -10.23
CA ALA I 464 -29.74 2.72 -10.61
C ALA I 464 -28.36 2.10 -10.68
N TYR I 465 -28.04 1.20 -9.75
CA TYR I 465 -26.75 0.53 -9.79
C TYR I 465 -26.62 -0.34 -11.05
N LEU I 466 -27.67 -1.12 -11.35
CA LEU I 466 -27.62 -1.98 -12.53
C LEU I 466 -27.43 -1.18 -13.81
N VAL I 467 -28.21 -0.10 -13.96
CA VAL I 467 -28.15 0.72 -15.18
C VAL I 467 -26.80 1.43 -15.28
N ILE I 468 -26.28 1.92 -14.15
CA ILE I 468 -24.97 2.57 -14.16
C ILE I 468 -23.90 1.58 -14.60
N SER I 469 -23.99 0.32 -14.15
CA SER I 469 -22.97 -0.67 -14.51
C SER I 469 -23.07 -1.03 -16.00
N GLN I 470 -24.27 -1.05 -16.57
CA GLN I 470 -24.40 -1.23 -18.01
C GLN I 470 -23.83 -0.06 -18.80
N LEU I 471 -24.11 1.17 -18.37
CA LEU I 471 -23.54 2.32 -19.06
C LEU I 471 -22.02 2.28 -19.02
N TYR I 472 -21.45 1.89 -17.88
CA TYR I 472 -20.00 1.81 -17.76
C TYR I 472 -19.44 0.65 -18.57
N GLU I 473 -20.23 -0.41 -18.78
CA GLU I 473 -19.92 -1.36 -19.85
C GLU I 473 -19.70 -0.60 -21.15
N LEU I 474 -20.69 0.21 -21.52
CA LEU I 474 -20.62 0.94 -22.77
C LEU I 474 -19.44 1.91 -22.81
N GLN I 475 -18.85 2.24 -21.66
CA GLN I 475 -17.68 3.10 -21.64
C GLN I 475 -16.37 2.32 -21.65
N ASN I 476 -16.42 1.00 -21.88
CA ASN I 476 -15.24 0.12 -21.81
C ASN I 476 -14.50 0.30 -20.49
N GLN I 477 -15.25 0.41 -19.40
CA GLN I 477 -14.69 0.46 -18.03
C GLN I 477 -15.41 -0.63 -17.26
N TYR I 478 -14.85 -1.85 -17.31
CA TYR I 478 -15.55 -3.00 -16.77
C TYR I 478 -15.30 -3.21 -15.28
N LYS I 479 -14.24 -2.64 -14.73
CA LYS I 479 -14.04 -2.74 -13.29
C LYS I 479 -15.00 -1.84 -12.53
N THR I 480 -15.36 -0.69 -13.12
CA THR I 480 -16.42 0.15 -12.55
C THR I 480 -17.77 -0.54 -12.66
N SER I 481 -18.03 -1.18 -13.80
CA SER I 481 -19.21 -2.02 -13.93
C SER I 481 -19.28 -3.04 -12.80
N LEU I 482 -18.18 -3.76 -12.58
CA LEU I 482 -18.10 -4.75 -11.49
C LEU I 482 -18.39 -4.12 -10.13
N ASP I 483 -17.75 -2.98 -9.84
CA ASP I 483 -17.94 -2.33 -8.55
C ASP I 483 -19.39 -1.95 -8.33
N TYR I 484 -20.03 -1.35 -9.33
CA TYR I 484 -21.39 -0.86 -9.13
C TYR I 484 -22.39 -2.02 -9.04
N LEU I 485 -22.21 -3.07 -9.86
CA LEU I 485 -23.14 -4.20 -9.76
C LEU I 485 -22.98 -4.96 -8.45
N SER I 486 -21.76 -5.07 -7.93
CA SER I 486 -21.61 -5.70 -6.62
C SER I 486 -22.13 -4.79 -5.52
N LYS I 487 -22.08 -3.47 -5.71
CA LYS I 487 -22.70 -2.56 -4.76
C LYS I 487 -24.21 -2.77 -4.71
N ALA I 488 -24.81 -3.02 -5.89
CA ALA I 488 -26.22 -3.40 -5.95
C ALA I 488 -26.49 -4.66 -5.15
N LEU I 489 -25.68 -5.69 -5.40
CA LEU I 489 -25.87 -6.97 -4.69
C LEU I 489 -25.73 -6.78 -3.19
N GLU I 490 -24.79 -5.91 -2.77
CA GLU I 490 -24.59 -5.67 -1.35
C GLU I 490 -25.82 -5.03 -0.74
N GLU I 491 -26.42 -4.05 -1.43
CA GLU I 491 -27.65 -3.46 -0.90
C GLU I 491 -28.79 -4.47 -0.85
N GLU I 493 -28.71 -7.68 -0.46
CA GLU I 493 -28.51 -8.53 0.71
C GLU I 493 -28.68 -7.74 2.00
N PHE I 494 -28.49 -6.42 1.96
CA PHE I 494 -28.78 -5.61 3.13
C PHE I 494 -30.28 -5.57 3.44
N ILE I 495 -31.13 -5.56 2.42
CA ILE I 495 -32.58 -5.51 2.62
C ILE I 495 -33.23 -6.90 2.51
N LYS I 496 -32.43 -7.97 2.60
CA LYS I 496 -32.95 -9.34 2.58
C LYS I 496 -33.80 -9.63 1.34
N LYS I 497 -33.35 -9.16 0.19
CA LYS I 497 -34.03 -9.45 -1.07
C LYS I 497 -33.28 -10.57 -1.79
N GLU I 498 -34.03 -11.46 -2.45
CA GLU I 498 -33.39 -12.53 -3.19
C GLU I 498 -32.67 -11.94 -4.40
N ILE I 499 -31.49 -12.48 -4.69
CA ILE I 499 -30.70 -11.98 -5.81
C ILE I 499 -31.14 -12.73 -7.06
N PRO I 500 -31.54 -12.03 -8.12
CA PRO I 500 -31.88 -12.74 -9.36
C PRO I 500 -30.66 -13.41 -9.95
N LEU I 501 -30.87 -14.61 -10.50
CA LEU I 501 -29.83 -15.33 -11.25
C LEU I 501 -29.12 -14.39 -12.23
N GLU I 502 -29.87 -13.44 -12.80
CA GLU I 502 -29.27 -12.50 -13.76
C GLU I 502 -28.14 -11.70 -13.11
N VAL I 503 -28.31 -11.32 -11.85
CA VAL I 503 -27.30 -10.49 -11.20
C VAL I 503 -26.04 -11.30 -10.93
N LEU I 504 -26.19 -12.55 -10.51
CA LEU I 504 -25.04 -13.43 -10.37
C LEU I 504 -24.35 -13.67 -11.70
N ASN I 505 -25.13 -13.90 -12.76
CA ASN I 505 -24.54 -14.19 -14.06
C ASN I 505 -23.76 -12.99 -14.60
N ASN I 506 -24.33 -11.79 -14.50
CA ASN I 506 -23.65 -10.62 -15.03
C ASN I 506 -22.47 -10.22 -14.14
N LEU I 507 -22.57 -10.44 -12.83
CA LEU I 507 -21.42 -10.23 -11.96
C LEU I 507 -20.29 -11.20 -12.31
N ALA I 508 -20.64 -12.45 -12.65
CA ALA I 508 -19.64 -13.40 -13.11
C ALA I 508 -19.03 -12.99 -14.43
N CYS I 509 -19.81 -12.38 -15.33
CA CYS I 509 -19.23 -11.92 -16.59
C CYS I 509 -18.27 -10.77 -16.35
N TYR I 510 -18.64 -9.85 -15.45
CA TYR I 510 -17.72 -8.77 -15.11
C TYR I 510 -16.45 -9.30 -14.45
N HIS I 511 -16.57 -10.37 -13.66
CA HIS I 511 -15.38 -10.98 -13.07
C HIS I 511 -14.52 -11.66 -14.14
N PHE I 512 -15.15 -12.33 -15.11
CA PHE I 512 -14.41 -12.97 -16.19
C PHE I 512 -13.61 -11.95 -16.99
N ILE I 513 -14.29 -10.89 -17.46
CA ILE I 513 -13.62 -9.93 -18.32
C ILE I 513 -12.48 -9.24 -17.59
N ASN I 514 -12.47 -9.32 -16.26
CA ASN I 514 -11.44 -8.71 -15.44
C ASN I 514 -10.34 -9.68 -15.05
N GLY I 515 -10.49 -10.98 -15.33
CA GLY I 515 -9.45 -11.95 -15.06
C GLY I 515 -9.67 -12.84 -13.86
N ASP I 516 -10.80 -12.71 -13.16
CA ASP I 516 -11.08 -13.54 -11.99
C ASP I 516 -11.94 -14.73 -12.43
N PHE I 517 -11.25 -15.72 -13.02
CA PHE I 517 -11.96 -16.85 -13.61
C PHE I 517 -12.54 -17.79 -12.56
N ILE I 518 -11.94 -17.83 -11.36
CA ILE I 518 -12.45 -18.72 -10.32
C ILE I 518 -13.71 -18.17 -9.67
N LYS I 519 -13.73 -16.87 -9.36
CA LYS I 519 -14.94 -16.28 -8.83
C LYS I 519 -16.02 -16.20 -9.90
N ALA I 520 -15.63 -16.00 -11.16
CA ALA I 520 -16.60 -16.00 -12.25
C ALA I 520 -17.23 -17.38 -12.39
N ASP I 521 -16.41 -18.43 -12.36
CA ASP I 521 -16.92 -19.79 -12.36
C ASP I 521 -17.86 -20.04 -11.18
N ASP I 522 -17.48 -19.58 -9.99
CA ASP I 522 -18.29 -19.87 -8.80
C ASP I 522 -19.62 -19.13 -8.85
N LEU I 523 -19.62 -17.91 -9.36
CA LEU I 523 -20.88 -17.17 -9.49
C LEU I 523 -21.75 -17.74 -10.59
N PHE I 524 -21.13 -18.23 -11.67
CA PHE I 524 -21.92 -18.93 -12.68
C PHE I 524 -22.53 -20.20 -12.09
N LYS I 525 -21.84 -20.83 -11.13
CA LYS I 525 -22.42 -22.03 -10.54
C LYS I 525 -23.53 -21.70 -9.56
N GLN I 526 -23.46 -20.57 -8.86
CA GLN I 526 -24.62 -20.16 -8.06
C GLN I 526 -25.81 -19.83 -8.96
N ALA I 527 -25.56 -19.07 -10.04
CA ALA I 527 -26.63 -18.78 -10.99
C ALA I 527 -27.27 -20.06 -11.50
N LYS I 528 -26.45 -21.03 -11.92
CA LYS I 528 -27.01 -22.27 -12.43
C LYS I 528 -27.72 -23.06 -11.34
N ALA I 529 -27.26 -22.93 -10.10
CA ALA I 529 -27.97 -23.55 -8.98
C ALA I 529 -29.32 -22.90 -8.71
N LYS I 530 -29.52 -21.64 -9.10
CA LYS I 530 -30.79 -20.96 -8.83
C LYS I 530 -31.74 -20.95 -10.05
N VAL I 531 -31.75 -21.99 -10.85
CA VAL I 531 -32.69 -22.09 -11.97
C VAL I 531 -33.37 -23.45 -11.93
N SER I 532 -34.67 -23.46 -12.20
CA SER I 532 -35.39 -24.70 -12.45
C SER I 532 -34.71 -25.52 -13.54
N ASP I 533 -34.68 -26.84 -13.33
CA ASP I 533 -34.05 -27.72 -14.32
C ASP I 533 -34.80 -27.62 -15.65
N LYS I 534 -34.14 -28.08 -16.71
CA LYS I 534 -34.63 -28.08 -18.09
C LYS I 534 -35.33 -26.77 -18.45
N ASP I 535 -34.82 -25.65 -17.93
CA ASP I 535 -35.15 -24.34 -18.46
C ASP I 535 -34.06 -24.00 -19.47
N GLU I 536 -34.03 -24.82 -20.53
CA GLU I 536 -32.87 -24.93 -21.39
C GLU I 536 -32.61 -23.68 -22.22
N SER I 537 -33.52 -22.71 -22.21
CA SER I 537 -33.16 -21.39 -22.72
C SER I 537 -32.04 -20.79 -21.88
N VAL I 538 -32.23 -20.78 -20.56
CA VAL I 538 -31.23 -20.25 -19.64
C VAL I 538 -30.02 -21.17 -19.53
N ASN I 539 -30.25 -22.49 -19.60
CA ASN I 539 -29.17 -23.44 -19.35
C ASN I 539 -28.12 -23.41 -20.44
N ILE I 540 -28.50 -23.14 -21.68
CA ILE I 540 -27.50 -23.03 -22.75
C ILE I 540 -26.53 -21.90 -22.44
N THR I 541 -27.06 -20.75 -22.02
CA THR I 541 -26.21 -19.62 -21.70
C THR I 541 -25.33 -19.91 -20.49
N LEU I 542 -25.88 -20.58 -19.47
CA LEU I 542 -25.08 -20.81 -18.27
C LEU I 542 -24.00 -21.86 -18.50
N GLU I 543 -24.32 -22.89 -19.30
CA GLU I 543 -23.32 -23.89 -19.66
C GLU I 543 -22.21 -23.28 -20.52
N TYR I 544 -22.57 -22.47 -21.52
CA TYR I 544 -21.54 -21.79 -22.30
C TYR I 544 -20.68 -20.89 -21.41
N ASN I 545 -21.30 -20.23 -20.45
CA ASN I 545 -20.54 -19.31 -19.60
C ASN I 545 -19.51 -20.08 -18.76
N ILE I 546 -19.93 -21.19 -18.15
CA ILE I 546 -19.00 -21.96 -17.33
C ILE I 546 -17.88 -22.54 -18.21
N ALA I 547 -18.24 -23.11 -19.36
CA ALA I 547 -17.22 -23.68 -20.24
C ALA I 547 -16.27 -22.60 -20.75
N ARG I 548 -16.80 -21.45 -21.13
CA ARG I 548 -15.98 -20.34 -21.61
C ARG I 548 -15.02 -19.84 -20.54
N THR I 549 -15.44 -19.84 -19.27
CA THR I 549 -14.56 -19.39 -18.21
C THR I 549 -13.52 -20.42 -17.83
N ASN I 550 -13.81 -21.72 -18.01
CA ASN I 550 -12.84 -22.75 -17.66
C ASN I 550 -12.05 -23.27 -18.86
N GLU I 551 -11.77 -22.42 -19.84
CA GLU I 551 -10.99 -22.88 -20.99
C GLU I 551 -9.53 -23.09 -20.64
N LYS I 552 -8.96 -22.23 -19.80
CA LYS I 552 -7.53 -22.29 -19.47
C LYS I 552 -7.25 -23.05 -18.18
N ASN I 553 -8.25 -23.63 -17.55
CA ASN I 553 -8.00 -24.33 -16.29
C ASN I 553 -8.63 -25.71 -16.24
N ASP I 554 -9.75 -25.92 -16.92
CA ASP I 554 -10.39 -27.24 -17.02
C ASP I 554 -10.83 -27.47 -18.48
N CYS I 555 -9.86 -27.42 -19.41
CA CYS I 555 -10.19 -27.36 -20.82
C CYS I 555 -10.88 -28.62 -21.33
N GLU I 556 -10.70 -29.76 -20.67
CA GLU I 556 -11.42 -30.94 -21.11
C GLU I 556 -12.90 -30.82 -20.77
N LYS I 557 -13.21 -30.14 -19.66
CA LYS I 557 -14.60 -29.84 -19.33
C LYS I 557 -15.22 -28.87 -20.32
N SER I 558 -14.46 -27.85 -20.72
CA SER I 558 -14.96 -26.90 -21.71
C SER I 558 -15.20 -27.57 -23.05
N GLU I 559 -14.29 -28.46 -23.47
CA GLU I 559 -14.50 -29.14 -24.74
C GLU I 559 -15.68 -30.10 -24.66
N SER I 560 -15.90 -30.71 -23.50
CA SER I 560 -17.09 -31.55 -23.32
C SER I 560 -18.38 -30.74 -23.46
N ILE I 561 -18.46 -29.63 -22.72
CA ILE I 561 -19.67 -28.79 -22.79
C ILE I 561 -19.87 -28.26 -24.20
N TYR I 562 -18.79 -27.84 -24.85
CA TYR I 562 -18.90 -27.33 -26.22
C TYR I 562 -19.42 -28.40 -27.16
N SER I 563 -18.91 -29.62 -27.05
CA SER I 563 -19.36 -30.70 -27.93
C SER I 563 -20.83 -31.02 -27.70
N GLN I 564 -21.28 -31.02 -26.44
CA GLN I 564 -22.69 -31.37 -26.23
C GLN I 564 -23.63 -30.26 -26.68
N VAL I 565 -23.28 -28.99 -26.43
CA VAL I 565 -24.17 -27.93 -26.88
C VAL I 565 -24.12 -27.79 -28.42
N THR I 566 -23.01 -28.17 -29.05
CA THR I 566 -22.96 -28.09 -30.50
C THR I 566 -23.68 -29.28 -31.15
N SER I 567 -23.66 -30.44 -30.47
CA SER I 567 -24.45 -31.58 -30.93
C SER I 567 -25.94 -31.29 -30.79
N LEU I 568 -26.36 -30.82 -29.61
CA LEU I 568 -27.79 -30.62 -29.35
C LEU I 568 -28.31 -29.38 -30.06
N HIS I 569 -27.64 -28.24 -29.90
CA HIS I 569 -28.11 -26.96 -30.42
C HIS I 569 -27.06 -26.37 -31.35
N PRO I 570 -26.98 -26.86 -32.60
CA PRO I 570 -25.98 -26.34 -33.54
C PRO I 570 -26.17 -24.87 -33.89
N ALA I 571 -27.36 -24.30 -33.66
CA ALA I 571 -27.60 -22.91 -33.99
C ALA I 571 -26.92 -21.96 -33.03
N TYR I 572 -26.46 -22.45 -31.88
CA TYR I 572 -25.74 -21.64 -30.92
C TYR I 572 -24.32 -21.39 -31.44
N ILE I 573 -24.06 -20.16 -31.88
CA ILE I 573 -22.90 -19.90 -32.73
C ILE I 573 -21.61 -19.85 -31.92
N ALA I 574 -21.64 -19.20 -30.75
CA ALA I 574 -20.42 -19.03 -29.96
C ALA I 574 -19.80 -20.37 -29.61
N ALA I 575 -20.64 -21.32 -29.20
CA ALA I 575 -20.16 -22.66 -28.86
C ALA I 575 -19.50 -23.33 -30.07
N ARG I 576 -20.09 -23.20 -31.26
CA ARG I 576 -19.48 -23.79 -32.44
C ARG I 576 -18.11 -23.19 -32.71
N ILE I 577 -18.04 -21.86 -32.69
CA ILE I 577 -16.79 -21.17 -32.98
C ILE I 577 -15.70 -21.61 -32.01
N ARG I 578 -16.02 -21.67 -30.71
CA ARG I 578 -14.98 -21.94 -29.73
C ARG I 578 -14.65 -23.43 -29.62
N ASN I 579 -15.61 -24.32 -29.93
CA ASN I 579 -15.28 -25.74 -30.05
C ASN I 579 -14.25 -25.94 -31.15
N LEU I 580 -14.50 -25.34 -32.31
CA LEU I 580 -13.54 -25.47 -33.40
C LEU I 580 -12.23 -24.78 -33.08
N TYR I 581 -12.26 -23.63 -32.38
CA TYR I 581 -11.03 -22.95 -32.02
C TYR I 581 -10.18 -23.82 -31.09
N LEU I 582 -10.80 -24.40 -30.07
CA LEU I 582 -10.07 -25.27 -29.15
C LEU I 582 -9.48 -26.47 -29.87
N LYS I 583 -10.27 -27.10 -30.76
CA LYS I 583 -9.75 -28.30 -31.43
C LYS I 583 -8.70 -27.98 -32.48
N PHE I 584 -8.76 -26.79 -33.09
CA PHE I 584 -7.76 -26.41 -34.08
C PHE I 584 -6.45 -25.97 -33.42
N ALA I 585 -6.54 -25.12 -32.40
CA ALA I 585 -5.33 -24.59 -31.77
C ALA I 585 -4.53 -25.66 -31.05
N GLN I 586 -5.16 -26.80 -30.72
CA GLN I 586 -4.48 -27.89 -30.04
C GLN I 586 -4.11 -29.04 -30.98
N SER I 587 -4.25 -28.84 -32.29
CA SER I 587 -4.00 -29.88 -33.29
C SER I 587 -4.77 -31.16 -32.97
N LYS I 588 -6.00 -31.00 -32.48
CA LYS I 588 -6.86 -32.12 -32.13
C LYS I 588 -7.88 -32.46 -33.22
N ILE I 589 -7.81 -31.79 -34.36
CA ILE I 589 -8.71 -32.03 -35.47
C ILE I 589 -7.93 -32.08 -36.78
N GLU I 590 -8.21 -33.08 -37.60
CA GLU I 590 -7.55 -33.18 -38.89
C GLU I 590 -7.86 -31.96 -39.75
N ASP I 591 -6.87 -31.53 -40.53
CA ASP I 591 -6.99 -30.27 -41.28
C ASP I 591 -8.02 -30.36 -42.40
N SER I 592 -8.23 -31.55 -42.98
CA SER I 592 -9.35 -31.74 -43.90
C SER I 592 -10.67 -31.40 -43.22
N ASP I 593 -10.89 -31.95 -42.03
CA ASP I 593 -12.17 -31.77 -41.34
C ASP I 593 -12.37 -30.32 -40.94
N SER I 595 -11.39 -27.76 -42.48
CA SER I 595 -11.74 -26.96 -43.66
C SER I 595 -13.18 -27.21 -44.11
N THR I 596 -13.70 -28.41 -43.90
CA THR I 596 -15.12 -28.65 -44.18
C THR I 596 -15.99 -28.18 -43.02
N GLU I 597 -15.56 -28.43 -41.79
CA GLU I 597 -16.36 -28.06 -40.62
C GLU I 597 -16.60 -26.56 -40.57
N ASN I 599 -16.38 -24.35 -43.36
CA ASN I 599 -17.22 -23.93 -44.48
C ASN I 599 -18.70 -24.22 -44.20
N LYS I 600 -19.00 -25.36 -43.57
CA LYS I 600 -20.37 -25.67 -43.18
C LYS I 600 -20.87 -24.72 -42.09
N LEU I 601 -19.96 -24.14 -41.31
CA LEU I 601 -20.34 -23.12 -40.34
C LEU I 601 -20.56 -21.77 -41.00
N LEU I 602 -19.85 -21.49 -42.10
CA LEU I 602 -19.94 -20.22 -42.80
C LEU I 602 -21.09 -20.18 -43.80
N ASP I 603 -21.26 -21.22 -44.61
CA ASP I 603 -22.25 -21.18 -45.69
C ASP I 603 -23.69 -21.27 -45.19
N LEU I 604 -23.88 -21.50 -43.89
CA LEU I 604 -25.21 -21.47 -43.29
C LEU I 604 -25.41 -20.25 -42.40
N ASN I 605 -24.35 -19.50 -42.12
CA ASN I 605 -24.43 -18.30 -41.31
C ASN I 605 -23.58 -17.22 -41.96
N LYS I 606 -23.75 -17.05 -43.28
CA LYS I 606 -22.85 -16.24 -44.08
C LYS I 606 -22.95 -14.74 -43.77
N SER I 607 -23.92 -14.34 -42.95
CA SER I 607 -24.03 -12.96 -42.50
C SER I 607 -23.64 -12.79 -41.03
N ASP I 608 -23.33 -13.86 -40.31
CA ASP I 608 -22.86 -13.75 -38.93
C ASP I 608 -21.44 -13.19 -38.93
N LEU I 609 -21.29 -11.95 -38.44
CA LEU I 609 -19.99 -11.28 -38.52
C LEU I 609 -18.97 -11.89 -37.58
N GLU I 610 -19.41 -12.47 -36.46
CA GLU I 610 -18.49 -13.23 -35.63
C GLU I 610 -17.94 -14.42 -36.41
N ILE I 611 -18.81 -15.09 -37.16
CA ILE I 611 -18.40 -16.23 -37.98
C ILE I 611 -17.51 -15.77 -39.13
N ARG I 612 -17.84 -14.63 -39.74
CA ARG I 612 -17.00 -14.14 -40.84
C ARG I 612 -15.59 -13.80 -40.34
N SER I 613 -15.48 -13.24 -39.15
CA SER I 613 -14.17 -12.87 -38.63
C SER I 613 -13.42 -14.08 -38.10
N PHE I 614 -14.15 -15.07 -37.55
CA PHE I 614 -13.57 -16.35 -37.22
C PHE I 614 -13.00 -17.03 -38.47
N TYR I 615 -13.71 -16.94 -39.58
CA TYR I 615 -13.26 -17.55 -40.82
C TYR I 615 -12.02 -16.84 -41.38
N GLY I 616 -12.01 -15.52 -41.34
CA GLY I 616 -10.80 -14.79 -41.72
C GLY I 616 -9.60 -15.16 -40.87
N TRP I 617 -9.80 -15.28 -39.55
CA TRP I 617 -8.73 -15.72 -38.67
C TRP I 617 -8.27 -17.13 -39.04
N TYR I 618 -9.23 -18.01 -39.36
CA TYR I 618 -8.88 -19.36 -39.79
C TYR I 618 -8.03 -19.34 -41.05
N LEU I 619 -8.40 -18.51 -42.04
CA LEU I 619 -7.63 -18.49 -43.28
C LEU I 619 -6.23 -17.94 -43.05
N LYS I 620 -6.09 -16.95 -42.16
CA LYS I 620 -4.76 -16.42 -41.88
C LYS I 620 -3.90 -17.38 -41.07
N ASN I 621 -4.49 -18.16 -40.16
CA ASN I 621 -3.71 -19.01 -39.30
C ASN I 621 -3.62 -20.45 -39.81
N SER I 622 -4.26 -20.76 -40.93
CA SER I 622 -4.07 -22.03 -41.60
C SER I 622 -3.05 -21.88 -42.73
N LYS I 623 -3.35 -20.98 -43.68
CA LYS I 623 -2.51 -20.65 -44.84
C LYS I 623 -1.80 -21.89 -45.39
N GLU I 624 -2.62 -22.90 -45.71
CA GLU I 624 -2.13 -24.09 -46.39
C GLU I 624 -2.69 -24.17 -47.80
N ARG I 625 -4.00 -24.37 -47.92
CA ARG I 625 -4.73 -24.15 -49.16
C ARG I 625 -5.67 -22.95 -49.01
N LYS I 626 -5.47 -22.14 -47.99
CA LYS I 626 -6.27 -20.95 -47.70
C LYS I 626 -5.43 -19.68 -47.66
N ASN I 627 -4.55 -19.52 -48.65
CA ASN I 627 -3.67 -18.36 -48.73
C ASN I 627 -4.44 -17.08 -48.96
N ASN I 628 -3.68 -15.99 -49.11
CA ASN I 628 -4.17 -14.61 -48.99
C ASN I 628 -5.16 -14.19 -50.07
N GLU I 629 -5.25 -14.88 -51.21
CA GLU I 629 -6.26 -14.48 -52.20
C GLU I 629 -7.67 -14.82 -51.73
N LYS I 630 -7.83 -15.97 -51.08
CA LYS I 630 -9.17 -16.31 -50.62
C LYS I 630 -9.54 -15.43 -49.43
N SER I 631 -8.55 -15.00 -48.65
CA SER I 631 -8.85 -14.12 -47.53
C SER I 631 -9.11 -12.69 -47.96
N THR I 632 -8.48 -12.21 -49.05
CA THR I 632 -8.78 -10.88 -49.54
C THR I 632 -10.19 -10.84 -50.12
N THR I 633 -10.57 -11.87 -50.89
CA THR I 633 -11.94 -11.85 -51.41
C THR I 633 -12.95 -11.97 -50.28
N HIS I 634 -12.65 -12.79 -49.26
CA HIS I 634 -13.58 -12.98 -48.16
C HIS I 634 -13.81 -11.68 -47.39
N ASN I 635 -12.73 -10.99 -47.03
CA ASN I 635 -12.90 -9.76 -46.25
C ASN I 635 -13.48 -8.64 -47.09
N LYS I 636 -13.13 -8.59 -48.37
CA LYS I 636 -13.72 -7.58 -49.24
C LYS I 636 -15.21 -7.80 -49.40
N GLU I 637 -15.65 -9.07 -49.37
CA GLU I 637 -17.08 -9.36 -49.41
C GLU I 637 -17.76 -9.00 -48.10
N THR I 638 -17.10 -9.27 -46.97
CA THR I 638 -17.68 -8.90 -45.68
C THR I 638 -17.95 -7.40 -45.64
N LEU I 639 -17.00 -6.62 -46.13
CA LEU I 639 -17.20 -5.17 -46.17
C LEU I 639 -18.32 -4.78 -47.13
N VAL I 640 -18.19 -5.15 -48.41
CA VAL I 640 -19.08 -4.59 -49.44
C VAL I 640 -20.47 -5.21 -49.43
N LYS I 641 -20.71 -6.23 -48.60
CA LYS I 641 -22.03 -6.81 -48.56
C LYS I 641 -22.70 -6.88 -47.19
N TYR I 642 -21.97 -6.77 -46.09
CA TYR I 642 -22.64 -6.88 -44.80
C TYR I 642 -22.47 -5.69 -43.88
N ASN I 643 -21.25 -5.19 -43.65
CA ASN I 643 -21.10 -4.04 -42.76
C ASN I 643 -20.41 -2.85 -43.41
N SER I 644 -19.21 -3.04 -43.97
CA SER I 644 -18.39 -1.98 -44.55
C SER I 644 -17.88 -1.01 -43.48
N HIS I 645 -18.39 -1.16 -42.26
CA HIS I 645 -17.84 -0.50 -41.08
C HIS I 645 -17.14 -1.48 -40.15
N ASP I 646 -17.15 -2.77 -40.48
CA ASP I 646 -16.61 -3.81 -39.61
C ASP I 646 -15.11 -3.60 -39.47
N ALA I 647 -14.68 -3.14 -38.28
CA ALA I 647 -13.28 -2.88 -38.03
C ALA I 647 -12.43 -4.12 -38.29
N TYR I 648 -12.95 -5.29 -37.97
CA TYR I 648 -12.20 -6.53 -38.14
C TYR I 648 -11.84 -6.77 -39.60
N ALA I 649 -12.84 -6.73 -40.48
CA ALA I 649 -12.59 -6.92 -41.90
C ALA I 649 -11.69 -5.83 -42.47
N LEU I 650 -11.89 -4.59 -42.03
CA LEU I 650 -11.06 -3.51 -42.53
C LEU I 650 -9.59 -3.72 -42.17
N ILE I 651 -9.32 -4.12 -40.91
CA ILE I 651 -7.94 -4.34 -40.52
C ILE I 651 -7.38 -5.59 -41.19
N SER I 652 -8.20 -6.61 -41.45
CA SER I 652 -7.70 -7.77 -42.17
C SER I 652 -7.29 -7.40 -43.58
N LEU I 653 -8.10 -6.59 -44.27
CA LEU I 653 -7.73 -6.08 -45.58
C LEU I 653 -6.43 -5.29 -45.50
N ALA I 654 -6.34 -4.40 -44.51
CA ALA I 654 -5.13 -3.59 -44.37
C ALA I 654 -3.90 -4.46 -44.13
N ASN I 655 -4.05 -5.52 -43.35
CA ASN I 655 -2.90 -6.39 -43.06
C ASN I 655 -2.43 -7.12 -44.31
N LEU I 656 -3.35 -7.68 -45.09
CA LEU I 656 -2.92 -8.32 -46.33
C LEU I 656 -2.31 -7.31 -47.29
N TYR I 657 -2.85 -6.08 -47.28
CA TYR I 657 -2.28 -5.02 -48.11
C TYR I 657 -0.85 -4.66 -47.69
N VAL I 658 -0.57 -4.64 -46.38
CA VAL I 658 0.79 -4.27 -45.98
C VAL I 658 1.76 -5.40 -46.29
N THR I 659 1.32 -6.66 -46.17
CA THR I 659 2.23 -7.75 -46.51
C THR I 659 2.55 -7.75 -47.99
N ILE I 660 1.54 -7.57 -48.84
CA ILE I 660 1.85 -7.48 -50.27
C ILE I 660 2.65 -6.23 -50.59
N ALA I 661 2.45 -5.15 -49.81
CA ALA I 661 3.22 -3.94 -50.04
C ALA I 661 4.70 -4.16 -49.74
N ARG I 662 5.02 -4.78 -48.62
CA ARG I 662 6.43 -5.03 -48.34
C ARG I 662 7.01 -6.08 -49.28
N ASP I 663 6.19 -7.01 -49.78
CA ASP I 663 6.74 -7.95 -50.75
C ASP I 663 6.88 -7.32 -52.13
N GLY I 664 6.31 -6.14 -52.33
CA GLY I 664 6.66 -5.37 -53.51
C GLY I 664 7.84 -4.43 -53.28
N LYS I 665 7.99 -3.91 -52.06
CA LYS I 665 9.09 -2.99 -51.79
C LYS I 665 10.41 -3.72 -51.49
N LYS I 666 10.38 -5.05 -51.34
CA LYS I 666 11.61 -5.84 -51.34
C LYS I 666 11.84 -6.55 -52.67
N SER I 667 11.61 -5.84 -53.79
CA SER I 667 12.01 -6.31 -55.11
C SER I 667 12.38 -5.11 -55.97
N ARG I 668 13.07 -5.39 -57.07
CA ARG I 668 13.56 -4.35 -57.96
C ARG I 668 12.81 -4.42 -59.29
N ASN I 669 11.63 -3.79 -59.33
CA ASN I 669 10.80 -3.75 -60.52
C ASN I 669 9.93 -2.50 -60.47
N PRO I 670 10.03 -1.61 -61.48
CA PRO I 670 9.37 -0.29 -61.38
C PRO I 670 7.87 -0.38 -61.10
N LYS I 671 7.16 -1.03 -62.04
CA LYS I 671 5.72 -1.21 -61.91
C LYS I 671 5.38 -2.02 -60.67
N GLU I 672 6.29 -2.88 -60.23
CA GLU I 672 6.01 -3.82 -59.16
C GLU I 672 6.67 -3.41 -57.84
N GLN I 673 7.28 -2.22 -57.79
CA GLN I 673 7.53 -1.53 -56.53
C GLN I 673 6.68 -0.28 -56.34
N GLU I 674 6.07 0.24 -57.41
CA GLU I 674 5.10 1.32 -57.26
C GLU I 674 3.69 0.79 -57.01
N LYS I 675 3.42 -0.46 -57.38
CA LYS I 675 2.22 -1.11 -56.89
C LYS I 675 2.34 -1.49 -55.42
N SER I 676 3.54 -1.35 -54.85
CA SER I 676 3.76 -1.53 -53.41
C SER I 676 3.61 -0.23 -52.63
N LYS I 677 3.88 0.92 -53.27
CA LYS I 677 3.61 2.20 -52.62
C LYS I 677 2.12 2.47 -52.55
N HIS I 678 1.38 2.02 -53.56
CA HIS I 678 -0.07 2.19 -53.56
C HIS I 678 -0.73 1.28 -52.54
N SER I 679 -0.12 0.12 -52.26
CA SER I 679 -0.73 -0.81 -51.32
C SER I 679 -0.53 -0.33 -49.89
N TYR I 680 0.60 0.32 -49.61
CA TYR I 680 0.75 1.02 -48.35
C TYR I 680 -0.32 2.11 -48.21
N LEU I 681 -0.67 2.76 -49.32
CA LEU I 681 -1.65 3.83 -49.25
C LEU I 681 -3.05 3.29 -48.95
N LYS I 682 -3.45 2.20 -49.62
CA LYS I 682 -4.75 1.63 -49.33
C LYS I 682 -4.82 1.10 -47.90
N ALA I 683 -3.74 0.48 -47.43
CA ALA I 683 -3.72 0.00 -46.05
C ALA I 683 -3.81 1.15 -45.06
N ILE I 684 -3.08 2.25 -45.31
CA ILE I 684 -3.12 3.39 -44.41
C ILE I 684 -4.52 3.99 -44.36
N GLN I 685 -5.16 4.14 -45.51
CA GLN I 685 -6.52 4.69 -45.52
C GLN I 685 -7.50 3.75 -44.81
N LEU I 686 -7.31 2.43 -44.93
CA LEU I 686 -8.20 1.51 -44.22
C LEU I 686 -8.03 1.65 -42.71
N TYR I 687 -6.78 1.76 -42.25
CA TYR I 687 -6.53 2.02 -40.83
C TYR I 687 -7.18 3.33 -40.39
N GLN I 688 -7.08 4.36 -41.22
CA GLN I 688 -7.70 5.63 -40.89
C GLN I 688 -9.22 5.48 -40.76
N LYS I 689 -9.82 4.68 -41.64
CA LYS I 689 -11.26 4.51 -41.62
C LYS I 689 -11.74 3.78 -40.38
N VAL I 690 -11.03 2.70 -40.00
CA VAL I 690 -11.38 2.02 -38.76
C VAL I 690 -11.19 2.96 -37.56
N LEU I 691 -10.16 3.82 -37.60
CA LEU I 691 -10.00 4.75 -36.49
C LEU I 691 -11.11 5.80 -36.47
N GLN I 692 -11.66 6.14 -37.64
CA GLN I 692 -12.83 7.04 -37.66
C GLN I 692 -14.06 6.36 -37.05
N VAL I 693 -14.28 5.08 -37.35
CA VAL I 693 -15.47 4.44 -36.79
C VAL I 693 -15.28 4.15 -35.30
N ASP I 694 -14.03 3.95 -34.86
CA ASP I 694 -13.73 3.65 -33.46
C ASP I 694 -12.32 4.14 -33.18
N PRO I 695 -12.17 5.30 -32.52
CA PRO I 695 -10.83 5.81 -32.22
C PRO I 695 -10.12 5.02 -31.14
N PHE I 696 -10.82 4.12 -30.45
CA PHE I 696 -10.22 3.26 -29.44
C PHE I 696 -9.69 1.96 -30.02
N ASN I 697 -9.76 1.77 -31.33
CA ASN I 697 -9.32 0.53 -31.97
C ASN I 697 -7.79 0.53 -32.02
N ILE I 698 -7.17 -0.21 -31.10
CA ILE I 698 -5.72 -0.16 -30.96
C ILE I 698 -5.00 -1.04 -31.98
N PHE I 699 -5.70 -1.97 -32.65
CA PHE I 699 -5.06 -2.75 -33.69
C PHE I 699 -4.86 -1.93 -34.97
N ALA I 700 -5.79 -1.01 -35.25
CA ALA I 700 -5.56 -0.04 -36.32
C ALA I 700 -4.36 0.85 -36.00
N ALA I 701 -4.26 1.29 -34.74
CA ALA I 701 -3.10 2.09 -34.33
C ALA I 701 -1.81 1.30 -34.51
N GLN I 702 -1.83 0.01 -34.14
CA GLN I 702 -0.63 -0.79 -34.28
C GLN I 702 -0.27 -1.02 -35.75
N GLY I 703 -1.27 -1.23 -36.60
CA GLY I 703 -0.98 -1.35 -38.02
C GLY I 703 -0.36 -0.08 -38.59
N LEU I 704 -0.89 1.08 -38.19
CA LEU I 704 -0.31 2.33 -38.65
C LEU I 704 1.12 2.49 -38.12
N ALA I 705 1.36 2.10 -36.87
CA ALA I 705 2.71 2.16 -36.31
C ALA I 705 3.65 1.21 -37.05
N ILE I 706 3.17 0.04 -37.43
CA ILE I 706 3.97 -0.89 -38.22
C ILE I 706 4.34 -0.29 -39.57
N ILE I 707 3.38 0.39 -40.22
CA ILE I 707 3.73 1.05 -41.49
C ILE I 707 4.73 2.17 -41.25
N PHE I 708 4.63 2.83 -40.09
CA PHE I 708 5.65 3.79 -39.70
C PHE I 708 7.01 3.12 -39.53
N ALA I 709 7.02 1.89 -39.00
CA ALA I 709 8.26 1.18 -38.69
C ALA I 709 8.94 0.56 -39.91
N GLU I 710 8.17 0.09 -40.91
CA GLU I 710 8.85 -0.45 -42.08
C GLU I 710 9.23 0.64 -43.08
N SER I 711 8.74 1.85 -42.85
CA SER I 711 9.42 3.05 -43.29
C SER I 711 10.30 3.48 -42.11
N LYS I 712 11.26 4.36 -42.36
CA LYS I 712 12.16 4.63 -41.24
C LYS I 712 11.69 5.82 -40.41
N ARG I 713 10.39 5.81 -40.09
CA ARG I 713 9.79 6.66 -39.06
C ARG I 713 9.62 5.84 -37.78
N LEU I 714 10.71 5.73 -37.02
CA LEU I 714 10.70 4.91 -35.83
C LEU I 714 10.22 5.66 -34.60
N GLY I 715 10.29 7.00 -34.60
CA GLY I 715 9.78 7.81 -33.52
C GLY I 715 8.29 7.63 -33.30
N PRO I 716 7.48 7.97 -34.31
CA PRO I 716 6.03 7.73 -34.18
C PRO I 716 5.68 6.28 -33.94
N ALA I 717 6.39 5.36 -34.61
CA ALA I 717 6.12 3.95 -34.41
C ALA I 717 6.32 3.55 -32.96
N LEU I 718 7.40 4.02 -32.33
CA LEU I 718 7.64 3.69 -30.93
C LEU I 718 6.61 4.37 -30.03
N GLU I 719 6.21 5.59 -30.39
CA GLU I 719 5.27 6.29 -29.50
C GLU I 719 3.89 5.66 -29.53
N ILE I 720 3.48 5.12 -30.68
CA ILE I 720 2.22 4.36 -30.71
C ILE I 720 2.39 3.00 -30.04
N LEU I 721 3.52 2.32 -30.29
CA LEU I 721 3.72 0.98 -29.75
C LEU I 721 3.78 0.98 -28.23
N ARG I 722 4.35 2.04 -27.64
CA ARG I 722 4.36 2.15 -26.19
C ARG I 722 2.96 2.29 -25.63
N LYS I 723 2.14 3.15 -26.25
CA LYS I 723 0.82 3.41 -25.69
C LYS I 723 -0.13 2.23 -25.88
N VAL I 724 0.02 1.47 -26.97
CA VAL I 724 -0.83 0.30 -27.14
C VAL I 724 -0.48 -0.76 -26.10
N ARG I 725 0.82 -0.95 -25.82
CA ARG I 725 1.21 -1.95 -24.82
C ARG I 725 0.65 -1.63 -23.44
N ASP I 726 0.40 -0.36 -23.14
CA ASP I 726 -0.20 -0.01 -21.85
C ASP I 726 -1.69 -0.30 -21.80
N SER I 727 -2.27 -0.93 -22.83
CA SER I 727 -3.66 -1.37 -22.73
C SER I 727 -3.93 -2.72 -23.36
N LEU I 728 -2.91 -3.44 -23.85
CA LEU I 728 -3.15 -4.74 -24.43
C LEU I 728 -1.89 -5.58 -24.22
N ASP I 729 -2.01 -6.67 -23.46
CA ASP I 729 -0.88 -7.54 -23.15
C ASP I 729 -0.92 -8.74 -24.10
N ASN I 730 -0.12 -8.63 -25.16
CA ASN I 730 -0.19 -9.47 -26.35
C ASN I 730 1.24 -9.80 -26.74
N GLU I 731 1.45 -11.03 -27.20
CA GLU I 731 2.73 -11.41 -27.78
C GLU I 731 3.18 -10.43 -28.86
N ASP I 732 2.25 -10.03 -29.74
CA ASP I 732 2.62 -9.29 -30.93
C ASP I 732 3.08 -7.87 -30.62
N VAL I 733 2.42 -7.19 -29.69
CA VAL I 733 2.80 -5.81 -29.39
C VAL I 733 4.12 -5.77 -28.62
N GLN I 734 4.35 -6.75 -27.74
CA GLN I 734 5.63 -6.83 -27.05
C GLN I 734 6.76 -7.14 -28.02
N LEU I 735 6.52 -8.07 -28.94
CA LEU I 735 7.49 -8.37 -29.99
C LEU I 735 7.74 -7.15 -30.88
N ASN I 736 6.70 -6.35 -31.16
CA ASN I 736 6.90 -5.18 -32.01
C ASN I 736 7.69 -4.11 -31.28
N LEU I 737 7.45 -3.94 -29.98
CA LEU I 737 8.27 -3.03 -29.17
C LEU I 737 9.73 -3.46 -29.20
N ALA I 738 9.98 -4.77 -29.03
CA ALA I 738 11.35 -5.25 -29.06
C ALA I 738 11.99 -5.04 -30.44
N HIS I 739 11.26 -5.40 -31.50
CA HIS I 739 11.69 -5.13 -32.87
C HIS I 739 12.08 -3.67 -33.05
N CYS I 740 11.25 -2.75 -32.53
CA CYS I 740 11.45 -1.34 -32.83
C CYS I 740 12.60 -0.76 -32.02
N TYR I 741 12.77 -1.24 -30.78
CA TYR I 741 13.95 -0.87 -30.01
C TYR I 741 15.21 -1.40 -30.69
N LEU I 742 15.14 -2.59 -31.27
CA LEU I 742 16.31 -3.13 -31.97
C LEU I 742 16.65 -2.30 -33.21
N GLU I 743 15.64 -1.87 -33.96
CA GLU I 743 15.93 -1.07 -35.14
C GLU I 743 16.40 0.33 -34.80
N ARG I 745 18.68 0.67 -32.56
CA ARG I 745 19.97 0.33 -31.96
C ARG I 745 19.96 0.54 -30.44
N GLU I 746 18.80 0.44 -29.81
CA GLU I 746 18.71 0.44 -28.35
C GLU I 746 18.73 -1.03 -27.88
N TYR I 747 19.92 -1.62 -28.03
CA TYR I 747 20.06 -3.08 -27.89
C TYR I 747 19.63 -3.55 -26.51
N GLY I 748 19.94 -2.78 -25.47
CA GLY I 748 19.52 -3.15 -24.13
C GLY I 748 18.01 -3.27 -24.01
N LYS I 749 17.29 -2.27 -24.53
CA LYS I 749 15.85 -2.28 -24.40
C LYS I 749 15.23 -3.35 -25.29
N ALA I 750 15.85 -3.61 -26.44
CA ALA I 750 15.40 -4.71 -27.29
C ALA I 750 15.54 -6.04 -26.56
N ILE I 751 16.67 -6.25 -25.87
CA ILE I 751 16.87 -7.48 -25.13
C ILE I 751 15.87 -7.60 -23.99
N GLU I 752 15.65 -6.51 -23.26
CA GLU I 752 14.69 -6.54 -22.16
C GLU I 752 13.30 -6.94 -22.66
N ASN I 753 12.84 -6.28 -23.72
CA ASN I 753 11.50 -6.56 -24.23
C ASN I 753 11.41 -7.92 -24.90
N TYR I 754 12.52 -8.41 -25.46
CA TYR I 754 12.53 -9.76 -26.00
C TYR I 754 12.41 -10.79 -24.90
N GLU I 755 13.13 -10.60 -23.78
CA GLU I 755 13.00 -11.53 -22.67
C GLU I 755 11.60 -11.49 -22.11
N LEU I 756 10.93 -10.34 -22.25
CA LEU I 756 9.52 -10.27 -21.87
C LEU I 756 8.66 -11.19 -22.73
N VAL I 757 8.77 -11.09 -24.06
CA VAL I 757 8.00 -11.97 -24.95
C VAL I 757 8.27 -13.44 -24.65
N LEU I 758 9.44 -13.75 -24.08
CA LEU I 758 9.72 -15.13 -23.71
C LEU I 758 9.19 -15.49 -22.32
N LYS I 759 9.13 -14.53 -21.39
CA LYS I 759 8.73 -14.86 -20.02
C LYS I 759 7.22 -15.05 -19.90
N LYS I 760 6.45 -14.21 -20.59
CA LYS I 760 5.04 -14.47 -20.85
C LYS I 760 4.88 -15.03 -22.26
N PHE I 761 3.66 -15.46 -22.59
CA PHE I 761 3.32 -15.95 -23.92
C PHE I 761 4.19 -17.13 -24.34
N ASP I 762 3.95 -18.27 -23.70
CA ASP I 762 4.67 -19.46 -24.09
C ASP I 762 4.14 -19.96 -25.43
N ASN I 763 4.77 -19.50 -26.51
CA ASN I 763 4.40 -19.86 -27.88
C ASN I 763 5.60 -20.51 -28.54
N GLU I 764 5.40 -21.74 -29.02
CA GLU I 764 6.50 -22.56 -29.52
C GLU I 764 6.86 -22.27 -30.97
N LYS I 765 5.94 -21.70 -31.76
CA LYS I 765 6.24 -21.40 -33.15
C LYS I 765 7.13 -20.17 -33.31
N THR I 766 7.05 -19.22 -32.38
CA THR I 766 7.85 -18.00 -32.41
C THR I 766 9.13 -18.08 -31.58
N ARG I 767 9.22 -19.04 -30.66
CA ARG I 767 10.35 -19.10 -29.73
C ARG I 767 11.72 -19.12 -30.42
N PRO I 768 11.96 -19.96 -31.43
CA PRO I 768 13.31 -19.95 -32.04
C PRO I 768 13.64 -18.64 -32.71
N HIS I 769 12.66 -17.99 -33.35
CA HIS I 769 12.92 -16.69 -33.97
C HIS I 769 13.28 -15.64 -32.93
N ILE I 770 12.60 -15.66 -31.78
CA ILE I 770 12.90 -14.70 -30.73
C ILE I 770 14.27 -14.97 -30.13
N LEU I 771 14.65 -16.25 -30.02
CA LEU I 771 15.99 -16.54 -29.50
C LEU I 771 17.06 -16.12 -30.49
N ASN I 772 16.81 -16.29 -31.79
CA ASN I 772 17.75 -15.80 -32.80
C ASN I 772 17.84 -14.29 -32.79
N LEU I 773 16.73 -13.59 -32.54
CA LEU I 773 16.80 -12.13 -32.47
C LEU I 773 17.50 -11.65 -31.21
N LEU I 774 17.34 -12.37 -30.10
CA LEU I 774 18.16 -12.11 -28.93
C LEU I 774 19.64 -12.29 -29.26
N GLY I 775 19.96 -13.31 -30.04
CA GLY I 775 21.33 -13.51 -30.47
C GLY I 775 21.82 -12.35 -31.33
N ARG I 776 20.97 -11.86 -32.23
CA ARG I 776 21.32 -10.70 -33.04
C ARG I 776 21.58 -9.47 -32.18
N ALA I 777 20.73 -9.23 -31.18
CA ALA I 777 20.89 -8.06 -30.33
C ALA I 777 22.16 -8.14 -29.49
N TRP I 778 22.43 -9.31 -28.91
CA TRP I 778 23.65 -9.49 -28.13
C TRP I 778 24.88 -9.40 -29.02
N TYR I 779 24.79 -9.89 -30.26
CA TYR I 779 25.88 -9.75 -31.21
C TYR I 779 26.15 -8.30 -31.56
N ALA I 780 25.08 -7.52 -31.78
CA ALA I 780 25.25 -6.11 -32.11
C ALA I 780 25.90 -5.36 -30.95
N ARG I 781 25.41 -5.57 -29.73
CA ARG I 781 25.99 -4.86 -28.59
C ARG I 781 27.34 -5.44 -28.17
N ALA I 782 27.72 -6.62 -28.66
CA ALA I 782 29.05 -7.17 -28.39
C ALA I 782 30.11 -6.47 -29.24
N ILE I 783 29.87 -6.38 -30.56
CA ILE I 783 30.79 -5.72 -31.45
C ILE I 783 30.89 -4.23 -31.14
N LYS I 784 29.91 -3.68 -30.44
CA LYS I 784 29.88 -2.27 -30.06
C LYS I 784 30.40 -2.06 -28.64
N GLU I 785 30.89 -3.13 -27.99
CA GLU I 785 31.65 -2.99 -26.75
C GLU I 785 32.80 -3.99 -26.67
N ARG I 786 33.06 -4.74 -27.75
CA ARG I 786 34.16 -5.71 -27.83
C ARG I 786 34.24 -6.60 -26.58
N SER I 787 33.11 -7.18 -26.22
CA SER I 787 32.99 -8.00 -25.02
C SER I 787 32.72 -9.44 -25.42
N VAL I 788 33.45 -10.37 -24.79
CA VAL I 788 33.25 -11.79 -25.07
C VAL I 788 32.04 -12.35 -24.32
N ASN I 789 31.63 -11.69 -23.23
CA ASN I 789 30.44 -12.11 -22.51
C ASN I 789 29.18 -11.91 -23.35
N PHE I 790 29.13 -10.84 -24.13
CA PHE I 790 27.96 -10.62 -24.99
C PHE I 790 27.96 -11.61 -26.14
N TYR I 791 29.13 -11.89 -26.70
CA TYR I 791 29.23 -12.94 -27.72
C TYR I 791 28.77 -14.29 -27.19
N GLN I 792 29.09 -14.60 -25.92
CA GLN I 792 28.68 -15.88 -25.37
C GLN I 792 27.18 -15.92 -25.08
N LYS I 793 26.60 -14.79 -24.68
CA LYS I 793 25.15 -14.72 -24.56
C LYS I 793 24.48 -14.95 -25.91
N ALA I 794 24.96 -14.26 -26.94
CA ALA I 794 24.49 -14.50 -28.31
C ALA I 794 24.63 -15.97 -28.69
N LEU I 795 25.76 -16.58 -28.30
CA LEU I 795 26.03 -17.97 -28.70
C LEU I 795 25.04 -18.93 -28.05
N GLU I 796 24.77 -18.76 -26.76
CA GLU I 796 23.83 -19.66 -26.09
C GLU I 796 22.44 -19.51 -26.66
N ASN I 797 22.01 -18.27 -26.89
CA ASN I 797 20.70 -18.03 -27.48
C ASN I 797 20.59 -18.68 -28.86
N ALA I 798 21.61 -18.48 -29.68
CA ALA I 798 21.58 -19.03 -31.03
C ALA I 798 21.60 -20.56 -31.03
N LYS I 799 22.36 -21.15 -30.10
CA LYS I 799 22.42 -22.61 -30.04
C LYS I 799 21.06 -23.20 -29.67
N THR I 800 20.38 -22.63 -28.68
CA THR I 800 19.08 -23.19 -28.35
C THR I 800 18.05 -22.88 -29.45
N ALA I 801 18.19 -21.74 -30.12
CA ALA I 801 17.34 -21.46 -31.29
C ALA I 801 17.52 -22.55 -32.34
N LEU I 802 18.75 -22.98 -32.58
CA LEU I 802 19.00 -24.06 -33.53
C LEU I 802 18.38 -25.36 -33.04
N ASP I 803 18.48 -25.63 -31.74
CA ASP I 803 17.93 -26.87 -31.21
C ASP I 803 16.41 -26.92 -31.38
N LEU I 804 15.74 -25.78 -31.24
CA LEU I 804 14.30 -25.78 -31.44
C LEU I 804 13.93 -25.80 -32.92
N PHE I 805 14.73 -25.15 -33.76
CA PHE I 805 14.49 -25.23 -35.21
C PHE I 805 14.62 -26.67 -35.70
N VAL I 806 15.53 -27.44 -35.11
CA VAL I 806 15.67 -28.84 -35.53
C VAL I 806 14.67 -29.73 -34.78
N LYS I 807 14.15 -29.27 -33.65
CA LYS I 807 13.07 -29.99 -32.97
C LYS I 807 11.78 -29.94 -33.78
N GLU I 808 11.34 -28.72 -34.15
CA GLU I 808 10.14 -28.55 -34.96
C GLU I 808 10.26 -29.17 -36.34
N SER I 809 11.49 -29.32 -36.86
CA SER I 809 11.74 -29.74 -38.24
C SER I 809 11.51 -28.59 -39.22
N SER I 810 11.77 -27.36 -38.76
CA SER I 810 11.28 -26.18 -39.47
C SER I 810 12.10 -26.00 -40.75
N LYS I 811 11.86 -24.90 -41.45
CA LYS I 811 12.43 -24.74 -42.78
C LYS I 811 13.94 -24.66 -42.70
N SER I 812 14.62 -25.40 -43.59
CA SER I 812 16.09 -25.44 -43.57
C SER I 812 16.68 -24.06 -43.82
N LYS I 813 15.87 -23.13 -44.35
CA LYS I 813 16.19 -21.71 -44.33
C LYS I 813 16.70 -21.28 -42.95
N PHE I 814 15.89 -21.56 -41.93
CA PHE I 814 16.19 -21.07 -40.58
C PHE I 814 17.37 -21.80 -39.97
N ILE I 815 17.49 -23.12 -40.20
CA ILE I 815 18.59 -23.86 -39.59
C ILE I 815 19.92 -23.44 -40.21
N HIS I 816 19.92 -23.23 -41.53
CA HIS I 816 21.14 -22.74 -42.18
C HIS I 816 21.50 -21.36 -41.66
N SER I 817 20.48 -20.51 -41.42
CA SER I 817 20.79 -19.16 -40.97
C SER I 817 21.38 -19.17 -39.56
N VAL I 818 20.85 -20.01 -38.68
CA VAL I 818 21.37 -20.03 -37.31
C VAL I 818 22.70 -20.78 -37.23
N LYS I 819 22.92 -21.78 -38.08
CA LYS I 819 24.25 -22.39 -38.13
C LYS I 819 25.30 -21.38 -38.56
N PHE I 820 25.01 -20.58 -39.60
CA PHE I 820 25.93 -19.51 -39.95
C PHE I 820 26.14 -18.56 -38.78
N ASN I 821 25.05 -18.21 -38.06
CA ASN I 821 25.17 -17.30 -36.93
C ASN I 821 26.11 -17.86 -35.87
N ILE I 822 25.97 -19.15 -35.55
CA ILE I 822 26.79 -19.78 -34.53
C ILE I 822 28.26 -19.79 -34.95
N ALA I 823 28.53 -20.11 -36.22
CA ALA I 823 29.92 -20.13 -36.69
C ALA I 823 30.53 -18.73 -36.64
N LEU I 824 29.78 -17.73 -37.11
CA LEU I 824 30.23 -16.35 -37.06
C LEU I 824 30.51 -15.92 -35.63
N LEU I 825 29.67 -16.33 -34.68
CA LEU I 825 29.89 -15.99 -33.28
C LEU I 825 31.18 -16.61 -32.76
N HIS I 826 31.42 -17.88 -33.10
CA HIS I 826 32.65 -18.52 -32.66
C HIS I 826 33.88 -17.80 -33.22
N PHE I 827 33.79 -17.35 -34.47
CA PHE I 827 34.89 -16.62 -35.09
C PHE I 827 35.10 -15.28 -34.39
N GLN I 828 34.00 -14.62 -34.02
CA GLN I 828 34.13 -13.33 -33.34
C GLN I 828 34.73 -13.49 -31.95
N ILE I 829 34.36 -14.55 -31.23
CA ILE I 829 34.95 -14.82 -29.91
C ILE I 829 36.45 -15.04 -30.05
N ALA I 830 36.84 -15.85 -31.05
CA ALA I 830 38.26 -16.09 -31.30
C ALA I 830 39.00 -14.78 -31.58
N GLU I 831 38.47 -13.97 -32.51
CA GLU I 831 39.18 -12.74 -32.91
C GLU I 831 39.17 -11.69 -31.81
N THR I 832 38.21 -11.74 -30.89
CA THR I 832 38.20 -10.78 -29.79
C THR I 832 39.12 -11.24 -28.66
N LEU I 833 39.28 -12.55 -28.48
CA LEU I 833 40.28 -13.04 -27.55
C LEU I 833 41.68 -12.75 -28.06
N ARG I 834 41.89 -12.84 -29.38
CA ARG I 834 43.19 -12.57 -29.96
C ARG I 834 43.55 -11.09 -29.83
N ARG I 835 42.54 -10.22 -29.91
CA ARG I 835 42.69 -8.77 -29.71
C ARG I 835 42.46 -8.39 -28.26
N SER I 836 43.02 -9.08 -27.28
CA SER I 836 42.75 -8.71 -25.90
C SER I 836 44.05 -8.66 -25.11
N ASN I 837 44.05 -7.81 -24.09
CA ASN I 837 45.20 -7.74 -23.21
C ASN I 837 45.17 -8.95 -22.28
N PRO I 838 46.31 -9.60 -22.05
CA PRO I 838 46.31 -10.80 -21.21
C PRO I 838 45.74 -10.57 -19.82
N LYS I 839 45.79 -9.34 -19.31
CA LYS I 839 45.18 -9.01 -18.03
C LYS I 839 43.68 -9.27 -18.00
N PHE I 840 43.05 -9.49 -19.16
CA PHE I 840 41.60 -9.70 -19.25
C PHE I 840 41.23 -11.08 -19.78
N ARG I 841 42.15 -12.06 -19.72
CA ARG I 841 41.89 -13.39 -20.26
C ARG I 841 42.17 -14.47 -19.22
N THR I 842 41.54 -15.62 -19.43
CA THR I 842 41.89 -16.88 -18.79
C THR I 842 42.49 -17.81 -19.84
N VAL I 843 43.40 -18.69 -19.39
CA VAL I 843 43.90 -19.73 -20.29
C VAL I 843 42.76 -20.65 -20.74
N GLN I 844 41.79 -20.90 -19.85
CA GLN I 844 40.71 -21.81 -20.17
C GLN I 844 39.71 -21.18 -21.11
N GLN I 845 39.64 -19.86 -21.10
CA GLN I 845 38.79 -19.15 -22.04
C GLN I 845 39.37 -19.23 -23.45
N ILE I 846 40.69 -19.24 -23.58
CA ILE I 846 41.33 -19.42 -24.88
C ILE I 846 41.22 -20.87 -25.34
N LYS I 847 41.36 -21.83 -24.41
CA LYS I 847 41.10 -23.24 -24.76
C LYS I 847 39.70 -23.42 -25.32
N ASP I 848 38.70 -22.91 -24.60
CA ASP I 848 37.32 -23.01 -25.03
C ASP I 848 37.10 -22.31 -26.35
N SER I 849 37.82 -21.21 -26.60
CA SER I 849 37.68 -20.53 -27.88
C SER I 849 38.32 -21.33 -29.00
N LEU I 850 39.35 -22.12 -28.70
CA LEU I 850 39.91 -23.02 -29.72
C LEU I 850 38.90 -24.11 -30.09
N GLU I 851 38.20 -24.65 -29.09
CA GLU I 851 37.22 -25.69 -29.40
C GLU I 851 35.99 -25.10 -30.09
N GLY I 852 35.64 -23.87 -29.75
CA GLY I 852 34.58 -23.19 -30.45
C GLY I 852 34.95 -22.90 -31.90
N LEU I 853 36.23 -22.62 -32.15
CA LEU I 853 36.65 -22.35 -33.52
C LEU I 853 36.65 -23.63 -34.35
N LYS I 854 36.96 -24.77 -33.71
CA LYS I 854 36.79 -26.05 -34.44
C LYS I 854 35.31 -26.28 -34.78
N GLU I 855 34.40 -25.98 -33.86
CA GLU I 855 33.00 -26.27 -34.17
C GLU I 855 32.44 -25.25 -35.16
N GLY I 856 32.93 -24.01 -35.12
CA GLY I 856 32.60 -23.06 -36.17
C GLY I 856 33.09 -23.49 -37.53
N LEU I 857 34.28 -24.11 -37.59
CA LEU I 857 34.81 -24.55 -38.87
C LEU I 857 34.03 -25.75 -39.40
N GLU I 858 33.54 -26.60 -38.49
CA GLU I 858 32.72 -27.72 -38.98
C GLU I 858 31.36 -27.22 -39.45
N LEU I 859 30.85 -26.14 -38.87
CA LEU I 859 29.59 -25.60 -39.37
C LEU I 859 29.77 -24.89 -40.71
N PHE I 860 30.89 -24.20 -40.89
CA PHE I 860 31.17 -23.57 -42.18
C PHE I 860 31.39 -24.62 -43.27
N ARG I 861 32.09 -25.71 -42.94
CA ARG I 861 32.30 -26.75 -43.93
C ARG I 861 31.02 -27.55 -44.20
N GLU I 862 30.07 -27.55 -43.26
CA GLU I 862 28.75 -28.12 -43.56
C GLU I 862 27.87 -27.15 -44.36
N LEU I 863 28.12 -25.85 -44.26
CA LEU I 863 27.39 -24.92 -45.12
C LEU I 863 27.95 -24.90 -46.53
N ASN I 864 29.23 -25.23 -46.68
CA ASN I 864 29.85 -25.23 -48.00
C ASN I 864 29.36 -26.44 -48.81
N ASP I 865 29.24 -27.60 -48.16
CA ASP I 865 28.76 -28.82 -48.81
C ASP I 865 27.27 -28.74 -49.17
N LEU I 866 26.56 -27.76 -48.64
CA LEU I 866 25.15 -27.56 -49.00
C LEU I 866 25.05 -26.99 -50.41
N LYS I 867 24.31 -27.71 -51.27
CA LYS I 867 24.31 -27.43 -52.69
C LYS I 867 23.63 -26.11 -53.05
N GLU I 868 24.40 -25.24 -53.71
CA GLU I 868 23.92 -24.06 -54.40
C GLU I 868 23.14 -23.03 -53.59
N PHE I 869 22.94 -23.27 -52.29
CA PHE I 869 22.15 -22.31 -51.51
C PHE I 869 23.14 -21.38 -50.83
N ASN I 870 23.27 -20.17 -51.40
CA ASN I 870 24.11 -19.10 -50.88
C ASN I 870 23.21 -17.90 -50.62
N ILE I 872 23.59 -14.90 -47.91
CA ILE I 872 24.57 -13.81 -47.82
C ILE I 872 25.91 -14.27 -48.38
N PRO I 873 26.55 -15.35 -47.82
CA PRO I 873 27.88 -15.71 -48.30
C PRO I 873 27.82 -16.47 -49.63
N LYS I 874 28.64 -16.09 -50.62
CA LYS I 874 28.70 -16.91 -51.82
C LYS I 874 29.85 -17.91 -51.73
N GLU I 875 31.08 -17.41 -51.78
CA GLU I 875 32.26 -18.18 -51.40
C GLU I 875 33.14 -17.39 -50.44
N GLU I 876 32.50 -16.65 -49.54
CA GLU I 876 33.18 -16.18 -48.34
C GLU I 876 33.49 -17.36 -47.44
N LEU I 877 32.68 -18.42 -47.54
CA LEU I 877 32.83 -19.56 -46.65
C LEU I 877 34.18 -20.26 -46.85
N GLU I 878 34.60 -20.46 -48.10
CA GLU I 878 35.90 -21.10 -48.32
C GLU I 878 37.03 -20.24 -47.75
N GLN I 879 36.96 -18.92 -47.94
CA GLN I 879 38.01 -18.07 -47.40
C GLN I 879 37.98 -18.07 -45.88
N ARG I 880 36.79 -18.11 -45.28
CA ARG I 880 36.73 -18.16 -43.83
C ARG I 880 37.02 -19.54 -43.28
N ILE I 881 36.82 -20.59 -44.08
CA ILE I 881 37.25 -21.92 -43.68
C ILE I 881 38.78 -21.97 -43.62
N GLN I 882 39.45 -21.42 -44.63
CA GLN I 882 40.91 -21.47 -44.64
C GLN I 882 41.56 -20.22 -44.06
N LEU I 883 40.77 -19.36 -43.40
CA LEU I 883 41.30 -18.42 -42.41
C LEU I 883 41.12 -18.92 -40.99
N GLY I 884 40.09 -19.73 -40.72
CA GLY I 884 39.91 -20.24 -39.37
C GLY I 884 40.91 -21.33 -39.03
N GLU I 885 41.25 -22.18 -40.00
CA GLU I 885 42.18 -23.28 -39.76
C GLU I 885 43.63 -22.83 -39.88
N THR I 886 43.90 -21.81 -40.68
CA THR I 886 45.26 -21.30 -40.82
C THR I 886 45.55 -20.23 -39.76
N THR I 887 44.87 -19.08 -39.83
CA THR I 887 45.32 -17.90 -39.10
C THR I 887 44.82 -17.94 -37.64
N LYS I 889 43.40 -20.21 -35.70
CA LYS I 889 43.97 -21.31 -34.93
C LYS I 889 45.36 -20.94 -34.44
N SER I 890 46.27 -20.61 -35.37
CA SER I 890 47.63 -20.30 -34.95
C SER I 890 47.65 -19.12 -33.99
N ALA I 891 46.87 -18.09 -34.30
CA ALA I 891 46.81 -16.95 -33.39
C ALA I 891 46.39 -17.39 -32.01
N LEU I 892 45.29 -18.14 -31.93
CA LEU I 892 44.78 -18.54 -30.63
C LEU I 892 45.67 -19.55 -29.94
N GLU I 893 46.63 -20.16 -30.64
CA GLU I 893 47.55 -20.96 -29.85
C GLU I 893 48.75 -20.17 -29.38
N ARG I 894 49.22 -19.18 -30.15
CA ARG I 894 50.31 -18.37 -29.63
C ARG I 894 49.81 -17.55 -28.45
N SER I 895 48.66 -16.91 -28.59
CA SER I 895 48.11 -16.17 -27.46
C SER I 895 47.83 -17.09 -26.29
N LEU I 896 47.59 -18.37 -26.55
CA LEU I 896 47.38 -19.29 -25.44
C LEU I 896 48.66 -19.43 -24.65
N ASN I 897 49.77 -19.60 -25.37
CA ASN I 897 51.04 -19.65 -24.68
C ASN I 897 51.40 -18.28 -24.13
N GLU I 898 51.04 -17.22 -24.88
CA GLU I 898 51.21 -15.87 -24.37
C GLU I 898 50.52 -15.71 -23.04
N GLN I 899 49.36 -16.37 -22.88
CA GLN I 899 48.67 -16.26 -21.61
C GLN I 899 49.45 -16.97 -20.51
N GLU I 900 49.93 -18.19 -20.76
CA GLU I 900 50.47 -18.95 -19.65
C GLU I 900 51.86 -18.45 -19.26
N GLU I 901 52.67 -18.05 -20.24
CA GLU I 901 53.90 -17.35 -19.87
C GLU I 901 53.56 -16.13 -19.03
N PHE I 902 52.52 -15.39 -19.42
CA PHE I 902 52.04 -14.29 -18.60
C PHE I 902 51.77 -14.77 -17.19
N GLU I 903 51.01 -15.86 -17.06
CA GLU I 903 50.70 -16.39 -15.74
C GLU I 903 51.99 -16.64 -14.96
N LYS I 904 52.98 -17.29 -15.61
CA LYS I 904 54.20 -17.58 -14.85
C LYS I 904 54.84 -16.31 -14.37
N GLU I 905 54.93 -15.30 -15.23
CA GLU I 905 55.60 -14.07 -14.82
C GLU I 905 54.88 -13.45 -13.65
N GLN I 906 53.54 -13.55 -13.62
CA GLN I 906 52.84 -12.85 -12.55
C GLN I 906 53.01 -13.61 -11.25
N SER I 907 53.11 -14.94 -11.32
CA SER I 907 53.43 -15.66 -10.10
C SER I 907 54.88 -15.44 -9.72
N ALA I 908 55.73 -15.30 -10.74
CA ALA I 908 57.09 -14.85 -10.51
C ALA I 908 57.09 -13.61 -9.63
N LYS I 909 56.25 -12.63 -9.98
CA LYS I 909 56.39 -11.35 -9.31
C LYS I 909 55.96 -11.51 -7.86
N ILE I 910 54.92 -12.32 -7.63
CA ILE I 910 54.44 -12.47 -6.26
C ILE I 910 55.56 -13.03 -5.41
N ASP I 911 56.33 -13.97 -5.95
CA ASP I 911 57.33 -14.62 -5.12
C ASP I 911 58.41 -13.64 -4.74
N GLU I 912 58.78 -12.76 -5.66
CA GLU I 912 59.76 -11.73 -5.29
C GLU I 912 59.19 -10.81 -4.24
N ALA I 913 57.94 -10.38 -4.42
CA ALA I 913 57.32 -9.58 -3.38
C ALA I 913 57.40 -10.32 -2.05
N ARG I 914 57.09 -11.62 -2.08
CA ARG I 914 57.14 -12.41 -0.86
C ARG I 914 58.50 -12.27 -0.21
N LYS I 915 59.56 -12.53 -0.98
CA LYS I 915 60.85 -12.61 -0.32
C LYS I 915 61.38 -11.25 0.09
N ILE I 916 60.90 -10.16 -0.53
CA ILE I 916 61.41 -8.88 -0.06
C ILE I 916 60.80 -8.56 1.30
N LEU I 917 59.57 -9.01 1.54
CA LEU I 917 59.02 -8.73 2.86
C LEU I 917 59.57 -9.68 3.90
N GLU I 918 60.31 -10.71 3.47
CA GLU I 918 61.09 -11.45 4.46
C GLU I 918 62.14 -10.52 5.07
N GLU I 919 62.81 -9.74 4.23
CA GLU I 919 63.79 -8.81 4.76
C GLU I 919 63.14 -7.89 5.78
N ASN I 920 61.88 -7.52 5.55
CA ASN I 920 61.35 -6.53 6.49
C ASN I 920 60.75 -7.23 7.70
N GLU I 921 61.53 -8.20 8.17
CA GLU I 921 61.48 -8.64 9.56
C GLU I 921 62.91 -8.51 10.05
N LEU I 922 63.51 -7.33 9.85
CA LEU I 922 64.80 -6.99 10.46
C LEU I 922 64.66 -5.92 11.54
N LYS I 923 63.58 -5.96 12.32
CA LYS I 923 63.45 -5.03 13.45
C LYS I 923 64.33 -5.48 14.62
N GLN J 5 24.85 -6.15 -40.68
CA GLN J 5 25.64 -6.64 -39.56
C GLN J 5 26.31 -7.98 -39.88
N GLU J 6 25.68 -8.73 -40.78
CA GLU J 6 25.97 -10.10 -41.20
C GLU J 6 25.37 -11.15 -40.26
N TYR J 7 24.76 -10.76 -39.14
CA TYR J 7 24.02 -11.72 -38.33
C TYR J 7 22.63 -11.88 -38.95
N ILE J 8 22.26 -13.12 -39.26
CA ILE J 8 21.01 -13.39 -39.94
C ILE J 8 19.90 -13.50 -38.90
N ALA J 9 19.06 -12.48 -38.82
CA ALA J 9 17.86 -12.48 -37.99
C ALA J 9 16.87 -11.47 -38.54
N PRO J 10 16.04 -11.86 -39.50
CA PRO J 10 15.13 -10.89 -40.11
C PRO J 10 14.07 -10.44 -39.12
N ILE J 11 13.66 -9.19 -39.26
CA ILE J 11 12.64 -8.59 -38.40
C ILE J 11 11.31 -8.69 -39.13
N LYS J 12 10.29 -9.18 -38.43
CA LYS J 12 8.97 -9.36 -39.04
C LYS J 12 7.92 -8.78 -38.08
N TYR J 13 7.41 -7.61 -38.43
CA TYR J 13 6.38 -6.98 -37.64
C TYR J 13 5.04 -7.68 -37.88
N GLN J 14 4.25 -7.81 -36.83
CA GLN J 14 2.96 -8.47 -36.92
C GLN J 14 1.89 -7.64 -36.24
N ASN J 15 0.67 -7.73 -36.78
CA ASN J 15 -0.47 -7.00 -36.27
C ASN J 15 -1.52 -7.96 -35.73
N SER J 16 -1.97 -8.91 -36.55
CA SER J 16 -2.49 -10.20 -36.09
C SER J 16 -3.68 -10.04 -35.15
N LEU J 17 -4.81 -9.66 -35.75
CA LEU J 17 -6.06 -9.65 -35.01
C LEU J 17 -6.25 -10.98 -34.28
N PRO J 18 -6.84 -10.99 -33.09
CA PRO J 18 -7.10 -12.25 -32.41
C PRO J 18 -8.34 -12.94 -32.96
N VAL J 19 -8.46 -14.22 -32.62
CA VAL J 19 -9.71 -14.93 -32.89
C VAL J 19 -10.81 -14.30 -32.06
N PRO J 20 -12.03 -14.18 -32.58
CA PRO J 20 -13.10 -13.53 -31.80
C PRO J 20 -13.15 -14.06 -30.37
N GLN J 21 -13.05 -13.14 -29.41
CA GLN J 21 -13.00 -13.51 -28.00
C GLN J 21 -14.21 -14.32 -27.59
N LEU J 22 -15.41 -13.86 -27.95
CA LEU J 22 -16.67 -14.44 -27.49
C LEU J 22 -16.64 -14.72 -25.99
N PRO J 23 -16.74 -13.68 -25.16
CA PRO J 23 -16.74 -13.89 -23.72
C PRO J 23 -18.09 -14.40 -23.25
N PRO J 24 -18.22 -14.71 -21.95
CA PRO J 24 -19.53 -15.12 -21.43
C PRO J 24 -20.61 -14.08 -21.72
N LYS J 25 -21.84 -14.56 -21.85
CA LYS J 25 -22.96 -13.71 -22.20
C LYS J 25 -23.62 -13.14 -20.96
N LEU J 26 -24.02 -11.88 -21.04
CA LEU J 26 -24.87 -11.31 -20.00
C LEU J 26 -26.31 -11.74 -20.25
N LEU J 27 -27.11 -11.66 -19.19
CA LEU J 27 -28.54 -11.92 -19.30
C LEU J 27 -29.31 -10.62 -19.13
N VAL J 28 -30.38 -10.48 -19.91
CA VAL J 28 -31.24 -9.32 -19.77
C VAL J 28 -31.90 -9.37 -18.41
N TYR J 29 -31.88 -8.25 -17.70
CA TYR J 29 -32.50 -8.22 -16.39
C TYR J 29 -34.01 -8.36 -16.55
N PRO J 30 -34.67 -9.02 -15.60
CA PRO J 30 -36.13 -9.09 -15.67
C PRO J 30 -36.75 -7.71 -15.57
N GLU J 31 -37.83 -7.50 -16.33
CA GLU J 31 -38.49 -6.21 -16.35
C GLU J 31 -39.07 -5.91 -14.98
N SER J 32 -38.85 -4.69 -14.50
CA SER J 32 -39.34 -4.23 -13.20
C SER J 32 -40.08 -2.93 -13.39
N PRO J 33 -41.41 -2.96 -13.56
CA PRO J 33 -42.14 -1.74 -13.93
C PRO J 33 -42.05 -0.64 -12.90
N GLU J 34 -41.82 -0.97 -11.63
CA GLU J 34 -41.85 0.01 -10.54
C GLU J 34 -40.58 0.83 -10.43
N THR J 35 -39.57 0.56 -11.26
CA THR J 35 -38.37 1.38 -11.29
C THR J 35 -38.12 1.99 -12.66
N ASN J 36 -39.06 1.86 -13.59
CA ASN J 36 -38.97 2.57 -14.86
C ASN J 36 -39.16 4.07 -14.63
N ALA J 37 -38.77 4.86 -15.62
CA ALA J 37 -38.96 6.30 -15.54
C ALA J 37 -40.43 6.66 -15.35
N ASP J 38 -41.34 5.84 -15.86
CA ASP J 38 -42.78 6.06 -15.82
C ASP J 38 -43.44 5.57 -14.55
N SER J 39 -42.67 5.09 -13.56
CA SER J 39 -43.25 4.57 -12.33
C SER J 39 -43.94 5.65 -11.50
N SER J 40 -45.16 5.36 -11.04
CA SER J 40 -45.83 6.24 -10.09
C SER J 40 -45.13 6.23 -8.73
N GLN J 41 -44.34 5.19 -8.45
CA GLN J 41 -43.67 5.07 -7.18
C GLN J 41 -42.60 6.13 -6.98
N LEU J 42 -42.06 6.68 -8.07
CA LEU J 42 -41.15 7.81 -7.94
C LEU J 42 -41.88 9.04 -7.43
N ILE J 43 -43.07 9.29 -7.96
CA ILE J 43 -43.90 10.39 -7.47
C ILE J 43 -44.29 10.15 -6.02
N ASN J 44 -44.54 8.91 -5.64
CA ASN J 44 -44.80 8.60 -4.23
C ASN J 44 -43.57 8.84 -3.35
N SER J 45 -42.40 8.39 -3.82
CA SER J 45 -41.14 8.71 -3.17
C SER J 45 -41.04 10.21 -2.86
N LEU J 46 -41.34 11.05 -3.85
CA LEU J 46 -41.26 12.49 -3.61
C LEU J 46 -42.36 12.97 -2.66
N TYR J 47 -43.57 12.39 -2.78
CA TYR J 47 -44.67 12.80 -1.93
C TYR J 47 -44.35 12.58 -0.46
N ILE J 48 -43.64 11.50 -0.15
CA ILE J 48 -43.25 11.25 1.24
C ILE J 48 -42.53 12.46 1.81
N LYS J 49 -41.75 13.16 0.99
CA LYS J 49 -41.01 14.32 1.46
C LYS J 49 -41.84 15.59 1.44
N THR J 50 -42.58 15.85 0.35
CA THR J 50 -43.26 17.14 0.12
C THR J 50 -44.74 17.12 0.49
N ASN J 51 -45.17 16.19 1.36
CA ASN J 51 -46.53 15.70 1.40
C ASN J 51 -47.66 16.72 1.22
N VAL J 52 -47.89 17.60 2.18
CA VAL J 52 -49.11 18.41 2.13
C VAL J 52 -48.81 19.90 2.05
N THR J 53 -47.61 20.25 1.56
CA THR J 53 -47.13 21.64 1.65
C THR J 53 -48.02 22.61 0.88
N ASN J 54 -48.63 22.18 -0.23
CA ASN J 54 -49.41 23.09 -1.04
C ASN J 54 -50.83 23.33 -0.51
N LEU J 55 -51.20 22.77 0.64
CA LEU J 55 -52.54 22.91 1.20
C LEU J 55 -52.61 23.85 2.40
N ILE J 56 -51.46 24.25 2.95
CA ILE J 56 -51.41 24.99 4.21
C ILE J 56 -52.07 26.36 4.13
N GLN J 57 -52.14 26.94 2.93
CA GLN J 57 -52.74 28.26 2.77
C GLN J 57 -54.27 28.22 2.93
N GLN J 58 -54.91 27.13 2.51
CA GLN J 58 -56.35 26.83 2.61
C GLN J 58 -57.29 27.65 1.74
N ASP J 59 -56.89 28.87 1.36
CA ASP J 59 -57.72 29.77 0.57
C ASP J 59 -56.93 31.03 0.28
N GLU J 60 -57.53 31.99 -0.41
CA GLU J 60 -56.82 33.24 -0.67
C GLU J 60 -56.73 34.11 0.57
N ASP J 61 -57.51 33.80 1.61
CA ASP J 61 -57.43 34.49 2.88
C ASP J 61 -56.32 33.98 3.79
N LEU J 62 -55.53 33.00 3.33
CA LEU J 62 -54.45 32.40 4.11
C LEU J 62 -54.93 31.78 5.41
N GLY J 63 -56.22 31.46 5.52
CA GLY J 63 -56.78 30.97 6.74
C GLY J 63 -56.99 32.02 7.81
N PRO J 65 -59.10 35.34 8.06
CA PRO J 65 -60.03 36.37 7.58
C PRO J 65 -59.98 37.60 8.47
N VAL J 66 -59.90 38.77 7.84
CA VAL J 66 -59.90 40.04 8.55
C VAL J 66 -61.33 40.48 8.80
N ASP J 67 -61.68 40.69 10.07
CA ASP J 67 -63.03 41.08 10.48
C ASP J 67 -62.95 42.16 11.54
N LEU J 68 -63.51 43.33 11.25
CA LEU J 68 -63.54 44.42 12.22
C LEU J 68 -64.60 44.24 13.29
N LYS J 70 -64.66 42.07 15.42
CA LYS J 70 -63.96 41.40 16.50
C LYS J 70 -63.29 42.35 17.48
N PHE J 71 -63.45 43.67 17.29
CA PHE J 71 -62.81 44.67 18.14
C PHE J 71 -63.90 45.47 18.84
N PRO J 72 -64.16 45.21 20.13
CA PRO J 72 -65.22 45.93 20.83
C PRO J 72 -64.99 47.44 20.83
N GLY J 73 -66.09 48.17 20.73
CA GLY J 73 -66.05 49.62 20.66
C GLY J 73 -65.95 50.21 19.26
N LEU J 74 -65.02 49.72 18.45
CA LEU J 74 -64.95 50.14 17.06
C LEU J 74 -66.07 49.46 16.28
N LEU J 75 -66.62 50.20 15.32
CA LEU J 75 -67.79 49.91 14.50
C LEU J 75 -69.10 50.19 15.22
N ASN J 76 -69.11 50.43 16.53
CA ASN J 76 -70.32 50.91 17.20
C ASN J 76 -70.10 52.21 17.94
N LYS J 77 -69.02 52.31 18.73
CA LYS J 77 -68.70 53.51 19.48
C LYS J 77 -67.52 54.29 18.89
N LEU J 78 -67.02 53.88 17.73
CA LEU J 78 -65.91 54.56 17.06
C LEU J 78 -64.63 54.47 17.92
N ASP J 79 -64.39 53.28 18.49
CA ASP J 79 -63.35 53.07 19.49
C ASP J 79 -62.14 52.48 18.74
N SER J 80 -61.35 53.34 18.11
CA SER J 80 -60.20 52.90 17.32
C SER J 80 -59.15 52.17 18.14
N LYS J 81 -59.32 52.14 19.46
CA LYS J 81 -58.24 51.87 20.40
C LYS J 81 -57.66 50.47 20.23
N LEU J 82 -58.53 49.45 20.25
CA LEU J 82 -58.09 48.06 20.29
C LEU J 82 -57.33 47.63 19.04
N LEU J 83 -57.27 48.45 17.99
CA LEU J 83 -56.47 48.13 16.83
C LEU J 83 -54.98 48.35 17.08
N TYR J 84 -54.62 49.07 18.14
CA TYR J 84 -53.23 49.41 18.41
C TYR J 84 -52.62 48.48 19.44
N GLY J 85 -53.36 47.46 19.86
CA GLY J 85 -52.83 46.43 20.72
C GLY J 85 -52.60 46.81 22.16
N PHE J 86 -52.75 45.83 23.03
CA PHE J 86 -52.47 46.03 24.44
C PHE J 86 -50.98 46.28 24.63
N ASP J 87 -50.65 47.25 25.47
CA ASP J 87 -49.25 47.57 25.74
C ASP J 87 -48.83 46.88 27.02
N ASN J 88 -47.55 46.54 27.12
CA ASN J 88 -46.99 45.82 28.26
C ASN J 88 -47.73 44.49 28.47
N VAL J 89 -47.49 43.57 27.55
CA VAL J 89 -48.12 42.25 27.56
C VAL J 89 -47.08 41.22 27.99
N LYS J 90 -47.56 40.13 28.59
CA LYS J 90 -46.75 39.23 29.41
C LYS J 90 -45.98 38.21 28.57
N LEU J 91 -46.63 37.64 27.55
CA LEU J 91 -46.02 36.69 26.62
C LEU J 91 -45.54 35.41 27.34
N ASP J 92 -46.54 34.60 27.66
CA ASP J 92 -46.42 33.20 28.03
C ASP J 92 -45.35 32.50 27.19
N LYS J 93 -44.63 31.54 27.79
CA LYS J 93 -43.41 31.03 27.16
C LYS J 93 -43.70 30.31 25.85
N ASP J 94 -44.82 29.59 25.77
CA ASP J 94 -45.18 28.87 24.56
C ASP J 94 -45.47 29.80 23.40
N ASP J 95 -45.75 31.08 23.67
CA ASP J 95 -45.81 32.08 22.62
C ASP J 95 -44.46 32.73 22.36
N ARG J 96 -43.62 32.83 23.40
CA ARG J 96 -42.33 33.49 23.23
C ARG J 96 -41.37 32.65 22.41
N ILE J 97 -41.52 31.33 22.42
CA ILE J 97 -40.66 30.50 21.57
C ILE J 97 -40.99 30.63 20.08
N LEU J 98 -42.09 31.29 19.73
CA LEU J 98 -42.51 31.45 18.34
C LEU J 98 -41.96 32.71 17.68
N LEU J 99 -41.14 33.49 18.37
CA LEU J 99 -40.55 34.70 17.81
C LEU J 99 -39.13 34.47 17.31
N ARG J 100 -38.67 33.22 17.27
CA ARG J 100 -37.36 32.89 16.75
C ARG J 100 -37.27 33.15 15.25
N ASP J 101 -36.05 33.07 14.75
CA ASP J 101 -35.81 32.93 13.32
C ASP J 101 -35.96 31.45 12.97
N PRO J 102 -36.08 31.12 11.68
CA PRO J 102 -36.21 29.71 11.30
C PRO J 102 -34.91 28.94 11.52
N ARG J 103 -35.03 27.62 11.46
CA ARG J 103 -33.91 26.71 11.70
C ARG J 103 -33.94 25.55 10.72
N SER K 3 -29.04 -21.36 -45.00
CA SER K 3 -28.95 -21.05 -43.58
C SER K 3 -29.08 -22.30 -42.71
N GLU K 4 -29.14 -22.09 -41.39
CA GLU K 4 -28.92 -23.18 -40.44
C GLU K 4 -30.27 -23.81 -40.13
N VAL K 5 -30.35 -24.57 -39.06
CA VAL K 5 -31.56 -25.32 -38.75
C VAL K 5 -32.26 -24.58 -37.62
N SER K 6 -33.58 -24.65 -37.62
CA SER K 6 -34.40 -23.75 -36.82
C SER K 6 -34.56 -24.34 -35.42
N ASP K 7 -33.93 -23.71 -34.44
CA ASP K 7 -33.90 -24.19 -33.06
C ASP K 7 -34.68 -23.21 -32.19
N PRO K 8 -35.90 -23.54 -31.78
CA PRO K 8 -36.68 -22.57 -30.98
C PRO K 8 -36.08 -22.31 -29.62
N VAL K 9 -35.28 -23.23 -29.09
CA VAL K 9 -34.77 -23.07 -27.73
C VAL K 9 -33.59 -22.11 -27.72
N VAL K 10 -32.90 -21.95 -28.84
CA VAL K 10 -31.93 -20.86 -28.93
C VAL K 10 -32.63 -19.54 -29.22
N VAL K 11 -33.79 -19.57 -29.90
CA VAL K 11 -34.57 -18.35 -30.06
C VAL K 11 -34.97 -17.80 -28.70
N GLU K 12 -35.48 -18.66 -27.82
CA GLU K 12 -35.76 -18.21 -26.47
C GLU K 12 -34.50 -18.09 -25.60
N THR K 13 -33.38 -18.65 -26.05
CA THR K 13 -32.10 -18.39 -25.38
C THR K 13 -31.57 -17.01 -25.70
N LYS K 15 -32.82 -14.27 -27.15
CA LYS K 15 -33.59 -13.06 -26.84
C LYS K 15 -33.27 -12.54 -25.45
N HIS K 16 -32.82 -13.43 -24.56
CA HIS K 16 -32.49 -13.07 -23.19
C HIS K 16 -31.00 -12.79 -22.99
N GLU K 17 -30.22 -12.75 -24.07
CA GLU K 17 -28.79 -12.47 -24.01
C GLU K 17 -28.45 -11.03 -24.36
N ARG K 18 -27.37 -10.54 -23.76
CA ARG K 18 -26.73 -9.30 -24.18
C ARG K 18 -25.23 -9.56 -24.22
N ILE K 19 -24.58 -9.21 -25.32
CA ILE K 19 -23.17 -9.53 -25.53
C ILE K 19 -22.31 -8.39 -24.99
N LEU K 20 -21.38 -8.75 -24.08
CA LEU K 20 -20.53 -7.76 -23.42
C LEU K 20 -19.59 -7.08 -24.40
N VAL K 21 -18.82 -7.86 -25.16
CA VAL K 21 -17.95 -7.33 -26.21
C VAL K 21 -18.03 -8.26 -27.40
N ASP K 22 -18.09 -7.69 -28.60
CA ASP K 22 -18.08 -8.49 -29.81
C ASP K 22 -16.71 -8.40 -30.47
N HIS K 23 -16.61 -8.99 -31.66
CA HIS K 23 -15.31 -9.09 -32.33
C HIS K 23 -14.72 -7.73 -32.65
N ASN K 24 -15.54 -6.68 -32.69
CA ASN K 24 -15.06 -5.34 -32.97
C ASN K 24 -14.79 -4.58 -31.68
N SER K 25 -15.64 -4.75 -30.67
CA SER K 25 -15.39 -4.15 -29.37
C SER K 25 -14.22 -4.81 -28.65
N ALA K 26 -13.91 -6.08 -28.95
CA ALA K 26 -12.76 -6.73 -28.34
C ALA K 26 -11.44 -6.06 -28.70
N LEU K 27 -11.41 -5.25 -29.77
CA LEU K 27 -10.19 -4.56 -30.19
C LEU K 27 -9.97 -3.23 -29.48
N ARG K 28 -10.66 -2.97 -28.37
CA ARG K 28 -10.43 -1.77 -27.57
C ARG K 28 -9.31 -1.96 -26.55
N GLY K 29 -8.77 -3.17 -26.40
CA GLY K 29 -7.80 -3.43 -25.36
C GLY K 29 -8.47 -3.65 -24.02
N ALA K 30 -7.67 -3.56 -22.96
CA ALA K 30 -8.21 -3.75 -21.61
C ALA K 30 -8.60 -2.44 -20.95
N LYS K 31 -7.95 -1.34 -21.31
CA LYS K 31 -8.37 -0.01 -20.88
C LYS K 31 -8.40 0.92 -22.09
N PRO K 32 -9.38 1.80 -22.17
CA PRO K 32 -9.56 2.62 -23.39
C PRO K 32 -8.46 3.68 -23.54
N ILE K 33 -7.75 3.59 -24.65
CA ILE K 33 -6.84 4.65 -25.11
C ILE K 33 -7.38 5.18 -26.42
N ASN K 34 -7.72 6.45 -26.44
CA ASN K 34 -8.24 7.10 -27.66
C ASN K 34 -7.08 7.34 -28.61
N PHE K 35 -7.08 6.64 -29.75
CA PHE K 35 -6.05 6.77 -30.76
C PHE K 35 -6.52 7.58 -31.97
N GLY K 36 -7.56 8.40 -31.81
CA GLY K 36 -8.06 9.18 -32.93
C GLY K 36 -7.02 10.12 -33.52
N TYR K 37 -6.12 10.64 -32.68
CA TYR K 37 -5.10 11.59 -33.15
C TYR K 37 -4.27 11.05 -34.30
N LEU K 38 -4.23 9.73 -34.48
CA LEU K 38 -3.42 9.15 -35.54
C LEU K 38 -4.00 9.39 -36.93
N ILE K 39 -5.33 9.54 -37.04
CA ILE K 39 -5.94 9.81 -38.35
C ILE K 39 -5.25 10.97 -39.04
N LYS K 40 -5.04 12.06 -38.31
CA LYS K 40 -4.35 13.20 -38.89
C LYS K 40 -2.88 12.91 -39.07
N ASP K 41 -2.24 12.27 -38.08
CA ASP K 41 -0.82 12.00 -38.16
C ASP K 41 -0.51 11.20 -39.42
N ALA K 42 -1.14 10.03 -39.57
CA ALA K 42 -0.97 9.20 -40.74
C ALA K 42 -1.25 9.94 -42.04
N GLU K 43 -2.05 11.01 -42.01
CA GLU K 43 -2.40 11.70 -43.24
C GLU K 43 -1.35 12.73 -43.66
N LEU K 44 -0.57 13.27 -42.73
CA LEU K 44 0.52 14.15 -43.12
C LEU K 44 1.89 13.51 -42.99
N LYS K 45 2.05 12.54 -42.10
CA LYS K 45 3.34 11.91 -41.92
C LYS K 45 3.52 10.69 -42.80
N LEU K 46 2.43 10.10 -43.31
CA LEU K 46 2.58 8.99 -44.23
C LEU K 46 2.01 9.27 -45.62
N VAL K 47 0.70 9.51 -45.74
CA VAL K 47 0.07 9.44 -47.06
C VAL K 47 0.67 10.46 -48.01
N GLN K 48 0.76 11.72 -47.57
CA GLN K 48 1.23 12.74 -48.51
C GLN K 48 2.71 12.57 -48.79
N SER K 49 3.47 12.06 -47.81
CA SER K 49 4.88 11.82 -48.07
C SER K 49 5.04 10.54 -48.87
N ILE K 50 4.08 9.63 -48.76
CA ILE K 50 4.06 8.50 -49.68
C ILE K 50 3.64 8.96 -51.06
N LYS K 51 2.87 10.04 -51.17
CA LYS K 51 2.40 10.42 -52.49
C LYS K 51 3.45 11.17 -53.30
N GLY K 52 4.66 11.34 -52.78
CA GLY K 52 5.76 11.84 -53.58
C GLY K 52 6.42 10.75 -54.38
N SER K 53 5.66 10.10 -55.25
CA SER K 53 6.20 9.05 -56.12
C SER K 53 5.27 8.81 -57.31
N LYS L 18 -11.55 5.05 37.91
CA LYS L 18 -10.90 3.82 38.33
C LYS L 18 -11.75 2.64 37.88
N ALA L 19 -12.66 2.22 38.74
CA ALA L 19 -13.68 1.22 38.43
C ALA L 19 -14.90 1.81 37.71
N LYS L 20 -14.88 3.09 37.36
CA LYS L 20 -16.06 3.78 36.85
C LYS L 20 -16.10 3.92 35.33
N GLU L 21 -15.19 3.29 34.59
CA GLU L 21 -15.16 3.52 33.15
C GLU L 21 -15.51 2.30 32.32
N ILE L 22 -15.36 1.08 32.83
CA ILE L 22 -15.89 -0.08 32.12
C ILE L 22 -17.39 -0.29 32.39
N ALA L 23 -18.01 0.47 33.30
CA ALA L 23 -19.45 0.32 33.50
C ALA L 23 -20.28 1.11 32.50
N GLN L 24 -19.88 2.35 32.18
CA GLN L 24 -20.68 3.18 31.27
C GLN L 24 -20.20 3.11 29.84
N GLN L 25 -19.18 2.31 29.53
CA GLN L 25 -18.91 2.06 28.12
C GLN L 25 -19.93 1.13 27.49
N GLU L 26 -20.77 0.47 28.29
CA GLU L 26 -21.90 -0.24 27.71
C GLU L 26 -23.23 0.50 27.83
N LYS L 27 -23.30 1.61 28.58
CA LYS L 27 -24.49 2.46 28.45
C LYS L 27 -24.40 3.36 27.23
N LEU L 28 -23.25 3.99 27.01
CA LEU L 28 -23.08 4.81 25.81
C LEU L 28 -23.11 3.94 24.56
N GLN L 29 -22.63 2.71 24.65
CA GLN L 29 -22.55 1.86 23.47
C GLN L 29 -23.89 1.23 23.13
N GLU L 30 -24.72 0.94 24.14
CA GLU L 30 -26.01 0.38 23.81
C GLU L 30 -27.07 1.41 23.44
N ASP L 31 -26.92 2.67 23.86
CA ASP L 31 -27.82 3.68 23.30
C ASP L 31 -27.34 4.12 21.92
N LYS L 32 -26.02 4.13 21.70
CA LYS L 32 -25.51 4.30 20.35
C LYS L 32 -25.98 3.18 19.43
N ASP L 33 -25.92 1.93 19.90
CA ASP L 33 -26.31 0.84 19.02
C ASP L 33 -27.83 0.73 18.90
N ALA L 34 -28.56 1.21 19.92
CA ALA L 34 -30.00 1.39 19.77
C ALA L 34 -30.31 2.43 18.70
N LYS L 35 -29.53 3.51 18.68
CA LYS L 35 -29.69 4.52 17.64
C LYS L 35 -29.38 3.92 16.27
N ASP L 36 -28.41 3.00 16.21
CA ASP L 36 -28.09 2.38 14.93
C ASP L 36 -29.15 1.38 14.50
N LYS L 37 -29.76 0.67 15.45
CA LYS L 37 -30.81 -0.26 15.06
C LYS L 37 -32.10 0.45 14.69
N ARG L 38 -32.36 1.62 15.26
CA ARG L 38 -33.52 2.37 14.79
C ARG L 38 -33.24 3.06 13.45
N GLU L 39 -32.00 3.45 13.19
CA GLU L 39 -31.64 3.88 11.83
C GLU L 39 -31.89 2.74 10.83
N LYS L 40 -31.49 1.52 11.19
CA LYS L 40 -31.80 0.35 10.36
C LYS L 40 -33.30 0.15 10.20
N GLU L 41 -34.05 0.28 11.29
CA GLU L 41 -35.51 0.12 11.23
C GLU L 41 -36.14 1.15 10.31
N LEU L 42 -35.55 2.35 10.25
CA LEU L 42 -36.09 3.39 9.38
C LEU L 42 -35.70 3.18 7.92
N LEU L 43 -34.47 2.69 7.67
CA LEU L 43 -34.04 2.49 6.29
C LEU L 43 -34.88 1.43 5.58
N VAL L 44 -35.16 0.33 6.26
CA VAL L 44 -35.86 -0.80 5.66
C VAL L 44 -37.36 -0.76 5.93
N ALA L 45 -37.85 0.29 6.59
CA ALA L 45 -39.29 0.42 6.82
C ALA L 45 -40.02 0.50 5.49
N GLN L 46 -41.16 -0.19 5.42
CA GLN L 46 -41.83 -0.36 4.13
C GLN L 46 -42.44 0.94 3.64
N PHE L 47 -42.96 1.78 4.55
CA PHE L 47 -43.59 3.01 4.12
C PHE L 47 -42.62 4.01 3.51
N ARG L 48 -41.31 3.81 3.64
CA ARG L 48 -40.31 4.70 3.05
C ARG L 48 -39.62 4.09 1.85
N ARG L 49 -40.14 2.99 1.31
CA ARG L 49 -39.56 2.30 0.17
C ARG L 49 -40.58 2.23 -0.96
N LEU L 50 -40.07 1.99 -2.17
CA LEU L 50 -40.91 1.96 -3.37
C LEU L 50 -42.12 1.05 -3.18
N GLY L 51 -43.31 1.61 -3.43
CA GLY L 51 -44.54 0.86 -3.35
C GLY L 51 -45.00 0.52 -1.94
N GLY L 52 -44.23 0.89 -0.92
CA GLY L 52 -44.60 0.51 0.44
C GLY L 52 -45.67 1.38 1.06
N LEU L 53 -45.72 2.66 0.69
CA LEU L 53 -46.76 3.54 1.23
C LEU L 53 -48.15 3.04 0.88
N GLU L 54 -48.36 2.63 -0.37
CA GLU L 54 -49.65 2.02 -0.71
C GLU L 54 -49.90 0.78 0.12
N ARG L 55 -48.91 -0.12 0.19
CA ARG L 55 -49.06 -1.36 0.94
C ARG L 55 -49.46 -1.07 2.39
N VAL L 57 -50.82 1.61 3.60
CA VAL L 57 -52.15 2.19 3.67
C VAL L 57 -53.20 1.09 3.54
N GLY L 58 -52.92 0.08 2.71
CA GLY L 58 -53.83 -1.04 2.58
C GLY L 58 -53.93 -1.90 3.82
N GLU L 59 -52.92 -1.86 4.68
CA GLU L 59 -52.93 -2.65 5.91
C GLU L 59 -53.67 -1.99 7.06
N LEU L 60 -54.16 -0.77 6.88
CA LEU L 60 -54.84 -0.08 7.96
C LEU L 60 -56.22 -0.70 8.18
N ASP L 61 -56.66 -0.69 9.44
CA ASP L 61 -57.94 -1.32 9.80
C ASP L 61 -59.02 -0.28 9.99
N ILE L 62 -58.95 0.80 9.22
CA ILE L 62 -59.85 1.94 9.33
C ILE L 62 -60.68 2.00 8.06
N LYS L 63 -61.92 2.47 8.19
CA LYS L 63 -62.89 2.40 7.10
C LYS L 63 -63.68 3.71 7.00
N PHE L 64 -63.19 4.66 6.21
CA PHE L 64 -64.02 5.80 5.85
C PHE L 64 -65.32 5.30 5.24
N ASP L 65 -66.45 5.84 5.72
CA ASP L 65 -67.76 5.58 5.11
C ASP L 65 -68.23 6.87 4.44
N LEU L 66 -67.90 7.01 3.16
CA LEU L 66 -68.30 8.19 2.39
C LEU L 66 -68.55 7.77 0.94
N LYS L 67 -69.47 8.50 0.31
CA LYS L 67 -69.79 8.34 -1.10
C LYS L 67 -69.98 9.70 -1.73
N PHE L 68 -69.41 9.89 -2.91
CA PHE L 68 -69.41 11.19 -3.55
C PHE L 68 -70.10 11.15 -4.92
#